data_7CYD
#
_entry.id   7CYD
#
_cell.length_a   1.00
_cell.length_b   1.00
_cell.length_c   1.00
_cell.angle_alpha   90.00
_cell.angle_beta   90.00
_cell.angle_gamma   90.00
#
_symmetry.space_group_name_H-M   'P 1'
#
loop_
_entity.id
_entity.type
_entity.pdbx_description
1 polymer 'Spike glycoprotein'
2 branched alpha-D-mannopyranose-(1-2)-alpha-D-mannopyranose-(1-3)-[alpha-D-mannopyranose-(1-3)-alpha-D-mannopyranose-(1-6)]beta-D-mannopyranose-(1-4)-2-acetamido-2-deoxy-beta-D-glucopyranose-(1-4)-2-acetamido-2-deoxy-beta-D-glucopyranose
3 branched beta-D-mannopyranose-(1-4)-2-acetamido-2-deoxy-beta-D-glucopyranose-(1-4)-2-acetamido-2-deoxy-beta-D-glucopyranose
4 non-polymer 2-acetamido-2-deoxy-beta-D-glucopyranose
#
_entity_poly.entity_id   1
_entity_poly.type   'polypeptide(L)'
_entity_poly.pdbx_seq_one_letter_code
;MFVLLVAYALLHIAGCQTTNGLNTSYSVCNGCVGYSENVFAVESGGYIPSDFAFNNWFLLTNTSSVVDGVVRSFQPLLLN
CLWSVSGLRFTTGFVYFNGTGRGDCKGFSSDVLSDVIRYNLNFEENLRRGTILFKTSYGVVVFYCTNNTLVSGDAHIPFG
TVLGNFYCFVNTTIGNETTSAFVGALPKTVREFVISRTGHFYINGYRYFTLGNVEAVNFNVTTAETTDFCTVALASYADV
LVNVSQTSIANIIYCNSVINRLRCDQLSFDVPDGFYSTSPIQSVELPVSIVSLPVYHKHTFIVLYVDFKPQSGGGKCFNC
YPAGVNITLANFNETKGPLCVDTSHFTTKYVAVYANVGRWSASINTGNCPFSFGKVNNFVKFGSVCFSLKDIPGGCAMPI
VANWAYSKYYTIGSLYVSWSDGDGITGVPQPVEGVSSFMNVTLDKCTKYNIYDVSGVGVIRVSNDTFLNGITYTSTSGNL
LGFKDVTKGTIYSITPCNPPDQLVVYQQAVVGAMLSENFTSYGFSNVVELPKFFYASNGTYNCTDAVLTYSSFGVCADGS
IIAVQPRNVSYDSVSAIVTANLSIPSNWTTSVQVEYLQITSTPIVVDCSTYVCNGNVRCVELLKQYTSACKTIEDALRNS
AMLESADVSEMLTFDKKAFTLANVSSFGDYNLSSVIPSLPRSGSRVAGRSAIEDILFSKLVTSGLGTVDADYKKCTKGLS
IADLACAQYYNGIMVLPGVADAERMAMYTGSLIGGIALGGLTSAASIPFSLAIQSRLNYVALQTDVLQENQKILAASFNK
AMTNIVDAFTGVNDAITQTSQALQTVATALNKIQDVVNQQGNSLNHLTSQLRQNFQAISSSIQAIYDRLDIIQADQQVDR
LITGRLAALNVFVSHTLTKYTEVRASRQLAQQKVNECVKSQSKRYGFCGNGTHIFSLVNAAPEGLVFLHTVLLPTQYKDV
EAWSGLCVDGRNGYVLRQPNLALYKEGNYYRITSRIMFEPRIPTIADFVQIENCNVTFVNISRSELQTIVPEYIDVNKTL
QELSYKLPNYTVPDLVVEQYNQTILNLTSEISTLENKSAELNYTVQKLQTLIDNINSTLVDLKWLNRVETYIKWPW
;
_entity_poly.pdbx_strand_id   A,B,C
#
loop_
_chem_comp.id
_chem_comp.type
_chem_comp.name
_chem_comp.formula
BMA D-saccharide, beta linking beta-D-mannopyranose 'C6 H12 O6'
MAN D-saccharide, alpha linking alpha-D-mannopyranose 'C6 H12 O6'
NAG D-saccharide, beta linking 2-acetamido-2-deoxy-beta-D-glucopyranose 'C8 H15 N O6'
#
# COMPACT_ATOMS: atom_id res chain seq x y z
N ILE A 48 -10.44 -37.60 -30.39
CA ILE A 48 -11.45 -37.72 -29.34
C ILE A 48 -12.76 -37.09 -29.75
N PRO A 49 -13.86 -37.83 -29.58
CA PRO A 49 -15.16 -37.27 -29.94
C PRO A 49 -15.50 -36.12 -29.02
N SER A 50 -16.19 -35.13 -29.58
CA SER A 50 -16.81 -34.14 -28.73
C SER A 50 -18.05 -34.75 -28.10
N ASP A 51 -18.38 -34.30 -26.90
CA ASP A 51 -19.54 -34.76 -26.14
C ASP A 51 -19.37 -36.18 -25.66
N PHE A 52 -18.14 -36.72 -25.73
CA PHE A 52 -17.89 -38.06 -25.21
C PHE A 52 -18.00 -38.02 -23.70
N ALA A 53 -18.87 -38.87 -23.15
CA ALA A 53 -19.10 -38.83 -21.72
C ALA A 53 -17.86 -39.21 -20.92
N PHE A 54 -17.05 -40.14 -21.45
CA PHE A 54 -15.82 -40.63 -20.83
C PHE A 54 -15.94 -40.78 -19.32
N ASN A 55 -17.12 -41.21 -18.86
CA ASN A 55 -17.37 -41.30 -17.43
C ASN A 55 -16.41 -42.26 -16.77
N ASN A 56 -15.97 -43.28 -17.49
CA ASN A 56 -15.02 -44.23 -16.95
C ASN A 56 -13.64 -43.61 -16.83
N TRP A 57 -13.23 -42.86 -17.85
CA TRP A 57 -12.02 -42.07 -17.78
C TRP A 57 -12.12 -41.19 -16.53
N PHE A 58 -10.99 -40.73 -15.99
CA PHE A 58 -11.05 -39.86 -14.83
C PHE A 58 -9.84 -38.96 -14.76
N LEU A 59 -9.86 -38.05 -13.79
CA LEU A 59 -8.74 -37.15 -13.59
C LEU A 59 -7.61 -37.88 -12.89
N LEU A 60 -6.39 -37.34 -13.02
CA LEU A 60 -5.21 -37.88 -12.37
C LEU A 60 -4.53 -36.77 -11.60
N THR A 61 -4.38 -36.95 -10.29
CA THR A 61 -3.79 -35.91 -9.45
C THR A 61 -2.79 -36.52 -8.49
N ASN A 62 -1.59 -35.91 -8.42
CA ASN A 62 -0.59 -36.37 -7.47
C ASN A 62 -1.03 -36.08 -6.03
N THR A 63 -1.52 -34.87 -5.79
CA THR A 63 -1.94 -34.41 -4.48
C THR A 63 -3.43 -34.61 -4.29
N SER A 64 -3.97 -34.02 -3.23
CA SER A 64 -5.39 -34.13 -2.95
C SER A 64 -6.19 -33.54 -4.10
N SER A 65 -7.22 -34.27 -4.51
CA SER A 65 -8.02 -33.87 -5.65
C SER A 65 -8.82 -32.61 -5.38
N VAL A 66 -8.92 -31.78 -6.40
CA VAL A 66 -9.81 -30.64 -6.36
C VAL A 66 -11.21 -31.08 -6.76
N VAL A 67 -12.19 -30.24 -6.46
CA VAL A 67 -13.58 -30.52 -6.80
C VAL A 67 -14.15 -29.35 -7.60
N ASP A 68 -14.89 -29.68 -8.67
CA ASP A 68 -15.63 -28.70 -9.48
C ASP A 68 -14.81 -27.52 -9.98
N GLY A 69 -13.62 -27.81 -10.50
CA GLY A 69 -12.74 -26.78 -11.01
C GLY A 69 -12.21 -27.12 -12.38
N VAL A 70 -11.69 -26.08 -13.05
CA VAL A 70 -11.06 -26.20 -14.35
C VAL A 70 -9.58 -25.88 -14.20
N VAL A 71 -8.74 -26.81 -14.63
CA VAL A 71 -7.29 -26.67 -14.55
C VAL A 71 -6.63 -27.15 -15.84
N ARG A 72 -5.71 -26.35 -16.37
CA ARG A 72 -4.89 -26.78 -17.50
C ARG A 72 -3.81 -27.72 -17.00
N SER A 73 -3.59 -28.84 -17.68
CA SER A 73 -2.57 -29.76 -17.22
C SER A 73 -2.13 -30.70 -18.34
N PHE A 74 -1.04 -31.41 -18.08
CA PHE A 74 -0.45 -32.37 -19.00
C PHE A 74 -1.01 -33.76 -18.70
N GLN A 75 -1.73 -34.32 -19.65
CA GLN A 75 -2.31 -35.64 -19.46
C GLN A 75 -1.98 -36.54 -20.63
N PRO A 76 -1.96 -37.85 -20.44
CA PRO A 76 -1.70 -38.71 -21.60
C PRO A 76 -3.01 -38.90 -22.34
N LEU A 77 -3.36 -37.86 -23.09
CA LEU A 77 -4.62 -37.83 -23.84
C LEU A 77 -4.46 -37.92 -25.34
N LEU A 78 -3.25 -38.08 -25.86
CA LEU A 78 -3.18 -38.16 -27.32
C LEU A 78 -3.43 -39.63 -27.64
N LEU A 79 -4.70 -39.97 -27.65
CA LEU A 79 -5.11 -41.35 -27.89
C LEU A 79 -4.53 -41.80 -29.21
N ASN A 80 -3.90 -42.95 -29.20
CA ASN A 80 -3.25 -43.46 -30.40
C ASN A 80 -4.09 -44.53 -31.07
N CYS A 81 -4.41 -45.59 -30.35
CA CYS A 81 -5.23 -46.66 -30.88
C CYS A 81 -6.33 -46.92 -29.87
N LEU A 82 -7.58 -46.95 -30.34
CA LEU A 82 -8.68 -47.21 -29.42
C LEU A 82 -8.55 -48.58 -28.79
N TRP A 83 -8.05 -49.54 -29.55
CA TRP A 83 -7.86 -50.90 -29.07
C TRP A 83 -9.13 -51.40 -28.40
N SER A 84 -10.20 -51.43 -29.21
CA SER A 84 -11.50 -51.81 -28.73
C SER A 84 -11.43 -53.15 -28.01
N VAL A 85 -12.12 -53.23 -26.89
CA VAL A 85 -12.06 -54.44 -26.07
C VAL A 85 -12.51 -55.64 -26.88
N SER A 86 -13.61 -55.50 -27.61
CA SER A 86 -14.16 -56.58 -28.42
C SER A 86 -14.28 -57.86 -27.62
N GLY A 87 -14.93 -57.75 -26.46
CA GLY A 87 -15.08 -58.92 -25.61
C GLY A 87 -13.79 -59.55 -25.16
N LEU A 88 -12.90 -58.78 -24.53
CA LEU A 88 -11.61 -59.33 -24.11
C LEU A 88 -11.82 -60.58 -23.26
N ARG A 89 -11.13 -61.64 -23.64
CA ARG A 89 -11.24 -62.93 -22.99
C ARG A 89 -10.15 -63.12 -21.94
N PHE A 90 -10.01 -64.38 -21.51
CA PHE A 90 -9.05 -64.75 -20.48
C PHE A 90 -7.61 -64.44 -20.92
N THR A 91 -7.28 -64.71 -22.18
CA THR A 91 -5.95 -64.43 -22.75
C THR A 91 -5.91 -63.01 -23.29
N THR A 92 -5.84 -62.03 -22.38
CA THR A 92 -5.89 -60.61 -22.81
C THR A 92 -4.74 -60.30 -23.78
N GLY A 93 -3.50 -60.57 -23.37
CA GLY A 93 -2.33 -60.30 -24.22
C GLY A 93 -1.35 -59.34 -23.57
N PHE A 94 -0.17 -59.17 -24.17
CA PHE A 94 0.89 -58.31 -23.57
C PHE A 94 1.16 -57.11 -24.48
N VAL A 95 1.23 -55.92 -23.90
CA VAL A 95 1.55 -54.69 -24.69
C VAL A 95 3.02 -54.35 -24.49
N TYR A 96 3.74 -54.03 -25.56
CA TYR A 96 5.19 -53.75 -25.47
C TYR A 96 5.47 -52.28 -25.80
N PHE A 97 4.59 -51.38 -25.34
CA PHE A 97 4.72 -49.94 -25.69
C PHE A 97 4.69 -49.81 -27.22
N ASN A 98 3.78 -50.54 -27.86
CA ASN A 98 3.69 -50.55 -29.34
C ASN A 98 2.27 -50.28 -29.81
N GLY A 99 2.13 -49.84 -31.05
CA GLY A 99 0.78 -49.62 -31.59
C GLY A 99 0.06 -50.91 -31.87
N THR A 100 0.55 -52.07 -31.39
CA THR A 100 -0.28 -53.24 -31.66
C THR A 100 -1.51 -53.22 -30.78
N GLY A 101 -2.49 -52.43 -31.21
CA GLY A 101 -3.77 -52.29 -30.55
C GLY A 101 -4.91 -52.75 -31.44
N ARG A 102 -5.84 -53.53 -30.92
CA ARG A 102 -6.98 -53.99 -31.73
C ARG A 102 -8.00 -52.87 -31.73
N GLY A 103 -7.70 -51.81 -32.48
CA GLY A 103 -8.66 -50.72 -32.48
C GLY A 103 -8.58 -49.77 -33.65
N ASP A 104 -9.65 -49.01 -33.79
CA ASP A 104 -9.76 -47.97 -34.80
C ASP A 104 -8.95 -46.75 -34.38
N CYS A 105 -8.43 -46.03 -35.37
CA CYS A 105 -7.56 -44.90 -35.07
C CYS A 105 -8.30 -43.58 -35.03
N LYS A 106 -9.58 -43.57 -35.41
CA LYS A 106 -10.43 -42.37 -35.42
C LYS A 106 -9.76 -41.20 -36.15
N GLY A 107 -9.27 -41.46 -37.36
CA GLY A 107 -8.78 -40.34 -38.13
C GLY A 107 -7.63 -39.60 -37.47
N PHE A 108 -7.91 -38.37 -37.06
CA PHE A 108 -6.88 -37.54 -36.44
C PHE A 108 -6.19 -38.26 -35.29
N SER A 109 -4.88 -38.06 -35.21
CA SER A 109 -4.03 -38.79 -34.26
C SER A 109 -4.17 -40.29 -34.50
N SER A 110 -4.09 -40.69 -35.78
CA SER A 110 -4.29 -42.08 -36.12
C SER A 110 -3.25 -42.99 -35.48
N ASP A 111 -1.96 -42.69 -35.67
CA ASP A 111 -0.92 -43.60 -35.11
C ASP A 111 0.39 -42.86 -34.83
N VAL A 112 0.91 -43.03 -33.61
CA VAL A 112 2.20 -42.44 -33.15
C VAL A 112 2.82 -43.39 -32.11
N LEU A 113 4.13 -43.27 -31.85
CA LEU A 113 4.80 -44.11 -30.83
C LEU A 113 4.00 -44.00 -29.52
N SER A 114 3.43 -45.11 -29.04
CA SER A 114 2.58 -45.03 -27.85
C SER A 114 3.41 -44.80 -26.61
N ASP A 115 3.24 -43.62 -26.01
CA ASP A 115 3.99 -43.24 -24.83
C ASP A 115 3.40 -43.77 -23.52
N VAL A 116 2.11 -44.09 -23.49
CA VAL A 116 1.48 -44.50 -22.25
C VAL A 116 0.44 -45.60 -22.48
N ILE A 117 0.25 -46.42 -21.45
CA ILE A 117 -0.76 -47.46 -21.44
C ILE A 117 -1.60 -47.32 -20.17
N ARG A 118 -2.92 -47.35 -20.32
CA ARG A 118 -3.87 -47.22 -19.22
C ARG A 118 -4.85 -48.38 -19.29
N TYR A 119 -5.52 -48.68 -18.18
CA TYR A 119 -6.50 -49.77 -18.16
C TYR A 119 -7.81 -49.20 -17.67
N ASN A 120 -8.51 -48.50 -18.54
CA ASN A 120 -9.84 -48.07 -18.15
C ASN A 120 -10.73 -49.30 -18.20
N LEU A 121 -11.65 -49.41 -17.28
CA LEU A 121 -12.49 -50.60 -17.16
C LEU A 121 -13.93 -50.17 -17.35
N ASN A 122 -14.64 -50.83 -18.25
CA ASN A 122 -16.06 -50.57 -18.43
C ASN A 122 -16.80 -51.87 -18.25
N PHE A 123 -17.36 -52.09 -17.08
CA PHE A 123 -18.00 -53.36 -16.84
C PHE A 123 -19.00 -53.23 -15.72
N GLU A 124 -19.88 -54.20 -15.65
CA GLU A 124 -20.91 -54.27 -14.64
C GLU A 124 -20.31 -54.74 -13.34
N GLU A 125 -21.12 -54.67 -12.28
CA GLU A 125 -20.69 -55.05 -10.95
C GLU A 125 -20.77 -56.57 -10.84
N ASN A 126 -19.78 -57.23 -11.46
CA ASN A 126 -19.72 -58.68 -11.48
C ASN A 126 -18.31 -59.14 -11.17
N LEU A 127 -18.21 -60.31 -10.55
CA LEU A 127 -16.94 -60.95 -10.22
C LEU A 127 -16.57 -61.95 -11.31
N ARG A 128 -15.47 -61.68 -12.02
CA ARG A 128 -14.95 -62.56 -13.05
C ARG A 128 -13.60 -63.13 -12.59
N ARG A 129 -13.47 -64.46 -12.62
CA ARG A 129 -12.23 -65.07 -12.16
C ARG A 129 -11.05 -64.55 -12.98
N GLY A 130 -9.99 -64.14 -12.29
CA GLY A 130 -8.86 -63.60 -13.00
C GLY A 130 -7.58 -63.53 -12.17
N THR A 131 -6.49 -63.27 -12.88
CA THR A 131 -5.17 -63.09 -12.29
C THR A 131 -4.49 -61.91 -12.92
N ILE A 132 -3.51 -61.35 -12.24
CA ILE A 132 -2.73 -60.23 -12.74
C ILE A 132 -1.26 -60.60 -12.73
N LEU A 133 -0.59 -60.44 -13.88
CA LEU A 133 0.83 -60.71 -14.03
C LEU A 133 1.49 -59.47 -14.62
N PHE A 134 2.61 -59.04 -14.05
CA PHE A 134 3.30 -57.85 -14.52
C PHE A 134 4.70 -58.18 -15.00
N LYS A 135 5.07 -57.67 -16.17
CA LYS A 135 6.41 -57.87 -16.73
C LYS A 135 7.18 -56.55 -16.76
N THR A 136 8.36 -56.55 -16.15
CA THR A 136 9.15 -55.32 -16.10
C THR A 136 10.63 -55.67 -16.18
N SER A 137 11.43 -54.64 -16.49
CA SER A 137 12.86 -54.82 -16.70
C SER A 137 13.55 -55.39 -15.48
N TYR A 138 13.19 -54.92 -14.28
CA TYR A 138 13.86 -55.43 -13.09
C TYR A 138 13.61 -56.92 -12.95
N GLY A 139 12.40 -57.35 -13.28
CA GLY A 139 12.01 -58.73 -13.10
C GLY A 139 10.50 -58.83 -13.03
N VAL A 140 10.05 -60.08 -12.96
CA VAL A 140 8.62 -60.34 -12.99
C VAL A 140 7.96 -59.93 -11.67
N VAL A 141 6.66 -59.65 -11.76
CA VAL A 141 5.84 -59.36 -10.59
C VAL A 141 4.61 -60.25 -10.68
N VAL A 142 4.30 -60.95 -9.60
CA VAL A 142 3.14 -61.81 -9.52
C VAL A 142 2.25 -61.24 -8.42
N PHE A 143 0.94 -61.38 -8.59
CA PHE A 143 0.01 -60.88 -7.60
C PHE A 143 -0.87 -62.01 -7.10
N TYR A 144 -0.83 -62.24 -5.81
CA TYR A 144 -1.62 -63.25 -5.14
C TYR A 144 -2.84 -62.56 -4.57
N CYS A 145 -3.91 -63.30 -4.40
CA CYS A 145 -5.01 -62.78 -3.61
C CYS A 145 -5.81 -63.94 -3.05
N THR A 146 -6.64 -63.62 -2.07
CA THR A 146 -7.51 -64.61 -1.45
C THR A 146 -8.81 -63.94 -1.05
N ASN A 147 -9.89 -64.23 -1.77
CA ASN A 147 -11.16 -63.65 -1.33
C ASN A 147 -11.52 -64.15 0.04
N ASN A 148 -11.32 -65.44 0.30
CA ASN A 148 -11.53 -65.98 1.62
C ASN A 148 -10.48 -65.42 2.58
N THR A 149 -10.81 -65.45 3.87
CA THR A 149 -9.93 -64.86 4.89
C THR A 149 -8.53 -65.48 4.88
N LEU A 150 -8.41 -66.76 4.57
CA LEU A 150 -7.11 -67.42 4.55
C LEU A 150 -6.16 -66.70 3.59
N VAL A 151 -4.87 -66.64 3.98
CA VAL A 151 -3.90 -65.90 3.19
C VAL A 151 -3.84 -66.45 1.77
N SER A 152 -3.72 -67.78 1.64
CA SER A 152 -3.79 -68.37 0.31
C SER A 152 -5.20 -68.26 -0.23
N GLY A 153 -6.19 -68.67 0.57
CA GLY A 153 -7.59 -68.53 0.20
C GLY A 153 -7.91 -68.98 -1.19
N ASP A 154 -8.63 -68.13 -1.91
CA ASP A 154 -8.99 -68.35 -3.30
C ASP A 154 -8.38 -67.24 -4.15
N ALA A 155 -7.59 -67.63 -5.16
CA ALA A 155 -6.77 -66.71 -5.95
C ALA A 155 -7.58 -65.99 -7.01
N HIS A 156 -8.38 -65.02 -6.55
CA HIS A 156 -9.14 -64.17 -7.44
C HIS A 156 -9.18 -62.74 -6.95
N ILE A 157 -8.87 -61.80 -7.85
CA ILE A 157 -9.00 -60.39 -7.54
C ILE A 157 -10.48 -60.06 -7.66
N PRO A 158 -11.06 -59.30 -6.73
CA PRO A 158 -12.46 -58.93 -6.86
C PRO A 158 -12.67 -57.96 -8.01
N PHE A 159 -13.73 -58.19 -8.78
CA PHE A 159 -14.05 -57.36 -9.92
C PHE A 159 -15.34 -56.61 -9.65
N GLY A 160 -15.32 -55.31 -9.90
CA GLY A 160 -16.47 -54.54 -9.56
C GLY A 160 -16.43 -54.10 -8.11
N THR A 161 -17.60 -53.87 -7.51
CA THR A 161 -17.68 -53.41 -6.11
C THR A 161 -17.20 -54.49 -5.14
N VAL A 162 -16.81 -54.09 -3.93
CA VAL A 162 -16.29 -55.03 -2.91
C VAL A 162 -16.44 -54.35 -1.55
N PHE A 166 -10.91 -61.33 1.83
CA PHE A 166 -9.95 -60.71 0.93
C PHE A 166 -8.63 -60.31 1.58
N TYR A 167 -7.61 -61.15 1.42
CA TYR A 167 -6.23 -60.87 1.80
C TYR A 167 -5.43 -61.09 0.53
N CYS A 168 -4.85 -60.04 -0.02
CA CYS A 168 -4.08 -60.21 -1.24
C CYS A 168 -2.63 -59.81 -0.98
N PHE A 169 -1.74 -60.35 -1.81
CA PHE A 169 -0.31 -60.16 -1.66
C PHE A 169 0.31 -59.99 -3.03
N VAL A 170 1.55 -59.53 -3.05
CA VAL A 170 2.31 -59.42 -4.28
C VAL A 170 3.73 -59.92 -4.04
N ASN A 171 4.26 -60.66 -4.99
CA ASN A 171 5.67 -61.07 -5.00
C ASN A 171 6.36 -60.41 -6.16
N THR A 172 7.33 -59.55 -5.87
CA THR A 172 8.12 -58.85 -6.86
C THR A 172 9.52 -59.44 -6.81
N THR A 173 10.01 -59.94 -7.94
CA THR A 173 11.35 -60.51 -7.99
C THR A 173 12.28 -59.53 -8.68
N ILE A 174 13.33 -59.14 -7.98
CA ILE A 174 14.34 -58.21 -8.49
C ILE A 174 15.66 -58.93 -8.49
N GLY A 175 16.33 -58.92 -9.65
CA GLY A 175 17.53 -59.72 -9.75
C GLY A 175 17.16 -61.15 -9.45
N ASN A 176 17.87 -61.76 -8.52
CA ASN A 176 17.58 -63.12 -8.10
C ASN A 176 16.84 -63.15 -6.76
N GLU A 177 16.42 -62.00 -6.26
CA GLU A 177 15.75 -61.90 -4.97
C GLU A 177 14.28 -61.61 -5.17
N THR A 178 13.44 -62.35 -4.47
CA THR A 178 11.99 -62.19 -4.50
C THR A 178 11.52 -61.59 -3.19
N THR A 179 10.69 -60.56 -3.27
CA THR A 179 10.14 -59.93 -2.09
C THR A 179 8.62 -60.00 -2.18
N SER A 180 7.94 -59.87 -1.04
CA SER A 180 6.50 -59.97 -1.00
C SER A 180 5.84 -58.67 -0.53
N ALA A 181 4.86 -58.20 -1.29
CA ALA A 181 4.11 -56.99 -0.98
C ALA A 181 2.68 -57.31 -0.55
N PHE A 182 2.24 -56.70 0.54
CA PHE A 182 0.89 -56.90 1.06
C PHE A 182 -0.09 -56.00 0.32
N VAL A 183 -1.25 -56.54 -0.04
CA VAL A 183 -2.25 -55.70 -0.68
C VAL A 183 -2.78 -54.64 0.28
N GLY A 184 -2.95 -55.02 1.55
CA GLY A 184 -3.47 -54.06 2.51
C GLY A 184 -4.90 -53.66 2.20
N ALA A 185 -5.12 -52.35 2.02
CA ALA A 185 -6.47 -51.83 1.78
C ALA A 185 -7.11 -52.49 0.56
N LEU A 186 -8.40 -52.83 0.70
CA LEU A 186 -9.11 -53.46 -0.40
C LEU A 186 -9.95 -52.44 -1.13
N PRO A 187 -9.78 -52.32 -2.44
CA PRO A 187 -10.54 -51.32 -3.20
C PRO A 187 -12.03 -51.56 -3.14
N LYS A 188 -12.79 -50.49 -2.94
CA LYS A 188 -14.25 -50.64 -2.95
C LYS A 188 -14.71 -51.08 -4.32
N THR A 189 -14.26 -50.37 -5.34
CA THR A 189 -14.50 -50.69 -6.74
C THR A 189 -13.45 -49.96 -7.56
N VAL A 190 -12.91 -50.64 -8.55
CA VAL A 190 -11.92 -50.05 -9.45
C VAL A 190 -12.59 -49.87 -10.79
N ARG A 191 -12.73 -48.63 -11.23
CA ARG A 191 -13.33 -48.35 -12.52
C ARG A 191 -12.30 -47.91 -13.54
N GLU A 192 -11.13 -47.44 -13.09
CA GLU A 192 -10.07 -47.04 -13.99
C GLU A 192 -8.75 -47.33 -13.29
N PHE A 193 -7.86 -47.99 -14.01
CA PHE A 193 -6.52 -48.32 -13.56
C PHE A 193 -5.52 -47.57 -14.42
N VAL A 194 -4.33 -47.34 -13.88
CA VAL A 194 -3.33 -46.59 -14.63
C VAL A 194 -1.96 -46.85 -14.03
N ILE A 195 -0.97 -46.92 -14.93
CA ILE A 195 0.43 -47.07 -14.59
C ILE A 195 1.20 -46.55 -15.77
N SER A 196 2.38 -45.99 -15.52
CA SER A 196 3.13 -45.43 -16.62
C SER A 196 4.37 -46.25 -16.91
N ARG A 197 5.03 -45.90 -18.00
CA ARG A 197 6.39 -46.39 -18.23
C ARG A 197 7.31 -45.89 -17.13
N THR A 198 7.25 -44.58 -16.88
CA THR A 198 8.06 -43.98 -15.79
C THR A 198 7.71 -44.69 -14.49
N GLY A 199 6.61 -45.44 -14.48
CA GLY A 199 6.25 -46.23 -13.29
C GLY A 199 5.33 -45.55 -12.28
N HIS A 200 4.91 -44.29 -12.49
CA HIS A 200 3.94 -43.69 -11.54
C HIS A 200 2.62 -44.47 -11.58
N PHE A 201 2.05 -44.78 -10.41
CA PHE A 201 0.76 -45.51 -10.35
C PHE A 201 -0.28 -44.66 -9.62
N TYR A 202 -1.35 -44.28 -10.30
CA TYR A 202 -2.43 -43.50 -9.65
C TYR A 202 -3.74 -44.25 -9.86
N ILE A 203 -4.50 -44.48 -8.79
CA ILE A 203 -5.85 -45.06 -9.00
C ILE A 203 -6.82 -43.95 -8.62
N ASN A 204 -7.43 -43.30 -9.60
CA ASN A 204 -8.30 -42.14 -9.32
C ASN A 204 -7.50 -41.06 -8.55
N GLY A 205 -6.20 -40.89 -8.84
CA GLY A 205 -5.39 -39.83 -8.22
C GLY A 205 -4.62 -40.32 -7.00
N TYR A 206 -4.05 -39.41 -6.18
CA TYR A 206 -3.43 -39.84 -4.93
C TYR A 206 -2.54 -41.06 -5.12
N ARG A 207 -1.66 -40.96 -6.12
CA ARG A 207 -0.73 -42.02 -6.47
C ARG A 207 -0.09 -42.64 -5.25
N TYR A 208 -0.23 -43.95 -5.11
CA TYR A 208 0.37 -44.62 -3.97
C TYR A 208 1.89 -44.57 -4.04
N PHE A 209 2.46 -44.83 -5.20
CA PHE A 209 3.92 -44.88 -5.35
C PHE A 209 4.26 -44.80 -6.84
N THR A 210 5.51 -45.14 -7.17
CA THR A 210 5.97 -45.12 -8.55
C THR A 210 7.13 -46.09 -8.68
N LEU A 211 7.17 -46.77 -9.82
CA LEU A 211 8.17 -47.79 -10.08
C LEU A 211 9.27 -47.26 -11.00
N GLY A 212 10.24 -48.13 -11.30
CA GLY A 212 11.25 -47.78 -12.27
C GLY A 212 10.80 -47.71 -13.70
N ASN A 213 10.51 -48.87 -14.30
CA ASN A 213 9.95 -48.95 -15.64
C ASN A 213 9.28 -50.31 -15.81
N VAL A 214 8.78 -50.58 -17.02
CA VAL A 214 7.98 -51.78 -17.28
C VAL A 214 8.15 -52.18 -18.75
N GLU A 215 7.88 -53.45 -19.05
CA GLU A 215 7.98 -53.95 -20.41
C GLU A 215 6.66 -54.46 -20.97
N ALA A 216 5.91 -55.25 -20.20
CA ALA A 216 4.67 -55.83 -20.70
C ALA A 216 3.71 -55.99 -19.54
N VAL A 217 2.48 -56.40 -19.86
CA VAL A 217 1.43 -56.56 -18.86
C VAL A 217 0.43 -57.58 -19.39
N ASN A 218 -0.35 -58.16 -18.48
CA ASN A 218 -1.41 -59.08 -18.87
C ASN A 218 -2.63 -58.83 -18.00
N PHE A 219 -3.80 -58.73 -18.64
CA PHE A 219 -5.07 -58.56 -17.96
C PHE A 219 -5.83 -59.88 -17.95
N ASN A 220 -5.37 -60.76 -17.07
CA ASN A 220 -5.77 -62.16 -17.08
C ASN A 220 -7.16 -62.32 -16.49
N VAL A 221 -8.15 -61.85 -17.26
CA VAL A 221 -9.55 -61.82 -16.82
C VAL A 221 -10.37 -62.73 -17.71
N THR A 222 -11.05 -63.69 -17.09
CA THR A 222 -11.97 -64.56 -17.80
C THR A 222 -13.34 -63.91 -17.80
N THR A 223 -13.90 -63.64 -18.98
CA THR A 223 -15.10 -62.83 -19.09
C THR A 223 -16.28 -63.73 -19.42
N ALA A 224 -17.19 -63.87 -18.46
CA ALA A 224 -18.43 -64.58 -18.72
C ALA A 224 -19.38 -63.73 -19.55
N GLU A 225 -19.50 -62.45 -19.20
CA GLU A 225 -20.37 -61.55 -19.93
C GLU A 225 -19.82 -61.28 -21.32
N THR A 226 -20.71 -61.25 -22.31
CA THR A 226 -20.27 -60.95 -23.67
C THR A 226 -19.98 -59.47 -23.82
N THR A 227 -20.84 -58.62 -23.26
CA THR A 227 -20.61 -57.18 -23.26
C THR A 227 -19.71 -56.87 -22.06
N ASP A 228 -18.46 -57.32 -22.17
CA ASP A 228 -17.52 -57.16 -21.07
C ASP A 228 -17.06 -55.71 -20.97
N PHE A 229 -16.64 -55.13 -22.09
CA PHE A 229 -16.15 -53.76 -22.10
C PHE A 229 -16.49 -53.17 -23.46
N CYS A 230 -16.42 -51.85 -23.54
CA CYS A 230 -16.50 -51.20 -24.84
C CYS A 230 -15.12 -51.03 -25.48
N THR A 231 -14.09 -50.73 -24.67
CA THR A 231 -12.77 -50.44 -25.23
C THR A 231 -11.76 -50.29 -24.10
N VAL A 232 -10.51 -50.61 -24.41
CA VAL A 232 -9.36 -50.41 -23.52
C VAL A 232 -8.15 -50.13 -24.40
N ALA A 233 -7.55 -48.96 -24.26
CA ALA A 233 -6.70 -48.37 -25.28
C ALA A 233 -5.29 -48.08 -24.78
N LEU A 234 -4.43 -47.72 -25.74
CA LEU A 234 -3.14 -47.09 -25.50
C LEU A 234 -3.23 -45.64 -25.94
N ALA A 235 -2.27 -44.82 -25.52
CA ALA A 235 -2.40 -43.39 -25.80
C ALA A 235 -1.06 -42.74 -25.53
N SER A 236 -1.00 -41.44 -25.77
CA SER A 236 0.24 -40.70 -25.60
C SER A 236 -0.01 -39.41 -24.84
N TYR A 237 1.09 -38.86 -24.32
CA TYR A 237 1.02 -37.62 -23.58
C TYR A 237 0.49 -36.49 -24.45
N ALA A 238 0.12 -35.41 -23.78
CA ALA A 238 -0.31 -34.16 -24.41
C ALA A 238 -0.44 -33.13 -23.30
N ASP A 239 -0.81 -31.92 -23.69
CA ASP A 239 -1.25 -30.91 -22.76
C ASP A 239 -2.67 -30.52 -23.13
N VAL A 240 -3.55 -30.46 -22.14
CA VAL A 240 -4.96 -30.17 -22.33
C VAL A 240 -5.43 -29.33 -21.17
N LEU A 241 -6.73 -29.09 -21.11
CA LEU A 241 -7.36 -28.45 -19.97
C LEU A 241 -8.51 -29.35 -19.54
N VAL A 242 -9.00 -29.15 -18.32
CA VAL A 242 -10.02 -30.04 -17.78
C VAL A 242 -11.01 -29.24 -16.96
N ASN A 243 -12.29 -29.47 -17.22
CA ASN A 243 -13.40 -28.98 -16.42
C ASN A 243 -14.08 -30.15 -15.75
N VAL A 244 -13.98 -30.26 -14.43
CA VAL A 244 -14.71 -31.28 -13.71
C VAL A 244 -15.54 -30.60 -12.64
N SER A 245 -16.75 -31.09 -12.42
CA SER A 245 -17.69 -30.47 -11.52
C SER A 245 -18.30 -31.55 -10.66
N GLN A 246 -18.19 -31.39 -9.34
CA GLN A 246 -18.84 -32.25 -8.37
C GLN A 246 -18.57 -33.73 -8.64
N THR A 247 -17.32 -34.04 -8.94
CA THR A 247 -16.85 -35.38 -9.29
C THR A 247 -17.23 -35.84 -10.67
N SER A 248 -17.72 -34.97 -11.54
CA SER A 248 -18.06 -35.38 -12.89
C SER A 248 -17.40 -34.47 -13.90
N ILE A 249 -16.64 -35.06 -14.82
CA ILE A 249 -15.96 -34.28 -15.83
C ILE A 249 -16.98 -33.78 -16.83
N ALA A 250 -16.77 -32.58 -17.35
CA ALA A 250 -17.66 -31.97 -18.32
C ALA A 250 -17.12 -32.06 -19.73
N ASN A 251 -15.90 -31.59 -19.95
CA ASN A 251 -15.33 -31.51 -21.29
C ASN A 251 -13.85 -31.16 -21.16
N ILE A 252 -13.18 -31.09 -22.32
CA ILE A 252 -11.78 -30.68 -22.36
C ILE A 252 -11.51 -29.93 -23.67
N ILE A 253 -10.39 -29.21 -23.71
CA ILE A 253 -9.97 -28.42 -24.86
C ILE A 253 -8.51 -28.74 -25.15
N TYR A 254 -8.25 -29.35 -26.30
CA TYR A 254 -6.86 -29.42 -26.75
C TYR A 254 -6.31 -28.03 -26.97
N CYS A 255 -5.02 -27.87 -26.72
CA CYS A 255 -4.34 -26.58 -26.81
C CYS A 255 -3.46 -26.53 -28.05
N ASN A 256 -4.10 -26.54 -29.22
CA ASN A 256 -3.36 -26.53 -30.48
C ASN A 256 -3.46 -25.22 -31.25
N SER A 257 -4.67 -24.71 -31.46
CA SER A 257 -4.84 -23.53 -32.29
C SER A 257 -4.38 -22.29 -31.54
N VAL A 258 -4.31 -21.18 -32.25
CA VAL A 258 -4.02 -19.92 -31.57
C VAL A 258 -5.15 -19.59 -30.62
N ILE A 259 -6.39 -19.70 -31.10
CA ILE A 259 -7.53 -19.45 -30.24
C ILE A 259 -7.51 -20.39 -29.06
N ASN A 260 -7.29 -21.68 -29.31
CA ASN A 260 -7.31 -22.62 -28.20
C ASN A 260 -6.09 -22.46 -27.31
N ARG A 261 -5.04 -21.86 -27.84
CA ARG A 261 -3.84 -21.62 -27.07
C ARG A 261 -4.10 -20.53 -26.06
N LEU A 262 -4.55 -19.37 -26.55
CA LEU A 262 -4.88 -18.27 -25.67
C LEU A 262 -6.00 -18.65 -24.72
N ARG A 263 -6.97 -19.44 -25.21
CA ARG A 263 -8.06 -19.88 -24.37
C ARG A 263 -7.55 -20.75 -23.23
N CYS A 264 -6.59 -21.64 -23.52
CA CYS A 264 -6.00 -22.42 -22.45
C CYS A 264 -5.32 -21.51 -21.46
N ASP A 265 -4.63 -20.48 -21.97
CA ASP A 265 -4.05 -19.50 -21.06
C ASP A 265 -5.14 -18.79 -20.26
N GLN A 266 -6.31 -18.59 -20.87
CA GLN A 266 -7.40 -17.97 -20.13
C GLN A 266 -7.97 -18.87 -19.06
N LEU A 267 -7.57 -20.14 -19.03
CA LEU A 267 -8.01 -21.08 -18.00
C LEU A 267 -9.53 -21.13 -17.99
N SER A 268 -10.12 -21.15 -19.18
CA SER A 268 -11.57 -21.18 -19.32
C SER A 268 -11.88 -21.60 -20.74
N PHE A 269 -13.17 -21.57 -21.07
CA PHE A 269 -13.66 -21.83 -22.41
C PHE A 269 -14.23 -20.54 -23.00
N ASP A 270 -14.29 -20.50 -24.32
CA ASP A 270 -14.94 -19.41 -25.06
C ASP A 270 -14.56 -18.02 -24.54
N VAL A 271 -13.25 -17.76 -24.54
CA VAL A 271 -12.71 -16.50 -24.04
C VAL A 271 -13.44 -15.33 -24.69
N PRO A 272 -13.89 -14.30 -23.93
CA PRO A 272 -14.65 -13.19 -24.51
C PRO A 272 -13.80 -12.36 -25.48
N ASP A 273 -14.44 -11.58 -26.35
CA ASP A 273 -13.72 -10.79 -27.37
C ASP A 273 -12.93 -9.65 -26.70
N GLY A 274 -11.72 -9.36 -27.20
CA GLY A 274 -10.88 -8.31 -26.59
C GLY A 274 -9.46 -8.30 -27.15
N PHE A 275 -8.55 -7.53 -26.53
CA PHE A 275 -7.14 -7.47 -26.97
C PHE A 275 -6.29 -8.18 -25.93
N TYR A 276 -5.45 -9.12 -26.36
CA TYR A 276 -4.64 -9.92 -25.40
C TYR A 276 -3.18 -9.98 -25.89
N SER A 277 -2.23 -10.18 -24.98
CA SER A 277 -0.79 -10.15 -25.37
C SER A 277 -0.25 -11.54 -25.66
N THR A 278 0.42 -11.71 -26.80
CA THR A 278 1.04 -12.99 -27.11
C THR A 278 2.45 -12.73 -27.57
N SER A 279 3.36 -13.62 -27.20
CA SER A 279 4.73 -13.59 -27.68
C SER A 279 4.98 -14.94 -28.32
N PRO A 280 4.76 -15.06 -29.62
CA PRO A 280 4.87 -16.35 -30.30
C PRO A 280 6.26 -16.66 -30.83
N ILE A 281 7.25 -15.84 -30.50
CA ILE A 281 8.57 -16.02 -31.07
C ILE A 281 9.07 -17.43 -30.81
N GLN A 282 9.59 -18.04 -31.86
CA GLN A 282 10.17 -19.37 -31.79
C GLN A 282 11.32 -19.42 -30.80
N SER A 283 11.32 -20.45 -29.98
CA SER A 283 12.38 -20.68 -29.00
C SER A 283 13.48 -21.57 -29.56
N VAL A 284 13.43 -21.90 -30.85
CA VAL A 284 14.44 -22.76 -31.47
C VAL A 284 15.82 -22.14 -31.28
N GLU A 285 16.76 -22.95 -30.83
CA GLU A 285 18.12 -22.47 -30.61
C GLU A 285 18.74 -22.00 -31.92
N LEU A 286 19.44 -20.89 -31.85
CA LEU A 286 20.12 -20.25 -32.97
C LEU A 286 21.55 -19.91 -32.59
N PRO A 287 22.41 -19.70 -33.59
CA PRO A 287 23.80 -19.36 -33.29
C PRO A 287 23.83 -18.07 -32.48
N VAL A 288 24.68 -18.06 -31.47
CA VAL A 288 24.79 -16.93 -30.57
C VAL A 288 26.16 -16.30 -30.74
N SER A 289 26.16 -15.05 -31.23
CA SER A 289 27.39 -14.30 -31.42
C SER A 289 27.97 -13.80 -30.11
N ILE A 290 29.31 -13.77 -30.04
CA ILE A 290 30.02 -13.36 -28.84
C ILE A 290 30.86 -12.12 -29.16
N VAL A 291 30.78 -11.11 -28.30
CA VAL A 291 31.64 -9.94 -28.36
C VAL A 291 32.41 -9.86 -27.04
N SER A 292 33.73 -9.74 -27.13
CA SER A 292 34.55 -9.71 -25.93
C SER A 292 35.61 -8.62 -26.03
N LEU A 293 36.26 -8.36 -24.88
CA LEU A 293 37.33 -7.39 -24.67
C LEU A 293 38.68 -8.06 -24.94
N PRO A 294 39.57 -7.42 -25.70
CA PRO A 294 40.84 -8.08 -26.07
C PRO A 294 41.74 -8.33 -24.87
N VAL A 295 42.16 -9.59 -24.71
CA VAL A 295 43.16 -9.98 -23.71
C VAL A 295 43.73 -11.33 -24.11
N TYR A 296 45.05 -11.50 -23.99
CA TYR A 296 45.65 -12.78 -24.33
C TYR A 296 45.31 -13.78 -23.23
N HIS A 297 44.57 -14.82 -23.58
CA HIS A 297 44.00 -15.68 -22.56
C HIS A 297 45.06 -16.57 -21.94
N LYS A 298 45.30 -16.38 -20.65
CA LYS A 298 46.11 -17.34 -19.95
C LYS A 298 45.24 -18.55 -19.63
N HIS A 299 45.87 -19.69 -19.46
CA HIS A 299 45.13 -20.94 -19.27
C HIS A 299 44.63 -21.02 -17.85
N THR A 300 43.35 -20.70 -17.67
CA THR A 300 42.70 -20.73 -16.36
C THR A 300 41.42 -21.55 -16.46
N PHE A 301 41.56 -22.81 -16.85
CA PHE A 301 40.44 -23.72 -17.01
C PHE A 301 40.54 -24.86 -16.01
N ILE A 302 39.48 -25.05 -15.24
CA ILE A 302 39.43 -26.14 -14.28
C ILE A 302 39.16 -27.43 -15.04
N VAL A 303 39.79 -28.52 -14.58
CA VAL A 303 39.60 -29.87 -15.12
C VAL A 303 39.33 -30.84 -13.97
N LEU A 304 38.82 -32.01 -14.31
CA LEU A 304 38.51 -32.98 -13.26
C LEU A 304 38.77 -34.40 -13.74
N TYR A 305 39.09 -35.27 -12.79
CA TYR A 305 39.22 -36.71 -12.97
C TYR A 305 38.48 -37.40 -11.82
N VAL A 306 38.22 -38.70 -11.99
CA VAL A 306 37.59 -39.50 -10.95
C VAL A 306 37.98 -40.96 -11.15
N ASP A 307 37.94 -41.74 -10.07
CA ASP A 307 38.16 -43.18 -10.11
C ASP A 307 37.01 -43.86 -9.39
N PHE A 308 36.18 -44.58 -10.13
CA PHE A 308 34.98 -45.25 -9.61
C PHE A 308 35.18 -46.77 -9.66
N LYS A 309 35.42 -47.38 -8.51
CA LYS A 309 35.61 -48.82 -8.50
C LYS A 309 34.31 -49.47 -8.99
N PRO A 310 34.38 -50.32 -10.00
CA PRO A 310 33.13 -50.84 -10.61
C PRO A 310 32.46 -52.04 -9.93
N GLN A 311 31.81 -51.82 -8.79
CA GLN A 311 30.99 -52.89 -8.24
C GLN A 311 29.72 -53.00 -9.08
N SER A 312 29.20 -54.22 -9.20
CA SER A 312 28.09 -54.49 -10.10
C SER A 312 26.90 -53.56 -9.84
N GLY A 313 26.52 -52.82 -10.89
CA GLY A 313 25.44 -51.87 -10.94
C GLY A 313 24.07 -52.48 -11.15
N GLY A 314 23.96 -53.80 -10.98
CA GLY A 314 22.71 -54.50 -11.08
C GLY A 314 22.00 -54.56 -9.75
N GLY A 315 20.91 -55.31 -9.72
CA GLY A 315 20.08 -55.37 -8.50
C GLY A 315 20.89 -55.77 -7.28
N LYS A 316 21.77 -56.76 -7.43
CA LYS A 316 22.50 -57.30 -6.25
C LYS A 316 23.73 -56.47 -5.85
N CYS A 317 23.57 -55.18 -5.56
CA CYS A 317 24.76 -54.47 -5.04
C CYS A 317 24.66 -54.49 -3.50
N PHE A 318 24.74 -55.68 -2.88
CA PHE A 318 24.70 -55.75 -1.41
C PHE A 318 25.95 -55.05 -0.89
N ASN A 319 27.09 -55.41 -1.50
CA ASN A 319 28.43 -54.83 -1.16
C ASN A 319 28.92 -54.12 -2.42
N CYS A 320 28.73 -52.81 -2.45
CA CYS A 320 29.08 -52.06 -3.63
C CYS A 320 30.03 -50.93 -3.24
N TYR A 321 31.15 -50.87 -3.96
CA TYR A 321 32.26 -49.98 -3.64
C TYR A 321 31.92 -48.50 -3.73
N PRO A 322 32.67 -47.70 -3.00
CA PRO A 322 32.56 -46.25 -3.12
C PRO A 322 33.51 -45.78 -4.22
N ALA A 323 33.67 -44.48 -4.42
CA ALA A 323 34.52 -43.96 -5.47
C ALA A 323 35.35 -42.81 -4.95
N GLY A 324 36.55 -42.67 -5.51
CA GLY A 324 37.44 -41.59 -5.12
C GLY A 324 37.87 -40.78 -6.32
N VAL A 325 37.57 -39.49 -6.28
CA VAL A 325 37.87 -38.57 -7.37
C VAL A 325 39.16 -37.83 -7.06
N ASN A 326 39.93 -37.58 -8.10
CA ASN A 326 41.17 -36.83 -8.04
C ASN A 326 41.04 -35.58 -8.90
N ILE A 327 41.18 -34.41 -8.26
CA ILE A 327 41.04 -33.13 -8.94
C ILE A 327 42.11 -32.96 -10.01
N THR A 328 41.68 -32.54 -11.20
CA THR A 328 42.58 -32.31 -12.33
C THR A 328 42.75 -30.85 -12.71
N LEU A 329 42.19 -29.92 -11.91
CA LEU A 329 42.28 -28.51 -12.26
C LEU A 329 43.72 -28.02 -12.31
N ALA A 330 44.53 -28.42 -11.35
CA ALA A 330 45.92 -28.00 -11.28
C ALA A 330 46.65 -28.93 -10.34
N ASN A 331 47.95 -28.70 -10.18
CA ASN A 331 48.75 -29.52 -9.29
C ASN A 331 48.63 -28.92 -7.91
N PHE A 332 48.59 -29.78 -6.90
CA PHE A 332 48.41 -29.36 -5.52
C PHE A 332 49.68 -29.61 -4.72
N ASN A 333 50.16 -28.55 -4.09
CA ASN A 333 51.23 -28.64 -3.09
C ASN A 333 50.57 -28.43 -1.74
N GLU A 334 50.80 -29.37 -0.84
CA GLU A 334 50.10 -29.38 0.43
C GLU A 334 50.46 -28.20 1.33
N THR A 335 51.49 -27.42 0.99
CA THR A 335 51.83 -26.26 1.77
C THR A 335 50.62 -25.35 1.94
N LYS A 336 50.12 -24.82 0.82
CA LYS A 336 48.92 -24.01 0.81
C LYS A 336 47.80 -24.81 0.15
N GLY A 337 46.73 -25.03 0.90
CA GLY A 337 45.59 -25.76 0.41
C GLY A 337 44.86 -25.13 -0.75
N PRO A 338 44.57 -23.83 -0.67
CA PRO A 338 43.87 -23.18 -1.78
C PRO A 338 44.77 -22.92 -2.97
N LEU A 339 44.17 -23.03 -4.15
CA LEU A 339 44.85 -22.75 -5.41
C LEU A 339 44.65 -21.28 -5.75
N CYS A 340 45.08 -20.85 -6.93
CA CYS A 340 44.92 -19.46 -7.31
C CYS A 340 44.69 -19.39 -8.82
N VAL A 341 44.58 -18.16 -9.33
CA VAL A 341 44.33 -17.91 -10.73
C VAL A 341 45.56 -17.28 -11.34
N ASP A 342 45.98 -17.79 -12.50
CA ASP A 342 47.17 -17.24 -13.16
C ASP A 342 46.94 -15.78 -13.52
N THR A 343 45.79 -15.49 -14.11
CA THR A 343 45.46 -14.17 -14.59
C THR A 343 43.96 -14.11 -14.77
N SER A 344 43.46 -12.94 -15.14
CA SER A 344 42.03 -12.77 -15.36
C SER A 344 41.68 -13.29 -16.73
N HIS A 345 41.20 -14.53 -16.79
CA HIS A 345 40.84 -15.09 -18.08
C HIS A 345 39.63 -15.98 -17.90
N PHE A 346 39.01 -16.31 -19.02
CA PHE A 346 37.76 -17.03 -19.06
C PHE A 346 38.05 -18.49 -19.45
N THR A 347 37.90 -19.43 -18.52
CA THR A 347 37.97 -20.84 -18.88
C THR A 347 37.47 -21.73 -17.75
N THR A 348 36.72 -22.78 -18.10
CA THR A 348 36.28 -23.81 -17.16
C THR A 348 35.86 -25.07 -17.93
N LYS A 349 36.20 -26.26 -17.42
CA LYS A 349 35.83 -27.51 -18.08
C LYS A 349 35.61 -28.59 -17.02
N TYR A 350 34.79 -29.58 -17.37
CA TYR A 350 34.54 -30.70 -16.48
C TYR A 350 34.70 -32.01 -17.24
N VAL A 351 35.55 -32.89 -16.70
CA VAL A 351 35.80 -34.21 -17.28
C VAL A 351 35.53 -35.26 -16.22
N ALA A 352 34.86 -36.34 -16.60
CA ALA A 352 34.59 -37.44 -15.69
C ALA A 352 34.34 -38.70 -16.49
N VAL A 353 34.48 -39.85 -15.83
CA VAL A 353 34.19 -41.15 -16.44
C VAL A 353 33.11 -41.84 -15.63
N TYR A 354 31.98 -42.16 -16.29
CA TYR A 354 30.88 -42.85 -15.64
C TYR A 354 30.48 -44.15 -16.31
N ALA A 355 31.10 -44.53 -17.43
CA ALA A 355 30.71 -45.74 -18.15
C ALA A 355 31.43 -46.94 -17.54
N ASN A 356 31.06 -47.21 -16.30
CA ASN A 356 31.62 -48.30 -15.52
C ASN A 356 30.62 -49.34 -15.07
N VAL A 357 29.33 -48.99 -14.94
CA VAL A 357 28.33 -49.91 -14.43
C VAL A 357 27.11 -49.90 -15.34
N GLY A 358 26.36 -51.00 -15.27
CA GLY A 358 25.19 -51.13 -16.13
C GLY A 358 24.14 -50.06 -15.86
N ARG A 359 23.90 -49.74 -14.60
CA ARG A 359 22.91 -48.74 -14.23
C ARG A 359 23.58 -47.75 -13.28
N TRP A 360 24.41 -46.87 -13.80
CA TRP A 360 25.06 -45.93 -12.91
C TRP A 360 25.21 -44.56 -13.54
N SER A 361 24.98 -43.53 -12.73
CA SER A 361 25.25 -42.15 -13.11
C SER A 361 25.79 -41.45 -11.88
N ALA A 362 26.76 -40.57 -12.07
CA ALA A 362 27.32 -39.78 -10.98
C ALA A 362 27.19 -38.30 -11.30
N SER A 363 26.69 -37.52 -10.35
CA SER A 363 26.48 -36.11 -10.62
C SER A 363 26.51 -35.28 -9.36
N ILE A 364 26.69 -33.97 -9.55
CA ILE A 364 26.70 -32.98 -8.49
C ILE A 364 25.71 -31.90 -8.86
N ASN A 365 24.90 -31.48 -7.90
CA ASN A 365 23.97 -30.40 -8.23
C ASN A 365 24.49 -29.08 -7.69
N THR A 366 24.36 -28.89 -6.38
CA THR A 366 24.83 -27.67 -5.74
C THR A 366 24.90 -27.93 -4.26
N GLY A 367 25.91 -27.36 -3.62
CA GLY A 367 25.99 -27.51 -2.18
C GLY A 367 25.37 -26.30 -1.53
N ASN A 368 26.18 -25.51 -0.86
CA ASN A 368 25.71 -24.32 -0.17
C ASN A 368 26.12 -23.03 -0.88
N CYS A 369 26.58 -23.12 -2.11
CA CYS A 369 26.95 -21.90 -2.81
C CYS A 369 26.11 -21.75 -4.08
N PRO A 370 25.83 -20.52 -4.49
CA PRO A 370 24.93 -20.31 -5.63
C PRO A 370 25.47 -20.80 -6.95
N PHE A 371 26.72 -20.54 -7.27
CA PHE A 371 27.21 -20.87 -8.59
C PHE A 371 27.11 -22.36 -8.84
N SER A 372 26.62 -22.73 -10.01
CA SER A 372 26.46 -24.12 -10.37
C SER A 372 27.63 -24.55 -11.24
N PHE A 373 28.40 -25.51 -10.75
CA PHE A 373 29.58 -25.96 -11.47
C PHE A 373 29.20 -26.53 -12.83
N GLY A 374 30.04 -26.26 -13.80
CA GLY A 374 29.83 -26.69 -15.16
C GLY A 374 29.33 -25.59 -16.04
N LYS A 375 28.69 -24.59 -15.45
CA LYS A 375 28.35 -23.37 -16.15
C LYS A 375 29.32 -22.26 -15.80
N VAL A 376 30.37 -22.58 -15.03
CA VAL A 376 31.37 -21.58 -14.67
C VAL A 376 31.98 -21.01 -15.93
N ASN A 377 32.16 -21.85 -16.93
CA ASN A 377 32.66 -21.43 -18.22
C ASN A 377 31.66 -20.58 -19.00
N ASN A 378 30.40 -20.52 -18.59
CA ASN A 378 29.42 -19.73 -19.31
C ASN A 378 29.54 -18.26 -18.92
N PHE A 379 30.63 -17.64 -19.38
CA PHE A 379 30.85 -16.21 -19.19
C PHE A 379 30.68 -15.77 -17.74
N VAL A 380 31.21 -16.54 -16.84
CA VAL A 380 31.14 -16.17 -15.43
C VAL A 380 32.43 -15.45 -15.07
N LYS A 381 32.33 -14.48 -14.15
CA LYS A 381 33.49 -13.71 -13.72
C LYS A 381 33.58 -13.68 -12.21
N PHE A 382 34.77 -14.00 -11.70
CA PHE A 382 35.05 -14.05 -10.27
C PHE A 382 36.45 -13.51 -10.02
N GLY A 383 36.84 -13.48 -8.76
CA GLY A 383 38.19 -13.10 -8.43
C GLY A 383 38.75 -13.89 -7.27
N SER A 384 39.88 -14.55 -7.52
CA SER A 384 40.59 -15.28 -6.48
C SER A 384 39.67 -16.21 -5.72
N VAL A 385 38.94 -17.03 -6.47
CA VAL A 385 38.08 -18.01 -5.84
C VAL A 385 38.91 -18.97 -5.01
N CYS A 386 40.07 -19.37 -5.52
CA CYS A 386 41.05 -20.16 -4.78
C CYS A 386 40.46 -21.46 -4.23
N PHE A 387 39.95 -22.26 -5.15
CA PHE A 387 39.38 -23.55 -4.76
C PHE A 387 40.44 -24.44 -4.14
N SER A 388 40.02 -25.21 -3.16
CA SER A 388 40.88 -26.20 -2.52
C SER A 388 40.07 -27.43 -2.21
N LEU A 389 40.73 -28.59 -2.28
CA LEU A 389 40.07 -29.82 -1.89
C LEU A 389 39.90 -29.89 -0.38
N LYS A 390 40.95 -29.55 0.36
CA LYS A 390 40.92 -29.64 1.81
C LYS A 390 39.94 -28.60 2.35
N ASP A 391 39.06 -29.03 3.25
CA ASP A 391 38.01 -28.18 3.78
C ASP A 391 38.55 -26.94 4.47
N ILE A 392 37.97 -25.78 4.14
CA ILE A 392 38.33 -24.53 4.79
C ILE A 392 37.08 -23.69 4.99
N PRO A 393 37.09 -22.85 6.01
CA PRO A 393 35.91 -22.03 6.30
C PRO A 393 35.71 -20.95 5.26
N GLY A 394 34.47 -20.48 5.18
CA GLY A 394 34.15 -19.42 4.25
C GLY A 394 33.91 -19.89 2.85
N GLY A 395 33.82 -21.20 2.63
CA GLY A 395 33.60 -21.73 1.31
C GLY A 395 32.46 -22.73 1.32
N CYS A 396 31.87 -22.91 0.15
CA CYS A 396 30.77 -23.84 0.03
C CYS A 396 31.31 -25.24 -0.19
N ALA A 397 30.41 -26.20 -0.20
CA ALA A 397 30.75 -27.60 -0.43
C ALA A 397 29.87 -28.10 -1.57
N MET A 398 30.23 -29.25 -2.12
CA MET A 398 29.45 -29.75 -3.23
C MET A 398 29.02 -31.20 -3.00
N PRO A 399 27.74 -31.50 -3.20
CA PRO A 399 27.26 -32.86 -3.03
C PRO A 399 27.53 -33.70 -4.26
N ILE A 400 27.90 -34.95 -4.04
CA ILE A 400 28.15 -35.90 -5.12
C ILE A 400 27.24 -37.08 -4.88
N VAL A 401 26.63 -37.59 -5.95
CA VAL A 401 25.71 -38.70 -5.80
C VAL A 401 25.88 -39.70 -6.93
N ALA A 402 25.54 -40.95 -6.61
CA ALA A 402 25.60 -42.10 -7.51
C ALA A 402 24.21 -42.71 -7.63
N ASN A 403 23.85 -43.17 -8.82
CA ASN A 403 22.52 -43.70 -9.05
C ASN A 403 22.52 -45.16 -9.44
N TRP A 404 21.51 -45.86 -8.93
CA TRP A 404 21.26 -47.27 -9.18
C TRP A 404 19.78 -47.47 -9.50
N ALA A 405 19.35 -46.86 -10.59
CA ALA A 405 17.97 -46.93 -11.05
C ALA A 405 17.02 -46.23 -10.11
N TYR A 406 17.53 -45.24 -9.38
CA TYR A 406 16.82 -44.35 -8.47
C TYR A 406 16.52 -45.03 -7.15
N SER A 407 16.83 -46.32 -6.99
CA SER A 407 16.49 -47.00 -5.76
C SER A 407 17.29 -46.48 -4.58
N LYS A 408 18.59 -46.28 -4.76
CA LYS A 408 19.46 -45.84 -3.68
C LYS A 408 20.45 -44.82 -4.20
N TYR A 409 20.77 -43.85 -3.34
CA TYR A 409 21.73 -42.81 -3.65
C TYR A 409 22.98 -43.02 -2.82
N TYR A 410 24.10 -43.31 -3.49
CA TYR A 410 25.38 -43.51 -2.83
C TYR A 410 26.11 -42.19 -2.72
N THR A 411 25.62 -41.37 -1.79
CA THR A 411 26.17 -40.03 -1.64
C THR A 411 27.61 -40.06 -1.16
N ILE A 412 28.43 -39.19 -1.77
CA ILE A 412 29.80 -38.98 -1.38
C ILE A 412 30.02 -37.47 -1.48
N GLY A 413 31.07 -36.99 -0.83
CA GLY A 413 31.37 -35.58 -0.93
C GLY A 413 32.71 -35.28 -1.58
N SER A 414 32.69 -34.56 -2.69
CA SER A 414 33.94 -34.18 -3.35
C SER A 414 34.40 -32.82 -2.84
N LEU A 415 35.40 -32.26 -3.51
CA LEU A 415 36.06 -31.05 -3.04
C LEU A 415 35.06 -29.92 -2.85
N TYR A 416 35.05 -29.38 -1.64
CA TYR A 416 34.27 -28.19 -1.37
C TYR A 416 34.89 -27.04 -2.14
N VAL A 417 34.05 -26.17 -2.67
CA VAL A 417 34.50 -25.08 -3.52
C VAL A 417 34.49 -23.80 -2.71
N SER A 418 35.59 -23.06 -2.73
CA SER A 418 35.70 -21.80 -2.03
C SER A 418 35.87 -20.68 -3.03
N TRP A 419 35.53 -19.46 -2.61
CA TRP A 419 35.67 -18.34 -3.52
C TRP A 419 35.75 -17.03 -2.76
N SER A 420 36.32 -16.05 -3.45
CA SER A 420 36.33 -14.66 -3.04
C SER A 420 35.65 -13.81 -4.09
N ASP A 421 34.95 -12.78 -3.64
CA ASP A 421 34.32 -11.86 -4.57
C ASP A 421 35.40 -11.11 -5.35
N GLY A 422 35.36 -11.20 -6.67
CA GLY A 422 36.38 -10.59 -7.48
C GLY A 422 35.96 -10.53 -8.92
N ASP A 423 36.80 -9.88 -9.73
CA ASP A 423 36.57 -9.76 -11.16
C ASP A 423 37.56 -10.54 -12.00
N GLY A 424 38.65 -11.03 -11.42
CA GLY A 424 39.68 -11.66 -12.21
C GLY A 424 39.34 -13.02 -12.80
N ILE A 425 38.96 -13.97 -11.94
CA ILE A 425 38.68 -15.33 -12.39
C ILE A 425 37.47 -15.34 -13.31
N THR A 426 37.57 -16.08 -14.41
CA THR A 426 36.46 -16.09 -15.36
C THR A 426 36.39 -17.42 -16.09
N GLY A 427 35.23 -17.69 -16.69
CA GLY A 427 35.01 -18.92 -17.44
C GLY A 427 34.51 -18.74 -18.86
N VAL A 428 35.12 -19.42 -19.83
CA VAL A 428 34.70 -19.37 -21.23
C VAL A 428 34.44 -20.77 -21.74
N PRO A 429 33.35 -20.99 -22.48
CA PRO A 429 33.13 -22.34 -23.02
C PRO A 429 34.26 -22.77 -23.92
N GLN A 430 34.80 -21.85 -24.71
CA GLN A 430 35.91 -22.22 -25.57
C GLN A 430 37.17 -22.36 -24.71
N PRO A 431 37.96 -23.41 -24.93
CA PRO A 431 39.15 -23.60 -24.10
C PRO A 431 40.23 -22.57 -24.32
N VAL A 432 40.50 -22.19 -25.57
CA VAL A 432 41.61 -21.28 -25.87
C VAL A 432 41.10 -20.09 -26.66
N GLU A 433 41.42 -18.90 -26.17
CA GLU A 433 41.15 -17.63 -26.85
C GLU A 433 42.40 -16.75 -26.82
N GLY A 434 43.57 -17.39 -26.79
CA GLY A 434 44.81 -16.64 -26.67
C GLY A 434 45.06 -15.68 -27.83
N VAL A 435 44.70 -16.08 -29.04
CA VAL A 435 44.91 -15.21 -30.24
C VAL A 435 44.15 -13.90 -30.02
N SER A 436 43.03 -13.93 -29.28
CA SER A 436 42.24 -12.72 -28.94
C SER A 436 41.75 -11.96 -30.19
N SER A 437 41.32 -12.68 -31.23
CA SER A 437 40.71 -12.00 -32.41
C SER A 437 39.31 -12.57 -32.61
N PHE A 438 38.82 -13.32 -31.61
CA PHE A 438 37.49 -13.97 -31.70
C PHE A 438 36.42 -13.10 -31.05
N MET A 439 35.59 -12.46 -31.87
CA MET A 439 34.44 -11.69 -31.35
C MET A 439 33.32 -12.01 -32.33
N ASN A 440 32.64 -13.31 -32.19
CA ASN A 440 31.61 -13.75 -33.17
C ASN A 440 30.51 -12.68 -33.31
N VAL A 441 29.98 -12.49 -34.52
CA VAL A 441 29.01 -11.38 -34.70
C VAL A 441 27.96 -11.73 -35.77
N THR A 442 26.71 -11.90 -35.36
CA THR A 442 25.61 -12.10 -36.30
C THR A 442 24.71 -10.89 -36.09
N LEU A 443 24.24 -10.28 -37.16
CA LEU A 443 23.46 -9.05 -37.02
C LEU A 443 21.96 -9.23 -37.20
N ASP A 444 21.49 -9.45 -38.42
CA ASP A 444 20.06 -9.49 -38.65
C ASP A 444 19.39 -10.71 -38.03
N LYS A 445 20.12 -11.82 -37.89
CA LYS A 445 19.54 -13.05 -37.37
C LYS A 445 19.32 -12.97 -35.86
N CYS A 446 18.38 -13.77 -35.37
CA CYS A 446 18.18 -13.85 -33.94
C CYS A 446 19.41 -14.46 -33.31
N THR A 447 19.89 -13.86 -32.23
CA THR A 447 21.13 -14.30 -31.66
C THR A 447 21.01 -14.20 -30.16
N LYS A 448 21.91 -14.90 -29.49
CA LYS A 448 22.12 -14.79 -28.07
C LYS A 448 23.51 -14.20 -27.94
N TYR A 449 23.70 -13.28 -27.03
CA TYR A 449 24.97 -12.57 -27.02
C TYR A 449 25.47 -12.34 -25.61
N ASN A 450 26.79 -12.35 -25.50
CA ASN A 450 27.51 -11.92 -24.32
C ASN A 450 28.50 -10.86 -24.74
N ILE A 451 28.32 -9.65 -24.25
CA ILE A 451 29.20 -8.54 -24.54
C ILE A 451 29.72 -8.03 -23.21
N TYR A 452 31.02 -8.14 -23.00
CA TYR A 452 31.65 -7.61 -21.79
C TYR A 452 30.90 -8.06 -20.54
N ASP A 453 30.62 -9.36 -20.47
CA ASP A 453 29.96 -10.01 -19.34
C ASP A 453 28.48 -9.65 -19.22
N VAL A 454 27.84 -9.17 -20.28
CA VAL A 454 26.41 -8.90 -20.27
C VAL A 454 25.74 -9.83 -21.28
N SER A 455 24.80 -10.64 -20.82
CA SER A 455 24.15 -11.65 -21.65
C SER A 455 22.73 -11.22 -21.97
N GLY A 456 22.35 -11.38 -23.23
CA GLY A 456 21.01 -11.03 -23.66
C GLY A 456 20.68 -11.73 -24.96
N VAL A 457 19.43 -11.59 -25.39
CA VAL A 457 18.96 -12.21 -26.62
C VAL A 457 18.36 -11.12 -27.51
N GLY A 458 18.76 -11.10 -28.78
CA GLY A 458 18.26 -10.11 -29.70
C GLY A 458 19.05 -10.17 -31.00
N VAL A 459 18.81 -9.16 -31.84
CA VAL A 459 19.49 -9.03 -33.12
C VAL A 459 20.36 -7.79 -33.08
N ILE A 460 21.60 -7.91 -33.52
CA ILE A 460 22.50 -6.77 -33.50
C ILE A 460 22.27 -5.95 -34.75
N ARG A 461 22.09 -4.66 -34.58
CA ARG A 461 21.86 -3.74 -35.67
C ARG A 461 23.03 -2.78 -35.72
N VAL A 462 23.66 -2.67 -36.88
CA VAL A 462 24.80 -1.76 -36.96
C VAL A 462 24.31 -0.35 -36.70
N SER A 463 25.08 0.39 -35.91
CA SER A 463 24.73 1.77 -35.60
C SER A 463 25.97 2.60 -35.79
N ASN A 464 25.79 3.81 -36.30
CA ASN A 464 26.91 4.70 -36.52
C ASN A 464 26.75 5.93 -35.65
N ASP A 465 27.47 5.96 -34.53
CA ASP A 465 27.49 7.12 -33.65
C ASP A 465 28.82 7.13 -32.91
N THR A 466 29.31 8.34 -32.62
CA THR A 466 30.61 8.46 -31.96
C THR A 466 30.61 7.78 -30.60
N PHE A 467 29.61 8.08 -29.76
CA PHE A 467 29.49 7.43 -28.45
C PHE A 467 30.84 7.45 -27.72
N LEU A 468 31.43 8.62 -27.66
CA LEU A 468 32.78 8.73 -27.13
C LEU A 468 32.84 8.70 -25.61
N ASN A 469 31.69 8.79 -24.92
CA ASN A 469 31.72 8.85 -23.46
C ASN A 469 32.39 7.63 -22.85
N GLY A 470 32.00 6.45 -23.30
CA GLY A 470 32.46 5.20 -22.72
C GLY A 470 32.28 4.04 -23.66
N ILE A 471 32.80 2.89 -23.23
CA ILE A 471 32.73 1.68 -24.06
C ILE A 471 31.30 1.24 -24.28
N THR A 472 30.47 1.27 -23.24
CA THR A 472 29.12 0.74 -23.38
C THR A 472 28.15 1.60 -22.59
N TYR A 473 26.89 1.51 -22.98
CA TYR A 473 25.79 2.19 -22.31
C TYR A 473 24.65 1.23 -22.03
N THR A 474 24.06 1.32 -20.85
CA THR A 474 22.94 0.49 -20.46
C THR A 474 21.71 1.34 -20.21
N SER A 475 20.54 0.74 -20.35
CA SER A 475 19.30 1.49 -20.18
C SER A 475 18.93 1.64 -18.72
N THR A 476 17.79 2.29 -18.49
CA THR A 476 17.32 2.49 -17.12
C THR A 476 17.15 1.16 -16.41
N SER A 477 16.61 0.16 -17.09
CA SER A 477 16.56 -1.17 -16.52
C SER A 477 17.95 -1.70 -16.24
N GLY A 478 18.88 -1.44 -17.15
CA GLY A 478 20.24 -1.95 -17.05
C GLY A 478 20.65 -2.80 -18.23
N ASN A 479 19.77 -2.98 -19.20
CA ASN A 479 20.11 -3.74 -20.40
C ASN A 479 20.90 -2.85 -21.35
N LEU A 480 22.01 -3.36 -21.84
CA LEU A 480 22.85 -2.54 -22.71
C LEU A 480 22.09 -2.18 -23.98
N LEU A 481 22.22 -0.93 -24.40
CA LEU A 481 21.60 -0.52 -25.65
C LEU A 481 22.50 -0.75 -26.85
N GLY A 482 23.75 -0.33 -26.75
CA GLY A 482 24.67 -0.53 -27.85
C GLY A 482 26.08 -0.52 -27.33
N PHE A 483 26.99 -1.07 -28.13
CA PHE A 483 28.39 -1.05 -27.76
C PHE A 483 29.21 -0.64 -28.96
N LYS A 484 30.29 0.07 -28.70
CA LYS A 484 31.16 0.52 -29.77
C LYS A 484 32.29 -0.48 -29.92
N ASP A 485 32.62 -0.81 -31.16
CA ASP A 485 33.67 -1.80 -31.38
C ASP A 485 35.04 -1.28 -30.97
N VAL A 486 35.83 -2.17 -30.39
CA VAL A 486 37.20 -1.83 -29.99
C VAL A 486 38.07 -1.58 -31.20
N THR A 487 37.89 -2.35 -32.26
CA THR A 487 38.80 -2.25 -33.39
C THR A 487 38.70 -0.89 -34.08
N LYS A 488 37.48 -0.43 -34.39
CA LYS A 488 37.34 0.71 -35.27
C LYS A 488 36.44 1.86 -34.78
N GLY A 489 35.77 1.72 -33.64
CA GLY A 489 34.88 2.76 -33.19
C GLY A 489 33.48 2.68 -33.74
N THR A 490 33.17 1.64 -34.51
CA THR A 490 31.80 1.45 -34.92
C THR A 490 31.01 0.88 -33.76
N ILE A 491 29.69 1.06 -33.80
CA ILE A 491 28.86 0.59 -32.71
C ILE A 491 27.72 -0.24 -33.25
N TYR A 492 27.21 -1.10 -32.38
CA TYR A 492 26.09 -1.97 -32.68
C TYR A 492 25.04 -1.86 -31.60
N SER A 493 23.84 -1.51 -32.01
CA SER A 493 22.65 -1.48 -31.17
C SER A 493 22.10 -2.90 -31.04
N ILE A 494 21.42 -3.16 -29.94
CA ILE A 494 20.79 -4.45 -29.71
C ILE A 494 19.28 -4.27 -29.80
N THR A 495 18.65 -4.92 -30.77
CA THR A 495 17.21 -4.87 -30.94
C THR A 495 16.60 -6.13 -30.37
N PRO A 496 15.56 -6.03 -29.55
CA PRO A 496 15.01 -7.22 -28.90
C PRO A 496 14.57 -8.26 -29.91
N CYS A 497 14.91 -9.51 -29.59
CA CYS A 497 14.60 -10.63 -30.47
C CYS A 497 13.11 -10.87 -30.60
N ASN A 498 12.38 -10.78 -29.49
CA ASN A 498 10.97 -11.18 -29.42
C ASN A 498 10.11 -10.04 -28.90
N PRO A 499 9.76 -9.10 -29.75
CA PRO A 499 8.88 -8.02 -29.32
C PRO A 499 7.50 -8.56 -29.00
N PRO A 500 6.88 -8.05 -27.94
CA PRO A 500 5.55 -8.52 -27.57
C PRO A 500 4.54 -8.15 -28.63
N ASP A 501 3.57 -9.02 -28.83
CA ASP A 501 2.56 -8.84 -29.86
C ASP A 501 1.19 -8.69 -29.23
N GLN A 502 0.38 -7.82 -29.81
CA GLN A 502 -1.00 -7.57 -29.40
C GLN A 502 -1.93 -8.08 -30.49
N LEU A 503 -2.92 -8.87 -30.11
CA LEU A 503 -3.80 -9.47 -31.10
C LEU A 503 -5.25 -9.40 -30.62
N VAL A 504 -6.15 -9.48 -31.58
CA VAL A 504 -7.57 -9.25 -31.34
C VAL A 504 -8.33 -10.51 -31.72
N VAL A 505 -9.27 -10.90 -30.88
CA VAL A 505 -10.14 -12.04 -31.14
C VAL A 505 -11.57 -11.55 -31.16
N TYR A 506 -12.32 -11.92 -32.19
CA TYR A 506 -13.70 -11.51 -32.32
C TYR A 506 -14.57 -12.70 -32.67
N GLN A 507 -15.71 -12.80 -32.00
CA GLN A 507 -16.65 -13.90 -32.18
C GLN A 507 -15.93 -15.22 -32.04
N GLN A 508 -15.13 -15.30 -30.99
CA GLN A 508 -14.34 -16.49 -30.70
C GLN A 508 -13.47 -16.83 -31.90
N ALA A 509 -12.94 -15.79 -32.55
CA ALA A 509 -12.04 -15.98 -33.67
C ALA A 509 -11.07 -14.82 -33.70
N VAL A 510 -9.80 -15.13 -33.99
CA VAL A 510 -8.76 -14.12 -34.05
C VAL A 510 -8.62 -13.61 -35.48
N VAL A 511 -9.09 -12.39 -35.69
CA VAL A 511 -8.95 -11.73 -36.98
C VAL A 511 -8.28 -10.40 -36.67
N GLY A 512 -7.15 -10.16 -37.30
CA GLY A 512 -6.48 -8.91 -36.99
C GLY A 512 -5.49 -9.07 -35.85
N ALA A 513 -4.40 -8.32 -35.94
CA ALA A 513 -3.29 -8.33 -35.03
C ALA A 513 -2.48 -7.06 -35.25
N MET A 514 -1.94 -6.50 -34.18
CA MET A 514 -1.15 -5.28 -34.25
C MET A 514 0.31 -5.71 -34.22
N LEU A 515 1.03 -5.48 -35.32
CA LEU A 515 2.39 -5.95 -35.46
C LEU A 515 3.32 -4.84 -35.93
N SER A 516 4.62 -5.10 -35.75
CA SER A 516 5.67 -4.18 -36.13
C SER A 516 6.29 -4.52 -37.47
N GLU A 517 5.83 -5.58 -38.12
CA GLU A 517 6.40 -6.02 -39.38
C GLU A 517 5.34 -6.02 -40.48
N ASN A 518 5.78 -5.69 -41.68
CA ASN A 518 4.96 -5.69 -42.89
C ASN A 518 4.88 -7.11 -43.44
N PHE A 519 3.99 -7.90 -42.86
CA PHE A 519 3.91 -9.29 -43.30
C PHE A 519 2.51 -9.85 -43.15
N THR A 520 2.14 -10.80 -44.01
CA THR A 520 0.82 -11.48 -43.92
C THR A 520 0.97 -12.83 -43.20
N SER A 521 0.53 -12.92 -41.94
CA SER A 521 0.72 -14.17 -41.13
C SER A 521 -0.61 -14.91 -40.95
N TYR A 522 -1.61 -14.65 -41.79
CA TYR A 522 -2.94 -15.26 -41.53
C TYR A 522 -3.45 -16.07 -42.73
N GLY A 523 -4.45 -16.92 -42.51
CA GLY A 523 -4.98 -17.80 -43.58
C GLY A 523 -5.75 -17.04 -44.64
N PHE A 524 -6.06 -15.77 -44.38
CA PHE A 524 -6.89 -14.96 -45.33
C PHE A 524 -6.00 -14.41 -46.46
N SER A 525 -6.51 -13.49 -47.28
CA SER A 525 -5.78 -13.05 -48.51
C SER A 525 -4.83 -11.86 -48.36
N ASN A 526 -5.25 -10.72 -47.81
CA ASN A 526 -4.41 -9.53 -47.83
C ASN A 526 -4.21 -8.96 -46.44
N VAL A 527 -2.97 -8.60 -46.14
CA VAL A 527 -2.60 -7.99 -44.86
C VAL A 527 -1.90 -6.67 -45.16
N VAL A 528 -2.67 -5.58 -45.18
CA VAL A 528 -2.17 -4.26 -45.54
C VAL A 528 -1.15 -3.74 -44.54
N GLU A 529 -0.54 -2.62 -44.89
CA GLU A 529 0.46 -1.91 -44.10
C GLU A 529 -0.11 -0.56 -43.67
N LEU A 530 0.60 0.13 -42.78
CA LEU A 530 0.16 1.43 -42.29
C LEU A 530 1.37 2.28 -41.97
N PRO A 531 1.17 3.60 -41.74
CA PRO A 531 2.31 4.49 -41.45
C PRO A 531 2.59 4.72 -39.98
N LYS A 532 3.85 4.55 -39.60
CA LYS A 532 4.43 4.73 -38.26
C LYS A 532 4.07 3.50 -37.44
N PHE A 533 3.34 2.56 -38.02
CA PHE A 533 2.91 1.37 -37.33
C PHE A 533 2.19 0.52 -38.35
N PHE A 534 2.12 -0.77 -38.08
CA PHE A 534 1.50 -1.67 -39.02
C PHE A 534 0.25 -2.28 -38.43
N TYR A 535 -0.63 -2.75 -39.32
CA TYR A 535 -1.84 -3.45 -38.91
C TYR A 535 -1.89 -4.73 -39.72
N ALA A 536 -2.11 -5.83 -39.03
CA ALA A 536 -2.15 -7.16 -39.59
C ALA A 536 -3.57 -7.66 -39.62
N SER A 537 -4.09 -7.91 -40.81
CA SER A 537 -5.35 -8.62 -40.94
C SER A 537 -5.28 -9.20 -42.32
N ASN A 538 -5.35 -10.50 -42.44
CA ASN A 538 -5.13 -11.02 -43.77
C ASN A 538 -6.40 -10.99 -44.59
N GLY A 539 -7.53 -10.68 -43.98
CA GLY A 539 -8.76 -10.64 -44.73
C GLY A 539 -8.78 -9.46 -45.67
N THR A 540 -9.67 -9.53 -46.64
CA THR A 540 -9.74 -8.48 -47.65
C THR A 540 -10.27 -7.19 -47.04
N TYR A 541 -10.01 -6.08 -47.73
CA TYR A 541 -10.36 -4.78 -47.20
C TYR A 541 -11.38 -4.07 -48.08
N ASN A 542 -12.66 -4.31 -47.78
CA ASN A 542 -13.73 -3.54 -48.38
C ASN A 542 -14.16 -2.37 -47.52
N CYS A 543 -13.73 -2.36 -46.25
CA CYS A 543 -13.91 -1.24 -45.34
C CYS A 543 -15.36 -0.78 -45.34
N THR A 544 -16.27 -1.75 -45.42
CA THR A 544 -17.69 -1.44 -45.42
C THR A 544 -18.12 -0.75 -44.15
N ASP A 545 -17.74 -1.31 -42.99
CA ASP A 545 -18.12 -0.75 -41.71
C ASP A 545 -17.32 -1.45 -40.63
N ALA A 546 -17.19 -0.78 -39.49
CA ALA A 546 -16.32 -1.22 -38.41
C ALA A 546 -17.17 -1.87 -37.34
N VAL A 547 -16.83 -3.13 -37.00
CA VAL A 547 -17.60 -3.84 -36.00
C VAL A 547 -16.92 -3.78 -34.65
N LEU A 548 -15.71 -3.25 -34.57
CA LEU A 548 -14.98 -3.10 -33.33
C LEU A 548 -14.44 -1.68 -33.28
N THR A 549 -14.20 -1.19 -32.07
CA THR A 549 -13.78 0.20 -31.87
C THR A 549 -12.88 0.31 -30.66
N TYR A 550 -11.62 0.66 -30.89
CA TYR A 550 -10.67 1.03 -29.87
C TYR A 550 -10.43 2.53 -29.95
N SER A 551 -9.84 3.08 -28.90
CA SER A 551 -9.62 4.52 -28.82
C SER A 551 -8.85 5.05 -30.01
N SER A 552 -7.90 4.28 -30.53
CA SER A 552 -7.06 4.79 -31.61
C SER A 552 -7.21 4.02 -32.91
N PHE A 553 -8.12 3.07 -33.01
CA PHE A 553 -8.42 2.45 -34.29
C PHE A 553 -9.84 1.90 -34.33
N GLY A 554 -10.26 1.47 -35.52
CA GLY A 554 -11.50 0.78 -35.71
C GLY A 554 -11.27 -0.45 -36.57
N VAL A 555 -12.23 -1.37 -36.54
CA VAL A 555 -12.02 -2.66 -37.19
C VAL A 555 -13.32 -3.17 -37.78
N CYS A 556 -13.28 -3.56 -39.04
CA CYS A 556 -14.47 -4.08 -39.71
C CYS A 556 -14.78 -5.48 -39.23
N ALA A 557 -15.98 -5.94 -39.60
CA ALA A 557 -16.33 -7.34 -39.40
C ALA A 557 -15.43 -8.26 -40.20
N ASP A 558 -14.95 -7.81 -41.35
CA ASP A 558 -14.11 -8.64 -42.19
C ASP A 558 -12.65 -8.58 -41.81
N GLY A 559 -12.30 -7.70 -40.87
CA GLY A 559 -10.92 -7.47 -40.51
C GLY A 559 -10.32 -6.24 -41.12
N SER A 560 -11.10 -5.45 -41.86
CA SER A 560 -10.57 -4.20 -42.39
C SER A 560 -10.47 -3.17 -41.27
N ILE A 561 -9.38 -2.44 -41.29
CA ILE A 561 -9.08 -1.41 -40.29
C ILE A 561 -9.68 -0.10 -40.76
N ILE A 562 -10.14 0.69 -39.81
CA ILE A 562 -10.82 1.95 -40.09
C ILE A 562 -10.23 3.02 -39.19
N ALA A 563 -10.14 4.24 -39.70
CA ALA A 563 -9.71 5.32 -38.86
C ALA A 563 -10.77 5.51 -37.77
N VAL A 564 -10.30 5.54 -36.53
CA VAL A 564 -11.17 5.67 -35.36
C VAL A 564 -12.11 6.83 -35.61
N GLN A 565 -13.39 6.56 -35.66
CA GLN A 565 -14.25 7.71 -35.77
C GLN A 565 -15.03 7.85 -34.48
N PRO A 566 -14.98 9.00 -33.81
CA PRO A 566 -15.69 9.15 -32.55
C PRO A 566 -17.18 9.15 -32.80
N ARG A 567 -17.94 8.84 -31.75
CA ARG A 567 -19.38 8.80 -31.90
C ARG A 567 -19.88 10.14 -32.41
N ASN A 568 -20.51 10.13 -33.57
CA ASN A 568 -20.98 11.39 -34.12
C ASN A 568 -22.26 11.77 -33.39
N VAL A 569 -22.25 12.98 -32.82
CA VAL A 569 -23.37 13.53 -32.07
C VAL A 569 -23.48 15.01 -32.40
N SER A 570 -24.72 15.48 -32.60
CA SER A 570 -24.98 16.88 -32.94
C SER A 570 -25.79 17.52 -31.81
N TYR A 571 -25.10 17.97 -30.76
CA TYR A 571 -25.85 18.52 -29.65
C TYR A 571 -26.26 19.95 -29.97
N ASP A 572 -27.16 20.46 -29.13
CA ASP A 572 -27.68 21.80 -29.29
C ASP A 572 -27.38 22.60 -28.03
N SER A 573 -26.82 23.78 -28.20
CA SER A 573 -26.49 24.65 -27.08
C SER A 573 -27.11 26.01 -27.31
N VAL A 574 -27.37 26.70 -26.19
CA VAL A 574 -28.08 27.98 -26.24
C VAL A 574 -27.27 29.02 -26.99
N SER A 575 -27.99 29.93 -27.63
CA SER A 575 -27.35 31.02 -28.35
C SER A 575 -28.04 32.34 -28.01
N ALA A 576 -27.27 33.42 -28.04
CA ALA A 576 -27.78 34.75 -27.76
C ALA A 576 -28.82 35.19 -28.79
N ILE A 577 -29.69 36.11 -28.37
CA ILE A 577 -30.79 36.57 -29.19
C ILE A 577 -30.23 36.99 -30.54
N VAL A 578 -30.64 36.30 -31.60
CA VAL A 578 -30.13 36.51 -32.94
C VAL A 578 -31.19 36.05 -33.93
N THR A 579 -31.09 36.53 -35.16
CA THR A 579 -31.98 36.10 -36.23
C THR A 579 -31.36 34.90 -36.90
N ALA A 580 -31.98 33.72 -36.73
CA ALA A 580 -31.45 32.49 -37.29
C ALA A 580 -32.54 31.43 -37.36
N ASN A 581 -32.26 30.41 -38.16
CA ASN A 581 -33.14 29.26 -38.30
C ASN A 581 -32.76 28.21 -37.26
N LEU A 582 -33.66 27.88 -36.35
CA LEU A 582 -33.31 27.03 -35.23
C LEU A 582 -34.17 25.77 -35.12
N SER A 583 -33.63 24.80 -34.39
CA SER A 583 -34.12 23.42 -34.32
C SER A 583 -34.41 23.05 -32.87
N ILE A 584 -35.64 22.62 -32.59
CA ILE A 584 -36.00 22.19 -31.24
C ILE A 584 -36.36 20.70 -31.21
N PRO A 585 -35.98 19.95 -30.19
CA PRO A 585 -36.40 18.54 -30.10
C PRO A 585 -37.91 18.43 -29.94
N SER A 586 -38.54 17.62 -30.79
CA SER A 586 -39.98 17.45 -30.73
C SER A 586 -40.39 16.05 -30.29
N ASN A 587 -40.15 15.05 -31.10
CA ASN A 587 -40.68 13.70 -30.85
C ASN A 587 -39.59 12.88 -30.20
N TRP A 588 -39.70 12.66 -28.90
CA TRP A 588 -38.77 11.83 -28.20
C TRP A 588 -39.38 10.47 -27.86
N THR A 589 -38.50 9.49 -27.69
CA THR A 589 -38.86 8.21 -27.08
C THR A 589 -37.79 7.88 -26.06
N THR A 590 -38.20 7.24 -24.97
CA THR A 590 -37.35 7.15 -23.78
C THR A 590 -36.39 5.98 -23.89
N SER A 591 -35.15 6.24 -23.47
CA SER A 591 -34.11 5.24 -23.55
C SER A 591 -33.46 5.12 -22.18
N VAL A 592 -33.47 3.91 -21.65
CA VAL A 592 -32.88 3.65 -20.34
C VAL A 592 -31.37 3.72 -20.45
N GLN A 593 -30.76 4.56 -19.64
CA GLN A 593 -29.32 4.66 -19.53
C GLN A 593 -28.95 4.12 -18.17
N VAL A 594 -28.48 2.91 -18.14
CA VAL A 594 -28.32 2.17 -16.90
C VAL A 594 -27.06 2.63 -16.20
N GLU A 595 -27.16 2.80 -14.90
CA GLU A 595 -26.00 3.05 -14.04
C GLU A 595 -25.94 2.01 -12.94
N TYR A 596 -24.76 1.90 -12.38
CA TYR A 596 -24.45 1.05 -11.26
C TYR A 596 -23.69 1.90 -10.27
N LEU A 597 -24.14 1.90 -9.03
CA LEU A 597 -23.48 2.70 -8.01
C LEU A 597 -23.10 1.82 -6.84
N GLN A 598 -21.82 1.80 -6.51
CA GLN A 598 -21.38 1.24 -5.25
C GLN A 598 -22.06 2.02 -4.14
N ILE A 599 -22.60 1.31 -3.15
CA ILE A 599 -23.19 2.03 -2.01
C ILE A 599 -22.72 1.54 -0.67
N THR A 600 -22.25 0.30 -0.53
CA THR A 600 -21.56 -0.14 0.66
C THR A 600 -20.45 -1.07 0.26
N SER A 601 -19.68 -1.51 1.24
CA SER A 601 -18.76 -2.61 1.04
C SER A 601 -19.12 -3.73 2.00
N THR A 602 -18.83 -4.95 1.58
CA THR A 602 -19.11 -6.14 2.36
C THR A 602 -18.42 -6.08 3.71
N PRO A 603 -19.16 -5.91 4.80
CA PRO A 603 -18.51 -5.75 6.10
C PRO A 603 -17.82 -7.05 6.50
N ILE A 604 -16.57 -6.93 6.93
CA ILE A 604 -15.80 -8.08 7.37
C ILE A 604 -15.10 -7.74 8.68
N VAL A 605 -15.08 -8.70 9.59
CA VAL A 605 -14.38 -8.57 10.86
C VAL A 605 -13.45 -9.76 11.03
N VAL A 606 -12.27 -9.49 11.58
CA VAL A 606 -11.22 -10.47 11.79
C VAL A 606 -10.82 -10.42 13.25
N ASP A 607 -10.87 -11.57 13.91
CA ASP A 607 -10.33 -11.70 15.25
C ASP A 607 -8.83 -11.90 15.16
N CYS A 608 -8.08 -11.13 15.93
CA CYS A 608 -6.63 -11.27 15.88
C CYS A 608 -6.24 -12.70 16.22
N SER A 609 -6.79 -13.21 17.32
CA SER A 609 -6.48 -14.55 17.77
C SER A 609 -6.96 -15.60 16.79
N THR A 610 -8.18 -15.46 16.28
CA THR A 610 -8.65 -16.46 15.34
C THR A 610 -7.80 -16.46 14.09
N TYR A 611 -7.61 -15.29 13.50
CA TYR A 611 -6.95 -15.19 12.23
C TYR A 611 -5.47 -15.48 12.30
N VAL A 612 -4.87 -15.50 13.49
CA VAL A 612 -3.42 -15.64 13.48
C VAL A 612 -3.07 -16.82 14.36
N CYS A 613 -3.66 -16.89 15.53
CA CYS A 613 -3.48 -18.03 16.40
C CYS A 613 -4.13 -19.26 15.79
N ASN A 614 -5.28 -19.08 15.14
CA ASN A 614 -6.07 -20.17 14.61
C ASN A 614 -6.66 -21.01 15.74
N GLY A 615 -6.89 -20.38 16.88
CA GLY A 615 -7.32 -21.07 18.07
C GLY A 615 -6.22 -21.58 18.95
N ASN A 616 -4.97 -21.15 18.73
CA ASN A 616 -3.86 -21.65 19.52
C ASN A 616 -3.67 -20.81 20.77
N VAL A 617 -3.60 -21.47 21.92
CA VAL A 617 -3.50 -20.75 23.18
C VAL A 617 -2.15 -20.06 23.29
N ARG A 618 -1.10 -20.75 22.84
CA ARG A 618 0.23 -20.16 22.94
C ARG A 618 0.37 -18.96 22.03
N CYS A 619 -0.07 -19.10 20.78
CA CYS A 619 -0.10 -17.94 19.90
C CYS A 619 -0.97 -16.84 20.46
N VAL A 620 -1.98 -17.20 21.25
CA VAL A 620 -2.82 -16.17 21.83
C VAL A 620 -2.03 -15.40 22.88
N GLU A 621 -1.29 -16.12 23.70
CA GLU A 621 -0.56 -15.48 24.78
C GLU A 621 0.49 -14.54 24.21
N LEU A 622 1.26 -15.01 23.24
CA LEU A 622 2.26 -14.12 22.65
C LEU A 622 1.61 -12.95 21.92
N LEU A 623 0.50 -13.19 21.23
CA LEU A 623 -0.16 -12.12 20.49
C LEU A 623 -0.65 -11.03 21.44
N LYS A 624 -1.09 -11.42 22.63
CA LYS A 624 -1.72 -10.45 23.52
C LYS A 624 -0.80 -9.29 23.88
N GLN A 625 0.51 -9.53 23.97
CA GLN A 625 1.42 -8.42 24.27
C GLN A 625 1.46 -7.40 23.14
N TYR A 626 1.22 -7.81 21.90
CA TYR A 626 1.14 -6.87 20.78
C TYR A 626 -0.30 -6.52 20.46
N THR A 627 -1.19 -6.62 21.44
CA THR A 627 -2.58 -6.28 21.21
C THR A 627 -2.71 -4.85 20.73
N SER A 628 -1.95 -3.95 21.31
CA SER A 628 -2.08 -2.53 21.02
C SER A 628 -2.12 -2.27 19.53
N ALA A 629 -1.19 -2.89 18.79
CA ALA A 629 -1.26 -2.75 17.34
C ALA A 629 -2.50 -3.46 16.80
N CYS A 630 -2.68 -4.72 17.18
CA CYS A 630 -3.76 -5.48 16.58
C CYS A 630 -5.09 -4.95 17.10
N LYS A 631 -5.20 -4.82 18.42
CA LYS A 631 -6.35 -4.18 19.02
C LYS A 631 -6.70 -2.88 18.31
N THR A 632 -5.70 -2.07 17.99
CA THR A 632 -5.96 -0.85 17.23
C THR A 632 -6.51 -1.16 15.85
N ILE A 633 -5.99 -2.21 15.23
CA ILE A 633 -6.42 -2.54 13.87
C ILE A 633 -7.88 -2.98 13.89
N GLU A 634 -8.16 -4.01 14.66
CA GLU A 634 -9.49 -4.56 14.74
C GLU A 634 -10.48 -3.55 15.29
N ASP A 635 -10.02 -2.65 16.16
CA ASP A 635 -10.90 -1.58 16.59
C ASP A 635 -11.21 -0.64 15.45
N ALA A 636 -10.21 -0.33 14.64
CA ALA A 636 -10.46 0.59 13.53
C ALA A 636 -11.47 -0.01 12.58
N LEU A 637 -11.24 -1.25 12.16
CA LEU A 637 -12.16 -1.87 11.23
C LEU A 637 -13.52 -2.08 11.85
N ARG A 638 -13.57 -2.35 13.15
CA ARG A 638 -14.85 -2.59 13.80
C ARG A 638 -15.64 -1.31 13.88
N ASN A 639 -15.01 -0.27 14.39
CA ASN A 639 -15.68 1.01 14.51
C ASN A 639 -16.09 1.52 13.15
N SER A 640 -15.27 1.29 12.14
CA SER A 640 -15.65 1.76 10.82
C SER A 640 -16.77 0.94 10.23
N ALA A 641 -16.80 -0.36 10.54
CA ALA A 641 -17.96 -1.16 10.18
C ALA A 641 -19.21 -0.63 10.84
N MET A 642 -19.14 -0.36 12.14
CA MET A 642 -20.30 0.16 12.84
C MET A 642 -20.66 1.54 12.34
N LEU A 643 -19.67 2.29 11.89
CA LEU A 643 -19.91 3.62 11.35
C LEU A 643 -20.68 3.52 10.05
N GLU A 644 -20.18 2.73 9.13
CA GLU A 644 -20.83 2.60 7.85
C GLU A 644 -22.19 1.93 7.99
N SER A 645 -22.36 1.06 8.98
CA SER A 645 -23.66 0.46 9.20
C SER A 645 -24.63 1.48 9.76
N ALA A 646 -24.11 2.37 10.59
CA ALA A 646 -24.93 3.47 11.07
C ALA A 646 -25.36 4.33 9.91
N ASP A 647 -24.40 4.72 9.09
CA ASP A 647 -24.67 5.56 7.95
C ASP A 647 -25.73 4.96 7.04
N VAL A 648 -25.62 3.67 6.71
CA VAL A 648 -26.64 3.09 5.85
C VAL A 648 -27.98 3.11 6.56
N SER A 649 -28.00 2.66 7.83
CA SER A 649 -29.26 2.60 8.56
C SER A 649 -29.91 3.98 8.61
N GLU A 650 -29.11 5.01 8.75
CA GLU A 650 -29.61 6.38 8.72
C GLU A 650 -30.22 6.69 7.37
N MET A 651 -29.60 6.25 6.30
CA MET A 651 -30.21 6.45 5.00
C MET A 651 -31.52 5.67 4.90
N LEU A 652 -31.55 4.48 5.48
CA LEU A 652 -32.70 3.61 5.45
C LEU A 652 -33.90 4.26 6.12
N THR A 653 -35.04 4.20 5.44
CA THR A 653 -36.29 4.77 5.92
C THR A 653 -37.38 3.77 5.59
N PHE A 654 -38.53 3.90 6.26
CA PHE A 654 -39.61 2.98 5.96
C PHE A 654 -40.92 3.74 6.06
N ASP A 655 -41.77 3.60 5.05
CA ASP A 655 -43.06 4.26 5.06
C ASP A 655 -44.20 3.27 4.94
N LYS A 656 -45.16 3.39 5.84
CA LYS A 656 -46.36 2.58 5.75
C LYS A 656 -47.14 2.94 4.50
N LYS A 657 -47.15 4.22 4.13
CA LYS A 657 -47.79 4.59 2.88
C LYS A 657 -47.11 3.94 1.70
N ALA A 658 -45.79 3.89 1.74
CA ALA A 658 -45.04 3.35 0.61
C ALA A 658 -45.19 1.85 0.47
N PHE A 659 -45.29 1.13 1.59
CA PHE A 659 -45.36 -0.33 1.54
C PHE A 659 -46.33 -0.82 0.49
N THR A 660 -47.57 -0.33 0.54
CA THR A 660 -48.62 -0.79 -0.36
C THR A 660 -48.36 -0.42 -1.81
N LEU A 661 -47.54 0.59 -2.06
CA LEU A 661 -47.42 1.17 -3.39
C LEU A 661 -46.77 0.23 -4.40
N ALA A 662 -46.24 -0.92 -3.97
CA ALA A 662 -45.69 -1.90 -4.90
C ALA A 662 -46.76 -2.69 -5.65
N ASN A 663 -48.04 -2.45 -5.37
CA ASN A 663 -49.12 -3.17 -6.01
C ASN A 663 -49.13 -2.97 -7.53
N VAL A 664 -49.45 -4.06 -8.23
CA VAL A 664 -49.40 -4.06 -9.68
C VAL A 664 -50.48 -3.18 -10.30
N SER A 665 -51.45 -2.76 -9.50
CA SER A 665 -52.57 -1.98 -10.09
C SER A 665 -52.10 -0.58 -10.42
N SER A 666 -51.12 -0.07 -9.67
CA SER A 666 -50.69 1.33 -9.86
C SER A 666 -50.10 1.55 -11.25
N PHE A 667 -49.27 0.64 -11.75
CA PHE A 667 -48.55 0.85 -13.04
C PHE A 667 -49.51 0.94 -14.24
N GLY A 668 -50.60 0.17 -14.23
CA GLY A 668 -51.56 0.18 -15.35
C GLY A 668 -50.94 -0.26 -16.67
N ASP A 669 -51.12 0.51 -17.75
CA ASP A 669 -50.63 0.09 -19.08
C ASP A 669 -49.10 0.00 -19.11
N TYR A 670 -48.44 0.68 -18.18
CA TYR A 670 -46.96 0.70 -18.20
C TYR A 670 -46.42 -0.72 -18.12
N ASN A 671 -47.07 -1.60 -17.35
CA ASN A 671 -46.65 -3.02 -17.26
C ASN A 671 -45.18 -3.01 -16.85
N LEU A 672 -44.81 -2.12 -15.92
CA LEU A 672 -43.42 -2.05 -15.44
C LEU A 672 -43.12 -3.41 -14.81
N SER A 673 -44.09 -3.99 -14.10
CA SER A 673 -43.99 -5.38 -13.57
C SER A 673 -42.58 -5.86 -13.23
N SER A 674 -41.76 -6.16 -14.22
CA SER A 674 -40.41 -6.74 -13.94
C SER A 674 -39.83 -5.97 -12.77
N VAL A 675 -39.63 -4.67 -12.95
CA VAL A 675 -39.11 -3.83 -11.90
C VAL A 675 -40.06 -3.69 -10.73
N ILE A 676 -41.34 -3.96 -10.93
CA ILE A 676 -42.28 -3.77 -9.83
C ILE A 676 -41.93 -4.72 -8.70
N PRO A 677 -41.86 -4.24 -7.47
CA PRO A 677 -41.68 -5.16 -6.33
C PRO A 677 -42.89 -6.04 -6.23
N SER A 678 -42.66 -7.32 -6.01
CA SER A 678 -43.75 -8.28 -6.07
C SER A 678 -44.78 -8.01 -4.99
N LEU A 679 -46.02 -8.33 -5.30
CA LEU A 679 -47.10 -8.19 -4.35
C LEU A 679 -46.86 -9.14 -3.19
N PRO A 680 -47.19 -8.76 -1.97
CA PRO A 680 -46.94 -9.65 -0.83
C PRO A 680 -47.72 -10.94 -1.00
N ARG A 681 -47.00 -12.06 -0.91
CA ARG A 681 -47.59 -13.37 -1.10
C ARG A 681 -48.16 -13.81 0.23
N SER A 682 -49.35 -13.30 0.53
CA SER A 682 -50.03 -13.55 1.81
C SER A 682 -49.07 -13.31 2.97
N GLY A 683 -48.16 -12.36 2.79
CA GLY A 683 -47.14 -12.10 3.77
C GLY A 683 -47.11 -10.61 4.10
N SER A 684 -46.49 -10.32 5.24
CA SER A 684 -46.38 -8.95 5.69
C SER A 684 -45.03 -8.34 5.28
N ARG A 689 -39.87 -8.28 -4.79
CA ARG A 689 -38.51 -8.31 -5.34
C ARG A 689 -38.57 -8.37 -6.85
N SER A 690 -37.78 -7.53 -7.50
CA SER A 690 -37.97 -7.31 -8.93
C SER A 690 -37.27 -8.35 -9.78
N ALA A 691 -37.73 -8.43 -11.03
CA ALA A 691 -37.13 -9.36 -11.98
C ALA A 691 -35.68 -9.05 -12.25
N ILE A 692 -35.31 -7.77 -12.32
CA ILE A 692 -33.91 -7.51 -12.60
C ILE A 692 -33.06 -7.95 -11.42
N GLU A 693 -33.49 -7.60 -10.21
CA GLU A 693 -32.68 -7.99 -9.07
C GLU A 693 -32.55 -9.50 -9.02
N ASP A 694 -33.61 -10.20 -9.44
CA ASP A 694 -33.58 -11.65 -9.36
C ASP A 694 -32.65 -12.22 -10.43
N ILE A 695 -32.71 -11.72 -11.67
CA ILE A 695 -31.77 -12.20 -12.69
C ILE A 695 -30.36 -11.93 -12.24
N LEU A 696 -30.12 -10.76 -11.66
CA LEU A 696 -28.78 -10.42 -11.21
C LEU A 696 -28.31 -11.42 -10.17
N PHE A 697 -29.21 -11.77 -9.25
CA PHE A 697 -28.90 -12.77 -8.26
C PHE A 697 -28.64 -14.10 -8.96
N SER A 698 -29.45 -14.43 -9.95
CA SER A 698 -29.24 -15.68 -10.65
C SER A 698 -27.89 -15.67 -11.33
N LYS A 699 -27.31 -14.49 -11.51
CA LYS A 699 -26.01 -14.41 -12.13
C LYS A 699 -24.95 -14.13 -11.07
N LEU A 700 -25.35 -14.28 -9.80
CA LEU A 700 -24.45 -14.04 -8.64
C LEU A 700 -23.35 -15.11 -8.64
N VAL A 701 -23.43 -16.08 -9.56
CA VAL A 701 -22.41 -17.17 -9.66
C VAL A 701 -21.06 -16.54 -10.03
N THR A 702 -19.98 -17.01 -9.40
CA THR A 702 -18.62 -16.49 -9.67
C THR A 702 -18.63 -14.96 -9.60
N ASP A 709 -24.76 -15.40 1.20
CA ASP A 709 -24.96 -15.00 2.58
C ASP A 709 -25.87 -15.99 3.31
N ALA A 710 -25.31 -16.68 4.29
CA ALA A 710 -26.06 -17.59 5.14
C ALA A 710 -25.45 -17.56 6.53
N ASP A 711 -26.11 -18.25 7.46
CA ASP A 711 -25.66 -18.28 8.84
C ASP A 711 -24.87 -19.57 9.10
N TYR A 712 -23.62 -19.39 9.51
CA TYR A 712 -22.72 -20.51 9.69
C TYR A 712 -23.22 -21.42 10.78
N LYS A 713 -24.09 -20.92 11.63
CA LYS A 713 -24.61 -21.71 12.73
C LYS A 713 -25.22 -22.98 12.18
N LYS A 714 -25.80 -22.92 11.00
CA LYS A 714 -26.50 -24.09 10.52
C LYS A 714 -25.61 -24.98 9.67
N CYS A 715 -24.42 -24.53 9.31
CA CYS A 715 -23.51 -25.34 8.53
C CYS A 715 -22.40 -25.95 9.35
N THR A 716 -22.34 -25.72 10.65
CA THR A 716 -21.39 -26.43 11.47
C THR A 716 -21.98 -27.72 12.01
N LYS A 717 -23.12 -28.12 11.48
CA LYS A 717 -23.75 -29.39 11.74
C LYS A 717 -24.35 -29.88 10.45
N GLY A 718 -24.81 -31.13 10.44
CA GLY A 718 -25.47 -31.68 9.26
C GLY A 718 -24.56 -32.57 8.43
N LEU A 719 -25.18 -33.20 7.45
CA LEU A 719 -24.55 -34.22 6.63
C LEU A 719 -23.86 -33.67 5.40
N SER A 720 -23.91 -32.36 5.20
CA SER A 720 -23.28 -31.75 4.05
C SER A 720 -21.86 -31.30 4.37
N ILE A 721 -20.99 -31.37 3.38
CA ILE A 721 -19.69 -30.73 3.47
C ILE A 721 -19.88 -29.21 3.43
N ALA A 722 -19.13 -28.51 4.27
CA ALA A 722 -19.33 -27.08 4.43
C ALA A 722 -19.04 -26.33 3.14
N ASP A 723 -19.81 -25.27 2.91
CA ASP A 723 -19.61 -24.41 1.76
C ASP A 723 -18.45 -23.45 2.00
N LEU A 724 -18.00 -22.83 0.91
CA LEU A 724 -16.87 -21.92 0.97
C LEU A 724 -17.07 -20.82 2.01
N ALA A 725 -18.28 -20.26 2.03
CA ALA A 725 -18.55 -19.15 2.98
C ALA A 725 -18.43 -19.68 4.40
N CYS A 726 -18.89 -20.91 4.62
CA CYS A 726 -18.78 -21.53 5.97
C CYS A 726 -17.31 -21.72 6.33
N ALA A 727 -16.49 -22.05 5.34
CA ALA A 727 -15.05 -22.20 5.60
C ALA A 727 -14.53 -20.87 6.14
N GLN A 728 -15.12 -19.75 5.70
CA GLN A 728 -14.63 -18.42 6.12
C GLN A 728 -14.86 -18.25 7.62
N TYR A 729 -16.02 -18.72 8.11
CA TYR A 729 -16.30 -18.63 9.57
C TYR A 729 -15.26 -19.47 10.30
N TYR A 730 -14.96 -20.62 9.72
CA TYR A 730 -14.01 -21.54 10.39
C TYR A 730 -12.65 -20.86 10.48
N ASN A 731 -12.28 -20.10 9.44
CA ASN A 731 -10.96 -19.42 9.43
C ASN A 731 -11.05 -18.07 10.13
N GLY A 732 -12.25 -17.70 10.58
CA GLY A 732 -12.38 -16.46 11.38
C GLY A 732 -12.68 -15.24 10.53
N ILE A 733 -12.82 -15.40 9.23
CA ILE A 733 -13.22 -14.24 8.38
C ILE A 733 -14.73 -14.10 8.52
N MET A 734 -15.20 -13.70 9.69
CA MET A 734 -16.67 -13.63 9.92
C MET A 734 -17.27 -12.57 9.02
N VAL A 735 -17.82 -13.01 7.89
CA VAL A 735 -18.49 -12.02 6.99
C VAL A 735 -19.79 -11.66 7.67
N LEU A 736 -19.94 -10.40 8.03
CA LEU A 736 -21.17 -9.96 8.75
C LEU A 736 -22.35 -10.06 7.78
N PRO A 737 -23.58 -10.32 8.26
CA PRO A 737 -24.73 -10.32 7.38
C PRO A 737 -24.75 -8.91 6.79
N GLY A 738 -25.10 -8.79 5.51
CA GLY A 738 -25.02 -7.46 4.87
C GLY A 738 -25.86 -6.43 5.58
N VAL A 739 -25.33 -5.23 5.75
CA VAL A 739 -26.11 -4.13 6.37
C VAL A 739 -27.44 -4.08 5.64
N ALA A 740 -27.41 -3.86 4.32
CA ALA A 740 -28.65 -3.95 3.59
C ALA A 740 -28.97 -5.41 3.32
N ASP A 741 -29.19 -6.12 4.42
CA ASP A 741 -29.75 -7.46 4.35
C ASP A 741 -31.10 -7.41 3.65
N ALA A 742 -31.55 -8.59 3.24
CA ALA A 742 -32.68 -8.67 2.31
C ALA A 742 -33.90 -7.99 2.90
N GLU A 743 -34.16 -8.17 4.19
CA GLU A 743 -35.42 -7.75 4.77
C GLU A 743 -35.63 -6.25 4.68
N ARG A 744 -34.84 -5.49 5.42
CA ARG A 744 -35.01 -4.04 5.39
C ARG A 744 -34.54 -3.46 4.08
N MET A 745 -33.52 -4.04 3.45
CA MET A 745 -33.10 -3.53 2.15
C MET A 745 -34.26 -3.56 1.17
N ALA A 746 -34.98 -4.67 1.13
CA ALA A 746 -36.10 -4.78 0.22
C ALA A 746 -37.23 -3.87 0.65
N MET A 747 -37.53 -3.84 1.95
CA MET A 747 -38.57 -2.94 2.41
C MET A 747 -38.26 -1.51 2.03
N TYR A 748 -36.99 -1.16 1.98
CA TYR A 748 -36.60 0.20 1.67
C TYR A 748 -36.68 0.49 0.19
N THR A 749 -35.99 -0.34 -0.62
CA THR A 749 -36.13 -0.23 -2.06
C THR A 749 -37.59 -0.18 -2.48
N GLY A 750 -38.43 -0.94 -1.80
CA GLY A 750 -39.84 -0.88 -2.11
C GLY A 750 -40.47 0.42 -1.66
N SER A 751 -40.10 0.89 -0.48
CA SER A 751 -40.72 2.09 0.03
C SER A 751 -40.42 3.27 -0.87
N LEU A 752 -39.19 3.35 -1.35
CA LEU A 752 -38.85 4.42 -2.27
C LEU A 752 -39.49 4.22 -3.64
N ILE A 753 -39.39 3.01 -4.18
CA ILE A 753 -39.97 2.77 -5.49
C ILE A 753 -41.45 3.08 -5.50
N GLY A 754 -42.14 2.84 -4.40
CA GLY A 754 -43.49 3.36 -4.31
C GLY A 754 -43.53 4.84 -4.05
N GLY A 755 -42.48 5.39 -3.46
CA GLY A 755 -42.48 6.81 -3.29
C GLY A 755 -42.30 7.55 -4.59
N ILE A 756 -42.06 6.82 -5.68
CA ILE A 756 -41.91 7.48 -6.96
C ILE A 756 -43.27 7.82 -7.52
N ALA A 757 -44.24 6.94 -7.34
CA ALA A 757 -45.61 7.29 -7.67
C ALA A 757 -46.46 7.61 -6.45
N LEU A 758 -45.84 8.01 -5.36
CA LEU A 758 -46.55 8.38 -4.14
C LEU A 758 -45.96 9.70 -3.69
N GLY A 759 -46.83 10.65 -3.40
CA GLY A 759 -46.40 11.96 -2.98
C GLY A 759 -47.10 12.28 -1.67
N GLY A 760 -46.70 13.39 -1.06
CA GLY A 760 -47.30 13.70 0.21
C GLY A 760 -48.80 13.76 0.03
N LEU A 761 -49.46 12.82 0.67
CA LEU A 761 -50.88 12.56 0.52
C LEU A 761 -51.40 12.03 1.84
N THR A 762 -52.70 12.23 2.07
CA THR A 762 -53.30 11.73 3.30
C THR A 762 -53.28 10.21 3.34
N SER A 763 -53.61 9.56 2.24
CA SER A 763 -53.77 8.12 2.22
C SER A 763 -52.41 7.43 2.04
N ALA A 764 -52.46 6.10 1.99
CA ALA A 764 -51.31 5.25 1.79
C ALA A 764 -51.40 4.48 0.47
N ALA A 765 -52.34 4.90 -0.38
CA ALA A 765 -52.57 4.17 -1.64
C ALA A 765 -51.90 4.85 -2.83
N SER A 766 -52.03 4.26 -4.01
CA SER A 766 -51.43 4.82 -5.25
C SER A 766 -52.30 5.90 -5.87
N ILE A 767 -51.75 6.66 -6.83
CA ILE A 767 -52.54 7.66 -7.58
C ILE A 767 -52.43 7.24 -9.05
N PRO A 768 -53.37 7.57 -9.95
CA PRO A 768 -53.26 7.08 -11.32
C PRO A 768 -51.87 7.52 -11.78
N PHE A 769 -51.07 6.59 -12.29
CA PHE A 769 -49.68 6.90 -12.68
C PHE A 769 -49.66 7.92 -13.82
N SER A 770 -50.62 7.84 -14.73
CA SER A 770 -50.56 8.71 -15.92
C SER A 770 -50.53 10.19 -15.51
N LEU A 771 -51.41 10.59 -14.59
CA LEU A 771 -51.36 11.98 -14.09
C LEU A 771 -50.08 12.18 -13.29
N ALA A 772 -49.67 11.16 -12.53
CA ALA A 772 -48.52 11.33 -11.60
C ALA A 772 -47.20 11.68 -12.28
N ILE A 773 -46.84 11.01 -13.37
CA ILE A 773 -45.49 11.28 -13.97
C ILE A 773 -45.47 12.73 -14.45
N GLN A 774 -46.59 13.20 -14.99
CA GLN A 774 -46.67 14.58 -15.53
C GLN A 774 -45.97 15.58 -14.61
N SER A 775 -45.99 15.35 -13.30
CA SER A 775 -45.43 16.33 -12.34
C SER A 775 -43.90 16.32 -12.39
N ARG A 776 -43.29 15.14 -12.44
CA ARG A 776 -41.81 15.13 -12.36
C ARG A 776 -41.28 15.91 -13.56
N LEU A 777 -41.82 15.65 -14.74
CA LEU A 777 -41.37 16.35 -15.97
C LEU A 777 -41.64 17.85 -15.84
N ASN A 778 -42.73 18.23 -15.19
CA ASN A 778 -43.10 19.67 -15.15
C ASN A 778 -41.93 20.42 -14.50
N TYR A 779 -41.29 19.80 -13.51
CA TYR A 779 -40.09 20.43 -12.91
C TYR A 779 -39.17 20.93 -14.02
N VAL A 780 -38.98 20.16 -15.10
CA VAL A 780 -38.13 20.71 -16.14
C VAL A 780 -38.88 21.73 -16.98
N ALA A 781 -40.16 21.50 -17.28
CA ALA A 781 -40.86 22.44 -18.15
C ALA A 781 -42.36 22.19 -18.12
N LEU A 782 -43.13 23.26 -18.35
CA LEU A 782 -44.58 23.25 -18.24
C LEU A 782 -45.20 22.61 -19.46
N GLN A 783 -45.68 21.38 -19.28
CA GLN A 783 -46.34 20.65 -20.35
C GLN A 783 -47.66 21.34 -20.71
N THR A 784 -47.81 21.70 -21.98
CA THR A 784 -49.04 22.31 -22.46
C THR A 784 -49.85 21.34 -23.30
N ASP A 785 -49.45 20.07 -23.33
CA ASP A 785 -50.16 19.01 -24.04
C ASP A 785 -51.12 18.26 -23.14
N VAL A 786 -52.19 17.75 -23.74
CA VAL A 786 -53.17 16.97 -23.00
C VAL A 786 -53.06 15.48 -23.28
N LEU A 787 -52.65 15.10 -24.50
CA LEU A 787 -52.63 13.72 -24.94
C LEU A 787 -51.21 13.23 -25.16
N GLN A 788 -50.77 12.32 -24.30
CA GLN A 788 -49.35 11.99 -24.17
C GLN A 788 -49.06 10.67 -24.89
N GLU A 789 -48.73 10.75 -26.17
CA GLU A 789 -48.33 9.54 -26.89
C GLU A 789 -46.95 9.10 -26.48
N ASN A 790 -46.14 10.06 -26.05
CA ASN A 790 -44.81 9.76 -25.60
C ASN A 790 -44.85 8.70 -24.51
N GLN A 791 -45.83 8.78 -23.63
CA GLN A 791 -45.95 7.80 -22.56
C GLN A 791 -45.97 6.38 -23.10
N LYS A 792 -46.81 6.13 -24.08
CA LYS A 792 -46.98 4.77 -24.56
C LYS A 792 -45.85 4.36 -25.47
N ILE A 793 -45.22 5.31 -26.15
CA ILE A 793 -44.13 4.88 -27.00
C ILE A 793 -42.88 4.71 -26.17
N LEU A 794 -42.73 5.49 -25.11
CA LEU A 794 -41.63 5.28 -24.21
C LEU A 794 -41.84 4.00 -23.43
N ALA A 795 -43.09 3.61 -23.21
CA ALA A 795 -43.31 2.32 -22.59
C ALA A 795 -42.92 1.19 -23.54
N ALA A 796 -43.28 1.33 -24.81
CA ALA A 796 -42.88 0.29 -25.76
C ALA A 796 -41.37 0.22 -25.93
N SER A 797 -40.70 1.37 -25.86
CA SER A 797 -39.26 1.35 -25.97
C SER A 797 -38.63 0.88 -24.68
N PHE A 798 -39.19 1.29 -23.55
CA PHE A 798 -38.71 0.86 -22.25
C PHE A 798 -38.81 -0.64 -22.10
N ASN A 799 -40.00 -1.19 -22.25
CA ASN A 799 -40.15 -2.62 -22.14
C ASN A 799 -39.41 -3.36 -23.24
N LYS A 800 -39.12 -2.71 -24.37
CA LYS A 800 -38.25 -3.40 -25.32
C LYS A 800 -36.81 -3.40 -24.82
N ALA A 801 -36.40 -2.30 -24.18
CA ALA A 801 -35.12 -2.30 -23.48
C ALA A 801 -35.08 -3.36 -22.40
N MET A 802 -36.22 -3.71 -21.85
CA MET A 802 -36.17 -4.74 -20.82
C MET A 802 -36.16 -6.12 -21.44
N THR A 803 -36.97 -6.34 -22.48
CA THR A 803 -36.92 -7.59 -23.20
C THR A 803 -35.49 -7.86 -23.67
N ASN A 804 -34.96 -6.96 -24.47
CA ASN A 804 -33.68 -7.20 -25.11
C ASN A 804 -32.55 -7.11 -24.10
N ILE A 805 -32.55 -6.07 -23.28
CA ILE A 805 -31.46 -5.88 -22.35
C ILE A 805 -31.47 -6.95 -21.29
N VAL A 806 -32.65 -7.43 -20.88
CA VAL A 806 -32.72 -8.52 -19.94
C VAL A 806 -32.33 -9.83 -20.59
N ASP A 807 -32.50 -9.94 -21.90
CA ASP A 807 -31.91 -11.08 -22.58
C ASP A 807 -30.39 -10.97 -22.62
N ALA A 808 -29.87 -9.75 -22.76
CA ALA A 808 -28.44 -9.53 -22.62
C ALA A 808 -27.96 -9.90 -21.23
N PHE A 809 -28.78 -9.62 -20.22
CA PHE A 809 -28.54 -10.15 -18.88
C PHE A 809 -28.42 -11.67 -18.93
N THR A 810 -29.49 -12.34 -19.36
CA THR A 810 -29.53 -13.79 -19.32
C THR A 810 -29.44 -14.35 -20.73
N SER A 820 -27.88 0.56 -30.92
CA SER A 820 -28.37 1.22 -29.72
C SER A 820 -27.27 1.39 -28.69
N GLN A 821 -26.90 2.65 -28.46
CA GLN A 821 -25.93 3.00 -27.41
C GLN A 821 -26.40 2.54 -26.03
N ALA A 822 -27.70 2.41 -25.83
CA ALA A 822 -28.21 1.88 -24.58
C ALA A 822 -27.56 0.53 -24.29
N LEU A 823 -27.42 -0.30 -25.31
CA LEU A 823 -26.82 -1.61 -25.13
C LEU A 823 -25.38 -1.48 -24.66
N GLN A 824 -24.64 -0.51 -25.19
CA GLN A 824 -23.30 -0.26 -24.68
C GLN A 824 -23.34 0.16 -23.22
N THR A 825 -24.34 0.94 -22.84
CA THR A 825 -24.47 1.36 -21.45
C THR A 825 -24.69 0.17 -20.54
N VAL A 826 -25.59 -0.73 -20.94
CA VAL A 826 -25.85 -1.88 -20.10
C VAL A 826 -24.66 -2.83 -20.10
N ALA A 827 -23.94 -2.93 -21.22
CA ALA A 827 -22.73 -3.74 -21.22
C ALA A 827 -21.72 -3.18 -20.24
N THR A 828 -21.67 -1.86 -20.14
CA THR A 828 -20.75 -1.24 -19.21
C THR A 828 -21.17 -1.53 -17.78
N ALA A 829 -22.46 -1.42 -17.51
CA ALA A 829 -22.94 -1.64 -16.16
C ALA A 829 -22.73 -3.09 -15.72
N LEU A 830 -23.10 -4.03 -16.59
CA LEU A 830 -22.84 -5.43 -16.30
C LEU A 830 -21.36 -5.70 -16.08
N ASN A 831 -20.51 -5.09 -16.90
CA ASN A 831 -19.10 -5.28 -16.67
C ASN A 831 -18.67 -4.67 -15.37
N LYS A 832 -19.37 -3.64 -14.92
CA LYS A 832 -19.01 -2.97 -13.69
C LYS A 832 -19.40 -3.80 -12.47
N ILE A 833 -20.58 -4.40 -12.50
CA ILE A 833 -20.98 -5.25 -11.41
C ILE A 833 -20.09 -6.48 -11.34
N GLN A 834 -19.80 -7.08 -12.50
CA GLN A 834 -18.89 -8.22 -12.44
C GLN A 834 -17.49 -7.80 -12.06
N ASP A 835 -17.14 -6.55 -12.27
CA ASP A 835 -15.87 -6.06 -11.77
C ASP A 835 -15.88 -5.99 -10.26
N VAL A 836 -16.95 -5.48 -9.67
CA VAL A 836 -16.92 -5.34 -8.23
C VAL A 836 -17.00 -6.71 -7.57
N VAL A 837 -17.65 -7.66 -8.23
CA VAL A 837 -17.64 -9.00 -7.65
C VAL A 837 -16.30 -9.66 -7.81
N ASN A 838 -15.60 -9.37 -8.91
CA ASN A 838 -14.28 -9.94 -9.08
C ASN A 838 -13.30 -9.34 -8.09
N GLN A 839 -13.38 -8.03 -7.90
CA GLN A 839 -12.45 -7.36 -7.02
C GLN A 839 -12.66 -7.77 -5.57
N GLN A 840 -13.90 -8.03 -5.16
CA GLN A 840 -14.07 -8.52 -3.79
C GLN A 840 -13.62 -9.96 -3.66
N GLY A 841 -13.96 -10.79 -4.64
CA GLY A 841 -13.54 -12.17 -4.59
C GLY A 841 -12.04 -12.29 -4.53
N ASN A 842 -11.35 -11.61 -5.44
CA ASN A 842 -9.91 -11.70 -5.45
C ASN A 842 -9.25 -10.87 -4.37
N SER A 843 -10.02 -10.04 -3.65
CA SER A 843 -9.43 -9.39 -2.50
C SER A 843 -9.34 -10.36 -1.34
N LEU A 844 -10.46 -10.99 -1.02
CA LEU A 844 -10.40 -11.93 0.09
C LEU A 844 -9.67 -13.21 -0.30
N ASN A 845 -9.70 -13.59 -1.56
CA ASN A 845 -8.81 -14.64 -2.03
C ASN A 845 -7.36 -14.23 -2.01
N HIS A 846 -7.07 -12.93 -2.11
CA HIS A 846 -5.70 -12.52 -1.95
C HIS A 846 -5.29 -12.60 -0.50
N LEU A 847 -6.24 -12.36 0.39
CA LEU A 847 -5.95 -12.54 1.80
C LEU A 847 -5.72 -14.01 2.12
N THR A 848 -6.70 -14.86 1.82
CA THR A 848 -6.55 -16.27 2.11
C THR A 848 -5.40 -16.91 1.33
N SER A 849 -4.89 -16.26 0.31
CA SER A 849 -3.68 -16.79 -0.29
C SER A 849 -2.45 -16.27 0.41
N GLN A 850 -2.54 -15.09 1.00
CA GLN A 850 -1.44 -14.64 1.82
C GLN A 850 -1.34 -15.51 3.06
N LEU A 851 -2.43 -16.15 3.44
CA LEU A 851 -2.35 -17.19 4.44
C LEU A 851 -1.87 -18.49 3.85
N ARG A 852 -2.12 -18.71 2.56
CA ARG A 852 -1.56 -19.89 1.93
C ARG A 852 -0.05 -19.80 1.79
N GLN A 853 0.52 -18.62 1.93
CA GLN A 853 1.96 -18.46 1.83
C GLN A 853 2.53 -18.10 3.18
N ASN A 854 3.64 -18.75 3.55
CA ASN A 854 4.35 -18.45 4.77
C ASN A 854 5.53 -17.57 4.40
N PHE A 855 5.60 -16.38 5.01
CA PHE A 855 6.63 -15.42 4.62
C PHE A 855 8.01 -16.03 4.76
N GLN A 856 8.32 -16.55 5.93
CA GLN A 856 9.61 -17.16 6.14
C GLN A 856 9.52 -18.51 6.84
N ALA A 857 8.33 -18.90 7.28
CA ALA A 857 8.20 -20.06 8.15
C ALA A 857 8.56 -21.34 7.40
N ILE A 858 8.74 -22.40 8.17
CA ILE A 858 8.78 -23.73 7.60
C ILE A 858 7.46 -24.05 6.92
N SER A 859 6.35 -23.67 7.55
CA SER A 859 5.05 -24.05 7.05
C SER A 859 4.02 -23.06 7.58
N SER A 860 2.83 -23.09 6.98
CA SER A 860 1.79 -22.17 7.38
C SER A 860 1.10 -22.58 8.67
N SER A 861 0.99 -23.88 8.94
CA SER A 861 0.29 -24.34 10.14
C SER A 861 1.07 -23.97 11.40
N ILE A 862 0.46 -23.12 12.22
CA ILE A 862 1.07 -22.79 13.50
C ILE A 862 1.16 -24.04 14.36
N GLN A 863 0.13 -24.87 14.31
CA GLN A 863 0.14 -26.11 15.05
C GLN A 863 1.33 -26.98 14.64
N ALA A 864 1.45 -27.25 13.34
CA ALA A 864 2.56 -28.06 12.87
C ALA A 864 3.88 -27.40 13.19
N ILE A 865 3.92 -26.08 13.24
CA ILE A 865 5.15 -25.41 13.66
C ILE A 865 5.46 -25.74 15.11
N TYR A 866 4.43 -25.78 15.95
CA TYR A 866 4.65 -26.13 17.35
C TYR A 866 5.13 -27.56 17.46
N ASP A 867 4.60 -28.42 16.60
CA ASP A 867 5.06 -29.79 16.55
C ASP A 867 6.51 -29.83 16.12
N ARG A 868 6.87 -28.99 15.17
CA ARG A 868 8.21 -28.99 14.61
C ARG A 868 9.24 -28.38 15.53
N LEU A 869 8.83 -27.62 16.54
CA LEU A 869 9.74 -26.67 17.14
C LEU A 869 9.57 -26.60 18.64
N ASP A 870 10.67 -26.38 19.33
CA ASP A 870 10.58 -26.06 20.75
C ASP A 870 10.40 -24.57 20.93
N ILE A 871 9.89 -24.21 22.11
CA ILE A 871 9.35 -22.91 22.44
C ILE A 871 10.15 -21.74 21.88
N ILE A 872 11.46 -21.76 22.07
CA ILE A 872 12.25 -20.55 21.84
C ILE A 872 12.29 -20.21 20.36
N GLN A 873 12.75 -21.14 19.54
CA GLN A 873 12.76 -20.92 18.12
C GLN A 873 11.37 -21.08 17.53
N ALA A 874 10.49 -21.79 18.24
CA ALA A 874 9.08 -21.81 17.88
C ALA A 874 8.53 -20.41 17.93
N ASP A 875 8.81 -19.70 19.01
CA ASP A 875 8.40 -18.31 19.08
C ASP A 875 9.08 -17.47 18.03
N GLN A 876 10.30 -17.82 17.65
CA GLN A 876 10.98 -17.04 16.63
C GLN A 876 10.29 -17.14 15.27
N GLN A 877 9.97 -18.34 14.84
CA GLN A 877 9.29 -18.38 13.56
C GLN A 877 7.83 -18.03 13.70
N VAL A 878 7.26 -18.20 14.87
CA VAL A 878 5.89 -17.80 15.10
C VAL A 878 5.75 -16.30 14.99
N ASP A 879 6.64 -15.56 15.63
CA ASP A 879 6.50 -14.13 15.59
C ASP A 879 6.98 -13.53 14.27
N ARG A 880 7.88 -14.18 13.54
CA ARG A 880 8.10 -13.64 12.20
C ARG A 880 6.91 -13.91 11.31
N LEU A 881 6.22 -15.04 11.53
CA LEU A 881 4.93 -15.24 10.88
C LEU A 881 3.96 -14.14 11.22
N ILE A 882 3.78 -13.87 12.50
CA ILE A 882 2.74 -12.94 12.89
C ILE A 882 3.14 -11.54 12.46
N THR A 883 4.42 -11.24 12.42
CA THR A 883 4.84 -9.95 11.91
C THR A 883 4.45 -9.80 10.46
N GLY A 884 4.65 -10.85 9.67
CA GLY A 884 4.30 -10.75 8.27
C GLY A 884 2.80 -10.75 8.06
N ARG A 885 2.09 -11.52 8.87
CA ARG A 885 0.65 -11.59 8.76
C ARG A 885 0.01 -10.27 9.18
N LEU A 886 0.51 -9.67 10.26
CA LEU A 886 0.07 -8.35 10.63
C LEU A 886 0.44 -7.32 9.59
N ALA A 887 1.53 -7.54 8.87
CA ALA A 887 1.90 -6.60 7.83
C ALA A 887 0.89 -6.65 6.69
N ALA A 888 0.69 -7.83 6.15
CA ALA A 888 -0.34 -8.01 5.14
C ALA A 888 -1.71 -7.60 5.66
N LEU A 889 -1.94 -7.77 6.95
CA LEU A 889 -3.23 -7.43 7.51
C LEU A 889 -3.42 -5.93 7.59
N ASN A 890 -2.35 -5.20 7.90
CA ASN A 890 -2.43 -3.76 7.86
C ASN A 890 -2.58 -3.28 6.43
N VAL A 891 -1.90 -3.94 5.51
CA VAL A 891 -2.12 -3.66 4.10
C VAL A 891 -3.59 -3.81 3.76
N PHE A 892 -4.19 -4.88 4.25
CA PHE A 892 -5.58 -5.14 3.92
C PHE A 892 -6.52 -4.16 4.59
N VAL A 893 -6.22 -3.78 5.82
CA VAL A 893 -7.09 -2.84 6.50
C VAL A 893 -6.89 -1.45 5.92
N SER A 894 -5.74 -1.18 5.35
CA SER A 894 -5.54 0.09 4.68
C SER A 894 -6.20 0.11 3.32
N HIS A 895 -6.31 -1.05 2.69
CA HIS A 895 -7.11 -1.10 1.49
C HIS A 895 -8.57 -1.03 1.84
N THR A 896 -8.93 -1.53 3.01
CA THR A 896 -10.28 -1.35 3.48
C THR A 896 -10.57 0.11 3.77
N LEU A 897 -9.57 0.82 4.29
CA LEU A 897 -9.76 2.25 4.53
C LEU A 897 -9.80 3.05 3.25
N THR A 898 -9.02 2.65 2.25
CA THR A 898 -9.13 3.32 0.97
C THR A 898 -10.46 3.00 0.32
N LYS A 899 -10.96 1.80 0.58
CA LYS A 899 -12.26 1.43 0.08
C LYS A 899 -13.33 2.17 0.83
N TYR A 900 -13.09 2.47 2.08
CA TYR A 900 -14.05 3.22 2.87
C TYR A 900 -14.12 4.66 2.42
N THR A 901 -12.97 5.27 2.16
CA THR A 901 -13.01 6.65 1.69
C THR A 901 -13.60 6.72 0.29
N GLU A 902 -13.36 5.71 -0.52
CA GLU A 902 -13.89 5.74 -1.88
C GLU A 902 -15.38 5.40 -1.88
N VAL A 903 -15.79 4.38 -1.14
CA VAL A 903 -17.19 4.10 -0.99
C VAL A 903 -17.88 5.22 -0.27
N ARG A 904 -17.14 6.06 0.44
CA ARG A 904 -17.74 7.21 1.06
C ARG A 904 -18.00 8.29 0.04
N ALA A 905 -17.03 8.51 -0.85
CA ALA A 905 -17.26 9.44 -1.93
C ALA A 905 -18.43 8.98 -2.78
N SER A 906 -18.44 7.71 -3.14
CA SER A 906 -19.51 7.22 -3.99
C SER A 906 -20.82 7.09 -3.23
N ARG A 907 -20.80 6.93 -1.91
CA ARG A 907 -22.03 7.05 -1.16
C ARG A 907 -22.55 8.46 -1.21
N GLN A 908 -21.66 9.43 -1.03
CA GLN A 908 -22.05 10.81 -1.16
C GLN A 908 -22.73 11.01 -2.50
N LEU A 909 -22.15 10.47 -3.54
CA LEU A 909 -22.69 10.69 -4.87
C LEU A 909 -23.99 9.94 -5.08
N ALA A 910 -24.06 8.69 -4.66
CA ALA A 910 -25.29 7.93 -4.86
C ALA A 910 -26.39 8.53 -4.03
N GLN A 911 -26.18 8.57 -2.72
CA GLN A 911 -27.07 9.26 -1.80
C GLN A 911 -27.45 10.62 -2.32
N GLN A 912 -26.56 11.22 -3.08
CA GLN A 912 -26.72 12.58 -3.54
C GLN A 912 -27.56 12.62 -4.80
N LYS A 913 -27.68 11.50 -5.48
CA LYS A 913 -28.49 11.47 -6.70
C LYS A 913 -29.85 10.82 -6.50
N VAL A 914 -29.95 9.83 -5.61
CA VAL A 914 -31.25 9.23 -5.32
C VAL A 914 -32.17 10.25 -4.68
N ASN A 915 -31.62 11.07 -3.80
CA ASN A 915 -32.46 12.06 -3.15
C ASN A 915 -32.70 13.28 -4.03
N GLU A 916 -31.90 13.47 -5.06
CA GLU A 916 -32.18 14.61 -5.92
C GLU A 916 -32.81 14.24 -7.25
N CYS A 917 -31.97 13.71 -8.14
CA CYS A 917 -32.38 13.38 -9.49
C CYS A 917 -33.63 12.53 -9.49
N VAL A 918 -33.68 11.53 -8.59
CA VAL A 918 -34.84 10.64 -8.53
C VAL A 918 -36.06 11.40 -8.03
N LYS A 919 -35.91 12.13 -6.93
CA LYS A 919 -37.04 12.84 -6.35
C LYS A 919 -37.46 14.02 -7.20
N SER A 920 -36.51 14.85 -7.60
CA SER A 920 -36.82 16.03 -8.41
C SER A 920 -35.72 16.26 -9.43
N GLN A 921 -36.06 16.08 -10.70
CA GLN A 921 -35.13 16.26 -11.81
C GLN A 921 -34.22 17.45 -11.57
N SER A 922 -32.92 17.24 -11.68
CA SER A 922 -32.02 18.37 -11.57
C SER A 922 -32.15 19.31 -12.76
N LYS A 923 -31.73 20.55 -12.52
CA LYS A 923 -31.59 21.54 -13.58
C LYS A 923 -30.20 21.57 -14.15
N ARG A 924 -29.48 20.46 -14.04
CA ARG A 924 -28.11 20.35 -14.51
C ARG A 924 -28.13 19.29 -15.58
N TYR A 925 -27.94 19.68 -16.84
CA TYR A 925 -27.87 18.67 -17.88
C TYR A 925 -26.45 18.14 -17.93
N GLY A 926 -26.34 16.84 -18.13
CA GLY A 926 -25.09 16.12 -18.03
C GLY A 926 -24.95 15.46 -16.69
N PHE A 927 -25.92 15.65 -15.80
CA PHE A 927 -25.92 15.01 -14.49
C PHE A 927 -26.46 13.59 -14.60
N CYS A 928 -27.77 13.45 -14.81
CA CYS A 928 -28.41 12.15 -14.98
C CYS A 928 -29.27 12.19 -16.24
N GLY A 929 -28.97 11.31 -17.19
CA GLY A 929 -29.79 11.14 -18.38
C GLY A 929 -29.22 11.66 -19.68
N ASN A 930 -28.08 12.35 -19.67
CA ASN A 930 -27.49 12.89 -20.89
C ASN A 930 -28.53 13.64 -21.71
N GLY A 931 -29.27 14.49 -21.02
CA GLY A 931 -30.27 15.31 -21.67
C GLY A 931 -31.31 15.69 -20.64
N THR A 932 -32.43 16.20 -21.14
CA THR A 932 -33.55 16.47 -20.24
C THR A 932 -33.98 15.18 -19.57
N HIS A 933 -34.05 15.21 -18.25
CA HIS A 933 -34.26 14.02 -17.44
C HIS A 933 -35.68 14.04 -16.90
N ILE A 934 -36.32 12.88 -16.85
CA ILE A 934 -37.70 12.78 -16.41
C ILE A 934 -37.80 12.17 -15.03
N PHE A 935 -37.24 10.99 -14.83
CA PHE A 935 -37.18 10.42 -13.50
C PHE A 935 -36.25 9.22 -13.54
N SER A 936 -35.99 8.64 -12.39
CA SER A 936 -35.11 7.50 -12.34
C SER A 936 -35.73 6.39 -11.52
N LEU A 937 -35.58 5.17 -12.01
CA LEU A 937 -35.91 3.98 -11.25
C LEU A 937 -34.67 3.54 -10.49
N VAL A 938 -34.86 2.68 -9.49
CA VAL A 938 -33.73 2.16 -8.75
C VAL A 938 -34.00 0.77 -8.22
N ASN A 939 -32.95 -0.03 -8.16
CA ASN A 939 -32.98 -1.35 -7.57
C ASN A 939 -31.66 -1.60 -6.85
N ALA A 940 -31.64 -2.72 -6.16
CA ALA A 940 -30.47 -3.19 -5.45
C ALA A 940 -29.64 -4.08 -6.35
N ALA A 941 -28.46 -4.36 -5.89
CA ALA A 941 -27.44 -4.99 -6.70
C ALA A 941 -26.40 -5.49 -5.72
N PRO A 942 -25.48 -6.35 -6.14
CA PRO A 942 -24.52 -6.88 -5.19
C PRO A 942 -23.66 -5.79 -4.63
N GLU A 943 -24.01 -5.39 -3.41
CA GLU A 943 -23.30 -4.40 -2.62
C GLU A 943 -23.41 -3.02 -3.27
N GLY A 944 -24.47 -2.81 -4.05
CA GLY A 944 -24.59 -1.50 -4.69
C GLY A 944 -25.99 -1.29 -5.23
N LEU A 945 -26.18 -0.12 -5.82
CA LEU A 945 -27.44 0.24 -6.42
C LEU A 945 -27.32 0.36 -7.93
N VAL A 946 -28.44 0.18 -8.60
CA VAL A 946 -28.53 0.38 -10.04
C VAL A 946 -29.74 1.25 -10.31
N PHE A 947 -29.59 2.21 -11.22
CA PHE A 947 -30.69 3.10 -11.55
C PHE A 947 -31.00 3.04 -13.04
N LEU A 948 -32.22 3.45 -13.35
CA LEU A 948 -32.76 3.50 -14.71
C LEU A 948 -33.31 4.89 -14.96
N HIS A 949 -32.42 5.82 -15.32
CA HIS A 949 -32.85 7.23 -15.45
C HIS A 949 -33.63 7.44 -16.75
N THR A 950 -34.95 7.40 -16.69
CA THR A 950 -35.74 7.73 -17.90
C THR A 950 -35.45 9.18 -18.24
N VAL A 951 -35.32 9.52 -19.52
CA VAL A 951 -34.91 10.91 -19.87
C VAL A 951 -35.56 11.33 -21.17
N LEU A 952 -35.46 12.61 -21.53
CA LEU A 952 -35.98 13.15 -22.81
C LEU A 952 -34.79 13.65 -23.62
N LEU A 953 -34.59 13.13 -24.84
CA LEU A 953 -33.41 13.50 -25.66
C LEU A 953 -33.89 13.93 -27.04
N PRO A 954 -33.06 14.60 -27.85
CA PRO A 954 -33.47 14.95 -29.20
C PRO A 954 -33.58 13.72 -30.11
N THR A 955 -34.71 13.59 -30.80
CA THR A 955 -34.82 12.51 -31.81
C THR A 955 -35.21 13.18 -33.12
N GLN A 956 -36.24 14.04 -33.07
CA GLN A 956 -36.62 14.81 -34.27
C GLN A 956 -36.57 16.29 -33.94
N TYR A 957 -35.79 17.08 -34.68
CA TYR A 957 -35.73 18.54 -34.47
C TYR A 957 -36.95 19.20 -35.12
N LYS A 958 -37.27 20.43 -34.73
CA LYS A 958 -38.39 21.15 -35.38
C LYS A 958 -37.94 22.53 -35.82
N ASP A 959 -37.87 22.76 -37.14
CA ASP A 959 -37.49 24.06 -37.68
C ASP A 959 -38.25 25.20 -37.02
N VAL A 960 -37.57 26.32 -36.86
CA VAL A 960 -38.21 27.56 -36.42
C VAL A 960 -37.31 28.72 -36.80
N GLU A 961 -37.88 29.91 -36.84
CA GLU A 961 -37.15 31.14 -37.12
C GLU A 961 -37.17 31.99 -35.86
N ALA A 962 -36.02 32.54 -35.50
CA ALA A 962 -35.89 33.30 -34.25
C ALA A 962 -35.38 34.70 -34.53
N TRP A 963 -36.02 35.69 -33.92
CA TRP A 963 -35.62 37.08 -34.06
C TRP A 963 -34.46 37.43 -33.14
N SER A 964 -33.81 38.55 -33.45
CA SER A 964 -32.66 39.02 -32.67
C SER A 964 -33.10 39.89 -31.50
N GLY A 965 -33.91 39.31 -30.61
CA GLY A 965 -34.36 40.02 -29.43
C GLY A 965 -34.98 41.37 -29.70
N LEU A 966 -35.90 41.42 -30.66
CA LEU A 966 -36.45 42.67 -31.17
C LEU A 966 -37.05 43.58 -30.10
N CYS A 967 -36.71 44.87 -30.20
CA CYS A 967 -37.29 45.93 -29.39
C CYS A 967 -38.38 46.65 -30.20
N VAL A 968 -39.49 46.98 -29.53
CA VAL A 968 -40.59 47.63 -30.25
C VAL A 968 -40.18 49.03 -30.70
N ASP A 969 -40.82 49.51 -31.76
CA ASP A 969 -40.49 50.82 -32.31
C ASP A 969 -40.65 51.92 -31.28
N GLY A 970 -41.68 51.83 -30.45
CA GLY A 970 -41.87 52.77 -29.38
C GLY A 970 -40.77 52.62 -28.36
N ARG A 971 -40.82 53.48 -27.34
CA ARG A 971 -39.85 53.35 -26.27
C ARG A 971 -39.85 51.96 -25.66
N ASN A 972 -40.96 51.23 -25.82
CA ASN A 972 -40.98 49.85 -25.40
C ASN A 972 -40.07 49.00 -26.28
N GLY A 973 -39.29 48.15 -25.64
CA GLY A 973 -38.44 47.21 -26.33
C GLY A 973 -38.14 46.02 -25.47
N TYR A 974 -38.05 44.83 -26.04
CA TYR A 974 -38.07 43.63 -25.23
C TYR A 974 -36.67 43.05 -25.08
N VAL A 975 -36.37 42.62 -23.88
CA VAL A 975 -35.21 41.79 -23.59
C VAL A 975 -35.76 40.64 -22.77
N LEU A 976 -34.91 39.67 -22.50
CA LEU A 976 -35.46 38.43 -22.00
C LEU A 976 -35.75 38.54 -20.52
N ARG A 977 -36.89 38.01 -20.12
CA ARG A 977 -37.25 38.10 -18.71
C ARG A 977 -36.53 37.02 -17.92
N GLN A 978 -36.31 35.86 -18.53
CA GLN A 978 -35.47 34.82 -17.96
C GLN A 978 -34.82 34.10 -19.12
N PRO A 979 -33.62 33.58 -18.95
CA PRO A 979 -32.80 33.26 -20.12
C PRO A 979 -33.30 32.07 -20.91
N ASN A 980 -34.15 31.23 -20.32
CA ASN A 980 -34.43 29.92 -20.86
C ASN A 980 -35.50 29.93 -21.94
N LEU A 981 -36.03 31.07 -22.32
CA LEU A 981 -37.01 31.11 -23.39
C LEU A 981 -36.44 31.84 -24.60
N ALA A 982 -37.22 31.81 -25.68
CA ALA A 982 -36.85 32.45 -26.92
C ALA A 982 -38.12 32.58 -27.75
N LEU A 983 -38.33 33.74 -28.34
CA LEU A 983 -39.40 33.87 -29.30
C LEU A 983 -39.11 33.03 -30.55
N TYR A 984 -40.13 32.85 -31.37
CA TYR A 984 -39.93 32.48 -32.75
C TYR A 984 -41.17 32.91 -33.52
N LYS A 985 -41.01 33.02 -34.83
CA LYS A 985 -42.09 33.42 -35.71
C LYS A 985 -42.52 32.20 -36.51
N GLU A 986 -43.53 31.52 -36.00
CA GLU A 986 -44.15 30.42 -36.71
C GLU A 986 -45.08 30.91 -37.81
N GLY A 987 -45.62 32.11 -37.65
CA GLY A 987 -46.53 32.67 -38.62
C GLY A 987 -46.65 34.13 -38.30
N ASN A 988 -47.83 34.70 -38.57
CA ASN A 988 -48.08 36.12 -38.27
C ASN A 988 -48.02 36.31 -36.76
N TYR A 989 -48.71 35.45 -36.01
CA TYR A 989 -48.68 35.52 -34.54
C TYR A 989 -47.32 35.05 -34.05
N TYR A 990 -46.93 35.46 -32.85
CA TYR A 990 -45.64 35.02 -32.28
C TYR A 990 -45.92 34.06 -31.14
N ARG A 991 -45.03 33.10 -30.90
CA ARG A 991 -45.18 32.19 -29.75
C ARG A 991 -43.82 32.08 -29.08
N ILE A 992 -43.78 31.72 -27.80
CA ILE A 992 -42.47 31.74 -27.09
C ILE A 992 -42.20 30.33 -26.57
N THR A 993 -41.70 29.46 -27.44
CA THR A 993 -41.39 28.06 -27.03
C THR A 993 -40.16 28.05 -26.14
N SER A 994 -40.01 27.00 -25.34
CA SER A 994 -38.88 26.93 -24.39
C SER A 994 -37.57 26.65 -25.10
N ARG A 995 -36.47 26.68 -24.36
CA ARG A 995 -35.15 26.34 -24.95
C ARG A 995 -34.99 24.83 -24.89
N ILE A 996 -35.89 24.14 -24.17
CA ILE A 996 -35.72 22.67 -24.01
C ILE A 996 -36.85 21.88 -24.69
N MET A 997 -37.93 22.54 -25.13
CA MET A 997 -39.03 21.85 -25.86
C MET A 997 -39.70 22.82 -26.85
N PHE A 998 -40.64 22.33 -27.67
CA PHE A 998 -41.32 23.17 -28.68
C PHE A 998 -42.65 23.61 -28.10
N GLU A 999 -42.80 23.45 -26.78
CA GLU A 999 -44.11 23.76 -26.14
C GLU A 999 -44.52 25.17 -26.52
N PRO A 1000 -45.75 25.38 -27.03
CA PRO A 1000 -46.17 26.70 -27.47
C PRO A 1000 -46.72 27.48 -26.27
N ARG A 1001 -45.85 28.07 -25.47
CA ARG A 1001 -46.36 28.92 -24.37
C ARG A 1001 -47.11 30.07 -25.01
N ILE A 1002 -48.30 30.36 -24.50
CA ILE A 1002 -49.06 31.53 -25.03
C ILE A 1002 -48.20 32.77 -24.76
N PRO A 1003 -48.08 33.77 -25.65
CA PRO A 1003 -47.34 34.98 -25.31
C PRO A 1003 -48.01 35.67 -24.12
N THR A 1004 -47.21 36.29 -23.24
CA THR A 1004 -47.78 36.89 -22.04
C THR A 1004 -46.90 38.02 -21.53
N ILE A 1005 -47.53 38.97 -20.86
CA ILE A 1005 -46.82 40.17 -20.40
C ILE A 1005 -45.92 39.87 -19.21
N ALA A 1006 -46.25 38.84 -18.43
CA ALA A 1006 -45.49 38.56 -17.22
C ALA A 1006 -44.02 38.34 -17.50
N ASP A 1007 -43.64 38.12 -18.75
CA ASP A 1007 -42.26 37.88 -19.13
C ASP A 1007 -41.67 39.02 -19.94
N PHE A 1008 -42.24 40.22 -19.87
CA PHE A 1008 -41.80 41.32 -20.72
C PHE A 1008 -41.04 42.37 -19.92
N VAL A 1009 -40.37 43.25 -20.66
CA VAL A 1009 -39.58 44.34 -20.10
C VAL A 1009 -39.53 45.47 -21.12
N GLN A 1010 -39.30 46.68 -20.63
CA GLN A 1010 -39.22 47.85 -21.49
C GLN A 1010 -37.76 48.24 -21.70
N ILE A 1011 -37.43 48.62 -22.93
CA ILE A 1011 -36.11 49.14 -23.29
C ILE A 1011 -36.29 50.16 -24.40
N GLU A 1012 -35.67 51.33 -24.25
CA GLU A 1012 -35.94 52.46 -25.14
C GLU A 1012 -35.37 52.23 -26.53
N ASN A 1013 -34.05 52.03 -26.63
CA ASN A 1013 -33.37 52.10 -27.92
C ASN A 1013 -33.84 51.11 -28.96
N CYS A 1014 -34.51 51.63 -29.99
CA CYS A 1014 -35.09 50.79 -31.03
C CYS A 1014 -34.10 50.76 -32.19
N ASN A 1015 -33.68 49.58 -32.60
CA ASN A 1015 -33.00 49.43 -33.87
C ASN A 1015 -34.02 49.10 -34.94
N VAL A 1016 -34.12 49.97 -35.95
CA VAL A 1016 -35.21 49.92 -36.93
C VAL A 1016 -35.28 48.54 -37.56
N THR A 1017 -34.21 47.76 -37.42
CA THR A 1017 -34.16 46.42 -37.98
C THR A 1017 -35.03 45.43 -37.22
N PHE A 1018 -35.68 45.88 -36.15
CA PHE A 1018 -36.45 45.05 -35.24
C PHE A 1018 -37.95 45.30 -35.43
N VAL A 1019 -38.76 44.72 -34.55
CA VAL A 1019 -40.18 44.61 -34.81
C VAL A 1019 -40.81 45.97 -35.02
N ASN A 1020 -41.77 45.99 -35.91
CA ASN A 1020 -42.54 47.15 -36.28
C ASN A 1020 -43.94 46.93 -35.72
N ILE A 1021 -44.21 47.55 -34.58
CA ILE A 1021 -45.43 47.28 -33.82
C ILE A 1021 -45.66 48.48 -32.92
N SER A 1022 -46.91 48.89 -32.77
CA SER A 1022 -47.08 49.95 -31.80
C SER A 1022 -47.45 49.30 -30.47
N ARG A 1023 -47.51 50.12 -29.43
CA ARG A 1023 -47.88 49.55 -28.14
C ARG A 1023 -49.34 49.13 -28.12
N SER A 1024 -50.16 49.70 -28.99
CA SER A 1024 -51.55 49.27 -29.11
C SER A 1024 -51.66 47.88 -29.70
N GLU A 1025 -51.16 47.70 -30.93
CA GLU A 1025 -51.32 46.41 -31.58
C GLU A 1025 -50.40 45.34 -31.03
N LEU A 1026 -49.52 45.70 -30.10
CA LEU A 1026 -48.85 44.68 -29.31
C LEU A 1026 -49.88 43.74 -28.70
N GLN A 1027 -51.00 44.30 -28.23
CA GLN A 1027 -52.06 43.45 -27.70
C GLN A 1027 -52.63 42.53 -28.78
N THR A 1028 -52.67 43.02 -30.02
CA THR A 1028 -53.08 42.15 -31.12
C THR A 1028 -51.96 41.25 -31.57
N ILE A 1029 -50.72 41.58 -31.20
CA ILE A 1029 -49.58 40.73 -31.51
C ILE A 1029 -49.33 39.73 -30.39
N VAL A 1030 -49.33 40.22 -29.16
CA VAL A 1030 -49.15 39.38 -27.99
C VAL A 1030 -50.40 39.51 -27.12
N PRO A 1031 -50.99 38.41 -26.66
CA PRO A 1031 -52.21 38.51 -25.87
C PRO A 1031 -51.84 38.69 -24.41
N GLU A 1032 -51.27 39.86 -24.12
CA GLU A 1032 -50.80 40.16 -22.78
C GLU A 1032 -51.96 40.21 -21.80
N TYR A 1033 -53.09 40.76 -22.22
CA TYR A 1033 -54.25 40.88 -21.34
C TYR A 1033 -55.52 41.13 -22.17
N ILE B 48 -8.44 -7.60 48.19
CA ILE B 48 -7.88 -6.27 48.16
C ILE B 48 -8.95 -5.20 48.19
N PRO B 49 -8.80 -4.22 49.08
CA PRO B 49 -9.79 -3.15 49.15
C PRO B 49 -9.76 -2.33 47.88
N SER B 50 -10.94 -1.85 47.48
CA SER B 50 -10.95 -0.83 46.46
C SER B 50 -10.55 0.50 47.09
N ASP B 51 -9.92 1.35 46.31
CA ASP B 51 -9.47 2.66 46.73
C ASP B 51 -8.30 2.57 47.69
N PHE B 52 -7.69 1.40 47.81
CA PHE B 52 -6.51 1.24 48.66
C PHE B 52 -5.36 2.00 48.03
N ALA B 53 -4.77 2.93 48.78
CA ALA B 53 -3.72 3.77 48.21
C ALA B 53 -2.50 2.95 47.84
N PHE B 54 -2.18 1.91 48.60
CA PHE B 54 -1.04 1.03 48.38
C PHE B 54 0.20 1.77 47.92
N ASN B 55 0.40 2.98 48.45
CA ASN B 55 1.51 3.82 48.00
C ASN B 55 2.85 3.13 48.25
N ASN B 56 2.92 2.32 49.30
CA ASN B 56 4.16 1.61 49.59
C ASN B 56 4.37 0.49 48.59
N TRP B 57 3.32 -0.24 48.26
CA TRP B 57 3.37 -1.21 47.17
C TRP B 57 3.88 -0.50 45.94
N PHE B 58 4.44 -1.22 44.97
CA PHE B 58 4.91 -0.56 43.76
C PHE B 58 4.89 -1.54 42.59
N LEU B 59 5.21 -1.01 41.41
CA LEU B 59 5.27 -1.82 40.22
C LEU B 59 6.57 -2.62 40.20
N LEU B 60 6.58 -3.70 39.44
CA LEU B 60 7.77 -4.53 39.25
C LEU B 60 8.04 -4.70 37.78
N THR B 61 9.22 -4.28 37.34
CA THR B 61 9.56 -4.34 35.91
C THR B 61 10.96 -4.88 35.72
N ASN B 62 11.10 -5.86 34.82
CA ASN B 62 12.41 -6.40 34.50
C ASN B 62 13.26 -5.35 33.79
N THR B 63 12.68 -4.69 32.79
CA THR B 63 13.36 -3.69 31.98
C THR B 63 13.12 -2.29 32.52
N SER B 64 13.51 -1.29 31.74
CA SER B 64 13.31 0.08 32.14
C SER B 64 11.84 0.37 32.37
N SER B 65 11.55 1.03 33.47
CA SER B 65 10.17 1.31 33.85
C SER B 65 9.49 2.27 32.90
N VAL B 66 8.22 2.01 32.65
CA VAL B 66 7.38 2.94 31.93
C VAL B 66 6.84 3.98 32.91
N VAL B 67 6.32 5.07 32.36
CA VAL B 67 5.74 6.14 33.16
C VAL B 67 4.33 6.42 32.66
N ASP B 68 3.41 6.59 33.61
CA ASP B 68 2.02 7.02 33.35
C ASP B 68 1.28 6.18 32.30
N GLY B 69 1.41 4.86 32.41
CA GLY B 69 0.76 3.96 31.48
C GLY B 69 0.01 2.85 32.19
N VAL B 70 -0.87 2.21 31.42
CA VAL B 70 -1.66 1.07 31.87
C VAL B 70 -1.21 -0.16 31.09
N VAL B 71 -0.80 -1.20 31.82
CA VAL B 71 -0.34 -2.44 31.21
C VAL B 71 -0.92 -3.64 31.98
N ARG B 72 -1.44 -4.61 31.25
CA ARG B 72 -1.86 -5.88 31.83
C ARG B 72 -0.63 -6.74 32.10
N SER B 73 -0.54 -7.34 33.27
CA SER B 73 0.64 -8.15 33.56
C SER B 73 0.37 -9.13 34.71
N PHE B 74 1.29 -10.07 34.86
CA PHE B 74 1.24 -11.09 35.90
C PHE B 74 1.99 -10.61 37.12
N GLN B 75 1.28 -10.43 38.23
CA GLN B 75 1.91 -9.96 39.45
C GLN B 75 1.55 -10.86 40.62
N PRO B 76 2.38 -10.93 41.64
CA PRO B 76 1.97 -11.76 42.80
C PRO B 76 1.05 -10.93 43.67
N LEU B 77 -0.19 -10.82 43.20
CA LEU B 77 -1.20 -10.02 43.87
C LEU B 77 -2.31 -10.82 44.53
N LEU B 78 -2.25 -12.14 44.52
CA LEU B 78 -3.35 -12.84 45.17
C LEU B 78 -2.94 -12.92 46.64
N LEU B 79 -3.19 -11.81 47.33
CA LEU B 79 -2.82 -11.70 48.72
C LEU B 79 -3.45 -12.83 49.49
N ASN B 80 -2.65 -13.53 50.29
CA ASN B 80 -3.14 -14.68 51.02
C ASN B 80 -3.41 -14.33 52.47
N CYS B 81 -2.40 -13.83 53.17
CA CYS B 81 -2.54 -13.44 54.56
C CYS B 81 -1.96 -12.04 54.69
N LEU B 82 -2.73 -11.13 55.30
CA LEU B 82 -2.22 -9.77 55.46
C LEU B 82 -0.98 -9.77 56.33
N TRP B 83 -0.93 -10.64 57.32
CA TRP B 83 0.21 -10.74 58.22
C TRP B 83 0.57 -9.36 58.76
N SER B 84 -0.41 -8.78 59.45
CA SER B 84 -0.25 -7.43 59.96
C SER B 84 1.03 -7.32 60.78
N VAL B 85 1.74 -6.22 60.59
CA VAL B 85 3.02 -6.05 61.26
C VAL B 85 2.84 -6.12 62.77
N SER B 86 1.83 -5.44 63.29
CA SER B 86 1.55 -5.42 64.72
C SER B 86 2.81 -5.09 65.51
N GLY B 87 3.47 -4.00 65.13
CA GLY B 87 4.69 -3.61 65.80
C GLY B 87 5.78 -4.64 65.77
N LEU B 88 6.19 -5.09 64.58
CA LEU B 88 7.22 -6.11 64.49
C LEU B 88 8.45 -5.69 65.26
N ARG B 89 8.93 -6.59 66.11
CA ARG B 89 10.06 -6.35 66.97
C ARG B 89 11.36 -6.89 66.38
N PHE B 90 12.39 -6.96 67.22
CA PHE B 90 13.70 -7.42 66.81
C PHE B 90 13.67 -8.86 66.30
N THR B 91 12.90 -9.73 66.95
CA THR B 91 12.74 -11.13 66.55
C THR B 91 11.60 -11.26 65.55
N THR B 92 11.85 -10.82 64.31
CA THR B 92 10.76 -10.82 63.29
C THR B 92 10.21 -12.23 63.08
N GLY B 93 11.09 -13.19 62.77
CA GLY B 93 10.64 -14.58 62.55
C GLY B 93 10.99 -15.08 61.15
N PHE B 94 10.82 -16.38 60.90
CA PHE B 94 11.20 -16.98 59.59
C PHE B 94 9.96 -17.49 58.87
N VAL B 95 9.83 -17.18 57.58
CA VAL B 95 8.69 -17.67 56.77
C VAL B 95 9.16 -18.87 55.95
N TYR B 96 8.37 -19.94 55.91
CA TYR B 96 8.76 -21.18 55.20
C TYR B 96 7.85 -21.40 53.98
N PHE B 97 7.48 -20.33 53.29
CA PHE B 97 6.50 -20.44 52.17
C PHE B 97 5.21 -21.07 52.71
N ASN B 98 4.78 -20.61 53.89
CA ASN B 98 3.57 -21.16 54.54
C ASN B 98 2.60 -20.06 54.93
N GLY B 99 1.33 -20.43 55.11
CA GLY B 99 0.35 -19.44 55.57
C GLY B 99 0.55 -19.05 57.02
N THR B 100 1.69 -19.39 57.66
CA THR B 100 1.80 -18.89 59.02
C THR B 100 2.08 -17.40 59.01
N GLY B 101 1.02 -16.63 58.80
CA GLY B 101 1.05 -15.19 58.79
C GLY B 101 0.21 -14.60 59.90
N ARG B 102 0.72 -13.63 60.64
CA ARG B 102 -0.06 -13.01 61.72
C ARG B 102 -0.96 -11.98 61.07
N GLY B 103 -2.01 -12.45 60.39
CA GLY B 103 -2.86 -11.48 59.74
C GLY B 103 -4.25 -11.96 59.41
N ASP B 104 -5.11 -10.98 59.13
CA ASP B 104 -6.48 -11.21 58.70
C ASP B 104 -6.49 -11.63 57.25
N CYS B 105 -7.48 -12.44 56.88
CA CYS B 105 -7.53 -12.98 55.53
C CYS B 105 -8.42 -12.16 54.61
N LYS B 106 -9.13 -11.18 55.15
CA LYS B 106 -10.03 -10.30 54.39
C LYS B 106 -10.99 -11.08 53.49
N GLY B 107 -11.66 -12.07 54.07
CA GLY B 107 -12.69 -12.73 53.28
C GLY B 107 -12.16 -13.39 52.04
N PHE B 108 -12.55 -12.84 50.89
CA PHE B 108 -12.15 -13.42 49.61
C PHE B 108 -10.65 -13.60 49.52
N SER B 109 -10.24 -14.73 48.93
CA SER B 109 -8.84 -15.15 48.89
C SER B 109 -8.32 -15.29 50.32
N SER B 110 -9.11 -15.95 51.17
CA SER B 110 -8.74 -16.08 52.57
C SER B 110 -7.43 -16.82 52.76
N ASP B 111 -7.31 -18.03 52.20
CA ASP B 111 -6.06 -18.80 52.43
C ASP B 111 -5.79 -19.78 51.28
N VAL B 112 -4.56 -19.74 50.76
CA VAL B 112 -4.07 -20.64 49.67
C VAL B 112 -2.56 -20.83 49.84
N LEU B 113 -1.99 -21.87 49.24
CA LEU B 113 -0.52 -22.13 49.33
C LEU B 113 0.19 -20.84 48.92
N SER B 114 0.96 -20.23 49.84
CA SER B 114 1.59 -18.95 49.53
C SER B 114 2.74 -19.14 48.56
N ASP B 115 2.57 -18.61 47.35
CA ASP B 115 3.56 -18.72 46.30
C ASP B 115 4.66 -17.69 46.38
N VAL B 116 4.44 -16.55 47.04
CA VAL B 116 5.43 -15.48 47.05
C VAL B 116 5.47 -14.78 48.40
N ILE B 117 6.65 -14.25 48.73
CA ILE B 117 6.86 -13.44 49.92
C ILE B 117 7.52 -12.13 49.52
N ARG B 118 6.99 -11.02 50.00
CA ARG B 118 7.48 -9.68 49.72
C ARG B 118 7.70 -8.95 51.04
N TYR B 119 8.52 -7.90 51.03
CA TYR B 119 8.77 -7.13 52.25
C TYR B 119 8.45 -5.68 51.96
N ASN B 120 7.17 -5.36 51.93
CA ASN B 120 6.84 -3.96 51.80
C ASN B 120 7.12 -3.32 53.15
N LEU B 121 7.62 -2.09 53.14
CA LEU B 121 8.04 -1.42 54.35
C LEU B 121 7.20 -0.17 54.50
N ASN B 122 6.59 0.01 55.66
CA ASN B 122 5.85 1.24 55.94
C ASN B 122 6.42 1.84 57.21
N PHE B 123 7.28 2.83 57.07
CA PHE B 123 7.91 3.37 58.26
C PHE B 123 8.41 4.77 57.97
N GLU B 124 8.67 5.48 59.04
CA GLU B 124 9.17 6.83 58.98
C GLU B 124 10.65 6.82 58.64
N GLU B 125 11.18 8.00 58.39
CA GLU B 125 12.59 8.15 58.03
C GLU B 125 13.41 8.10 59.31
N ASN B 126 13.58 6.88 59.83
CA ASN B 126 14.33 6.67 61.06
C ASN B 126 15.27 5.49 60.89
N LEU B 127 16.39 5.54 61.61
CA LEU B 127 17.38 4.49 61.62
C LEU B 127 17.14 3.59 62.83
N ARG B 128 16.80 2.32 62.57
CA ARG B 128 16.60 1.30 63.59
C ARG B 128 17.69 0.24 63.49
N ARG B 129 18.38 -0.02 64.59
CA ARG B 129 19.46 -1.00 64.55
C ARG B 129 18.93 -2.35 64.09
N GLY B 130 19.62 -2.96 63.12
CA GLY B 130 19.14 -4.23 62.61
C GLY B 130 20.18 -5.00 61.82
N THR B 131 19.85 -6.26 61.57
CA THR B 131 20.66 -7.17 60.77
C THR B 131 19.76 -7.94 59.81
N ILE B 132 20.35 -8.45 58.75
CA ILE B 132 19.63 -9.26 57.76
C ILE B 132 20.30 -10.61 57.64
N LEU B 133 19.53 -11.68 57.79
CA LEU B 133 20.01 -13.05 57.65
C LEU B 133 19.13 -13.76 56.64
N PHE B 134 19.73 -14.49 55.70
CA PHE B 134 18.97 -15.17 54.66
C PHE B 134 19.21 -16.67 54.71
N LYS B 135 18.14 -17.46 54.67
CA LYS B 135 18.23 -18.91 54.65
C LYS B 135 17.79 -19.48 53.31
N THR B 136 18.65 -20.28 52.70
CA THR B 136 18.33 -20.83 51.38
C THR B 136 18.92 -22.23 51.27
N SER B 137 18.41 -22.97 50.28
CA SER B 137 18.80 -24.36 50.10
C SER B 137 20.30 -24.51 49.85
N TYR B 138 20.89 -23.63 49.05
CA TYR B 138 22.31 -23.76 48.78
C TYR B 138 23.10 -23.62 50.07
N GLY B 139 22.66 -22.74 50.95
CA GLY B 139 23.39 -22.46 52.17
C GLY B 139 23.00 -21.09 52.69
N VAL B 140 23.54 -20.78 53.86
CA VAL B 140 23.19 -19.54 54.53
C VAL B 140 23.82 -18.33 53.82
N VAL B 141 23.18 -17.18 54.01
CA VAL B 141 23.70 -15.91 53.54
C VAL B 141 23.67 -14.94 54.70
N VAL B 142 24.79 -14.27 54.92
CA VAL B 142 24.92 -13.27 55.99
C VAL B 142 25.21 -11.95 55.31
N PHE B 143 24.72 -10.87 55.89
CA PHE B 143 24.96 -9.55 55.32
C PHE B 143 25.63 -8.67 56.36
N TYR B 144 26.80 -8.17 56.00
CA TYR B 144 27.59 -7.28 56.81
C TYR B 144 27.30 -5.87 56.35
N CYS B 145 27.46 -4.91 57.25
CA CYS B 145 27.46 -3.53 56.80
C CYS B 145 28.24 -2.70 57.79
N THR B 146 28.59 -1.50 57.36
CA THR B 146 29.30 -0.55 58.21
C THR B 146 28.86 0.86 57.86
N ASN B 147 28.08 1.49 58.73
CA ASN B 147 27.72 2.87 58.45
C ASN B 147 28.97 3.73 58.41
N ASN B 148 29.88 3.52 59.34
CA ASN B 148 31.15 4.23 59.30
C ASN B 148 31.97 3.76 58.11
N THR B 149 32.90 4.61 57.68
CA THR B 149 33.70 4.33 56.49
C THR B 149 34.45 3.01 56.59
N LEU B 150 34.90 2.63 57.79
CA LEU B 150 35.65 1.38 57.96
C LEU B 150 34.83 0.20 57.47
N VAL B 151 35.52 -0.77 56.87
CA VAL B 151 34.83 -1.92 56.27
C VAL B 151 34.01 -2.64 57.32
N SER B 152 34.60 -2.95 58.46
CA SER B 152 33.83 -3.51 59.56
C SER B 152 32.88 -2.47 60.12
N GLY B 153 33.42 -1.29 60.43
CA GLY B 153 32.60 -0.18 60.88
C GLY B 153 31.60 -0.54 61.96
N ASP B 154 30.37 -0.11 61.76
CA ASP B 154 29.24 -0.43 62.64
C ASP B 154 28.21 -1.22 61.85
N ALA B 155 27.85 -2.38 62.38
CA ALA B 155 27.04 -3.38 61.67
C ALA B 155 25.54 -3.03 61.75
N HIS B 156 25.17 -2.02 60.98
CA HIS B 156 23.76 -1.64 60.85
C HIS B 156 23.42 -1.24 59.43
N ILE B 157 22.34 -1.80 58.92
CA ILE B 157 21.82 -1.42 57.62
C ILE B 157 21.07 -0.10 57.83
N PRO B 158 21.24 0.90 56.97
CA PRO B 158 20.50 2.14 57.14
C PRO B 158 19.02 1.93 56.85
N PHE B 159 18.17 2.52 57.69
CA PHE B 159 16.74 2.40 57.57
C PHE B 159 16.15 3.75 57.20
N GLY B 160 15.31 3.77 56.19
CA GLY B 160 14.80 5.02 55.72
C GLY B 160 15.76 5.66 54.73
N THR B 161 15.73 6.99 54.65
CA THR B 161 16.59 7.72 53.69
C THR B 161 18.07 7.60 54.05
N VAL B 162 18.96 7.81 53.07
CA VAL B 162 20.43 7.68 53.29
C VAL B 162 21.12 8.48 52.19
N PHE B 166 29.15 4.26 55.05
CA PHE B 166 28.43 3.07 54.61
C PHE B 166 29.17 2.21 53.59
N TYR B 167 29.80 1.14 54.08
CA TYR B 167 30.42 0.10 53.26
C TYR B 167 29.77 -1.18 53.74
N CYS B 168 28.99 -1.84 52.89
CA CYS B 168 28.35 -3.07 53.32
C CYS B 168 28.83 -4.21 52.43
N PHE B 169 28.74 -5.42 52.97
CA PHE B 169 29.23 -6.62 52.31
C PHE B 169 28.25 -7.76 52.54
N VAL B 170 28.41 -8.82 51.78
CA VAL B 170 27.61 -10.03 51.98
C VAL B 170 28.51 -11.24 51.89
N ASN B 171 28.30 -12.21 52.76
CA ASN B 171 28.97 -13.50 52.68
C ASN B 171 27.93 -14.58 52.40
N THR B 172 28.05 -15.22 51.25
CA THR B 172 27.16 -16.29 50.83
C THR B 172 27.95 -17.58 50.89
N THR B 173 27.45 -18.56 51.64
CA THR B 173 28.14 -19.83 51.74
C THR B 173 27.40 -20.88 50.92
N ILE B 174 28.10 -21.47 49.97
CA ILE B 174 27.55 -22.49 49.08
C ILE B 174 28.34 -23.76 49.30
N GLY B 175 27.64 -24.85 49.58
CA GLY B 175 28.36 -26.05 49.94
C GLY B 175 29.20 -25.74 51.14
N ASN B 176 30.48 -26.04 51.06
CA ASN B 176 31.42 -25.74 52.13
C ASN B 176 32.25 -24.50 51.82
N GLU B 177 31.93 -23.79 50.74
CA GLU B 177 32.70 -22.63 50.32
C GLU B 177 31.90 -21.36 50.61
N THR B 178 32.57 -20.39 51.20
CA THR B 178 32.00 -19.08 51.51
C THR B 178 32.58 -18.03 50.60
N THR B 179 31.73 -17.21 49.99
CA THR B 179 32.17 -16.14 49.12
C THR B 179 31.63 -14.83 49.69
N SER B 180 32.25 -13.72 49.30
CA SER B 180 31.87 -12.41 49.80
C SER B 180 31.38 -11.50 48.70
N ALA B 181 30.21 -10.88 48.91
CA ALA B 181 29.60 -9.95 47.97
C ALA B 181 29.63 -8.54 48.51
N PHE B 182 30.06 -7.60 47.66
CA PHE B 182 30.12 -6.18 48.01
C PHE B 182 28.75 -5.53 47.85
N VAL B 183 28.36 -4.70 48.82
CA VAL B 183 27.10 -3.99 48.67
C VAL B 183 27.17 -3.00 47.53
N GLY B 184 28.31 -2.33 47.35
CA GLY B 184 28.41 -1.35 46.29
C GLY B 184 27.49 -0.17 46.52
N ALA B 185 26.62 0.10 45.54
CA ALA B 185 25.73 1.25 45.62
C ALA B 185 24.88 1.23 46.87
N LEU B 186 24.75 2.40 47.51
CA LEU B 186 23.95 2.50 48.72
C LEU B 186 22.58 3.05 48.42
N PRO B 187 21.53 2.35 48.81
CA PRO B 187 20.17 2.80 48.51
C PRO B 187 19.86 4.14 49.14
N LYS B 188 19.22 5.02 48.37
CA LYS B 188 18.82 6.29 48.93
C LYS B 188 17.81 6.06 50.03
N THR B 189 16.77 5.30 49.72
CA THR B 189 15.74 4.88 50.65
C THR B 189 15.06 3.66 50.05
N VAL B 190 14.79 2.67 50.89
CA VAL B 190 14.10 1.46 50.47
C VAL B 190 12.71 1.50 51.09
N ARG B 191 11.69 1.57 50.25
CA ARG B 191 10.32 1.57 50.73
C ARG B 191 9.62 0.26 50.47
N GLU B 192 10.12 -0.54 49.54
CA GLU B 192 9.54 -1.84 49.24
C GLU B 192 10.68 -2.75 48.80
N PHE B 193 10.73 -3.93 49.39
CA PHE B 193 11.69 -4.97 49.08
C PHE B 193 10.96 -6.16 48.50
N VAL B 194 11.66 -6.97 47.72
CA VAL B 194 11.00 -8.10 47.08
C VAL B 194 12.05 -9.10 46.64
N ILE B 195 11.70 -10.38 46.78
CA ILE B 195 12.50 -11.50 46.35
C ILE B 195 11.55 -12.66 46.16
N SER B 196 11.85 -13.54 45.22
CA SER B 196 10.92 -14.64 44.98
C SER B 196 11.52 -15.96 45.42
N ARG B 197 10.68 -16.99 45.38
CA ARG B 197 11.19 -18.34 45.48
C ARG B 197 12.11 -18.64 44.32
N THR B 198 11.64 -18.34 43.11
CA THR B 198 12.46 -18.55 41.90
C THR B 198 13.74 -17.74 42.05
N GLY B 199 13.77 -16.83 43.02
CA GLY B 199 15.01 -16.07 43.31
C GLY B 199 15.16 -14.74 42.58
N HIS B 200 14.23 -14.33 41.72
CA HIS B 200 14.36 -12.98 41.10
C HIS B 200 14.30 -11.89 42.18
N PHE B 201 15.20 -10.92 42.14
CA PHE B 201 15.19 -9.80 43.13
C PHE B 201 15.01 -8.47 42.40
N TYR B 202 13.92 -7.76 42.69
CA TYR B 202 13.69 -6.43 42.07
C TYR B 202 13.49 -5.43 43.20
N ILE B 203 14.21 -4.32 43.18
CA ILE B 203 13.90 -3.25 44.17
C ILE B 203 13.32 -2.10 43.36
N ASN B 204 12.01 -1.92 43.39
CA ASN B 204 11.36 -0.90 42.55
C ASN B 204 11.69 -1.16 41.07
N GLY B 205 11.78 -2.43 40.65
CA GLY B 205 12.01 -2.78 39.23
C GLY B 205 13.48 -2.99 38.90
N TYR B 206 13.86 -3.06 37.61
CA TYR B 206 15.28 -3.12 37.25
C TYR B 206 16.03 -4.12 38.12
N ARG B 207 15.48 -5.33 38.19
CA ARG B 207 16.03 -6.43 38.95
C ARG B 207 17.53 -6.54 38.77
N TYR B 208 18.26 -6.50 39.89
CA TYR B 208 19.71 -6.61 39.80
C TYR B 208 20.13 -7.99 39.33
N PHE B 209 19.51 -9.05 39.85
CA PHE B 209 19.90 -10.41 39.53
C PHE B 209 18.78 -11.35 39.97
N THR B 210 19.09 -12.65 40.03
CA THR B 210 18.14 -13.66 40.44
C THR B 210 18.90 -14.85 40.99
N LEU B 211 18.35 -15.46 42.04
CA LEU B 211 19.00 -16.56 42.71
C LEU B 211 18.34 -17.89 42.31
N GLY B 212 18.85 -18.97 42.89
CA GLY B 212 18.25 -20.27 42.69
C GLY B 212 16.91 -20.47 43.37
N ASN B 213 16.93 -20.60 44.71
CA ASN B 213 15.71 -20.68 45.50
C ASN B 213 16.06 -20.30 46.94
N VAL B 214 15.07 -20.41 47.83
CA VAL B 214 15.20 -19.94 49.21
C VAL B 214 14.29 -20.75 50.12
N GLU B 215 14.61 -20.78 51.42
CA GLU B 215 13.82 -21.52 52.39
C GLU B 215 13.20 -20.62 53.45
N ALA B 216 13.97 -19.70 54.04
CA ALA B 216 13.46 -18.87 55.12
C ALA B 216 14.15 -17.51 55.06
N VAL B 217 13.71 -16.61 55.92
CA VAL B 217 14.24 -15.25 55.95
C VAL B 217 14.02 -14.68 57.34
N ASN B 218 14.78 -13.65 57.70
CA ASN B 218 14.59 -12.96 58.96
C ASN B 218 14.77 -11.46 58.76
N PHE B 219 13.82 -10.70 59.29
CA PHE B 219 13.86 -9.24 59.25
C PHE B 219 14.30 -8.68 60.60
N ASN B 220 15.60 -8.81 60.85
CA ASN B 220 16.17 -8.61 62.17
C ASN B 220 16.27 -7.12 62.49
N VAL B 221 15.10 -6.52 62.70
CA VAL B 221 14.97 -5.08 62.91
C VAL B 221 14.46 -4.82 64.31
N THR B 222 15.22 -4.05 65.08
CA THR B 222 14.79 -3.61 66.41
C THR B 222 14.01 -2.31 66.26
N THR B 223 12.76 -2.31 66.70
CA THR B 223 11.86 -1.20 66.42
C THR B 223 11.68 -0.37 67.68
N ALA B 224 12.22 0.84 67.67
CA ALA B 224 11.96 1.78 68.76
C ALA B 224 10.57 2.35 68.67
N GLU B 225 10.15 2.74 67.47
CA GLU B 225 8.83 3.30 67.27
C GLU B 225 7.76 2.24 67.45
N THR B 226 6.67 2.60 68.13
CA THR B 226 5.57 1.65 68.30
C THR B 226 4.79 1.49 67.01
N THR B 227 4.53 2.58 66.31
CA THR B 227 3.88 2.53 65.01
C THR B 227 4.97 2.28 63.96
N ASP B 228 5.52 1.06 64.02
CA ASP B 228 6.61 0.72 63.13
C ASP B 228 6.12 0.50 61.71
N PHE B 229 5.06 -0.29 61.55
CA PHE B 229 4.51 -0.60 60.25
C PHE B 229 3.02 -0.82 60.41
N CYS B 230 2.31 -0.78 59.30
CA CYS B 230 0.91 -1.21 59.32
C CYS B 230 0.78 -2.70 59.03
N THR B 231 1.59 -3.24 58.12
CA THR B 231 1.44 -4.63 57.70
C THR B 231 2.59 -5.03 56.79
N VAL B 232 2.91 -6.33 56.82
CA VAL B 232 3.89 -6.94 55.93
C VAL B 232 3.45 -8.39 55.69
N ALA B 233 3.15 -8.74 54.44
CA ALA B 233 2.31 -9.88 54.11
C ALA B 233 3.02 -10.90 53.22
N LEU B 234 2.36 -12.04 53.06
CA LEU B 234 2.66 -13.04 52.03
C LEU B 234 1.53 -12.99 51.01
N ALA B 235 1.77 -13.58 49.85
CA ALA B 235 0.78 -13.44 48.77
C ALA B 235 1.09 -14.45 47.70
N SER B 236 0.25 -14.47 46.66
CA SER B 236 0.42 -15.43 45.59
C SER B 236 0.29 -14.74 44.23
N TYR B 237 0.79 -15.45 43.22
CA TYR B 237 0.73 -14.93 41.87
C TYR B 237 -0.72 -14.71 41.43
N ALA B 238 -0.86 -13.98 40.33
CA ALA B 238 -2.12 -13.74 39.67
C ALA B 238 -1.81 -13.04 38.36
N ASP B 239 -2.86 -12.74 37.61
CA ASP B 239 -2.78 -11.84 36.47
C ASP B 239 -3.74 -10.69 36.73
N VAL B 240 -3.25 -9.47 36.53
CA VAL B 240 -4.01 -8.25 36.79
C VAL B 240 -3.67 -7.24 35.71
N LEU B 241 -4.17 -6.03 35.88
CA LEU B 241 -3.78 -4.91 35.05
C LEU B 241 -3.36 -3.79 35.99
N VAL B 242 -2.66 -2.80 35.45
CA VAL B 242 -2.09 -1.74 36.28
C VAL B 242 -2.18 -0.42 35.55
N ASN B 243 -2.67 0.58 36.25
CA ASN B 243 -2.65 1.98 35.83
C ASN B 243 -1.75 2.75 36.76
N VAL B 244 -0.60 3.22 36.27
CA VAL B 244 0.26 4.08 37.06
C VAL B 244 0.49 5.36 36.28
N SER B 245 0.52 6.48 36.97
CA SER B 245 0.62 7.79 36.34
C SER B 245 1.66 8.59 37.09
N GLN B 246 2.66 9.07 36.36
CA GLN B 246 3.66 9.99 36.89
C GLN B 246 4.28 9.48 38.18
N THR B 247 4.61 8.19 38.20
CA THR B 247 5.16 7.48 39.34
C THR B 247 4.17 7.18 40.44
N SER B 248 2.87 7.33 40.20
CA SER B 248 1.90 7.01 41.23
C SER B 248 0.85 6.07 40.68
N ILE B 249 0.66 4.94 41.35
CA ILE B 249 -0.32 3.98 40.89
C ILE B 249 -1.71 4.51 41.20
N ALA B 250 -2.66 4.21 40.32
CA ALA B 250 -4.03 4.66 40.49
C ALA B 250 -4.95 3.55 40.98
N ASN B 251 -4.94 2.42 40.31
CA ASN B 251 -5.87 1.34 40.64
C ASN B 251 -5.47 0.11 39.84
N ILE B 252 -6.21 -0.99 40.04
CA ILE B 252 -6.01 -2.22 39.29
C ILE B 252 -7.34 -2.94 39.13
N ILE B 253 -7.37 -3.89 38.20
CA ILE B 253 -8.55 -4.68 37.87
C ILE B 253 -8.14 -6.15 37.82
N TYR B 254 -8.66 -6.95 38.75
CA TYR B 254 -8.54 -8.39 38.59
C TYR B 254 -9.25 -8.84 37.32
N CYS B 255 -8.70 -9.87 36.68
CA CYS B 255 -9.20 -10.37 35.41
C CYS B 255 -9.93 -11.70 35.63
N ASN B 256 -11.07 -11.63 36.33
CA ASN B 256 -11.84 -12.84 36.62
C ASN B 256 -13.15 -12.94 35.85
N SER B 257 -13.97 -11.89 35.87
CA SER B 257 -15.29 -11.97 35.26
C SER B 257 -15.17 -11.95 33.75
N VAL B 258 -16.28 -12.19 33.07
CA VAL B 258 -16.29 -12.03 31.63
C VAL B 258 -16.06 -10.56 31.28
N ILE B 259 -16.79 -9.68 31.96
CA ILE B 259 -16.60 -8.26 31.73
C ILE B 259 -15.18 -7.86 32.03
N ASN B 260 -14.65 -8.31 33.17
CA ASN B 260 -13.30 -7.90 33.51
C ASN B 260 -12.28 -8.59 32.64
N ARG B 261 -12.66 -9.70 32.02
CA ARG B 261 -11.77 -10.42 31.13
C ARG B 261 -11.61 -9.63 29.85
N LEU B 262 -12.73 -9.32 29.21
CA LEU B 262 -12.70 -8.53 27.99
C LEU B 262 -12.11 -7.16 28.27
N ARG B 263 -12.42 -6.59 29.43
CA ARG B 263 -11.87 -5.28 29.79
C ARG B 263 -10.36 -5.34 29.90
N CYS B 264 -9.83 -6.41 30.49
CA CYS B 264 -8.39 -6.57 30.53
C CYS B 264 -7.84 -6.66 29.12
N ASP B 265 -8.54 -7.39 28.25
CA ASP B 265 -8.12 -7.41 26.86
C ASP B 265 -8.20 -6.01 26.24
N GLN B 266 -9.17 -5.20 26.67
CA GLN B 266 -9.25 -3.85 26.17
C GLN B 266 -8.12 -2.97 26.65
N LEU B 267 -7.32 -3.44 27.61
CA LEU B 267 -6.18 -2.70 28.11
C LEU B 267 -6.64 -1.34 28.62
N SER B 268 -7.77 -1.33 29.30
CA SER B 268 -8.33 -0.10 29.83
C SER B 268 -9.36 -0.48 30.88
N PHE B 269 -10.05 0.54 31.39
CA PHE B 269 -11.15 0.38 32.32
C PHE B 269 -12.44 0.76 31.64
N ASP B 270 -13.55 0.25 32.18
CA ASP B 270 -14.91 0.62 31.75
C ASP B 270 -15.07 0.65 30.23
N VAL B 271 -14.78 -0.50 29.62
CA VAL B 271 -14.84 -0.63 28.16
C VAL B 271 -16.19 -0.14 27.65
N PRO B 272 -16.26 0.71 26.59
CA PRO B 272 -17.53 1.25 26.11
C PRO B 272 -18.45 0.15 25.56
N ASP B 273 -19.75 0.44 25.46
CA ASP B 273 -20.74 -0.56 24.99
C ASP B 273 -20.52 -0.87 23.50
N GLY B 274 -20.67 -2.13 23.09
CA GLY B 274 -20.44 -2.51 21.68
C GLY B 274 -20.44 -4.02 21.48
N PHE B 275 -20.04 -4.48 20.28
CA PHE B 275 -19.95 -5.93 19.99
C PHE B 275 -18.48 -6.33 19.90
N TYR B 276 -18.08 -7.36 20.63
CA TYR B 276 -16.64 -7.76 20.66
C TYR B 276 -16.53 -9.28 20.48
N SER B 277 -15.39 -9.76 19.98
CA SER B 277 -15.26 -11.21 19.68
C SER B 277 -14.61 -11.96 20.83
N THR B 278 -15.20 -13.08 21.26
CA THR B 278 -14.60 -13.89 22.29
C THR B 278 -14.64 -15.33 21.82
N SER B 279 -13.61 -16.09 22.17
CA SER B 279 -13.54 -17.53 21.91
C SER B 279 -13.29 -18.16 23.27
N PRO B 280 -14.34 -18.54 23.98
CA PRO B 280 -14.19 -19.06 25.35
C PRO B 280 -14.00 -20.57 25.41
N ILE B 281 -13.83 -21.24 24.27
CA ILE B 281 -13.77 -22.68 24.26
C ILE B 281 -12.68 -23.16 25.21
N GLN B 282 -13.04 -24.15 26.01
CA GLN B 282 -12.12 -24.77 26.95
C GLN B 282 -10.93 -25.38 26.22
N SER B 283 -9.74 -25.13 26.76
CA SER B 283 -8.51 -25.68 26.23
C SER B 283 -8.14 -27.00 26.88
N VAL B 284 -9.03 -27.55 27.72
CA VAL B 284 -8.75 -28.82 28.41
C VAL B 284 -8.47 -29.89 27.39
N GLU B 285 -7.39 -30.64 27.61
CA GLU B 285 -7.01 -31.71 26.70
C GLU B 285 -8.09 -32.78 26.66
N LEU B 286 -8.37 -33.26 25.46
CA LEU B 286 -9.37 -34.29 25.19
C LEU B 286 -8.77 -35.37 24.31
N PRO B 287 -9.39 -36.55 24.28
CA PRO B 287 -8.88 -37.63 23.44
C PRO B 287 -8.88 -37.18 21.99
N VAL B 288 -7.80 -37.49 21.30
CA VAL B 288 -7.62 -37.08 19.92
C VAL B 288 -7.64 -38.32 19.03
N SER B 289 -8.65 -38.40 18.18
CA SER B 289 -8.80 -39.51 17.26
C SER B 289 -7.81 -39.41 16.09
N ILE B 290 -7.34 -40.57 15.63
CA ILE B 290 -6.36 -40.65 14.56
C ILE B 290 -6.97 -41.41 13.37
N VAL B 291 -6.83 -40.86 12.18
CA VAL B 291 -7.19 -41.53 10.93
C VAL B 291 -5.93 -41.65 10.08
N SER B 292 -5.62 -42.85 9.61
CA SER B 292 -4.41 -43.07 8.85
C SER B 292 -4.69 -43.94 7.63
N LEU B 293 -3.71 -44.00 6.73
CA LEU B 293 -3.69 -44.77 5.49
C LEU B 293 -3.13 -46.17 5.75
N PRO B 294 -3.76 -47.23 5.26
CA PRO B 294 -3.31 -48.58 5.59
C PRO B 294 -1.93 -48.90 5.03
N VAL B 295 -1.03 -49.34 5.92
CA VAL B 295 0.29 -49.84 5.52
C VAL B 295 0.85 -50.66 6.68
N TYR B 296 1.46 -51.81 6.36
CA TYR B 296 2.04 -52.63 7.43
C TYR B 296 3.31 -51.96 7.91
N HIS B 297 3.31 -51.56 9.18
CA HIS B 297 4.38 -50.70 9.67
C HIS B 297 5.67 -51.47 9.84
N LYS B 298 6.68 -51.10 9.06
CA LYS B 298 7.98 -51.64 9.35
C LYS B 298 8.58 -50.84 10.50
N HIS B 299 9.50 -51.45 11.22
CA HIS B 299 10.04 -50.85 12.43
C HIS B 299 11.06 -49.79 12.05
N THR B 300 10.63 -48.52 12.09
CA THR B 300 11.46 -47.38 11.76
C THR B 300 11.38 -46.36 12.88
N PHE B 301 11.76 -46.79 14.09
CA PHE B 301 11.73 -45.95 15.28
C PHE B 301 13.15 -45.73 15.80
N ILE B 302 13.51 -44.47 15.95
CA ILE B 302 14.82 -44.11 16.50
C ILE B 302 14.77 -44.34 18.00
N VAL B 303 15.90 -44.81 18.55
CA VAL B 303 16.08 -45.02 19.98
C VAL B 303 17.41 -44.39 20.41
N LEU B 304 17.58 -44.19 21.71
CA LEU B 304 18.80 -43.57 22.19
C LEU B 304 19.22 -44.15 23.54
N TYR B 305 20.53 -44.12 23.78
CA TYR B 305 21.16 -44.47 25.05
C TYR B 305 22.18 -43.39 25.38
N VAL B 306 22.62 -43.36 26.64
CA VAL B 306 23.65 -42.43 27.08
C VAL B 306 24.36 -43.02 28.30
N ASP B 307 25.60 -42.59 28.52
CA ASP B 307 26.38 -42.96 29.71
C ASP B 307 26.93 -41.68 30.32
N PHE B 308 26.43 -41.34 31.49
CA PHE B 308 26.80 -40.12 32.21
C PHE B 308 27.59 -40.47 33.48
N LYS B 309 28.90 -40.25 33.45
CA LYS B 309 29.70 -40.56 34.62
C LYS B 309 29.21 -39.69 35.76
N PRO B 310 28.86 -40.27 36.90
CA PRO B 310 28.24 -39.47 37.98
C PRO B 310 29.17 -38.70 38.92
N GLN B 311 29.75 -37.61 38.45
CA GLN B 311 30.46 -36.75 39.38
C GLN B 311 29.44 -35.98 40.21
N SER B 312 29.80 -35.68 41.47
CA SER B 312 28.86 -35.11 42.42
C SER B 312 28.20 -33.84 41.88
N GLY B 313 26.88 -33.87 41.80
CA GLY B 313 26.00 -32.83 41.33
C GLY B 313 25.69 -31.77 42.36
N GLY B 314 26.47 -31.73 43.45
CA GLY B 314 26.32 -30.73 44.46
C GLY B 314 27.19 -29.52 44.17
N GLY B 315 27.24 -28.60 45.13
CA GLY B 315 27.98 -27.35 44.92
C GLY B 315 29.42 -27.58 44.51
N LYS B 316 30.09 -28.54 45.14
CA LYS B 316 31.54 -28.75 44.90
C LYS B 316 31.83 -29.57 43.64
N CYS B 317 31.35 -29.18 42.47
CA CYS B 317 31.81 -29.94 41.28
C CYS B 317 33.00 -29.20 40.69
N PHE B 318 34.12 -29.12 41.41
CA PHE B 318 35.33 -28.45 40.86
C PHE B 318 35.79 -29.28 39.66
N ASN B 319 35.86 -30.60 39.88
CA ASN B 319 36.27 -31.59 38.85
C ASN B 319 35.06 -32.51 38.61
N CYS B 320 34.32 -32.21 37.56
CA CYS B 320 33.10 -32.96 37.31
C CYS B 320 33.15 -33.51 35.90
N TYR B 321 32.91 -34.82 35.80
CA TYR B 321 33.07 -35.59 34.58
C TYR B 321 32.14 -35.16 33.45
N PRO B 322 32.56 -35.44 32.22
CA PRO B 322 31.68 -35.24 31.07
C PRO B 322 30.88 -36.52 30.85
N ALA B 323 30.12 -36.61 29.77
CA ALA B 323 29.28 -37.77 29.52
C ALA B 323 29.38 -38.17 28.05
N GLY B 324 29.27 -39.48 27.81
CA GLY B 324 29.31 -39.98 26.46
C GLY B 324 28.09 -40.82 26.13
N VAL B 325 27.36 -40.39 25.11
CA VAL B 325 26.13 -41.03 24.70
C VAL B 325 26.42 -41.97 23.53
N ASN B 326 25.71 -43.09 23.53
CA ASN B 326 25.79 -44.10 22.49
C ASN B 326 24.42 -44.22 21.81
N ILE B 327 24.39 -43.96 20.51
CA ILE B 327 23.15 -43.99 19.74
C ILE B 327 22.56 -45.38 19.72
N THR B 328 21.25 -45.48 19.99
CA THR B 328 20.53 -46.74 20.00
C THR B 328 19.53 -46.89 18.85
N LEU B 329 19.52 -45.96 17.90
CA LEU B 329 18.55 -46.04 16.81
C LEU B 329 18.74 -47.30 15.97
N ALA B 330 19.97 -47.66 15.67
CA ALA B 330 20.26 -48.83 14.85
C ALA B 330 21.73 -49.17 15.03
N ASN B 331 22.15 -50.24 14.38
CA ASN B 331 23.54 -50.66 14.47
C ASN B 331 24.30 -49.89 13.40
N PHE B 332 25.53 -49.52 13.73
CA PHE B 332 26.36 -48.72 12.85
C PHE B 332 27.53 -49.53 12.33
N ASN B 333 27.66 -49.58 11.01
CA ASN B 333 28.84 -50.10 10.36
C ASN B 333 29.60 -48.91 9.81
N GLU B 334 30.88 -48.83 10.16
CA GLU B 334 31.66 -47.64 9.84
C GLU B 334 31.90 -47.47 8.35
N THR B 335 31.57 -48.46 7.53
CA THR B 335 31.71 -48.29 6.08
C THR B 335 30.97 -47.04 5.61
N LYS B 336 29.66 -47.03 5.76
CA LYS B 336 28.84 -45.87 5.45
C LYS B 336 28.37 -45.24 6.75
N GLY B 337 28.72 -43.98 6.95
CA GLY B 337 28.34 -43.24 8.12
C GLY B 337 26.85 -43.03 8.29
N PRO B 338 26.16 -42.60 7.24
CA PRO B 338 24.72 -42.38 7.36
C PRO B 338 23.93 -43.68 7.37
N LEU B 339 22.85 -43.66 8.15
CA LEU B 339 21.93 -44.79 8.22
C LEU B 339 20.84 -44.59 7.17
N CYS B 340 19.83 -45.45 7.17
CA CYS B 340 18.76 -45.33 6.19
C CYS B 340 17.45 -45.76 6.83
N VAL B 341 16.39 -45.76 6.04
CA VAL B 341 15.05 -46.11 6.49
C VAL B 341 14.65 -47.41 5.83
N ASP B 342 14.11 -48.34 6.62
CA ASP B 342 13.71 -49.63 6.08
C ASP B 342 12.60 -49.43 5.05
N THR B 343 11.61 -48.64 5.40
CA THR B 343 10.44 -48.41 4.56
C THR B 343 9.78 -47.13 5.05
N SER B 344 8.73 -46.72 4.36
CA SER B 344 8.00 -45.52 4.73
C SER B 344 7.06 -45.86 5.87
N HIS B 345 7.48 -45.57 7.10
CA HIS B 345 6.62 -45.86 8.22
C HIS B 345 6.82 -44.79 9.28
N PHE B 346 5.90 -44.76 10.22
CA PHE B 346 5.83 -43.73 11.24
C PHE B 346 6.34 -44.31 12.55
N THR B 347 7.52 -43.86 13.01
CA THR B 347 7.97 -44.24 14.35
C THR B 347 9.16 -43.40 14.79
N THR B 348 9.18 -42.99 16.06
CA THR B 348 10.31 -42.30 16.68
C THR B 348 10.19 -42.38 18.20
N LYS B 349 11.32 -42.59 18.91
CA LYS B 349 11.30 -42.69 20.35
C LYS B 349 12.62 -42.14 20.91
N TYR B 350 12.59 -41.65 22.15
CA TYR B 350 13.79 -41.17 22.82
C TYR B 350 13.91 -41.77 24.20
N VAL B 351 15.04 -42.38 24.47
CA VAL B 351 15.33 -43.00 25.76
C VAL B 351 16.64 -42.42 26.30
N ALA B 352 16.65 -42.09 27.59
CA ALA B 352 17.85 -41.58 28.22
C ALA B 352 17.77 -41.82 29.71
N VAL B 353 18.93 -41.79 30.38
CA VAL B 353 19.00 -41.94 31.83
C VAL B 353 19.66 -40.68 32.42
N TYR B 354 18.93 -39.99 33.29
CA TYR B 354 19.42 -38.79 33.95
C TYR B 354 19.43 -38.86 35.47
N ALA B 355 18.93 -39.94 36.07
CA ALA B 355 18.84 -40.03 37.53
C ALA B 355 20.17 -40.54 38.07
N ASN B 356 21.18 -39.70 37.91
CA ASN B 356 22.54 -39.98 38.33
C ASN B 356 23.10 -38.98 39.34
N VAL B 357 22.61 -37.75 39.37
CA VAL B 357 23.15 -36.72 40.25
C VAL B 357 22.03 -36.02 40.99
N GLY B 358 22.39 -35.43 42.14
CA GLY B 358 21.39 -34.77 42.96
C GLY B 358 20.72 -33.61 42.25
N ARG B 359 21.49 -32.81 41.52
CA ARG B 359 20.95 -31.67 40.80
C ARG B 359 21.44 -31.73 39.36
N TRP B 360 20.84 -32.62 38.57
CA TRP B 360 21.28 -32.73 37.20
C TRP B 360 20.12 -32.98 36.25
N SER B 361 20.18 -32.32 35.10
CA SER B 361 19.26 -32.58 33.99
C SER B 361 20.06 -32.47 32.71
N ALA B 362 19.78 -33.33 31.74
CA ALA B 362 20.43 -33.27 30.44
C ALA B 362 19.38 -33.14 29.36
N SER B 363 19.57 -32.20 28.44
CA SER B 363 18.57 -31.99 27.41
C SER B 363 19.18 -31.38 26.15
N ILE B 364 18.41 -31.49 25.07
CA ILE B 364 18.77 -30.93 23.76
C ILE B 364 17.59 -30.09 23.29
N ASN B 365 17.88 -28.89 22.78
CA ASN B 365 16.77 -28.10 22.27
C ASN B 365 16.70 -28.20 20.76
N THR B 366 17.59 -27.49 20.09
CA THR B 366 17.65 -27.50 18.64
C THR B 366 18.99 -26.96 18.21
N GLY B 367 19.53 -27.53 17.15
CA GLY B 367 20.77 -26.99 16.65
C GLY B 367 20.48 -26.02 15.53
N ASN B 368 20.88 -26.39 14.32
CA ASN B 368 20.67 -25.54 13.16
C ASN B 368 19.59 -26.08 12.24
N CYS B 369 18.79 -27.03 12.69
CA CYS B 369 17.73 -27.54 11.83
C CYS B 369 16.38 -27.32 12.48
N PRO B 370 15.33 -27.12 11.69
CA PRO B 370 14.03 -26.78 12.27
C PRO B 370 13.40 -27.88 13.08
N PHE B 371 13.41 -29.12 12.61
CA PHE B 371 12.68 -30.16 13.30
C PHE B 371 13.22 -30.34 14.71
N SER B 372 12.31 -30.45 15.67
CA SER B 372 12.67 -30.60 17.06
C SER B 372 12.58 -32.06 17.44
N PHE B 373 13.71 -32.64 17.81
CA PHE B 373 13.75 -34.05 18.15
C PHE B 373 12.85 -34.36 19.32
N GLY B 374 12.21 -35.52 19.26
CA GLY B 374 11.27 -35.96 20.25
C GLY B 374 9.83 -35.77 19.83
N LYS B 375 9.60 -34.84 18.92
CA LYS B 375 8.30 -34.71 18.27
C LYS B 375 8.33 -35.32 16.88
N VAL B 376 9.45 -35.95 16.52
CA VAL B 376 9.56 -36.59 15.21
C VAL B 376 8.46 -37.62 15.06
N ASN B 377 8.16 -38.30 16.15
CA ASN B 377 7.07 -39.26 16.20
C ASN B 377 5.69 -38.62 16.09
N ASN B 378 5.58 -37.30 16.24
CA ASN B 378 4.28 -36.66 16.17
C ASN B 378 3.88 -36.44 14.71
N PHE B 379 3.56 -37.54 14.05
CA PHE B 379 3.05 -37.52 12.67
C PHE B 379 3.93 -36.70 11.74
N VAL B 380 5.22 -36.86 11.86
CA VAL B 380 6.14 -36.16 10.97
C VAL B 380 6.48 -37.07 9.81
N LYS B 381 6.67 -36.48 8.63
CA LYS B 381 7.01 -37.25 7.44
C LYS B 381 8.23 -36.68 6.75
N PHE B 382 9.19 -37.55 6.45
CA PHE B 382 10.43 -37.19 5.80
C PHE B 382 10.82 -38.29 4.82
N GLY B 383 11.93 -38.09 4.14
CA GLY B 383 12.44 -39.11 3.26
C GLY B 383 13.95 -39.21 3.28
N SER B 384 14.46 -40.39 3.61
CA SER B 384 15.88 -40.66 3.58
C SER B 384 16.67 -39.60 4.33
N VAL B 385 16.25 -39.36 5.57
CA VAL B 385 16.97 -38.41 6.41
C VAL B 385 18.40 -38.89 6.62
N CYS B 386 18.57 -40.20 6.83
CA CYS B 386 19.87 -40.83 6.88
C CYS B 386 20.78 -40.21 7.95
N PHE B 387 20.29 -40.23 9.18
CA PHE B 387 21.06 -39.68 10.29
C PHE B 387 22.36 -40.46 10.47
N SER B 388 23.41 -39.74 10.84
CA SER B 388 24.69 -40.34 11.15
C SER B 388 25.30 -39.60 12.33
N LEU B 389 26.05 -40.35 13.14
CA LEU B 389 26.77 -39.72 14.24
C LEU B 389 27.95 -38.92 13.71
N LYS B 390 28.71 -39.51 12.79
CA LYS B 390 29.90 -38.85 12.26
C LYS B 390 29.48 -37.64 11.45
N ASP B 391 30.14 -36.51 11.70
CA ASP B 391 29.78 -35.25 11.07
C ASP B 391 29.87 -35.31 9.56
N ILE B 392 28.84 -34.81 8.89
CA ILE B 392 28.83 -34.72 7.42
C ILE B 392 28.16 -33.43 7.01
N PRO B 393 28.56 -32.89 5.85
CA PRO B 393 27.99 -31.63 5.39
C PRO B 393 26.55 -31.79 4.96
N GLY B 394 25.84 -30.67 4.96
CA GLY B 394 24.46 -30.67 4.55
C GLY B 394 23.50 -31.11 5.62
N GLY B 395 23.96 -31.27 6.85
CA GLY B 395 23.11 -31.70 7.94
C GLY B 395 23.25 -30.77 9.13
N CYS B 396 22.20 -30.77 9.95
CA CYS B 396 22.23 -29.94 11.13
C CYS B 396 22.95 -30.66 12.25
N ALA B 397 23.14 -29.95 13.35
CA ALA B 397 23.77 -30.50 14.54
C ALA B 397 22.84 -30.26 15.72
N MET B 398 23.09 -30.95 16.83
CA MET B 398 22.20 -30.78 17.96
C MET B 398 22.99 -30.45 19.23
N PRO B 399 22.57 -29.42 19.96
CA PRO B 399 23.24 -29.05 21.20
C PRO B 399 22.77 -29.92 22.34
N ILE B 400 23.71 -30.28 23.22
CA ILE B 400 23.41 -31.07 24.40
C ILE B 400 23.90 -30.28 25.59
N VAL B 401 23.10 -30.25 26.66
CA VAL B 401 23.49 -29.48 27.83
C VAL B 401 23.14 -30.22 29.11
N ALA B 402 23.92 -29.91 30.14
CA ALA B 402 23.81 -30.47 31.48
C ALA B 402 23.57 -29.34 32.47
N ASN B 403 22.75 -29.58 33.47
CA ASN B 403 22.40 -28.54 34.43
C ASN B 403 22.84 -28.86 35.85
N TRP B 404 23.26 -27.82 36.54
CA TRP B 404 23.71 -27.84 37.92
C TRP B 404 23.07 -26.69 38.68
N ALA B 405 21.74 -26.71 38.74
CA ALA B 405 20.97 -25.67 39.42
C ALA B 405 21.04 -24.34 38.70
N TYR B 406 21.29 -24.38 37.40
CA TYR B 406 21.34 -23.26 36.48
C TYR B 406 22.63 -22.49 36.59
N SER B 407 23.51 -22.83 37.52
CA SER B 407 24.74 -22.07 37.71
C SER B 407 25.67 -22.22 36.51
N LYS B 408 25.86 -23.44 36.03
CA LYS B 408 26.76 -23.70 34.92
C LYS B 408 26.17 -24.72 33.97
N TYR B 409 26.46 -24.53 32.69
CA TYR B 409 25.99 -25.41 31.63
C TYR B 409 27.17 -26.20 31.10
N TYR B 410 27.13 -27.51 31.28
CA TYR B 410 28.20 -28.40 30.79
C TYR B 410 27.85 -28.87 29.38
N THR B 411 28.01 -27.95 28.44
CA THR B 411 27.62 -28.23 27.07
C THR B 411 28.50 -29.31 26.46
N ILE B 412 27.84 -30.21 25.73
CA ILE B 412 28.49 -31.26 24.95
C ILE B 412 27.71 -31.34 23.64
N GLY B 413 28.32 -31.96 22.64
CA GLY B 413 27.63 -32.12 21.38
C GLY B 413 27.40 -33.56 21.00
N SER B 414 26.14 -33.95 20.86
CA SER B 414 25.83 -35.32 20.44
C SER B 414 25.69 -35.36 18.92
N LEU B 415 25.20 -36.50 18.42
CA LEU B 415 25.17 -36.75 16.99
C LEU B 415 24.42 -35.65 16.25
N TYR B 416 25.10 -35.08 15.27
CA TYR B 416 24.46 -34.13 14.39
C TYR B 416 23.47 -34.90 13.53
N VAL B 417 22.34 -34.28 13.26
CA VAL B 417 21.24 -34.94 12.55
C VAL B 417 21.24 -34.44 11.12
N SER B 418 21.21 -35.37 10.17
CA SER B 418 21.16 -35.03 8.76
C SER B 418 19.85 -35.50 8.18
N TRP B 419 19.46 -34.89 7.06
CA TRP B 419 18.20 -35.28 6.44
C TRP B 419 18.16 -34.89 4.98
N SER B 420 17.30 -35.60 4.26
CA SER B 420 16.94 -35.28 2.89
C SER B 420 15.44 -35.03 2.81
N ASP B 421 15.04 -34.12 1.95
CA ASP B 421 13.63 -33.85 1.74
C ASP B 421 12.98 -35.07 1.11
N GLY B 422 11.97 -35.62 1.77
CA GLY B 422 11.34 -36.82 1.27
C GLY B 422 10.02 -37.05 1.96
N ASP B 423 9.33 -38.10 1.49
CA ASP B 423 8.04 -38.49 2.05
C ASP B 423 8.09 -39.83 2.77
N GLY B 424 9.15 -40.61 2.61
CA GLY B 424 9.19 -41.94 3.19
C GLY B 424 9.30 -42.02 4.69
N ILE B 425 10.34 -41.42 5.25
CA ILE B 425 10.58 -41.50 6.69
C ILE B 425 9.46 -40.82 7.45
N THR B 426 8.98 -41.46 8.53
CA THR B 426 7.87 -40.87 9.26
C THR B 426 7.94 -41.27 10.73
N GLY B 427 7.23 -40.52 11.57
CA GLY B 427 7.18 -40.76 13.00
C GLY B 427 5.80 -40.92 13.59
N VAL B 428 5.57 -41.96 14.40
CA VAL B 428 4.29 -42.17 15.06
C VAL B 428 4.50 -42.31 16.57
N PRO B 429 3.68 -41.67 17.40
CA PRO B 429 3.86 -41.86 18.83
C PRO B 429 3.72 -43.30 19.25
N GLN B 430 2.80 -44.03 18.64
CA GLN B 430 2.67 -45.43 18.96
C GLN B 430 3.84 -46.21 18.34
N PRO B 431 4.45 -47.12 19.10
CA PRO B 431 5.59 -47.85 18.55
C PRO B 431 5.25 -48.80 17.43
N VAL B 432 4.15 -49.54 17.54
CA VAL B 432 3.81 -50.57 16.57
C VAL B 432 2.40 -50.32 16.04
N GLU B 433 2.30 -50.28 14.71
CA GLU B 433 1.03 -50.20 13.99
C GLU B 433 1.00 -51.22 12.86
N GLY B 434 1.74 -52.31 13.03
CA GLY B 434 1.86 -53.31 11.97
C GLY B 434 0.54 -53.92 11.56
N VAL B 435 -0.35 -54.16 12.52
CA VAL B 435 -1.69 -54.78 12.21
C VAL B 435 -2.43 -53.86 11.23
N SER B 436 -2.18 -52.55 11.29
CA SER B 436 -2.79 -51.57 10.35
C SER B 436 -4.32 -51.59 10.37
N SER B 437 -4.94 -51.73 11.55
CA SER B 437 -6.42 -51.63 11.66
C SER B 437 -6.74 -50.52 12.66
N PHE B 438 -5.73 -49.71 13.02
CA PHE B 438 -5.90 -48.64 14.03
C PHE B 438 -6.18 -47.31 13.32
N MET B 439 -7.42 -46.85 13.38
CA MET B 439 -7.78 -45.52 12.84
C MET B 439 -8.75 -44.98 13.88
N ASN B 440 -8.19 -44.44 15.14
CA ASN B 440 -9.10 -43.97 16.23
C ASN B 440 -10.10 -42.95 15.71
N VAL B 441 -11.34 -42.97 16.21
CA VAL B 441 -12.37 -42.06 15.63
C VAL B 441 -13.39 -41.63 16.69
N THR B 442 -13.38 -40.35 17.05
CA THR B 442 -14.37 -39.79 17.95
C THR B 442 -15.12 -38.77 17.10
N LEU B 443 -16.44 -38.73 17.17
CA LEU B 443 -17.21 -37.86 16.30
C LEU B 443 -17.74 -36.62 16.99
N ASP B 444 -18.76 -36.74 17.83
CA ASP B 444 -19.39 -35.56 18.39
C ASP B 444 -18.49 -34.82 19.38
N LYS B 445 -17.58 -35.53 20.04
CA LYS B 445 -16.73 -34.92 21.05
C LYS B 445 -15.64 -34.06 20.41
N CYS B 446 -15.15 -33.09 21.18
CA CYS B 446 -14.03 -32.29 20.71
C CYS B 446 -12.82 -33.19 20.58
N THR B 447 -12.11 -33.08 19.48
CA THR B 447 -11.02 -34.00 19.24
C THR B 447 -9.91 -33.23 18.56
N LYS B 448 -8.74 -33.83 18.60
CA LYS B 448 -7.59 -33.39 17.85
C LYS B 448 -7.33 -34.52 16.86
N TYR B 449 -7.00 -34.20 15.64
CA TYR B 449 -6.95 -35.25 14.64
C TYR B 449 -5.78 -35.07 13.71
N ASN B 450 -5.27 -36.21 13.26
CA ASN B 450 -4.29 -36.30 12.18
C ASN B 450 -4.86 -37.26 11.15
N ILE B 451 -5.14 -36.74 9.96
CA ILE B 451 -5.65 -37.55 8.86
C ILE B 451 -4.68 -37.38 7.71
N TYR B 452 -4.02 -38.46 7.32
CA TYR B 452 -3.12 -38.46 6.18
C TYR B 452 -2.14 -37.29 6.25
N ASP B 453 -1.52 -37.15 7.43
CA ASP B 453 -0.51 -36.14 7.71
C ASP B 453 -1.07 -34.72 7.81
N VAL B 454 -2.37 -34.56 8.03
CA VAL B 454 -2.97 -33.25 8.23
C VAL B 454 -3.51 -33.18 9.65
N SER B 455 -3.04 -32.22 10.43
CA SER B 455 -3.40 -32.10 11.85
C SER B 455 -4.34 -30.93 12.04
N GLY B 456 -5.38 -31.14 12.82
CA GLY B 456 -6.35 -30.09 13.11
C GLY B 456 -7.13 -30.44 14.36
N VAL B 457 -7.96 -29.49 14.79
CA VAL B 457 -8.78 -29.67 15.98
C VAL B 457 -10.23 -29.39 15.62
N GLY B 458 -11.11 -30.30 16.01
CA GLY B 458 -12.52 -30.15 15.70
C GLY B 458 -13.27 -31.42 16.06
N VAL B 459 -14.53 -31.47 15.63
CA VAL B 459 -15.40 -32.61 15.85
C VAL B 459 -15.72 -33.24 14.50
N ILE B 460 -15.59 -34.56 14.42
CA ILE B 460 -15.87 -35.24 13.16
C ILE B 460 -17.36 -35.49 13.07
N ARG B 461 -17.93 -35.13 11.93
CA ARG B 461 -19.35 -35.28 11.68
C ARG B 461 -19.49 -36.25 10.52
N VAL B 462 -20.26 -37.31 10.73
CA VAL B 462 -20.43 -38.27 9.64
C VAL B 462 -21.09 -37.57 8.48
N SER B 463 -20.60 -37.84 7.27
CA SER B 463 -21.14 -37.25 6.08
C SER B 463 -21.33 -38.36 5.07
N ASN B 464 -22.41 -38.29 4.31
CA ASN B 464 -22.68 -39.29 3.29
C ASN B 464 -22.65 -38.64 1.91
N ASP B 465 -21.54 -38.80 1.20
CA ASP B 465 -21.43 -38.32 -0.16
C ASP B 465 -20.41 -39.18 -0.88
N THR B 466 -20.63 -39.38 -2.19
CA THR B 466 -19.75 -40.24 -2.96
C THR B 466 -18.32 -39.73 -2.96
N PHE B 467 -18.12 -38.44 -3.25
CA PHE B 467 -16.78 -37.84 -3.23
C PHE B 467 -15.77 -38.72 -3.95
N LEU B 468 -16.12 -39.10 -5.17
CA LEU B 468 -15.31 -40.08 -5.89
C LEU B 468 -14.07 -39.46 -6.53
N ASN B 469 -13.93 -38.14 -6.53
CA ASN B 469 -12.80 -37.51 -7.22
C ASN B 469 -11.48 -37.98 -6.63
N GLY B 470 -11.36 -37.95 -5.31
CA GLY B 470 -10.11 -38.24 -4.63
C GLY B 470 -10.33 -38.60 -3.19
N ILE B 471 -9.24 -39.00 -2.53
CA ILE B 471 -9.31 -39.44 -1.14
C ILE B 471 -9.71 -38.29 -0.23
N THR B 472 -9.17 -37.10 -0.45
CA THR B 472 -9.46 -36.01 0.47
C THR B 472 -9.58 -34.71 -0.30
N TYR B 473 -10.26 -33.75 0.33
CA TYR B 473 -10.43 -32.41 -0.21
C TYR B 473 -10.09 -31.38 0.85
N THR B 474 -9.38 -30.33 0.44
CA THR B 474 -9.01 -29.24 1.34
C THR B 474 -9.64 -27.94 0.87
N SER B 475 -9.84 -27.01 1.80
CA SER B 475 -10.49 -25.75 1.47
C SER B 475 -9.52 -24.78 0.83
N THR B 476 -10.03 -23.58 0.52
CA THR B 476 -9.20 -22.55 -0.08
C THR B 476 -8.01 -22.22 0.81
N SER B 477 -8.23 -22.15 2.12
CA SER B 477 -7.10 -21.99 3.03
C SER B 477 -6.16 -23.17 2.94
N GLY B 478 -6.72 -24.37 2.81
CA GLY B 478 -5.94 -25.60 2.80
C GLY B 478 -6.31 -26.56 3.90
N ASN B 479 -7.28 -26.21 4.74
CA ASN B 479 -7.74 -27.12 5.77
C ASN B 479 -8.70 -28.14 5.18
N LEU B 480 -8.47 -29.41 5.48
CA LEU B 480 -9.30 -30.44 4.90
C LEU B 480 -10.74 -30.28 5.36
N LEU B 481 -11.67 -30.45 4.42
CA LEU B 481 -13.08 -30.38 4.78
C LEU B 481 -13.62 -31.73 5.22
N GLY B 482 -13.35 -32.77 4.45
CA GLY B 482 -13.83 -34.09 4.79
C GLY B 482 -12.96 -35.12 4.13
N PHE B 483 -13.02 -36.34 4.67
CA PHE B 483 -12.27 -37.43 4.07
C PHE B 483 -13.18 -38.65 3.98
N LYS B 484 -12.98 -39.43 2.94
CA LYS B 484 -13.78 -40.62 2.73
C LYS B 484 -13.02 -41.80 3.30
N ASP B 485 -13.73 -42.67 4.02
CA ASP B 485 -13.07 -43.80 4.64
C ASP B 485 -12.56 -44.79 3.60
N VAL B 486 -11.39 -45.36 3.89
CA VAL B 486 -10.79 -46.36 3.01
C VAL B 486 -11.60 -47.65 3.03
N THR B 487 -12.11 -48.02 4.20
CA THR B 487 -12.78 -49.31 4.31
C THR B 487 -14.05 -49.39 3.48
N LYS B 488 -14.92 -48.38 3.59
CA LYS B 488 -16.25 -48.50 3.01
C LYS B 488 -16.73 -47.37 2.11
N GLY B 489 -15.98 -46.30 1.94
CA GLY B 489 -16.44 -45.19 1.13
C GLY B 489 -17.29 -44.18 1.86
N THR B 490 -17.47 -44.35 3.16
CA THR B 490 -18.16 -43.32 3.92
C THR B 490 -17.19 -42.17 4.16
N ILE B 491 -17.75 -41.00 4.42
CA ILE B 491 -16.91 -39.83 4.61
C ILE B 491 -17.29 -39.12 5.90
N TYR B 492 -16.32 -38.38 6.42
CA TYR B 492 -16.49 -37.60 7.63
C TYR B 492 -16.02 -36.19 7.40
N SER B 493 -16.92 -35.24 7.64
CA SER B 493 -16.65 -33.82 7.62
C SER B 493 -16.01 -33.42 8.94
N ILE B 494 -15.22 -32.35 8.90
CA ILE B 494 -14.58 -31.82 10.10
C ILE B 494 -15.24 -30.49 10.44
N THR B 495 -15.89 -30.42 11.60
CA THR B 495 -16.51 -29.19 12.05
C THR B 495 -15.62 -28.53 13.08
N PRO B 496 -15.36 -27.24 12.96
CA PRO B 496 -14.41 -26.58 13.87
C PRO B 496 -14.82 -26.74 15.33
N CYS B 497 -13.83 -27.04 16.16
CA CYS B 497 -14.07 -27.26 17.58
C CYS B 497 -14.53 -26.00 18.29
N ASN B 498 -13.92 -24.86 17.98
CA ASN B 498 -14.14 -23.61 18.70
C ASN B 498 -14.56 -22.50 17.77
N PRO B 499 -15.85 -22.44 17.43
CA PRO B 499 -16.34 -21.37 16.60
C PRO B 499 -16.25 -20.04 17.34
N PRO B 500 -15.88 -18.98 16.64
CA PRO B 500 -15.77 -17.67 17.29
C PRO B 500 -17.14 -17.19 17.73
N ASP B 501 -17.16 -16.50 18.85
CA ASP B 501 -18.41 -16.02 19.43
C ASP B 501 -18.43 -14.51 19.46
N GLN B 502 -19.59 -13.94 19.21
CA GLN B 502 -19.84 -12.51 19.24
C GLN B 502 -20.76 -12.19 20.41
N LEU B 503 -20.38 -11.22 21.24
CA LEU B 503 -21.14 -10.92 22.42
C LEU B 503 -21.27 -9.43 22.60
N VAL B 504 -22.30 -9.03 23.34
CA VAL B 504 -22.69 -7.63 23.49
C VAL B 504 -22.59 -7.25 24.95
N VAL B 505 -22.01 -6.08 25.22
CA VAL B 505 -21.94 -5.53 26.57
C VAL B 505 -22.66 -4.20 26.59
N TYR B 506 -23.55 -4.03 27.56
CA TYR B 506 -24.30 -2.81 27.69
C TYR B 506 -24.27 -2.30 29.12
N GLN B 507 -24.05 -0.99 29.27
CA GLN B 507 -23.94 -0.35 30.56
C GLN B 507 -22.91 -1.07 31.41
N GLN B 508 -21.78 -1.34 30.79
CA GLN B 508 -20.70 -2.05 31.45
C GLN B 508 -21.20 -3.38 31.99
N ALA B 509 -22.07 -4.02 31.21
CA ALA B 509 -22.57 -5.33 31.57
C ALA B 509 -22.87 -6.10 30.30
N VAL B 510 -22.53 -7.39 30.30
CA VAL B 510 -22.74 -8.25 29.15
C VAL B 510 -24.10 -8.93 29.27
N VAL B 511 -25.05 -8.47 28.47
CA VAL B 511 -26.36 -9.09 28.40
C VAL B 511 -26.57 -9.42 26.94
N GLY B 512 -26.84 -10.67 26.64
CA GLY B 512 -27.00 -11.02 25.25
C GLY B 512 -25.69 -11.41 24.59
N ALA B 513 -25.79 -12.35 23.67
CA ALA B 513 -24.68 -12.96 22.95
C ALA B 513 -25.24 -13.65 21.71
N MET B 514 -24.51 -13.61 20.63
CA MET B 514 -24.93 -14.22 19.37
C MET B 514 -24.20 -15.56 19.28
N LEU B 515 -24.96 -16.66 19.33
CA LEU B 515 -24.40 -18.00 19.38
C LEU B 515 -25.02 -18.90 18.35
N SER B 516 -24.33 -20.01 18.10
CA SER B 516 -24.76 -21.02 17.16
C SER B 516 -25.45 -22.20 17.81
N GLU B 517 -25.58 -22.18 19.13
CA GLU B 517 -26.18 -23.27 19.87
C GLU B 517 -27.40 -22.80 20.65
N ASN B 518 -28.39 -23.69 20.74
CA ASN B 518 -29.62 -23.47 21.50
C ASN B 518 -29.36 -23.79 22.97
N PHE B 519 -28.79 -22.82 23.68
CA PHE B 519 -28.46 -23.09 25.07
C PHE B 519 -28.50 -21.81 25.91
N THR B 520 -28.83 -21.97 27.20
CA THR B 520 -28.84 -20.81 28.15
C THR B 520 -27.53 -20.78 28.95
N SER B 521 -26.62 -19.85 28.63
CA SER B 521 -25.29 -19.80 29.30
C SER B 521 -25.20 -18.61 30.26
N TYR B 522 -26.32 -18.05 30.69
CA TYR B 522 -26.24 -16.82 31.51
C TYR B 522 -26.95 -16.96 32.86
N GLY B 523 -26.67 -16.05 33.80
CA GLY B 523 -27.24 -16.13 35.15
C GLY B 523 -28.73 -15.82 35.19
N PHE B 524 -29.27 -15.30 34.08
CA PHE B 524 -30.71 -14.89 34.05
C PHE B 524 -31.60 -16.10 33.79
N SER B 525 -32.89 -15.91 33.50
CA SER B 525 -33.85 -17.05 33.42
C SER B 525 -34.04 -17.72 32.05
N ASN B 526 -34.30 -16.98 30.97
CA ASN B 526 -34.65 -17.62 29.71
C ASN B 526 -33.77 -17.13 28.57
N VAL B 527 -33.31 -18.08 27.76
CA VAL B 527 -32.48 -17.80 26.59
C VAL B 527 -33.17 -18.41 25.38
N VAL B 528 -33.98 -17.62 24.69
CA VAL B 528 -34.77 -18.08 23.56
C VAL B 528 -33.91 -18.50 22.38
N GLU B 529 -34.56 -19.09 21.38
CA GLU B 529 -33.96 -19.56 20.15
C GLU B 529 -34.50 -18.73 18.98
N LEU B 530 -33.91 -18.92 17.80
CA LEU B 530 -34.32 -18.17 16.63
C LEU B 530 -34.09 -19.03 15.39
N PRO B 531 -34.64 -18.61 14.23
CA PRO B 531 -34.51 -19.41 13.01
C PRO B 531 -33.36 -19.00 12.10
N LYS B 532 -32.56 -19.98 11.70
CA LYS B 532 -31.38 -19.90 10.82
C LYS B 532 -30.23 -19.37 11.63
N PHE B 533 -30.45 -19.06 12.89
CA PHE B 533 -29.44 -18.50 13.75
C PHE B 533 -30.05 -18.38 15.12
N PHE B 534 -29.20 -18.34 16.13
CA PHE B 534 -29.70 -18.29 17.49
C PHE B 534 -29.33 -16.97 18.14
N TYR B 535 -30.09 -16.61 19.17
CA TYR B 535 -29.80 -15.43 19.98
C TYR B 535 -29.81 -15.86 21.43
N ALA B 536 -28.76 -15.49 22.14
CA ALA B 536 -28.54 -15.84 23.52
C ALA B 536 -28.79 -14.62 24.40
N SER B 537 -29.77 -14.70 25.27
CA SER B 537 -29.93 -13.70 26.32
C SER B 537 -30.72 -14.42 27.37
N ASN B 538 -30.17 -14.55 28.55
CA ASN B 538 -30.89 -15.37 29.49
C ASN B 538 -31.98 -14.59 30.20
N GLY B 539 -32.02 -13.28 30.02
CA GLY B 539 -33.03 -12.50 30.67
C GLY B 539 -34.40 -12.76 30.06
N THR B 540 -35.43 -12.38 30.79
CA THR B 540 -36.78 -12.65 30.35
C THR B 540 -37.12 -11.79 29.15
N TYR B 541 -38.15 -12.20 28.41
CA TYR B 541 -38.51 -11.52 27.18
C TYR B 541 -39.90 -10.91 27.26
N ASN B 542 -39.96 -9.67 27.73
CA ASN B 542 -41.18 -8.89 27.64
C ASN B 542 -41.21 -8.00 26.41
N CYS B 543 -40.07 -7.83 25.74
CA CYS B 543 -39.97 -7.17 24.44
C CYS B 543 -40.68 -5.82 24.50
N THR B 544 -40.54 -5.13 25.64
CA THR B 544 -41.17 -3.83 25.80
C THR B 544 -40.64 -2.82 24.80
N ASP B 545 -39.32 -2.73 24.68
CA ASP B 545 -38.70 -1.77 23.79
C ASP B 545 -37.22 -2.11 23.68
N ALA B 546 -36.61 -1.65 22.59
CA ALA B 546 -35.25 -2.01 22.25
C ALA B 546 -34.33 -0.85 22.62
N VAL B 547 -33.31 -1.14 23.43
CA VAL B 547 -32.41 -0.09 23.85
C VAL B 547 -31.13 -0.11 23.03
N LEU B 548 -30.95 -1.11 22.18
CA LEU B 548 -29.80 -1.20 21.31
C LEU B 548 -30.30 -1.53 19.92
N THR B 549 -29.52 -1.17 18.91
CA THR B 549 -29.93 -1.31 17.51
C THR B 549 -28.72 -1.57 16.63
N TYR B 550 -28.68 -2.76 16.05
CA TYR B 550 -27.74 -3.14 15.01
C TYR B 550 -28.49 -3.24 13.69
N SER B 551 -27.73 -3.25 12.60
CA SER B 551 -28.32 -3.26 11.27
C SER B 551 -29.29 -4.41 11.08
N SER B 552 -29.01 -5.57 11.68
CA SER B 552 -29.85 -6.74 11.44
C SER B 552 -30.54 -7.25 12.69
N PHE B 553 -30.44 -6.57 13.83
CA PHE B 553 -31.26 -6.92 14.98
C PHE B 553 -31.46 -5.72 15.90
N GLY B 554 -32.34 -5.92 16.89
CA GLY B 554 -32.54 -4.95 17.94
C GLY B 554 -32.53 -5.66 19.28
N VAL B 555 -32.35 -4.88 20.35
CA VAL B 555 -32.14 -5.49 21.66
C VAL B 555 -32.77 -4.62 22.73
N CYS B 556 -33.58 -5.24 23.60
CA CYS B 556 -34.22 -4.53 24.68
C CYS B 556 -33.23 -4.18 25.77
N ALA B 557 -33.68 -3.32 26.67
CA ALA B 557 -32.93 -3.07 27.90
C ALA B 557 -32.80 -4.31 28.75
N ASP B 558 -33.80 -5.19 28.70
CA ASP B 558 -33.77 -6.40 29.52
C ASP B 558 -33.02 -7.54 28.85
N GLY B 559 -32.60 -7.35 27.61
CA GLY B 559 -31.98 -8.39 26.84
C GLY B 559 -32.90 -9.07 25.86
N SER B 560 -34.14 -8.63 25.74
CA SER B 560 -35.02 -9.19 24.73
C SER B 560 -34.63 -8.69 23.35
N ILE B 561 -34.66 -9.59 22.39
CA ILE B 561 -34.29 -9.32 21.01
C ILE B 561 -35.53 -8.86 20.26
N ILE B 562 -35.33 -7.95 19.33
CA ILE B 562 -36.41 -7.33 18.57
C ILE B 562 -36.04 -7.35 17.10
N ALA B 563 -37.03 -7.53 16.26
CA ALA B 563 -36.77 -7.44 14.84
C ALA B 563 -36.34 -6.00 14.53
N VAL B 564 -35.22 -5.88 13.85
CA VAL B 564 -34.63 -4.58 13.52
C VAL B 564 -35.73 -3.73 12.92
N GLN B 565 -36.05 -2.63 13.55
CA GLN B 565 -37.00 -1.78 12.87
C GLN B 565 -36.29 -0.52 12.44
N PRO B 566 -36.34 -0.15 11.16
CA PRO B 566 -35.64 1.05 10.72
C PRO B 566 -36.32 2.27 11.28
N ARG B 567 -35.57 3.36 11.33
CA ARG B 567 -36.14 4.59 11.86
C ARG B 567 -37.38 4.96 11.08
N ASN B 568 -38.51 5.02 11.76
CA ASN B 568 -39.74 5.34 11.07
C ASN B 568 -39.77 6.84 10.82
N VAL B 569 -39.93 7.20 9.55
CA VAL B 569 -39.97 8.59 9.11
C VAL B 569 -41.02 8.70 8.01
N SER B 570 -41.82 9.77 8.06
CA SER B 570 -42.89 10.01 7.09
C SER B 570 -42.59 11.28 6.31
N TYR B 571 -41.75 11.16 5.28
CA TYR B 571 -41.39 12.38 4.57
C TYR B 571 -42.49 12.76 3.61
N ASP B 572 -42.39 13.98 3.09
CA ASP B 572 -43.36 14.51 2.16
C ASP B 572 -42.67 14.87 0.87
N SER B 573 -43.22 14.42 -0.25
CA SER B 573 -42.66 14.71 -1.55
C SER B 573 -43.74 15.31 -2.45
N VAL B 574 -43.28 16.09 -3.42
CA VAL B 574 -44.19 16.84 -4.28
C VAL B 574 -45.06 15.90 -5.10
N SER B 575 -46.27 16.35 -5.39
CA SER B 575 -47.20 15.59 -6.21
C SER B 575 -47.81 16.50 -7.27
N ALA B 576 -48.14 15.91 -8.41
CA ALA B 576 -48.76 16.62 -9.52
C ALA B 576 -50.14 17.15 -9.15
N ILE B 577 -50.55 18.21 -9.85
CA ILE B 577 -51.81 18.89 -9.55
C ILE B 577 -52.91 17.85 -9.53
N VAL B 578 -53.53 17.69 -8.36
CA VAL B 578 -54.54 16.67 -8.12
C VAL B 578 -55.44 17.14 -7.00
N THR B 579 -56.64 16.56 -6.92
CA THR B 579 -57.57 16.87 -5.85
C THR B 579 -57.29 15.89 -4.70
N ALA B 580 -56.75 16.40 -3.59
CA ALA B 580 -56.40 15.55 -2.46
C ALA B 580 -56.27 16.38 -1.19
N ASN B 581 -56.29 15.68 -0.07
CA ASN B 581 -56.12 16.29 1.24
C ASN B 581 -54.63 16.28 1.58
N LEU B 582 -54.03 17.47 1.75
CA LEU B 582 -52.59 17.54 1.90
C LEU B 582 -52.14 18.22 3.19
N SER B 583 -50.90 17.95 3.55
CA SER B 583 -50.29 18.27 4.85
C SER B 583 -49.04 19.13 4.65
N ILE B 584 -49.01 20.30 5.26
CA ILE B 584 -47.82 21.17 5.18
C ILE B 584 -47.17 21.34 6.55
N PRO B 585 -45.84 21.37 6.64
CA PRO B 585 -45.19 21.63 7.93
C PRO B 585 -45.50 23.04 8.42
N SER B 586 -45.97 23.14 9.66
CA SER B 586 -46.31 24.46 10.22
C SER B 586 -45.39 24.87 11.35
N ASN B 587 -45.43 24.18 12.49
CA ASN B 587 -44.73 24.64 13.68
C ASN B 587 -43.44 23.85 13.79
N TRP B 588 -42.33 24.50 13.46
CA TRP B 588 -41.03 23.87 13.60
C TRP B 588 -40.27 24.43 14.79
N THR B 589 -39.35 23.62 15.29
CA THR B 589 -38.34 24.06 16.24
C THR B 589 -37.01 23.51 15.77
N THR B 590 -35.95 24.28 15.99
CA THR B 590 -34.69 24.03 15.30
C THR B 590 -33.86 23.00 16.05
N SER B 591 -33.25 22.10 15.30
CA SER B 591 -32.46 21.02 15.86
C SER B 591 -31.10 21.01 15.19
N VAL B 592 -30.05 21.14 16.00
CA VAL B 592 -28.70 21.15 15.49
C VAL B 592 -28.33 19.75 15.02
N GLN B 593 -27.92 19.65 13.78
CA GLN B 593 -27.41 18.42 13.21
C GLN B 593 -25.92 18.61 12.98
N VAL B 594 -25.14 18.08 13.87
CA VAL B 594 -23.72 18.39 13.92
C VAL B 594 -22.99 17.62 12.85
N GLU B 595 -22.06 18.29 12.19
CA GLU B 595 -21.14 17.65 11.27
C GLU B 595 -19.71 17.96 11.68
N TYR B 596 -18.83 17.12 11.17
CA TYR B 596 -17.39 17.24 11.34
C TYR B 596 -16.78 17.08 9.97
N LEU B 597 -15.95 18.03 9.57
CA LEU B 597 -15.32 17.96 8.26
C LEU B 597 -13.82 18.03 8.42
N GLN B 598 -13.13 17.02 7.91
CA GLN B 598 -11.69 17.12 7.73
C GLN B 598 -11.42 18.29 6.79
N ILE B 599 -10.45 19.13 7.13
CA ILE B 599 -10.11 20.22 6.24
C ILE B 599 -8.63 20.32 5.93
N THR B 600 -7.75 19.83 6.79
CA THR B 600 -6.34 19.69 6.45
C THR B 600 -5.82 18.42 7.10
N SER B 601 -4.57 18.11 6.81
CA SER B 601 -3.86 17.09 7.57
C SER B 601 -2.65 17.70 8.23
N THR B 602 -2.28 17.14 9.36
CA THR B 602 -1.14 17.60 10.14
C THR B 602 0.13 17.57 9.31
N PRO B 603 0.66 18.73 8.91
CA PRO B 603 1.84 18.72 8.03
C PRO B 603 3.04 18.14 8.77
N ILE B 604 3.74 17.22 8.11
CA ILE B 604 4.92 16.59 8.67
C ILE B 604 6.02 16.58 7.63
N VAL B 605 7.25 16.86 8.06
CA VAL B 605 8.42 16.78 7.20
C VAL B 605 9.46 15.89 7.86
N VAL B 606 10.14 15.11 7.03
CA VAL B 606 11.15 14.16 7.47
C VAL B 606 12.43 14.44 6.69
N ASP B 607 13.52 14.64 7.41
CA ASP B 607 14.83 14.73 6.79
C ASP B 607 15.35 13.32 6.55
N CYS B 608 15.82 13.06 5.33
CA CYS B 608 16.31 11.72 5.04
C CYS B 608 17.44 11.37 6.01
N SER B 609 18.39 12.29 6.14
CA SER B 609 19.53 12.06 7.01
C SER B 609 19.12 11.97 8.46
N THR B 610 18.25 12.85 8.92
CA THR B 610 17.87 12.76 10.32
C THR B 610 17.15 11.46 10.59
N TYR B 611 16.15 11.16 9.78
CA TYR B 611 15.28 10.03 10.03
C TYR B 611 15.97 8.70 9.80
N VAL B 612 17.12 8.68 9.14
CA VAL B 612 17.67 7.37 8.81
C VAL B 612 19.08 7.29 9.35
N CYS B 613 19.85 8.34 9.09
CA CYS B 613 21.18 8.43 9.66
C CYS B 613 21.12 8.62 11.16
N ASN B 614 20.13 9.39 11.62
CA ASN B 614 20.00 9.75 13.02
C ASN B 614 21.14 10.67 13.44
N GLY B 615 21.65 11.43 12.49
CA GLY B 615 22.81 12.26 12.71
C GLY B 615 24.13 11.61 12.44
N ASN B 616 24.15 10.44 11.79
CA ASN B 616 25.39 9.73 11.55
C ASN B 616 26.02 10.20 10.24
N VAL B 617 27.29 10.56 10.30
CA VAL B 617 27.97 11.09 9.13
C VAL B 617 28.14 9.99 8.08
N ARG B 618 28.48 8.79 8.54
CA ARG B 618 28.69 7.71 7.60
C ARG B 618 27.40 7.31 6.90
N CYS B 619 26.33 7.15 7.68
CA CYS B 619 25.03 6.91 7.07
C CYS B 619 24.64 8.06 6.16
N VAL B 620 25.13 9.27 6.45
CA VAL B 620 24.79 10.38 5.57
C VAL B 620 25.48 10.20 4.24
N GLU B 621 26.75 9.83 4.29
CA GLU B 621 27.52 9.70 3.06
C GLU B 621 26.94 8.61 2.17
N LEU B 622 26.64 7.45 2.75
CA LEU B 622 26.05 6.39 1.94
C LEU B 622 24.67 6.78 1.44
N LEU B 623 23.87 7.45 2.27
CA LEU B 623 22.53 7.84 1.86
C LEU B 623 22.57 8.79 0.68
N LYS B 624 23.57 9.67 0.65
CA LYS B 624 23.58 10.72 -0.36
C LYS B 624 23.58 10.17 -1.78
N GLN B 625 24.20 9.02 -2.02
CA GLN B 625 24.17 8.44 -3.36
C GLN B 625 22.76 8.02 -3.77
N TYR B 626 21.91 7.66 -2.83
CA TYR B 626 20.51 7.35 -3.14
C TYR B 626 19.61 8.54 -2.87
N THR B 627 20.16 9.74 -2.93
CA THR B 627 19.35 10.93 -2.70
C THR B 627 18.19 10.98 -3.67
N SER B 628 18.45 10.65 -4.93
CA SER B 628 17.45 10.79 -5.98
C SER B 628 16.12 10.20 -5.55
N ALA B 629 16.14 8.99 -4.99
CA ALA B 629 14.90 8.44 -4.48
C ALA B 629 14.43 9.24 -3.28
N CYS B 630 15.31 9.43 -2.31
CA CYS B 630 14.86 10.07 -1.07
C CYS B 630 14.57 11.53 -1.34
N LYS B 631 15.52 12.22 -1.97
CA LYS B 631 15.30 13.58 -2.43
C LYS B 631 13.96 13.73 -3.12
N THR B 632 13.62 12.77 -4.00
CA THR B 632 12.32 12.80 -4.64
C THR B 632 11.19 12.66 -3.62
N ILE B 633 11.39 11.82 -2.63
CA ILE B 633 10.35 11.59 -1.63
C ILE B 633 10.11 12.85 -0.83
N GLU B 634 11.16 13.33 -0.18
CA GLU B 634 11.06 14.50 0.66
C GLU B 634 10.67 15.72 -0.14
N ASP B 635 11.05 15.78 -1.42
CA ASP B 635 10.57 16.87 -2.24
C ASP B 635 9.09 16.76 -2.47
N ALA B 636 8.60 15.55 -2.71
CA ALA B 636 7.17 15.38 -2.94
C ALA B 636 6.39 15.81 -1.73
N LEU B 637 6.76 15.29 -0.56
CA LEU B 637 6.02 15.65 0.64
C LEU B 637 6.19 17.12 0.97
N ARG B 638 7.34 17.70 0.67
CA ARG B 638 7.57 19.09 0.99
C ARG B 638 6.73 19.98 0.10
N ASN B 639 6.80 19.74 -1.21
CA ASN B 639 6.03 20.53 -2.14
C ASN B 639 4.55 20.36 -1.88
N SER B 640 4.13 19.17 -1.50
CA SER B 640 2.71 18.98 -1.24
C SER B 640 2.30 19.64 0.07
N ALA B 641 3.20 19.68 1.04
CA ALA B 641 2.95 20.47 2.23
C ALA B 641 2.79 21.94 1.87
N MET B 642 3.71 22.46 1.08
CA MET B 642 3.63 23.85 0.69
C MET B 642 2.41 24.11 -0.17
N LEU B 643 1.99 23.11 -0.92
CA LEU B 643 0.81 23.22 -1.75
C LEU B 643 -0.43 23.35 -0.89
N GLU B 644 -0.59 22.41 0.03
CA GLU B 644 -1.77 22.43 0.87
C GLU B 644 -1.75 23.64 1.79
N SER B 645 -0.57 24.12 2.18
CA SER B 645 -0.52 25.32 2.99
C SER B 645 -0.91 26.53 2.17
N ALA B 646 -0.53 26.52 0.91
CA ALA B 646 -0.97 27.58 0.01
C ALA B 646 -2.48 27.56 -0.10
N ASP B 647 -3.02 26.38 -0.39
CA ASP B 647 -4.44 26.22 -0.54
C ASP B 647 -5.21 26.72 0.68
N VAL B 648 -4.77 26.34 1.88
CA VAL B 648 -5.50 26.82 3.05
C VAL B 648 -5.37 28.33 3.14
N SER B 649 -4.15 28.84 3.00
CA SER B 649 -3.94 30.28 3.12
C SER B 649 -4.81 31.03 2.13
N GLU B 650 -4.96 30.48 0.93
CA GLU B 650 -5.85 31.06 -0.07
C GLU B 650 -7.28 31.07 0.42
N MET B 651 -7.70 29.99 1.07
CA MET B 651 -9.05 30.00 1.63
C MET B 651 -9.16 31.04 2.72
N LEU B 652 -8.09 31.19 3.50
CA LEU B 652 -8.06 32.13 4.61
C LEU B 652 -8.24 33.56 4.14
N THR B 653 -9.12 34.28 4.82
CA THR B 653 -9.44 35.67 4.51
C THR B 653 -9.55 36.40 5.84
N PHE B 654 -9.45 37.72 5.80
CA PHE B 654 -9.58 38.48 7.03
C PHE B 654 -10.30 39.77 6.74
N ASP B 655 -11.32 40.07 7.53
CA ASP B 655 -12.07 41.31 7.36
C ASP B 655 -12.03 42.16 8.60
N LYS B 656 -11.69 43.44 8.40
CA LYS B 656 -11.74 44.38 9.51
C LYS B 656 -13.18 44.58 9.96
N LYS B 657 -14.12 44.56 9.02
CA LYS B 657 -15.51 44.64 9.43
C LYS B 657 -15.90 43.44 10.28
N ALA B 658 -15.41 42.28 9.91
CA ALA B 658 -15.80 41.06 10.61
C ALA B 658 -15.19 40.98 12.00
N PHE B 659 -13.97 41.48 12.17
CA PHE B 659 -13.29 41.35 13.46
C PHE B 659 -14.20 41.72 14.62
N THR B 660 -14.81 42.91 14.56
CA THR B 660 -15.64 43.42 15.64
C THR B 660 -16.90 42.60 15.86
N LEU B 661 -17.34 41.86 14.86
CA LEU B 661 -18.66 41.23 14.88
C LEU B 661 -18.78 40.12 15.92
N ALA B 662 -17.68 39.71 16.56
CA ALA B 662 -17.73 38.71 17.61
C ALA B 662 -18.28 39.26 18.93
N ASN B 663 -18.60 40.55 18.98
CA ASN B 663 -19.10 41.17 20.21
C ASN B 663 -20.40 40.56 20.68
N VAL B 664 -20.52 40.41 22.01
CA VAL B 664 -21.67 39.73 22.60
C VAL B 664 -22.95 40.53 22.44
N SER B 665 -22.85 41.79 22.04
CA SER B 665 -24.07 42.62 21.96
C SER B 665 -24.90 42.20 20.75
N SER B 666 -24.24 41.71 19.71
CA SER B 666 -24.96 41.38 18.45
C SER B 666 -25.99 40.27 18.68
N PHE B 667 -25.65 39.23 19.42
CA PHE B 667 -26.56 38.05 19.57
C PHE B 667 -27.88 38.39 20.28
N GLY B 668 -27.83 39.28 21.27
CA GLY B 668 -29.04 39.66 22.01
C GLY B 668 -29.66 38.49 22.76
N ASP B 669 -30.96 38.27 22.61
CA ASP B 669 -31.67 37.21 23.39
C ASP B 669 -31.15 35.83 23.01
N TYR B 670 -30.52 35.70 21.83
CA TYR B 670 -30.08 34.37 21.37
C TYR B 670 -29.12 33.77 22.40
N ASN B 671 -28.27 34.60 23.02
CA ASN B 671 -27.34 34.10 24.08
C ASN B 671 -26.54 32.97 23.45
N LEU B 672 -26.14 33.14 22.18
CA LEU B 672 -25.32 32.10 21.50
C LEU B 672 -24.04 31.97 22.30
N SER B 673 -23.50 33.08 22.80
CA SER B 673 -22.34 33.07 23.72
C SER B 673 -21.35 31.91 23.56
N SER B 674 -21.71 30.71 24.00
CA SER B 674 -20.77 29.58 23.96
C SER B 674 -20.03 29.63 22.63
N VAL B 675 -20.78 29.52 21.54
CA VAL B 675 -20.20 29.59 20.22
C VAL B 675 -19.64 30.96 19.90
N ILE B 676 -20.08 31.99 20.60
CA ILE B 676 -19.61 33.33 20.26
C ILE B 676 -18.11 33.41 20.49
N PRO B 677 -17.34 33.92 19.54
CA PRO B 677 -15.92 34.15 19.79
C PRO B 677 -15.78 35.20 20.87
N SER B 678 -14.87 34.94 21.80
CA SER B 678 -14.79 35.80 22.98
C SER B 678 -14.41 37.22 22.59
N LEU B 679 -14.90 38.16 23.39
CA LEU B 679 -14.56 39.54 23.18
C LEU B 679 -13.07 39.74 23.44
N PRO B 680 -12.40 40.61 22.70
CA PRO B 680 -10.96 40.79 22.91
C PRO B 680 -10.69 41.27 24.31
N ARG B 681 -9.82 40.56 25.01
CA ARG B 681 -9.50 40.85 26.40
C ARG B 681 -8.39 41.91 26.39
N SER B 682 -8.81 43.16 26.18
CA SER B 682 -7.88 44.28 26.07
C SER B 682 -6.76 43.95 25.09
N GLY B 683 -7.10 43.15 24.07
CA GLY B 683 -6.11 42.69 23.12
C GLY B 683 -6.59 42.96 21.70
N SER B 684 -5.64 42.94 20.79
CA SER B 684 -5.93 43.17 19.38
C SER B 684 -6.13 41.85 18.64
N ARG B 689 -12.51 32.87 21.27
CA ARG B 689 -12.49 31.43 21.10
C ARG B 689 -13.69 30.81 21.81
N SER B 690 -14.38 29.91 21.13
CA SER B 690 -15.68 29.50 21.60
C SER B 690 -15.61 28.38 22.63
N ALA B 691 -16.72 28.25 23.37
CA ALA B 691 -16.81 27.21 24.39
C ALA B 691 -16.70 25.83 23.79
N ILE B 692 -17.29 25.59 22.62
CA ILE B 692 -17.19 24.24 22.10
C ILE B 692 -15.75 23.95 21.71
N GLU B 693 -15.10 24.89 21.03
CA GLU B 693 -13.73 24.61 20.63
C GLU B 693 -12.89 24.37 21.87
N ASP B 694 -13.20 25.05 22.96
CA ASP B 694 -12.40 24.91 24.16
C ASP B 694 -12.65 23.56 24.82
N ILE B 695 -13.92 23.14 24.93
CA ILE B 695 -14.19 21.81 25.48
C ILE B 695 -13.49 20.76 24.63
N LEU B 696 -13.56 20.91 23.32
CA LEU B 696 -12.93 19.94 22.44
C LEU B 696 -11.44 19.88 22.71
N PHE B 697 -10.84 21.04 22.89
CA PHE B 697 -9.43 21.08 23.24
C PHE B 697 -9.22 20.41 24.58
N SER B 698 -10.11 20.67 25.54
CA SER B 698 -9.95 20.05 26.84
C SER B 698 -10.07 18.55 26.71
N LYS B 699 -10.64 18.07 25.60
CA LYS B 699 -10.74 16.65 25.39
C LYS B 699 -9.68 16.20 24.39
N LEU B 700 -8.73 17.09 24.10
CA LEU B 700 -7.64 16.80 23.14
C LEU B 700 -6.74 15.70 23.71
N VAL B 701 -7.00 15.28 24.95
CA VAL B 701 -6.20 14.21 25.61
C VAL B 701 -6.37 12.91 24.83
N THR B 702 -5.28 12.17 24.64
CA THR B 702 -5.32 10.88 23.89
C THR B 702 -6.04 11.08 22.56
N ASP B 709 0.80 21.18 20.26
CA ASP B 709 1.63 22.02 19.39
C ASP B 709 2.41 23.04 20.21
N ALA B 710 3.74 22.88 20.21
CA ALA B 710 4.63 23.83 20.86
C ALA B 710 5.92 23.89 20.06
N ASP B 711 6.80 24.80 20.46
CA ASP B 711 8.07 24.99 19.77
C ASP B 711 9.18 24.28 20.52
N TYR B 712 9.82 23.34 19.82
CA TYR B 712 10.84 22.50 20.42
C TYR B 712 12.00 23.32 20.89
N LYS B 713 12.14 24.53 20.37
CA LYS B 713 13.24 25.38 20.74
C LYS B 713 13.26 25.57 22.25
N LYS B 714 12.10 25.58 22.87
CA LYS B 714 12.08 25.87 24.29
C LYS B 714 12.15 24.62 25.13
N CYS B 715 12.02 23.44 24.54
CA CYS B 715 12.10 22.20 25.29
C CYS B 715 13.43 21.49 25.13
N THR B 716 14.36 22.03 24.35
CA THR B 716 15.70 21.45 24.34
C THR B 716 16.59 22.07 25.39
N LYS B 717 15.99 22.84 26.30
CA LYS B 717 16.65 23.38 27.46
C LYS B 717 15.67 23.32 28.62
N GLY B 718 16.14 23.59 29.83
CA GLY B 718 15.28 23.61 30.99
C GLY B 718 15.36 22.35 31.82
N LEU B 719 14.68 22.41 32.96
CA LEU B 719 14.77 21.39 33.99
C LEU B 719 13.72 20.29 33.83
N SER B 720 12.89 20.38 32.81
CA SER B 720 11.86 19.38 32.58
C SER B 720 12.35 18.31 31.63
N ILE B 721 11.88 17.09 31.84
CA ILE B 721 12.05 16.03 30.86
C ILE B 721 11.19 16.34 29.65
N ALA B 722 11.74 16.11 28.46
CA ALA B 722 11.07 16.50 27.23
C ALA B 722 9.76 15.76 27.05
N ASP B 723 8.80 16.46 26.47
CA ASP B 723 7.50 15.88 26.15
C ASP B 723 7.59 15.05 24.88
N LEU B 724 6.55 14.23 24.68
CA LEU B 724 6.49 13.35 23.53
C LEU B 724 6.70 14.09 22.22
N ALA B 725 6.04 15.24 22.10
CA ALA B 725 6.14 16.01 20.83
C ALA B 725 7.59 16.45 20.65
N CYS B 726 8.24 16.83 21.75
CA CYS B 726 9.66 17.25 21.67
C CYS B 726 10.53 16.08 21.23
N ALA B 727 10.17 14.88 21.69
CA ALA B 727 10.92 13.69 21.26
C ALA B 727 10.84 13.59 19.74
N GLN B 728 9.74 14.04 19.16
CA GLN B 728 9.56 13.92 17.69
C GLN B 728 10.60 14.81 16.99
N TYR B 729 10.85 16.00 17.53
CA TYR B 729 11.87 16.89 16.93
C TYR B 729 13.21 16.19 17.02
N TYR B 730 13.44 15.54 18.15
CA TYR B 730 14.75 14.90 18.37
C TYR B 730 14.92 13.78 17.34
N ASN B 731 13.82 13.08 17.02
CA ASN B 731 13.90 11.97 16.05
C ASN B 731 13.75 12.50 14.62
N GLY B 732 13.53 13.80 14.46
CA GLY B 732 13.48 14.39 13.12
C GLY B 732 12.10 14.42 12.52
N ILE B 733 11.09 13.96 13.26
CA ILE B 733 9.70 14.08 12.74
C ILE B 733 9.24 15.50 13.01
N MET B 734 9.82 16.48 12.32
CA MET B 734 9.50 17.89 12.61
C MET B 734 8.03 18.15 12.26
N VAL B 735 7.17 18.11 13.28
CA VAL B 735 5.75 18.43 13.02
C VAL B 735 5.68 19.93 12.82
N LEU B 736 5.27 20.35 11.63
CA LEU B 736 5.23 21.80 11.33
C LEU B 736 4.12 22.43 12.18
N PRO B 737 4.24 23.72 12.56
CA PRO B 737 3.15 24.36 13.29
C PRO B 737 1.96 24.27 12.34
N GLY B 738 0.77 24.05 12.89
CA GLY B 738 -0.39 23.83 12.00
C GLY B 738 -0.62 25.01 11.07
N VAL B 739 -0.92 24.73 9.80
CA VAL B 739 -1.24 25.82 8.84
C VAL B 739 -2.28 26.69 9.51
N ALA B 740 -3.43 26.11 9.87
CA ALA B 740 -4.39 26.91 10.64
C ALA B 740 -3.95 26.92 12.10
N ASP B 741 -2.78 27.52 12.30
CA ASP B 741 -2.35 27.85 13.64
C ASP B 741 -3.37 28.77 14.31
N ALA B 742 -3.24 28.86 15.64
CA ALA B 742 -4.30 29.47 16.43
C ALA B 742 -4.59 30.89 15.96
N GLU B 743 -3.55 31.65 15.66
CA GLU B 743 -3.71 33.08 15.45
C GLU B 743 -4.62 33.39 14.25
N ARG B 744 -4.16 33.08 13.05
CA ARG B 744 -4.96 33.37 11.88
C ARG B 744 -6.15 32.44 11.79
N MET B 745 -6.03 31.20 12.25
CA MET B 745 -7.19 30.32 12.22
C MET B 745 -8.33 30.92 13.02
N ALA B 746 -8.04 31.43 14.21
CA ALA B 746 -9.06 32.03 15.02
C ALA B 746 -9.55 33.33 14.40
N MET B 747 -8.63 34.16 13.91
CA MET B 747 -9.06 35.39 13.27
C MET B 747 -10.00 35.10 12.11
N TYR B 748 -9.80 33.96 11.45
CA TYR B 748 -10.60 33.62 10.30
C TYR B 748 -11.96 33.08 10.71
N THR B 749 -11.96 32.05 11.54
CA THR B 749 -13.21 31.55 12.09
C THR B 749 -14.04 32.68 12.66
N GLY B 750 -13.39 33.65 13.30
CA GLY B 750 -14.13 34.79 13.80
C GLY B 750 -14.63 35.67 12.69
N SER B 751 -13.80 35.91 11.68
CA SER B 751 -14.21 36.81 10.62
C SER B 751 -15.44 36.27 9.91
N LEU B 752 -15.46 34.98 9.66
CA LEU B 752 -16.63 34.39 9.02
C LEU B 752 -17.81 34.34 9.98
N ILE B 753 -17.61 33.88 11.22
CA ILE B 753 -18.73 33.82 12.15
C ILE B 753 -19.37 35.17 12.32
N GLY B 754 -18.59 36.25 12.27
CA GLY B 754 -19.22 37.54 12.21
C GLY B 754 -19.78 37.85 10.85
N GLY B 755 -19.24 37.22 9.81
CA GLY B 755 -19.83 37.44 8.51
C GLY B 755 -21.19 36.80 8.38
N ILE B 756 -21.61 36.04 9.38
CA ILE B 756 -22.92 35.42 9.32
C ILE B 756 -23.98 36.43 9.67
N ALA B 757 -23.70 37.29 10.64
CA ALA B 757 -24.59 38.41 10.90
C ALA B 757 -24.05 39.72 10.38
N LEU B 758 -23.19 39.68 9.38
CA LEU B 758 -22.63 40.88 8.77
C LEU B 758 -22.75 40.69 7.28
N GLY B 759 -23.30 41.69 6.60
CA GLY B 759 -23.48 41.63 5.18
C GLY B 759 -22.84 42.86 4.57
N GLY B 760 -22.77 42.87 3.24
CA GLY B 760 -22.11 44.00 2.61
C GLY B 760 -22.77 45.27 3.09
N LEU B 761 -21.99 46.04 3.84
CA LEU B 761 -22.46 47.21 4.55
C LEU B 761 -21.30 48.20 4.60
N THR B 762 -21.64 49.48 4.72
CA THR B 762 -20.59 50.50 4.81
C THR B 762 -19.78 50.34 6.09
N SER B 763 -20.44 50.10 7.22
CA SER B 763 -19.77 50.07 8.50
C SER B 763 -19.13 48.70 8.76
N ALA B 764 -18.51 48.60 9.93
CA ALA B 764 -17.86 47.37 10.40
C ALA B 764 -18.55 46.82 11.63
N ALA B 765 -19.75 47.33 11.91
CA ALA B 765 -20.46 46.91 13.14
C ALA B 765 -21.54 45.87 12.85
N SER B 766 -22.23 45.43 13.89
CA SER B 766 -23.29 44.40 13.76
C SER B 766 -24.63 45.03 13.36
N ILE B 767 -25.59 44.20 12.95
CA ILE B 767 -26.97 44.69 12.65
C ILE B 767 -27.88 43.91 13.59
N PRO B 768 -29.08 44.40 13.97
CA PRO B 768 -29.88 43.66 14.93
C PRO B 768 -30.02 42.26 14.33
N PHE B 769 -29.70 41.22 15.11
CA PHE B 769 -29.71 39.83 14.58
C PHE B 769 -31.12 39.44 14.18
N SER B 770 -32.13 39.90 14.93
CA SER B 770 -33.50 39.42 14.66
C SER B 770 -33.91 39.73 13.22
N LEU B 771 -33.67 40.95 12.75
CA LEU B 771 -33.97 41.26 11.33
C LEU B 771 -33.01 40.49 10.44
N ALA B 772 -31.75 40.34 10.87
CA ALA B 772 -30.72 39.74 9.98
C ALA B 772 -31.01 38.29 9.57
N ILE B 773 -31.42 37.42 10.49
CA ILE B 773 -31.59 36.00 10.11
C ILE B 773 -32.71 35.91 9.06
N GLN B 774 -33.75 36.73 9.22
CA GLN B 774 -34.91 36.72 8.30
C GLN B 774 -34.45 36.59 6.85
N SER B 775 -33.29 37.16 6.50
CA SER B 775 -32.85 37.17 5.08
C SER B 775 -32.38 35.78 4.65
N ARG B 776 -31.62 35.08 5.49
CA ARG B 776 -31.07 33.79 5.03
C ARG B 776 -32.25 32.88 4.70
N LEU B 777 -33.25 32.83 5.58
CA LEU B 777 -34.43 31.95 5.36
C LEU B 777 -35.17 32.42 4.11
N ASN B 778 -35.22 33.72 3.84
CA ASN B 778 -36.02 34.21 2.70
C ASN B 778 -35.51 33.53 1.45
N TYR B 779 -34.19 33.32 1.36
CA TYR B 779 -33.65 32.57 0.19
C TYR B 779 -34.49 31.33 -0.04
N VAL B 780 -34.89 30.60 1.02
CA VAL B 780 -35.74 29.44 0.73
C VAL B 780 -37.17 29.86 0.44
N ALA B 781 -37.70 30.86 1.14
CA ALA B 781 -39.10 31.21 0.92
C ALA B 781 -39.44 32.54 1.58
N LEU B 782 -40.41 33.23 0.99
CA LEU B 782 -40.79 34.59 1.39
C LEU B 782 -41.64 34.54 2.65
N GLN B 783 -41.03 34.91 3.76
CA GLN B 783 -41.73 34.98 5.04
C GLN B 783 -42.79 36.07 5.01
N THR B 784 -44.04 35.69 5.28
CA THR B 784 -45.12 36.65 5.33
C THR B 784 -45.57 36.91 6.76
N ASP B 785 -44.82 36.41 7.74
CA ASP B 785 -45.08 36.63 9.15
C ASP B 785 -44.29 37.80 9.70
N VAL B 786 -44.86 38.44 10.71
CA VAL B 786 -44.20 39.56 11.37
C VAL B 786 -43.62 39.18 12.73
N LEU B 787 -44.27 38.24 13.43
CA LEU B 787 -43.91 37.90 14.81
C LEU B 787 -43.38 36.48 14.88
N GLN B 788 -42.08 36.36 15.16
CA GLN B 788 -41.35 35.11 14.97
C GLN B 788 -41.15 34.41 16.30
N GLU B 789 -42.11 33.56 16.68
CA GLU B 789 -41.95 32.77 17.90
C GLU B 789 -40.95 31.66 17.68
N ASN B 790 -40.83 31.23 16.43
CA ASN B 790 -39.88 30.19 16.09
C ASN B 790 -38.49 30.58 16.56
N GLN B 791 -38.14 31.86 16.41
CA GLN B 791 -36.83 32.33 16.84
C GLN B 791 -36.55 31.96 18.29
N LYS B 792 -37.48 32.27 19.17
CA LYS B 792 -37.23 32.07 20.58
C LYS B 792 -37.36 30.61 20.98
N ILE B 793 -38.19 29.87 20.27
CA ILE B 793 -38.30 28.47 20.65
C ILE B 793 -37.13 27.69 20.07
N LEU B 794 -36.65 28.10 18.91
CA LEU B 794 -35.46 27.48 18.38
C LEU B 794 -34.26 27.86 19.21
N ALA B 795 -34.29 29.05 19.83
CA ALA B 795 -33.21 29.37 20.74
C ALA B 795 -33.27 28.50 21.97
N ALA B 796 -34.46 28.28 22.51
CA ALA B 796 -34.57 27.41 23.67
C ALA B 796 -34.19 25.97 23.34
N SER B 797 -34.48 25.53 22.14
CA SER B 797 -34.09 24.19 21.77
C SER B 797 -32.62 24.13 21.42
N PHE B 798 -32.12 25.17 20.78
CA PHE B 798 -30.71 25.25 20.45
C PHE B 798 -29.85 25.24 21.69
N ASN B 799 -30.09 26.20 22.59
CA ASN B 799 -29.31 26.22 23.81
C ASN B 799 -29.58 25.01 24.68
N LYS B 800 -30.71 24.33 24.52
CA LYS B 800 -30.83 23.06 25.23
C LYS B 800 -29.96 21.99 24.59
N ALA B 801 -29.88 22.00 23.26
CA ALA B 801 -28.91 21.17 22.58
C ALA B 801 -27.50 21.49 23.02
N MET B 802 -27.25 22.72 23.43
CA MET B 802 -25.88 23.01 23.87
C MET B 802 -25.68 22.58 25.31
N THR B 803 -26.65 22.84 26.16
CA THR B 803 -26.58 22.34 27.53
C THR B 803 -26.35 20.84 27.53
N ASN B 804 -27.28 20.11 26.93
CA ASN B 804 -27.25 18.66 27.02
C ASN B 804 -26.13 18.10 26.17
N ILE B 805 -25.99 18.56 24.94
CA ILE B 805 -25.00 18.01 24.05
C ILE B 805 -23.60 18.36 24.53
N VAL B 806 -23.42 19.54 25.12
CA VAL B 806 -22.13 19.90 25.68
C VAL B 806 -21.87 19.14 26.96
N ASP B 807 -22.92 18.70 27.65
CA ASP B 807 -22.68 17.76 28.74
C ASP B 807 -22.28 16.40 28.20
N ALA B 808 -22.84 16.00 27.06
CA ALA B 808 -22.38 14.80 26.38
C ALA B 808 -20.92 14.93 25.96
N PHE B 809 -20.52 16.13 25.54
CA PHE B 809 -19.12 16.45 25.37
C PHE B 809 -18.33 16.16 26.64
N THR B 810 -18.68 16.86 27.72
CA THR B 810 -17.93 16.76 28.95
C THR B 810 -18.74 16.01 30.00
N SER B 820 -33.94 11.76 21.07
CA SER B 820 -33.47 12.79 20.16
C SER B 820 -32.38 12.28 19.23
N GLN B 821 -32.72 12.17 17.95
CA GLN B 821 -31.74 11.80 16.93
C GLN B 821 -30.56 12.76 16.87
N ALA B 822 -30.77 14.00 17.29
CA ALA B 822 -29.66 14.94 17.38
C ALA B 822 -28.53 14.35 18.21
N LEU B 823 -28.88 13.70 19.31
CA LEU B 823 -27.87 13.10 20.17
C LEU B 823 -27.09 12.01 19.43
N GLN B 824 -27.77 11.24 18.59
CA GLN B 824 -27.06 10.28 17.75
C GLN B 824 -26.11 10.98 16.79
N THR B 825 -26.54 12.13 16.27
CA THR B 825 -25.68 12.89 15.37
C THR B 825 -24.42 13.36 16.08
N VAL B 826 -24.57 13.89 17.28
CA VAL B 826 -23.40 14.37 17.99
C VAL B 826 -22.54 13.20 18.44
N ALA B 827 -23.14 12.06 18.77
CA ALA B 827 -22.34 10.90 19.10
C ALA B 827 -21.51 10.47 17.91
N THR B 828 -22.09 10.62 16.72
CA THR B 828 -21.36 10.26 15.52
C THR B 828 -20.21 11.22 15.30
N ALA B 829 -20.47 12.51 15.47
CA ALA B 829 -19.43 13.50 15.24
C ALA B 829 -18.29 13.34 16.23
N LEU B 830 -18.62 13.20 17.52
CA LEU B 830 -17.59 12.95 18.52
C LEU B 830 -16.80 11.69 18.20
N ASN B 831 -17.49 10.64 17.77
CA ASN B 831 -16.75 9.45 17.42
C ASN B 831 -15.88 9.69 16.20
N LYS B 832 -16.28 10.62 15.35
CA LYS B 832 -15.52 10.91 14.15
C LYS B 832 -14.25 11.69 14.46
N ILE B 833 -14.36 12.67 15.34
CA ILE B 833 -13.17 13.42 15.73
C ILE B 833 -12.21 12.51 16.48
N GLN B 834 -12.73 11.69 17.40
CA GLN B 834 -11.82 10.78 18.07
C GLN B 834 -11.27 9.74 17.14
N ASP B 835 -11.96 9.47 16.04
CA ASP B 835 -11.39 8.60 15.03
C ASP B 835 -10.22 9.27 14.34
N VAL B 836 -10.38 10.54 13.98
CA VAL B 836 -9.28 11.13 13.24
C VAL B 836 -8.09 11.36 14.15
N VAL B 837 -8.33 11.55 15.45
CA VAL B 837 -7.20 11.66 16.35
C VAL B 837 -6.55 10.31 16.58
N ASN B 838 -7.34 9.25 16.59
CA ASN B 838 -6.76 7.92 16.73
C ASN B 838 -5.96 7.54 15.51
N GLN B 839 -6.50 7.83 14.33
CA GLN B 839 -5.83 7.45 13.11
C GLN B 839 -4.53 8.22 12.91
N GLN B 840 -4.47 9.48 13.33
CA GLN B 840 -3.20 10.18 13.23
C GLN B 840 -2.22 9.67 14.27
N GLY B 841 -2.68 9.48 15.49
CA GLY B 841 -1.80 8.98 16.53
C GLY B 841 -1.21 7.64 16.15
N ASN B 842 -2.05 6.70 15.74
CA ASN B 842 -1.55 5.40 15.38
C ASN B 842 -0.89 5.38 14.03
N SER B 843 -1.00 6.44 13.25
CA SER B 843 -0.21 6.49 12.02
C SER B 843 1.22 6.81 12.34
N LEU B 844 1.45 7.88 13.09
CA LEU B 844 2.83 8.21 13.40
C LEU B 844 3.41 7.25 14.43
N ASN B 845 2.58 6.70 15.31
CA ASN B 845 3.02 5.58 16.13
C ASN B 845 3.31 4.34 15.32
N HIS B 846 2.67 4.18 14.17
CA HIS B 846 3.03 3.06 13.34
C HIS B 846 4.36 3.31 12.68
N LEU B 847 4.65 4.57 12.39
CA LEU B 847 5.95 4.91 11.85
C LEU B 847 7.03 4.68 12.91
N THR B 848 6.90 5.34 14.05
CA THR B 848 7.90 5.17 15.10
C THR B 848 7.97 3.75 15.62
N SER B 849 6.99 2.92 15.34
CA SER B 849 7.18 1.52 15.67
C SER B 849 7.88 0.78 14.56
N GLN B 850 7.71 1.23 13.34
CA GLN B 850 8.51 0.65 12.28
C GLN B 850 9.96 1.01 12.46
N LEU B 851 10.23 2.08 13.18
CA LEU B 851 11.59 2.34 13.63
C LEU B 851 11.93 1.52 14.85
N ARG B 852 10.94 1.16 15.64
CA ARG B 852 11.22 0.26 16.75
C ARG B 852 11.55 -1.14 16.28
N GLN B 853 11.25 -1.47 15.03
CA GLN B 853 11.55 -2.79 14.51
C GLN B 853 12.63 -2.68 13.45
N ASN B 854 13.62 -3.58 13.52
CA ASN B 854 14.67 -3.66 12.53
C ASN B 854 14.31 -4.79 11.58
N PHE B 855 14.22 -4.47 10.29
CA PHE B 855 13.76 -5.44 9.31
C PHE B 855 14.63 -6.69 9.35
N GLN B 856 15.93 -6.52 9.22
CA GLN B 856 16.83 -7.65 9.26
C GLN B 856 18.03 -7.39 10.15
N ALA B 857 18.21 -6.19 10.66
CA ALA B 857 19.44 -5.82 11.32
C ALA B 857 19.61 -6.59 12.62
N ILE B 858 20.83 -6.54 13.15
CA ILE B 858 21.06 -6.96 14.52
C ILE B 858 20.25 -6.09 15.47
N SER B 859 20.20 -4.80 15.22
CA SER B 859 19.56 -3.88 16.15
C SER B 859 19.15 -2.64 15.39
N SER B 860 18.31 -1.83 16.04
CA SER B 860 17.81 -0.63 15.38
C SER B 860 18.82 0.51 15.41
N SER B 861 19.67 0.59 16.43
CA SER B 861 20.63 1.67 16.54
C SER B 861 21.70 1.57 15.47
N ILE B 862 21.73 2.56 14.57
CA ILE B 862 22.77 2.60 13.56
C ILE B 862 24.12 2.76 14.23
N GLN B 863 24.16 3.57 15.28
CA GLN B 863 25.39 3.75 16.04
C GLN B 863 25.89 2.42 16.59
N ALA B 864 25.04 1.73 17.33
CA ALA B 864 25.43 0.45 17.88
C ALA B 864 25.78 -0.54 16.79
N ILE B 865 25.17 -0.41 15.61
CA ILE B 865 25.56 -1.26 14.51
C ILE B 865 26.98 -0.94 14.08
N TYR B 866 27.34 0.33 14.07
CA TYR B 866 28.71 0.70 13.71
C TYR B 866 29.68 0.18 14.75
N ASP B 867 29.25 0.19 16.00
CA ASP B 867 30.06 -0.38 17.06
C ASP B 867 30.22 -1.87 16.83
N ARG B 868 29.14 -2.52 16.41
CA ARG B 868 29.14 -3.96 16.23
C ARG B 868 29.90 -4.42 15.00
N LEU B 869 30.18 -3.54 14.06
CA LEU B 869 30.47 -4.00 12.72
C LEU B 869 31.58 -3.19 12.08
N ASP B 870 32.38 -3.86 11.27
CA ASP B 870 33.32 -3.13 10.43
C ASP B 870 32.64 -2.74 9.12
N ILE B 871 33.23 -1.73 8.49
CA ILE B 871 32.65 -0.97 7.39
C ILE B 871 31.87 -1.80 6.39
N ILE B 872 32.46 -2.89 5.92
CA ILE B 872 31.92 -3.58 4.75
C ILE B 872 30.58 -4.21 5.07
N GLN B 873 30.55 -5.07 6.07
CA GLN B 873 29.30 -5.68 6.48
C GLN B 873 28.47 -4.70 7.28
N ALA B 874 29.12 -3.69 7.86
CA ALA B 874 28.39 -2.58 8.45
C ALA B 874 27.52 -1.91 7.41
N ASP B 875 28.12 -1.64 6.26
CA ASP B 875 27.33 -1.08 5.16
C ASP B 875 26.28 -2.06 4.68
N GLN B 876 26.55 -3.36 4.77
CA GLN B 876 25.57 -4.32 4.32
C GLN B 876 24.32 -4.29 5.19
N GLN B 877 24.49 -4.33 6.50
CA GLN B 877 23.26 -4.28 7.28
C GLN B 877 22.71 -2.87 7.36
N VAL B 878 23.55 -1.87 7.19
CA VAL B 878 23.08 -0.50 7.16
C VAL B 878 22.19 -0.26 5.97
N ASP B 879 22.62 -0.72 4.79
CA ASP B 879 21.80 -0.46 3.64
C ASP B 879 20.61 -1.39 3.54
N ARG B 880 20.65 -2.58 4.13
CA ARG B 880 19.38 -3.30 4.16
C ARG B 880 18.42 -2.65 5.13
N LEU B 881 18.94 -2.05 6.20
CA LEU B 881 18.11 -1.20 7.04
C LEU B 881 17.50 -0.07 6.25
N ILE B 882 18.34 0.67 5.53
CA ILE B 882 17.82 1.86 4.89
C ILE B 882 16.90 1.47 3.76
N THR B 883 17.13 0.34 3.12
CA THR B 883 16.21 -0.12 2.11
C THR B 883 14.84 -0.38 2.71
N GLY B 884 14.81 -1.01 3.88
CA GLY B 884 13.53 -1.29 4.49
C GLY B 884 12.88 -0.04 5.03
N ARG B 885 13.69 0.86 5.56
CA ARG B 885 13.16 2.09 6.10
C ARG B 885 12.63 2.99 5.00
N LEU B 886 13.34 3.07 3.89
CA LEU B 886 12.83 3.77 2.73
C LEU B 886 11.59 3.09 2.17
N ALA B 887 11.49 1.78 2.33
CA ALA B 887 10.29 1.10 1.85
C ALA B 887 9.09 1.50 2.68
N ALA B 888 9.18 1.33 3.99
CA ALA B 888 8.13 1.80 4.87
C ALA B 888 7.90 3.29 4.72
N LEU B 889 8.94 4.03 4.38
CA LEU B 889 8.79 5.47 4.25
C LEU B 889 8.03 5.83 2.99
N ASN B 890 8.25 5.08 1.93
CA ASN B 890 7.47 5.28 0.73
C ASN B 890 6.04 4.85 0.96
N VAL B 891 5.85 3.77 1.71
CA VAL B 891 4.51 3.39 2.12
C VAL B 891 3.85 4.54 2.85
N PHE B 892 4.58 5.19 3.74
CA PHE B 892 3.99 6.26 4.52
C PHE B 892 3.73 7.49 3.68
N VAL B 893 4.62 7.80 2.75
CA VAL B 893 4.39 8.96 1.93
C VAL B 893 3.30 8.69 0.92
N SER B 894 3.08 7.42 0.59
CA SER B 894 1.96 7.10 -0.28
C SER B 894 0.66 7.11 0.47
N HIS B 895 0.71 6.80 1.76
CA HIS B 895 -0.50 7.00 2.56
C HIS B 895 -0.72 8.47 2.79
N THR B 896 0.34 9.24 2.83
CA THR B 896 0.19 10.68 2.89
C THR B 896 -0.40 11.21 1.60
N LEU B 897 -0.04 10.62 0.48
CA LEU B 897 -0.62 11.04 -0.78
C LEU B 897 -2.06 10.61 -0.92
N THR B 898 -2.40 9.43 -0.40
CA THR B 898 -3.80 9.04 -0.39
C THR B 898 -4.59 9.92 0.55
N LYS B 899 -3.94 10.36 1.62
CA LYS B 899 -4.58 11.26 2.54
C LYS B 899 -4.71 12.63 1.92
N TYR B 900 -3.77 12.98 1.06
CA TYR B 900 -3.83 14.27 0.39
C TYR B 900 -4.95 14.29 -0.64
N THR B 901 -5.10 13.22 -1.40
CA THR B 901 -6.19 13.19 -2.36
C THR B 901 -7.53 13.10 -1.66
N GLU B 902 -7.58 12.43 -0.52
CA GLU B 902 -8.86 12.34 0.18
C GLU B 902 -9.17 13.63 0.92
N VAL B 903 -8.19 14.22 1.59
CA VAL B 903 -8.39 15.50 2.21
C VAL B 903 -8.60 16.55 1.16
N ARG B 904 -8.22 16.27 -0.08
CA ARG B 904 -8.51 17.20 -1.15
C ARG B 904 -9.95 17.11 -1.57
N ALA B 905 -10.47 15.89 -1.67
CA ALA B 905 -11.88 15.72 -1.94
C ALA B 905 -12.70 16.36 -0.84
N SER B 906 -12.35 16.07 0.40
CA SER B 906 -13.12 16.61 1.51
C SER B 906 -12.88 18.10 1.70
N ARG B 907 -11.74 18.63 1.26
CA ARG B 907 -11.60 20.07 1.23
C ARG B 907 -12.52 20.67 0.20
N GLN B 908 -12.57 20.05 -0.98
CA GLN B 908 -13.51 20.49 -1.99
C GLN B 908 -14.90 20.54 -1.39
N LEU B 909 -15.27 19.50 -0.66
CA LEU B 909 -16.62 19.44 -0.14
C LEU B 909 -16.83 20.44 0.99
N ALA B 910 -15.89 20.55 1.92
CA ALA B 910 -16.06 21.47 3.01
C ALA B 910 -16.06 22.90 2.48
N GLN B 911 -14.96 23.27 1.83
CA GLN B 911 -14.88 24.55 1.14
C GLN B 911 -16.10 24.79 0.30
N GLN B 912 -16.73 23.74 -0.17
CA GLN B 912 -17.84 23.83 -1.07
C GLN B 912 -19.13 24.04 -0.33
N LYS B 913 -19.15 23.73 0.96
CA LYS B 913 -20.36 23.93 1.73
C LYS B 913 -20.31 25.17 2.61
N VAL B 914 -19.13 25.53 3.11
CA VAL B 914 -19.03 26.75 3.90
C VAL B 914 -19.33 27.96 3.05
N ASN B 915 -18.87 27.94 1.81
CA ASN B 915 -19.12 29.08 0.93
C ASN B 915 -20.52 29.04 0.34
N GLU B 916 -21.19 27.90 0.38
CA GLU B 916 -22.54 27.90 -0.16
C GLU B 916 -23.62 27.85 0.91
N CYS B 917 -23.79 26.65 1.47
CA CYS B 917 -24.83 26.40 2.45
C CYS B 917 -24.80 27.44 3.56
N VAL B 918 -23.60 27.76 4.05
CA VAL B 918 -23.47 28.73 5.13
C VAL B 918 -23.85 30.12 4.65
N LYS B 919 -23.30 30.53 3.52
CA LYS B 919 -23.56 31.88 3.01
C LYS B 919 -24.98 32.00 2.48
N SER B 920 -25.41 31.08 1.64
CA SER B 920 -26.75 31.12 1.07
C SER B 920 -27.33 29.72 0.98
N GLN B 921 -28.36 29.46 1.77
CA GLN B 921 -29.04 28.17 1.80
C GLN B 921 -29.15 27.58 0.40
N SER B 922 -28.71 26.35 0.24
CA SER B 922 -28.90 25.70 -1.04
C SER B 922 -30.36 25.41 -1.31
N LYS B 923 -30.68 25.25 -2.60
CA LYS B 923 -31.98 24.78 -3.04
C LYS B 923 -31.99 23.29 -3.25
N ARG B 924 -31.10 22.57 -2.56
CA ARG B 924 -30.98 21.13 -2.69
C ARG B 924 -31.29 20.58 -1.31
N TYR B 925 -32.44 19.91 -1.19
CA TYR B 925 -32.73 19.28 0.08
C TYR B 925 -32.05 17.94 0.14
N GLY B 926 -31.51 17.62 1.30
CA GLY B 926 -30.66 16.47 1.50
C GLY B 926 -29.20 16.85 1.46
N PHE B 927 -28.91 18.13 1.21
CA PHE B 927 -27.54 18.62 1.21
C PHE B 927 -27.08 18.91 2.64
N CYS B 928 -27.62 19.98 3.24
CA CYS B 928 -27.29 20.34 4.62
C CYS B 928 -28.59 20.57 5.37
N GLY B 929 -28.81 19.80 6.44
CA GLY B 929 -29.93 20.00 7.34
C GLY B 929 -31.04 18.98 7.26
N ASN B 930 -31.02 18.05 6.32
CA ASN B 930 -32.08 17.05 6.19
C ASN B 930 -33.45 17.70 6.20
N GLY B 931 -33.58 18.74 5.41
CA GLY B 931 -34.83 19.45 5.29
C GLY B 931 -34.54 20.87 4.85
N THR B 932 -35.56 21.71 4.97
CA THR B 932 -35.35 23.12 4.69
C THR B 932 -34.31 23.67 5.65
N HIS B 933 -33.28 24.30 5.08
CA HIS B 933 -32.11 24.73 5.82
C HIS B 933 -32.15 26.23 6.00
N ILE B 934 -31.73 26.70 7.17
CA ILE B 934 -31.77 28.12 7.49
C ILE B 934 -30.39 28.74 7.46
N PHE B 935 -29.45 28.19 8.22
CA PHE B 935 -28.07 28.66 8.13
C PHE B 935 -27.21 27.69 8.89
N SER B 936 -25.90 27.90 8.82
CA SER B 936 -25.00 27.00 9.51
C SER B 936 -23.98 27.79 10.30
N LEU B 937 -23.71 27.32 11.50
CA LEU B 937 -22.60 27.82 12.30
C LEU B 937 -21.36 26.99 11.98
N VAL B 938 -20.20 27.50 12.35
CA VAL B 938 -18.97 26.75 12.14
C VAL B 938 -17.94 27.08 13.20
N ASN B 939 -17.14 26.08 13.53
CA ASN B 939 -16.00 26.23 14.42
C ASN B 939 -14.88 25.34 13.94
N ALA B 940 -13.75 25.50 14.60
CA ALA B 940 -12.57 24.71 14.34
C ALA B 940 -12.56 23.48 15.23
N ALA B 941 -11.66 22.59 14.92
CA ALA B 941 -11.66 21.27 15.49
C ALA B 941 -10.29 20.70 15.19
N PRO B 942 -9.89 19.61 15.82
CA PRO B 942 -8.54 19.11 15.59
C PRO B 942 -8.37 18.69 14.15
N GLU B 943 -7.72 19.57 13.40
CA GLU B 943 -7.37 19.38 12.02
C GLU B 943 -8.62 19.35 11.14
N GLY B 944 -9.69 19.98 11.60
CA GLY B 944 -10.90 19.95 10.80
C GLY B 944 -11.89 20.98 11.27
N LEU B 945 -13.02 21.02 10.56
CA LEU B 945 -14.10 21.92 10.89
C LEU B 945 -15.32 21.18 11.40
N VAL B 946 -16.13 21.88 12.16
CA VAL B 946 -17.40 21.35 12.63
C VAL B 946 -18.46 22.41 12.37
N PHE B 947 -19.62 21.99 11.88
CA PHE B 947 -20.70 22.93 11.60
C PHE B 947 -21.95 22.56 12.37
N LEU B 948 -22.82 23.55 12.52
CA LEU B 948 -24.09 23.44 13.22
C LEU B 948 -25.18 23.98 12.30
N HIS B 949 -25.65 23.13 11.39
CA HIS B 949 -26.61 23.60 10.37
C HIS B 949 -28.00 23.75 10.97
N THR B 950 -28.37 24.96 11.38
CA THR B 950 -29.76 25.19 11.85
C THR B 950 -30.67 24.93 10.65
N VAL B 951 -31.82 24.30 10.87
CA VAL B 951 -32.67 23.93 9.70
C VAL B 951 -34.14 23.99 10.09
N LEU B 952 -35.04 23.87 9.12
CA LEU B 952 -36.50 23.84 9.35
C LEU B 952 -37.02 22.48 8.90
N LEU B 953 -37.66 21.73 9.79
CA LEU B 953 -38.12 20.35 9.47
C LEU B 953 -39.59 20.22 9.83
N PRO B 954 -40.31 19.21 9.34
CA PRO B 954 -41.69 19.02 9.74
C PRO B 954 -41.83 18.60 11.20
N THR B 955 -42.69 19.29 11.95
CA THR B 955 -42.98 18.84 13.33
C THR B 955 -44.49 18.70 13.43
N GLN B 956 -45.22 19.73 12.99
CA GLN B 956 -46.70 19.64 12.95
C GLN B 956 -47.17 19.90 11.53
N TYR B 957 -47.90 18.95 10.93
CA TYR B 957 -48.46 19.14 9.57
C TYR B 957 -49.71 20.02 9.65
N LYS B 958 -50.13 20.60 8.53
CA LYS B 958 -51.37 21.40 8.54
C LYS B 958 -52.28 20.95 7.41
N ASP B 959 -53.43 20.34 7.74
CA ASP B 959 -54.40 19.90 6.74
C ASP B 959 -54.69 21.00 5.72
N VAL B 960 -54.92 20.58 4.48
CA VAL B 960 -55.40 21.47 3.43
C VAL B 960 -56.01 20.61 2.34
N GLU B 961 -56.82 21.24 1.50
CA GLU B 961 -57.43 20.59 0.34
C GLU B 961 -56.86 21.24 -0.91
N ALA B 962 -56.49 20.43 -1.88
CA ALA B 962 -55.84 20.92 -3.08
C ALA B 962 -56.61 20.50 -4.32
N TRP B 963 -56.83 21.44 -5.24
CA TRP B 963 -57.52 21.17 -6.48
C TRP B 963 -56.58 20.55 -7.52
N SER B 964 -57.19 19.96 -8.54
CA SER B 964 -56.44 19.31 -9.61
C SER B 964 -56.08 20.31 -10.72
N GLY B 965 -55.34 21.35 -10.35
CA GLY B 965 -54.90 22.33 -11.33
C GLY B 965 -56.02 22.91 -12.18
N LEU B 966 -57.10 23.33 -11.54
CA LEU B 966 -58.32 23.74 -12.22
C LEU B 966 -58.13 24.83 -13.27
N CYS B 967 -58.75 24.62 -14.42
CA CYS B 967 -58.83 25.60 -15.50
C CYS B 967 -60.19 26.31 -15.45
N VAL B 968 -60.20 27.62 -15.68
CA VAL B 968 -61.45 28.36 -15.60
C VAL B 968 -62.38 27.95 -16.73
N ASP B 969 -63.69 28.12 -16.50
CA ASP B 969 -64.69 27.72 -17.49
C ASP B 969 -64.48 28.42 -18.82
N GLY B 970 -64.11 29.70 -18.77
CA GLY B 970 -63.79 30.42 -19.97
C GLY B 970 -62.53 29.87 -20.60
N ARG B 971 -62.18 30.44 -21.75
CA ARG B 971 -60.95 30.02 -22.39
C ARG B 971 -59.76 30.14 -21.46
N ASN B 972 -59.88 30.98 -20.44
CA ASN B 972 -58.85 31.04 -19.41
C ASN B 972 -58.81 29.76 -18.60
N GLY B 973 -57.62 29.25 -18.38
CA GLY B 973 -57.42 28.08 -17.55
C GLY B 973 -56.02 28.07 -16.98
N TYR B 974 -55.85 27.62 -15.74
CA TYR B 974 -54.60 27.85 -15.06
C TYR B 974 -53.74 26.60 -15.05
N VAL B 975 -52.45 26.82 -15.27
CA VAL B 975 -51.44 25.81 -15.04
C VAL B 975 -50.37 26.54 -14.23
N LEU B 976 -49.39 25.80 -13.78
CA LEU B 976 -48.54 26.38 -12.76
C LEU B 976 -47.50 27.28 -13.39
N ARG B 977 -47.28 28.42 -12.76
CA ARG B 977 -46.32 29.36 -13.32
C ARG B 977 -44.91 28.95 -12.95
N GLN B 978 -44.73 28.37 -11.77
CA GLN B 978 -43.49 27.75 -11.38
C GLN B 978 -43.83 26.60 -10.46
N PRO B 979 -43.03 25.53 -10.45
CA PRO B 979 -43.53 24.26 -9.93
C PRO B 979 -43.73 24.25 -8.43
N ASN B 980 -43.10 25.18 -7.72
CA ASN B 980 -42.96 25.05 -6.28
C ASN B 980 -44.17 25.55 -5.51
N LEU B 981 -45.24 25.97 -6.17
CA LEU B 981 -46.43 26.39 -5.45
C LEU B 981 -47.58 25.44 -5.72
N ALA B 982 -48.67 25.67 -5.02
CA ALA B 982 -49.88 24.88 -5.16
C ALA B 982 -51.01 25.65 -4.53
N LEU B 983 -52.14 25.71 -5.22
CA LEU B 983 -53.32 26.27 -4.60
C LEU B 983 -53.79 25.38 -3.44
N TYR B 984 -54.69 25.93 -2.63
CA TYR B 984 -55.54 25.11 -1.80
C TYR B 984 -56.77 25.94 -1.46
N LYS B 985 -57.81 25.24 -1.06
CA LYS B 985 -59.07 25.86 -0.70
C LYS B 985 -59.23 25.77 0.81
N GLU B 986 -58.81 26.83 1.49
CA GLU B 986 -59.02 26.96 2.92
C GLU B 986 -60.45 27.37 3.24
N GLY B 987 -61.11 28.05 2.32
CA GLY B 987 -62.47 28.50 2.51
C GLY B 987 -62.99 28.90 1.17
N ASN B 988 -63.87 29.90 1.16
CA ASN B 988 -64.44 30.40 -0.11
C ASN B 988 -63.31 31.02 -0.93
N TYR B 989 -62.51 31.87 -0.29
CA TYR B 989 -61.37 32.49 -0.99
C TYR B 989 -60.29 31.44 -1.20
N TYR B 990 -59.41 31.64 -2.18
CA TYR B 990 -58.31 30.69 -2.44
C TYR B 990 -57.01 31.34 -2.02
N ARG B 991 -56.05 30.54 -1.56
CA ARG B 991 -54.71 31.08 -1.21
C ARG B 991 -53.68 30.14 -1.82
N ILE B 992 -52.46 30.62 -2.06
CA ILE B 992 -51.47 29.76 -2.76
C ILE B 992 -50.25 29.59 -1.87
N THR B 993 -50.34 28.66 -0.91
CA THR B 993 -49.21 28.42 0.02
C THR B 993 -48.09 27.72 -0.72
N SER B 994 -46.87 27.81 -0.21
CA SER B 994 -45.71 27.20 -0.88
C SER B 994 -45.71 25.68 -0.74
N ARG B 995 -44.77 25.03 -1.43
CA ARG B 995 -44.64 23.55 -1.28
C ARG B 995 -43.77 23.29 -0.06
N ILE B 996 -43.14 24.32 0.50
CA ILE B 996 -42.21 24.09 1.63
C ILE B 996 -42.72 24.73 2.93
N MET B 997 -43.77 25.56 2.89
CA MET B 997 -44.35 26.17 4.12
C MET B 997 -45.85 26.43 3.91
N PHE B 998 -46.57 26.88 4.96
CA PHE B 998 -48.03 27.14 4.87
C PHE B 998 -48.21 28.64 4.65
N GLU B 999 -47.13 29.32 4.27
CA GLU B 999 -47.20 30.80 4.15
C GLU B 999 -48.36 31.15 3.22
N PRO B 1000 -49.26 32.04 3.63
CA PRO B 1000 -50.42 32.38 2.81
C PRO B 1000 -50.04 33.47 1.82
N ARG B 1001 -49.42 33.09 0.71
CA ARG B 1001 -49.14 34.12 -0.33
C ARG B 1001 -50.48 34.63 -0.82
N ILE B 1002 -50.60 35.96 -0.91
CA ILE B 1002 -51.87 36.52 -1.46
C ILE B 1002 -52.00 36.01 -2.90
N PRO B 1003 -53.18 35.61 -3.41
CA PRO B 1003 -53.29 35.21 -4.82
C PRO B 1003 -52.91 36.40 -5.71
N THR B 1004 -52.27 36.13 -6.85
CA THR B 1004 -51.79 37.22 -7.69
C THR B 1004 -51.67 36.77 -9.14
N ILE B 1005 -51.82 37.73 -10.05
CA ILE B 1005 -51.84 37.41 -11.47
C ILE B 1005 -50.45 37.11 -11.99
N ALA B 1006 -49.40 37.62 -11.35
CA ALA B 1006 -48.05 37.44 -11.84
C ALA B 1006 -47.68 35.98 -11.99
N ASP B 1007 -48.45 35.08 -11.39
CA ASP B 1007 -48.17 33.65 -11.44
C ASP B 1007 -49.22 32.88 -12.25
N PHE B 1008 -49.95 33.55 -13.12
CA PHE B 1008 -51.04 32.92 -13.85
C PHE B 1008 -50.69 32.67 -15.32
N VAL B 1009 -51.51 31.85 -15.95
CA VAL B 1009 -51.36 31.50 -17.36
C VAL B 1009 -52.73 31.14 -17.92
N GLN B 1010 -52.88 31.26 -19.23
CA GLN B 1010 -54.13 30.95 -19.90
C GLN B 1010 -54.03 29.59 -20.58
N ILE B 1011 -55.09 28.80 -20.48
CA ILE B 1011 -55.22 27.52 -21.17
C ILE B 1011 -56.69 27.31 -21.52
N GLU B 1012 -56.95 26.95 -22.78
CA GLU B 1012 -58.32 26.92 -23.28
C GLU B 1012 -59.13 25.78 -22.68
N ASN B 1013 -58.68 24.53 -22.86
CA ASN B 1013 -59.51 23.37 -22.59
C ASN B 1013 -60.00 23.25 -21.16
N CYS B 1014 -61.30 23.45 -20.96
CA CYS B 1014 -61.90 23.42 -19.64
C CYS B 1014 -62.49 22.05 -19.42
N ASN B 1015 -62.06 21.36 -18.37
CA ASN B 1015 -62.78 20.19 -17.92
C ASN B 1015 -63.81 20.61 -16.87
N VAL B 1016 -65.09 20.35 -17.16
CA VAL B 1016 -66.20 20.89 -16.37
C VAL B 1016 -66.02 20.54 -14.90
N THR B 1017 -65.17 19.57 -14.62
CA THR B 1017 -64.91 19.14 -13.26
C THR B 1017 -64.08 20.14 -12.48
N PHE B 1018 -63.67 21.24 -13.10
CA PHE B 1018 -62.78 22.23 -12.54
C PHE B 1018 -63.55 23.51 -12.22
N VAL B 1019 -62.80 24.55 -11.87
CA VAL B 1019 -63.43 25.70 -11.22
C VAL B 1019 -64.48 26.32 -12.11
N ASN B 1020 -65.53 26.80 -11.45
CA ASN B 1020 -66.66 27.46 -12.07
C ASN B 1020 -66.55 28.93 -11.69
N ILE B 1021 -66.04 29.72 -12.61
CA ILE B 1021 -65.70 31.12 -12.34
C ILE B 1021 -65.67 31.84 -13.66
N SER B 1022 -66.16 33.07 -13.70
CA SER B 1022 -65.98 33.75 -14.97
C SER B 1022 -64.72 34.59 -14.86
N ARG B 1023 -64.32 35.17 -15.98
CA ARG B 1023 -63.12 36.00 -15.93
C ARG B 1023 -63.37 37.27 -15.12
N SER B 1024 -64.62 37.69 -15.00
CA SER B 1024 -64.95 38.84 -14.16
C SER B 1024 -64.75 38.53 -12.68
N GLU B 1025 -65.47 37.54 -12.16
CA GLU B 1025 -65.39 37.27 -10.74
C GLU B 1025 -64.11 36.57 -10.35
N LEU B 1026 -63.26 36.23 -11.32
CA LEU B 1026 -61.90 35.87 -10.96
C LEU B 1026 -61.27 36.95 -10.11
N GLN B 1027 -61.54 38.22 -10.45
CA GLN B 1027 -61.03 39.31 -9.63
C GLN B 1027 -61.61 39.24 -8.22
N THR B 1028 -62.86 38.80 -8.10
CA THR B 1028 -63.43 38.60 -6.77
C THR B 1028 -62.96 37.30 -6.14
N ILE B 1029 -62.45 36.39 -6.95
CA ILE B 1029 -61.88 35.15 -6.44
C ILE B 1029 -60.41 35.31 -6.14
N VAL B 1030 -59.66 35.88 -7.08
CA VAL B 1030 -58.24 36.15 -6.91
C VAL B 1030 -58.03 37.65 -7.00
N PRO B 1031 -57.28 38.26 -6.08
CA PRO B 1031 -57.11 39.72 -6.13
C PRO B 1031 -55.92 40.03 -7.01
N GLU B 1032 -56.10 39.76 -8.30
CA GLU B 1032 -55.03 39.96 -9.26
C GLU B 1032 -54.65 41.43 -9.37
N TYR B 1033 -55.63 42.32 -9.32
CA TYR B 1033 -55.37 43.75 -9.45
C TYR B 1033 -56.56 44.55 -8.92
N ILE C 48 39.41 27.58 -11.45
CA ILE C 48 38.87 27.20 -12.74
C ILE C 48 38.01 28.28 -13.35
N PRO C 49 38.27 28.64 -14.60
CA PRO C 49 37.45 29.66 -15.25
C PRO C 49 36.03 29.17 -15.42
N SER C 50 35.09 30.10 -15.30
CA SER C 50 33.74 29.79 -15.74
C SER C 50 33.71 29.84 -17.25
N ASP C 51 32.84 29.03 -17.84
CA ASP C 51 32.66 28.93 -19.28
C ASP C 51 33.85 28.29 -19.97
N PHE C 52 34.74 27.68 -19.20
CA PHE C 52 35.88 26.98 -19.78
C PHE C 52 35.37 25.75 -20.51
N ALA C 53 35.68 25.65 -21.80
CA ALA C 53 35.14 24.55 -22.59
C ALA C 53 35.65 23.20 -22.12
N PHE C 54 36.90 23.14 -21.65
CA PHE C 54 37.55 21.93 -21.14
C PHE C 54 37.19 20.70 -21.96
N ASN C 55 37.08 20.87 -23.28
CA ASN C 55 36.64 19.78 -24.13
C ASN C 55 37.62 18.61 -24.07
N ASN C 56 38.89 18.91 -23.83
CA ASN C 56 39.89 17.86 -23.73
C ASN C 56 39.74 17.11 -22.42
N TRP C 57 39.50 17.85 -21.33
CA TRP C 57 39.16 17.22 -20.06
C TRP C 57 37.96 16.31 -20.31
N PHE C 58 37.76 15.31 -19.45
CA PHE C 58 36.61 14.44 -19.64
C PHE C 58 36.16 13.84 -18.31
N LEU C 59 35.05 13.11 -18.36
CA LEU C 59 34.54 12.45 -17.18
C LEU C 59 35.36 11.20 -16.88
N LEU C 60 35.30 10.75 -15.64
CA LEU C 60 35.97 9.52 -15.22
C LEU C 60 34.96 8.62 -14.52
N THR C 61 34.78 7.42 -15.06
CA THR C 61 33.79 6.49 -14.51
C THR C 61 34.37 5.09 -14.39
N ASN C 62 34.19 4.49 -13.21
CA ASN C 62 34.64 3.11 -13.02
C ASN C 62 33.81 2.15 -13.87
N THR C 63 32.49 2.31 -13.84
CA THR C 63 31.55 1.45 -14.54
C THR C 63 31.20 2.05 -15.90
N SER C 64 30.19 1.46 -16.54
CA SER C 64 29.74 1.96 -17.82
C SER C 64 29.30 3.42 -17.71
N SER C 65 29.74 4.22 -18.66
CA SER C 65 29.47 5.64 -18.64
C SER C 65 27.99 5.94 -18.85
N VAL C 66 27.52 6.95 -18.13
CA VAL C 66 26.20 7.49 -18.37
C VAL C 66 26.27 8.49 -19.50
N VAL C 67 25.11 8.84 -20.05
CA VAL C 67 25.01 9.82 -21.12
C VAL C 67 24.01 10.90 -20.72
N ASP C 68 24.38 12.15 -20.99
CA ASP C 68 23.51 13.33 -20.82
C ASP C 68 22.86 13.44 -19.45
N GLY C 69 23.65 13.24 -18.39
CA GLY C 69 23.16 13.33 -17.04
C GLY C 69 24.05 14.19 -16.16
N VAL C 70 23.48 14.58 -15.02
CA VAL C 70 24.17 15.36 -14.00
C VAL C 70 24.33 14.49 -12.76
N VAL C 71 25.57 14.34 -12.31
CA VAL C 71 25.87 13.53 -11.13
C VAL C 71 26.90 14.25 -10.26
N ARG C 72 26.64 14.30 -8.95
CA ARG C 72 27.62 14.80 -8.00
C ARG C 72 28.67 13.71 -7.75
N SER C 73 29.94 14.08 -7.77
CA SER C 73 30.97 13.07 -7.55
C SER C 73 32.29 13.70 -7.12
N PHE C 74 33.20 12.84 -6.65
CA PHE C 74 34.52 13.24 -6.21
C PHE C 74 35.50 13.13 -7.37
N GLN C 75 36.06 14.26 -7.77
CA GLN C 75 37.00 14.27 -8.87
C GLN C 75 38.27 15.02 -8.50
N PRO C 76 39.39 14.70 -9.12
CA PRO C 76 40.60 15.47 -8.79
C PRO C 76 40.56 16.78 -9.58
N LEU C 77 39.73 17.69 -9.09
CA LEU C 77 39.53 18.97 -9.76
C LEU C 77 40.11 20.17 -9.02
N LEU C 78 40.79 19.97 -7.90
CA LEU C 78 41.33 21.15 -7.25
C LEU C 78 42.66 21.42 -7.93
N LEU C 79 42.56 22.07 -9.09
CA LEU C 79 43.73 22.34 -9.89
C LEU C 79 44.72 23.12 -9.05
N ASN C 80 45.97 22.67 -9.05
CA ASN C 80 46.98 23.31 -8.23
C ASN C 80 47.88 24.22 -9.06
N CYS C 81 48.50 23.66 -10.09
CA CYS C 81 49.37 24.43 -10.97
C CYS C 81 48.94 24.11 -12.39
N LEU C 82 48.71 25.16 -13.18
CA LEU C 82 48.31 24.92 -14.57
C LEU C 82 49.40 24.19 -15.32
N TRP C 83 50.66 24.47 -15.01
CA TRP C 83 51.80 23.83 -15.65
C TRP C 83 51.64 23.88 -17.16
N SER C 84 51.56 25.11 -17.66
CA SER C 84 51.34 25.34 -19.08
C SER C 84 52.35 24.56 -19.89
N VAL C 85 51.87 23.95 -20.97
CA VAL C 85 52.73 23.11 -21.80
C VAL C 85 53.90 23.92 -22.31
N SER C 86 53.64 25.12 -22.81
CA SER C 86 54.68 25.99 -23.35
C SER C 86 55.55 25.24 -24.34
N GLY C 87 54.91 24.61 -25.32
CA GLY C 87 55.64 23.84 -26.31
C GLY C 87 56.50 22.74 -25.73
N LEU C 88 55.91 21.81 -24.97
CA LEU C 88 56.69 20.74 -24.38
C LEU C 88 57.49 20.00 -25.44
N ARG C 89 58.77 19.86 -25.18
CA ARG C 89 59.71 19.24 -26.10
C ARG C 89 59.93 17.77 -25.77
N PHE C 90 60.97 17.20 -26.39
CA PHE C 90 61.31 15.80 -26.21
C PHE C 90 61.62 15.46 -24.77
N THR C 91 62.34 16.33 -24.06
CA THR C 91 62.69 16.16 -22.65
C THR C 91 61.59 16.74 -21.77
N THR C 92 60.46 16.03 -21.69
CA THR C 92 59.29 16.55 -20.94
C THR C 92 59.67 16.81 -19.47
N GLY C 93 60.19 15.80 -18.78
CA GLY C 93 60.57 15.95 -17.37
C GLY C 93 59.83 14.98 -16.46
N PHE C 94 60.24 14.89 -15.20
CA PHE C 94 59.63 13.92 -14.25
C PHE C 94 58.91 14.68 -13.13
N VAL C 95 57.69 14.25 -12.81
CA VAL C 95 56.92 14.89 -11.69
C VAL C 95 57.03 13.98 -10.46
N TYR C 96 57.30 14.56 -9.29
CA TYR C 96 57.49 13.76 -8.05
C TYR C 96 56.34 14.03 -7.07
N PHE C 97 55.11 14.19 -7.58
CA PHE C 97 53.97 14.57 -6.71
C PHE C 97 54.29 15.89 -6.02
N ASN C 98 54.86 16.83 -6.78
CA ASN C 98 55.28 18.14 -6.21
C ASN C 98 54.71 19.29 -7.02
N GLY C 99 54.63 20.46 -6.40
CA GLY C 99 54.17 21.64 -7.14
C GLY C 99 55.18 22.13 -8.15
N THR C 100 56.24 21.35 -8.47
CA THR C 100 57.10 21.90 -9.52
C THR C 100 56.43 21.78 -10.87
N GLY C 101 55.53 22.73 -11.11
CA GLY C 101 54.79 22.85 -12.35
C GLY C 101 55.10 24.15 -13.06
N ARG C 102 55.37 24.12 -14.37
CA ARG C 102 55.65 25.34 -15.10
C ARG C 102 54.31 25.99 -15.43
N GLY C 103 53.67 26.57 -14.44
CA GLY C 103 52.39 27.16 -14.73
C GLY C 103 51.91 28.21 -13.75
N ASP C 104 50.91 28.97 -14.22
CA ASP C 104 50.26 29.98 -13.41
C ASP C 104 49.29 29.31 -12.44
N CYS C 105 49.10 29.95 -11.29
CA CYS C 105 48.28 29.37 -10.24
C CYS C 105 46.84 29.84 -10.29
N LYS C 106 46.54 30.83 -11.13
CA LYS C 106 45.20 31.39 -11.29
C LYS C 106 44.57 31.79 -9.95
N GLY C 107 45.31 32.53 -9.15
CA GLY C 107 44.70 33.04 -7.93
C GLY C 107 44.20 31.96 -7.00
N PHE C 108 42.89 31.87 -6.87
CA PHE C 108 42.29 30.90 -5.96
C PHE C 108 42.82 29.49 -6.23
N SER C 109 43.03 28.76 -5.14
CA SER C 109 43.68 27.45 -5.18
C SER C 109 45.06 27.58 -5.83
N SER C 110 45.81 28.59 -5.38
CA SER C 110 47.11 28.85 -5.99
C SER C 110 48.08 27.68 -5.83
N ASP C 111 48.28 27.21 -4.60
CA ASP C 111 49.26 26.10 -4.40
C ASP C 111 48.94 25.26 -3.16
N VAL C 112 48.90 23.94 -3.35
CA VAL C 112 48.64 22.94 -2.27
C VAL C 112 49.37 21.64 -2.65
N LEU C 113 49.62 20.76 -1.67
CA LEU C 113 50.29 19.46 -1.94
C LEU C 113 49.54 18.77 -3.09
N SER C 114 50.20 18.54 -4.22
CA SER C 114 49.51 17.98 -5.38
C SER C 114 49.20 16.51 -5.16
N ASP C 115 47.91 16.20 -5.05
CA ASP C 115 47.46 14.84 -4.80
C ASP C 115 47.35 14.00 -6.06
N VAL C 116 47.22 14.61 -7.23
CA VAL C 116 47.01 13.83 -8.46
C VAL C 116 47.74 14.45 -9.63
N ILE C 117 48.11 13.60 -10.59
CA ILE C 117 48.71 14.01 -11.84
C ILE C 117 47.94 13.38 -12.99
N ARG C 118 47.59 14.18 -13.99
CA ARG C 118 46.84 13.76 -15.16
C ARG C 118 47.59 14.21 -16.40
N TYR C 119 47.31 13.58 -17.55
CA TYR C 119 47.97 13.96 -18.80
C TYR C 119 46.89 14.27 -19.81
N ASN C 120 46.29 15.44 -19.70
CA ASN C 120 45.36 15.83 -20.74
C ASN C 120 46.21 16.23 -21.94
N LEU C 121 45.72 15.90 -23.12
CA LEU C 121 46.49 16.12 -24.34
C LEU C 121 45.70 17.07 -25.22
N ASN C 122 46.34 18.14 -25.68
CA ASN C 122 45.69 19.05 -26.61
C ASN C 122 46.58 19.15 -27.84
N PHE C 123 46.24 18.42 -28.89
CA PHE C 123 47.12 18.43 -30.04
C PHE C 123 46.33 18.00 -31.26
N GLU C 124 46.91 18.31 -32.41
CA GLU C 124 46.33 17.97 -33.69
C GLU C 124 46.55 16.50 -33.98
N GLU C 125 45.92 16.03 -35.05
CA GLU C 125 46.01 14.63 -35.44
C GLU C 125 47.32 14.45 -36.20
N ASN C 126 48.41 14.39 -35.44
CA ASN C 126 49.75 14.24 -36.00
C ASN C 126 50.52 13.19 -35.21
N LEU C 127 51.42 12.50 -35.90
CA LEU C 127 52.30 11.51 -35.31
C LEU C 127 53.65 12.16 -34.97
N ARG C 128 53.96 12.21 -33.68
CA ARG C 128 55.24 12.73 -33.18
C ARG C 128 56.04 11.59 -32.56
N ARG C 129 57.29 11.42 -33.01
CA ARG C 129 58.11 10.34 -32.49
C ARG C 129 58.25 10.47 -30.97
N GLY C 130 58.02 9.37 -30.26
CA GLY C 130 58.10 9.44 -28.81
C GLY C 130 58.20 8.09 -28.14
N THR C 131 58.53 8.15 -26.85
CA THR C 131 58.63 6.98 -25.99
C THR C 131 57.97 7.29 -24.66
N ILE C 132 57.58 6.25 -23.94
CA ILE C 132 56.96 6.39 -22.62
C ILE C 132 57.77 5.59 -21.62
N LEU C 133 58.18 6.23 -20.53
CA LEU C 133 58.94 5.60 -19.45
C LEU C 133 58.21 5.88 -18.14
N PHE C 134 58.02 4.86 -17.31
CA PHE C 134 57.31 5.02 -16.06
C PHE C 134 58.19 4.67 -14.87
N LYS C 135 58.20 5.53 -13.86
CA LYS C 135 58.97 5.29 -12.64
C LYS C 135 58.04 5.05 -11.46
N THR C 136 58.23 3.92 -10.77
CA THR C 136 57.38 3.58 -9.65
C THR C 136 58.19 2.86 -8.58
N SER C 137 57.61 2.81 -7.38
CA SER C 137 58.30 2.24 -6.23
C SER C 137 58.67 0.78 -6.44
N TYR C 138 57.78 -0.01 -7.04
CA TYR C 138 58.09 -1.41 -7.26
C TYR C 138 59.31 -1.54 -8.16
N GLY C 139 59.41 -0.68 -9.15
CA GLY C 139 60.46 -0.77 -10.13
C GLY C 139 60.07 -0.06 -11.40
N VAL C 140 61.01 0.00 -12.33
CA VAL C 140 60.79 0.73 -13.56
C VAL C 140 59.83 -0.01 -14.47
N VAL C 141 59.18 0.75 -15.35
CA VAL C 141 58.31 0.22 -16.39
C VAL C 141 58.74 0.85 -17.70
N VAL C 142 58.94 0.02 -18.71
CA VAL C 142 59.31 0.46 -20.04
C VAL C 142 58.19 0.04 -20.97
N PHE C 143 57.95 0.85 -22.00
CA PHE C 143 56.90 0.53 -22.95
C PHE C 143 57.49 0.46 -24.35
N TYR C 144 57.33 -0.69 -24.97
CA TYR C 144 57.78 -0.95 -26.32
C TYR C 144 56.60 -0.73 -27.24
N CYS C 145 56.88 -0.39 -28.49
CA CYS C 145 55.82 -0.44 -29.48
C CYS C 145 56.43 -0.63 -30.85
N THR C 146 55.59 -1.00 -31.80
CA THR C 146 56.02 -1.17 -33.18
C THR C 146 54.88 -0.78 -34.09
N ASN C 147 55.00 0.36 -34.77
CA ASN C 147 53.95 0.70 -35.71
C ASN C 147 53.88 -0.34 -36.82
N ASN C 148 55.02 -0.78 -37.31
CA ASN C 148 55.04 -1.84 -38.28
C ASN C 148 54.59 -3.15 -37.63
N THR C 149 54.12 -4.09 -38.46
CA THR C 149 53.57 -5.34 -37.95
C THR C 149 54.58 -6.12 -37.10
N LEU C 150 55.87 -6.04 -37.41
CA LEU C 150 56.88 -6.76 -36.66
C LEU C 150 56.83 -6.37 -35.19
N VAL C 151 57.08 -7.35 -34.31
CA VAL C 151 56.96 -7.11 -32.87
C VAL C 151 57.89 -5.99 -32.45
N SER C 152 59.16 -6.06 -32.85
CA SER C 152 60.07 -4.96 -32.59
C SER C 152 59.68 -3.76 -33.44
N GLY C 153 59.49 -3.97 -34.73
CA GLY C 153 59.02 -2.93 -35.64
C GLY C 153 59.74 -1.62 -35.47
N ASP C 154 58.96 -0.54 -35.38
CA ASP C 154 59.46 0.80 -35.14
C ASP C 154 58.90 1.31 -33.82
N ALA C 155 59.80 1.74 -32.93
CA ALA C 155 59.48 2.06 -31.54
C ALA C 155 58.88 3.47 -31.42
N HIS C 156 57.62 3.57 -31.84
CA HIS C 156 56.88 4.81 -31.69
C HIS C 156 55.43 4.55 -31.32
N ILE C 157 54.96 5.24 -30.29
CA ILE C 157 53.55 5.18 -29.92
C ILE C 157 52.82 6.08 -30.90
N PRO C 158 51.68 5.66 -31.44
CA PRO C 158 50.93 6.54 -32.34
C PRO C 158 50.34 7.71 -31.60
N PHE C 159 50.43 8.89 -32.19
CA PHE C 159 49.92 10.12 -31.61
C PHE C 159 48.74 10.62 -32.43
N GLY C 160 47.67 10.95 -31.75
CA GLY C 160 46.48 11.33 -32.48
C GLY C 160 45.68 10.11 -32.89
N THR C 161 44.92 10.24 -33.98
CA THR C 161 44.06 9.13 -34.46
C THR C 161 44.90 7.95 -34.95
N VAL C 162 44.29 6.75 -35.00
CA VAL C 162 45.01 5.52 -35.42
C VAL C 162 43.95 4.50 -35.85
N PHE C 166 51.00 -1.89 -35.90
CA PHE C 166 51.02 -1.57 -34.48
C PHE C 166 50.89 -2.76 -33.54
N TYR C 167 52.02 -3.23 -33.02
CA TYR C 167 52.10 -4.24 -31.98
C TYR C 167 52.93 -3.59 -30.89
N CYS C 168 52.33 -3.32 -29.73
CA CYS C 168 53.10 -2.70 -28.67
C CYS C 168 53.12 -3.63 -27.46
N PHE C 169 54.14 -3.44 -26.63
CA PHE C 169 54.39 -4.29 -25.47
C PHE C 169 54.84 -3.43 -24.31
N VAL C 170 54.83 -4.00 -23.12
CA VAL C 170 55.35 -3.33 -21.94
C VAL C 170 56.18 -4.32 -21.14
N ASN C 171 57.30 -3.85 -20.62
CA ASN C 171 58.11 -4.62 -19.68
C ASN C 171 58.11 -3.92 -18.33
N THR C 172 57.55 -4.60 -17.33
CA THR C 172 57.47 -4.09 -15.97
C THR C 172 58.43 -4.90 -15.12
N THR C 173 59.38 -4.25 -14.46
CA THR C 173 60.34 -4.94 -13.63
C THR C 173 59.96 -4.74 -12.17
N ILE C 174 59.74 -5.85 -11.47
CA ILE C 174 59.38 -5.84 -10.06
C ILE C 174 60.45 -6.59 -9.31
N GLY C 175 61.00 -5.95 -8.29
CA GLY C 175 62.13 -6.57 -7.62
C GLY C 175 63.21 -6.76 -8.66
N ASN C 176 63.72 -7.99 -8.75
CA ASN C 176 64.71 -8.33 -9.75
C ASN C 176 64.11 -9.08 -10.93
N GLU C 177 62.78 -9.19 -10.98
CA GLU C 177 62.10 -9.93 -12.04
C GLU C 177 61.43 -8.97 -12.99
N THR C 178 61.62 -9.20 -14.28
CA THR C 178 61.02 -8.42 -15.34
C THR C 178 59.93 -9.23 -16.03
N THR C 179 58.76 -8.64 -16.22
CA THR C 179 57.66 -9.29 -16.90
C THR C 179 57.27 -8.43 -18.10
N SER C 180 56.59 -9.04 -19.06
CA SER C 180 56.21 -8.34 -20.27
C SER C 180 54.70 -8.28 -20.44
N ALA C 181 54.17 -7.08 -20.69
CA ALA C 181 52.76 -6.84 -20.91
C ALA C 181 52.46 -6.49 -22.36
N PHE C 182 51.45 -7.14 -22.93
CA PHE C 182 51.04 -6.90 -24.31
C PHE C 182 50.13 -5.68 -24.37
N VAL C 183 50.35 -4.81 -25.37
CA VAL C 183 49.46 -3.67 -25.54
C VAL C 183 48.06 -4.13 -25.92
N GLY C 184 47.96 -5.15 -26.77
CA GLY C 184 46.65 -5.60 -27.18
C GLY C 184 45.92 -4.56 -28.01
N ALA C 185 44.73 -4.17 -27.55
CA ALA C 185 43.91 -3.23 -28.29
C ALA C 185 44.64 -1.92 -28.56
N LEU C 186 44.50 -1.40 -29.78
CA LEU C 186 45.17 -0.16 -30.14
C LEU C 186 44.19 1.00 -30.06
N PRO C 187 44.53 2.03 -29.30
CA PRO C 187 43.62 3.17 -29.15
C PRO C 187 43.33 3.86 -30.47
N LYS C 188 42.06 4.19 -30.70
CA LYS C 188 41.73 4.93 -31.90
C LYS C 188 42.40 6.29 -31.87
N THR C 189 42.20 7.01 -30.77
CA THR C 189 42.82 8.29 -30.49
C THR C 189 42.76 8.51 -28.99
N VAL C 190 43.84 9.01 -28.43
CA VAL C 190 43.89 9.32 -27.01
C VAL C 190 43.92 10.83 -26.88
N ARG C 191 42.87 11.39 -26.27
CA ARG C 191 42.82 12.82 -26.06
C ARG C 191 43.05 13.20 -24.60
N GLU C 192 42.88 12.27 -23.68
CA GLU C 192 43.11 12.52 -22.28
C GLU C 192 43.60 11.22 -21.66
N PHE C 193 44.69 11.31 -20.92
CA PHE C 193 45.28 10.20 -20.20
C PHE C 193 45.20 10.49 -18.71
N VAL C 194 45.21 9.43 -17.90
CA VAL C 194 45.08 9.63 -16.46
C VAL C 194 45.57 8.39 -15.74
N ILE C 195 46.22 8.64 -14.60
CA ILE C 195 46.72 7.60 -13.71
C ILE C 195 46.84 8.26 -12.35
N SER C 196 46.63 7.50 -11.29
CA SER C 196 46.71 8.11 -9.97
C SER C 196 47.93 7.62 -9.22
N ARG C 197 48.14 8.24 -8.06
CA ARG C 197 49.09 7.70 -7.10
C ARG C 197 48.61 6.34 -6.64
N THR C 198 47.34 6.28 -6.23
CA THR C 198 46.74 4.98 -5.80
C THR C 198 46.87 3.99 -6.94
N GLY C 199 47.20 4.48 -8.14
CA GLY C 199 47.44 3.58 -9.28
C GLY C 199 46.23 3.26 -10.15
N HIS C 200 45.03 3.78 -9.86
CA HIS C 200 43.88 3.52 -10.78
C HIS C 200 44.17 4.16 -12.15
N PHE C 201 43.93 3.44 -13.25
CA PHE C 201 44.15 3.98 -14.62
C PHE C 201 42.83 3.97 -15.38
N TYR C 202 42.36 5.15 -15.78
CA TYR C 202 41.11 5.23 -16.58
C TYR C 202 41.43 6.00 -17.85
N ILE C 203 41.08 5.47 -19.01
CA ILE C 203 41.23 6.29 -20.25
C ILE C 203 39.79 6.56 -20.70
N ASN C 204 39.31 7.78 -20.48
CA ASN C 204 37.90 8.10 -20.80
C ASN C 204 36.96 7.14 -20.05
N GLY C 205 37.31 6.75 -18.81
CA GLY C 205 36.43 5.89 -17.99
C GLY C 205 36.76 4.41 -18.11
N TYR C 206 35.88 3.51 -17.63
CA TYR C 206 36.08 2.08 -17.86
C TYR C 206 37.53 1.66 -17.59
N ARG C 207 38.02 2.07 -16.42
CA ARG C 207 39.38 1.79 -15.98
C ARG C 207 39.77 0.35 -16.26
N TYR C 208 40.86 0.19 -16.99
CA TYR C 208 41.32 -1.16 -17.30
C TYR C 208 41.80 -1.88 -16.05
N PHE C 209 42.55 -1.22 -15.19
CA PHE C 209 43.11 -1.85 -13.99
C PHE C 209 43.59 -0.75 -13.04
N THR C 210 44.40 -1.14 -12.05
CA THR C 210 44.93 -0.21 -11.08
C THR C 210 46.23 -0.78 -10.52
N LEU C 211 47.19 0.10 -10.27
CA LEU C 211 48.50 -0.31 -9.81
C LEU C 211 48.65 -0.03 -8.32
N GLY C 212 49.82 -0.35 -7.79
CA GLY C 212 50.13 -0.03 -6.41
C GLY C 212 50.35 1.43 -6.13
N ASN C 213 51.49 1.98 -6.59
CA ASN C 213 51.77 3.40 -6.49
C ASN C 213 52.83 3.76 -7.53
N VAL C 214 53.27 5.02 -7.51
CA VAL C 214 54.17 5.55 -8.54
C VAL C 214 55.01 6.67 -7.95
N GLU C 215 56.17 6.94 -8.58
CA GLU C 215 57.05 7.99 -8.11
C GLU C 215 57.25 9.10 -9.14
N ALA C 216 57.49 8.76 -10.41
CA ALA C 216 57.77 9.77 -11.42
C ALA C 216 57.25 9.26 -12.76
N VAL C 217 57.33 10.13 -13.77
CA VAL C 217 56.83 9.80 -15.10
C VAL C 217 57.58 10.67 -16.11
N ASN C 218 57.59 10.24 -17.37
CA ASN C 218 58.18 11.03 -18.43
C ASN C 218 57.31 10.94 -19.68
N PHE C 219 57.04 12.10 -20.27
CA PHE C 219 56.27 12.20 -21.51
C PHE C 219 57.21 12.45 -22.68
N ASN C 220 57.89 11.38 -23.08
CA ASN C 220 59.03 11.47 -23.98
C ASN C 220 58.55 11.67 -25.42
N VAL C 221 58.03 12.87 -25.67
CA VAL C 221 57.42 13.22 -26.94
C VAL C 221 58.24 14.31 -27.61
N THR C 222 58.70 14.06 -28.83
CA THR C 222 59.41 15.04 -29.63
C THR C 222 58.37 15.82 -30.44
N THR C 223 58.31 17.13 -30.25
CA THR C 223 57.22 17.93 -30.80
C THR C 223 57.75 18.73 -31.99
N ALA C 224 57.30 18.37 -33.19
CA ALA C 224 57.61 19.16 -34.36
C ALA C 224 56.78 20.44 -34.39
N GLU C 225 55.50 20.33 -34.09
CA GLU C 225 54.62 21.48 -34.08
C GLU C 225 54.97 22.42 -32.92
N THR C 226 54.96 23.71 -33.19
CA THR C 226 55.23 24.67 -32.12
C THR C 226 54.04 24.79 -31.19
N THR C 227 52.83 24.84 -31.76
CA THR C 227 51.61 24.86 -30.96
C THR C 227 51.26 23.41 -30.64
N ASP C 228 52.10 22.82 -29.79
CA ASP C 228 51.93 21.42 -29.46
C ASP C 228 50.75 21.23 -28.51
N PHE C 229 50.69 22.02 -27.44
CA PHE C 229 49.63 21.90 -26.47
C PHE C 229 49.39 23.29 -25.89
N CYS C 230 48.24 23.46 -25.23
CA CYS C 230 48.03 24.67 -24.45
C CYS C 230 48.51 24.51 -23.02
N THR C 231 48.34 23.33 -22.42
CA THR C 231 48.66 23.15 -21.01
C THR C 231 48.51 21.67 -20.63
N VAL C 232 49.30 21.27 -19.63
CA VAL C 232 49.22 19.94 -19.03
C VAL C 232 49.62 20.08 -17.57
N ALA C 233 48.71 19.77 -16.65
CA ALA C 233 48.77 20.26 -15.28
C ALA C 233 48.80 19.13 -14.25
N LEU C 234 49.05 19.53 -13.00
CA LEU C 234 48.83 18.73 -11.82
C LEU C 234 47.63 19.29 -11.07
N ALA C 235 47.07 18.52 -10.15
CA ALA C 235 45.82 18.96 -9.52
C ALA C 235 45.59 18.11 -8.29
N SER C 236 44.50 18.41 -7.58
CA SER C 236 44.19 17.69 -6.36
C SER C 236 42.73 17.29 -6.34
N TYR C 237 42.44 16.34 -5.45
CA TYR C 237 41.08 15.87 -5.30
C TYR C 237 40.15 16.99 -4.86
N ALA C 238 38.86 16.71 -4.98
CA ALA C 238 37.79 17.59 -4.52
C ALA C 238 36.49 16.82 -4.66
N ASP C 239 35.40 17.46 -4.27
CA ASP C 239 34.06 17.00 -4.60
C ASP C 239 33.38 18.09 -5.39
N VAL C 240 32.74 17.69 -6.49
CA VAL C 240 32.09 18.61 -7.41
C VAL C 240 30.83 17.95 -7.92
N LEU C 241 30.18 18.59 -8.88
CA LEU C 241 29.08 18.01 -9.60
C LEU C 241 29.38 18.16 -11.08
N VAL C 242 28.68 17.39 -11.91
CA VAL C 242 28.99 17.36 -13.34
C VAL C 242 27.70 17.26 -14.13
N ASN C 243 27.57 18.11 -15.14
CA ASN C 243 26.54 18.06 -16.15
C ASN C 243 27.18 17.73 -17.48
N VAL C 244 26.92 16.54 -18.01
CA VAL C 244 27.39 16.19 -19.35
C VAL C 244 26.19 15.79 -20.18
N SER C 245 26.17 16.18 -21.44
CA SER C 245 25.04 15.95 -22.31
C SER C 245 25.57 15.43 -23.63
N GLN C 246 25.06 14.27 -24.05
CA GLN C 246 25.33 13.69 -25.36
C GLN C 246 26.83 13.65 -25.66
N THR C 247 27.60 13.23 -24.66
CA THR C 247 29.06 13.14 -24.71
C THR C 247 29.78 14.48 -24.62
N SER C 248 29.09 15.55 -24.26
CA SER C 248 29.74 16.83 -24.12
C SER C 248 29.45 17.45 -22.76
N ILE C 249 30.50 17.79 -22.02
CA ILE C 249 30.31 18.36 -20.71
C ILE C 249 29.83 19.79 -20.87
N ALA C 250 28.97 20.24 -19.97
CA ALA C 250 28.44 21.58 -19.99
C ALA C 250 29.10 22.50 -18.99
N ASN C 251 29.14 22.09 -17.73
CA ASN C 251 29.65 22.94 -16.66
C ASN C 251 29.77 22.12 -15.39
N ILE C 252 30.26 22.75 -14.33
CA ILE C 252 30.35 22.12 -13.01
C ILE C 252 30.16 23.16 -11.93
N ILE C 253 29.89 22.69 -10.72
CA ILE C 253 29.66 23.52 -9.54
C ILE C 253 30.49 22.98 -8.39
N TYR C 254 31.47 23.77 -7.94
CA TYR C 254 32.12 23.43 -6.69
C TYR C 254 31.10 23.47 -5.54
N CYS C 255 31.30 22.60 -4.56
CA CYS C 255 30.39 22.45 -3.45
C CYS C 255 31.00 23.05 -2.19
N ASN C 256 31.16 24.38 -2.19
CA ASN C 256 31.75 25.08 -1.04
C ASN C 256 30.76 25.91 -0.24
N SER C 257 29.98 26.76 -0.89
CA SER C 257 29.11 27.67 -0.17
C SER C 257 27.93 26.91 0.40
N VAL C 258 27.16 27.59 1.25
CA VAL C 258 25.92 26.99 1.72
C VAL C 258 24.98 26.79 0.55
N ILE C 259 24.82 27.83 -0.27
CA ILE C 259 23.98 27.71 -1.44
C ILE C 259 24.47 26.60 -2.35
N ASN C 260 25.78 26.57 -2.60
CA ASN C 260 26.28 25.55 -3.50
C ASN C 260 26.28 24.19 -2.86
N ARG C 261 26.22 24.15 -1.53
CA ARG C 261 26.17 22.90 -0.80
C ARG C 261 24.80 22.28 -1.00
N LEU C 262 23.77 23.05 -0.64
CA LEU C 262 22.40 22.57 -0.81
C LEU C 262 22.11 22.30 -2.28
N ARG C 263 22.65 23.14 -3.17
CA ARG C 263 22.45 22.95 -4.59
C ARG C 263 23.05 21.64 -5.05
N CYS C 264 24.24 21.29 -4.55
CA CYS C 264 24.82 20.01 -4.87
C CYS C 264 23.92 18.90 -4.36
N ASP C 265 23.37 19.08 -3.16
CA ASP C 265 22.41 18.10 -2.68
C ASP C 265 21.19 18.05 -3.58
N GLN C 266 20.80 19.19 -4.17
CA GLN C 266 19.68 19.18 -5.08
C GLN C 266 19.98 18.47 -6.38
N LEU C 267 21.24 18.13 -6.63
CA LEU C 267 21.63 17.39 -7.83
C LEU C 267 21.19 18.16 -9.06
N SER C 268 21.37 19.48 -9.01
CA SER C 268 20.99 20.33 -10.12
C SER C 268 21.68 21.68 -9.93
N PHE C 269 21.34 22.62 -10.79
CA PHE C 269 21.82 23.99 -10.72
C PHE C 269 20.65 24.90 -10.37
N ASP C 270 20.97 26.07 -9.83
CA ASP C 270 20.01 27.13 -9.54
C ASP C 270 18.74 26.63 -8.87
N VAL C 271 18.92 25.98 -7.72
CA VAL C 271 17.82 25.40 -6.98
C VAL C 271 16.71 26.44 -6.77
N PRO C 272 15.42 26.12 -7.02
CA PRO C 272 14.35 27.12 -6.90
C PRO C 272 14.17 27.59 -5.45
N ASP C 273 13.52 28.74 -5.25
CA ASP C 273 13.34 29.31 -3.90
C ASP C 273 12.38 28.44 -3.07
N GLY C 274 12.65 28.26 -1.78
CA GLY C 274 11.80 27.41 -0.92
C GLY C 274 12.41 27.15 0.45
N PHE C 275 11.82 26.24 1.23
CA PHE C 275 12.36 25.88 2.56
C PHE C 275 12.96 24.49 2.49
N TYR C 276 14.21 24.32 2.94
CA TYR C 276 14.90 23.01 2.84
C TYR C 276 15.56 22.68 4.17
N SER C 277 15.78 21.40 4.45
CA SER C 277 16.32 20.99 5.78
C SER C 277 17.84 20.83 5.73
N THR C 278 18.56 21.43 6.68
CA THR C 278 19.99 21.26 6.76
C THR C 278 20.34 20.93 8.20
N SER C 279 21.33 20.07 8.37
CA SER C 279 21.89 19.77 9.69
C SER C 279 23.36 20.06 9.59
N PRO C 280 23.79 21.27 9.93
CA PRO C 280 25.19 21.66 9.76
C PRO C 280 26.07 21.36 10.95
N ILE C 281 25.56 20.65 11.95
CA ILE C 281 26.31 20.44 13.17
C ILE C 281 27.66 19.82 12.85
N GLN C 282 28.69 20.39 13.45
CA GLN C 282 30.05 19.90 13.31
C GLN C 282 30.17 18.46 13.78
N SER C 283 30.85 17.65 12.98
CA SER C 283 31.12 16.26 13.30
C SER C 283 32.43 16.08 14.05
N VAL C 284 33.10 17.17 14.42
CA VAL C 284 34.37 17.09 15.11
C VAL C 284 34.20 16.28 16.40
N GLU C 285 35.11 15.33 16.61
CA GLU C 285 35.05 14.49 17.79
C GLU C 285 35.22 15.32 19.05
N LEU C 286 34.42 15.01 20.06
CA LEU C 286 34.40 15.68 21.34
C LEU C 286 34.45 14.66 22.46
N PRO C 287 34.82 15.08 23.67
CA PRO C 287 34.87 14.14 24.78
C PRO C 287 33.49 13.55 25.02
N VAL C 288 33.45 12.26 25.25
CA VAL C 288 32.20 11.54 25.43
C VAL C 288 32.12 11.06 26.87
N SER C 289 31.15 11.58 27.60
CA SER C 289 30.93 11.19 28.99
C SER C 289 30.28 9.82 29.10
N ILE C 290 30.65 9.08 30.14
CA ILE C 290 30.15 7.72 30.37
C ILE C 290 29.42 7.67 31.69
N VAL C 291 28.22 7.09 31.69
CA VAL C 291 27.46 6.81 32.90
C VAL C 291 27.25 5.30 32.98
N SER C 292 27.58 4.70 34.11
CA SER C 292 27.48 3.26 34.25
C SER C 292 26.86 2.90 35.60
N LEU C 293 26.49 1.62 35.73
CA LEU C 293 25.91 0.98 36.91
C LEU C 293 27.00 0.45 37.81
N PRO C 294 26.95 0.70 39.13
CA PRO C 294 28.06 0.30 40.00
C PRO C 294 28.23 -1.22 40.09
N VAL C 295 29.44 -1.69 39.82
CA VAL C 295 29.82 -3.09 40.02
C VAL C 295 31.33 -3.18 40.06
N TYR C 296 31.86 -3.98 40.98
CA TYR C 296 33.31 -4.13 41.06
C TYR C 296 33.78 -4.99 39.89
N HIS C 297 34.59 -4.40 39.01
CA HIS C 297 34.87 -5.06 37.75
C HIS C 297 35.82 -6.22 37.94
N LYS C 298 35.34 -7.42 37.66
CA LYS C 298 36.27 -8.53 37.59
C LYS C 298 36.97 -8.48 36.23
N HIS C 299 38.16 -9.05 36.17
CA HIS C 299 38.98 -8.95 34.98
C HIS C 299 38.47 -9.92 33.93
N THR C 300 37.72 -9.38 32.97
CA THR C 300 37.14 -10.15 31.88
C THR C 300 37.49 -9.49 30.55
N PHE C 301 38.80 -9.35 30.29
CA PHE C 301 39.30 -8.72 29.08
C PHE C 301 40.06 -9.74 28.25
N ILE C 302 39.67 -9.87 26.99
CA ILE C 302 40.33 -10.77 26.07
C ILE C 302 41.63 -10.11 25.64
N VAL C 303 42.68 -10.93 25.46
CA VAL C 303 43.99 -10.49 24.98
C VAL C 303 44.43 -11.43 23.86
N LEU C 304 45.43 -11.00 23.09
CA LEU C 304 45.90 -11.82 21.97
C LEU C 304 47.39 -11.68 21.78
N TYR C 305 47.99 -12.74 21.25
CA TYR C 305 49.38 -12.79 20.81
C TYR C 305 49.43 -13.46 19.44
N VAL C 306 50.56 -13.30 18.76
CA VAL C 306 50.77 -13.94 17.47
C VAL C 306 52.26 -14.11 17.24
N ASP C 307 52.63 -15.08 16.40
CA ASP C 307 54.01 -15.31 15.98
C ASP C 307 54.04 -15.40 14.46
N PHE C 308 54.63 -14.40 13.82
CA PHE C 308 54.70 -14.30 12.36
C PHE C 308 56.13 -14.49 11.88
N LYS C 309 56.43 -15.66 11.32
CA LYS C 309 57.78 -15.91 10.84
C LYS C 309 58.09 -14.88 9.75
N PRO C 310 59.18 -14.13 9.87
CA PRO C 310 59.43 -13.03 8.93
C PRO C 310 60.08 -13.37 7.59
N GLN C 311 59.34 -13.99 6.68
CA GLN C 311 59.88 -14.13 5.33
C GLN C 311 59.81 -12.78 4.63
N SER C 312 60.78 -12.53 3.74
CA SER C 312 60.93 -11.21 3.14
C SER C 312 59.65 -10.73 2.49
N GLY C 313 59.17 -9.57 2.95
CA GLY C 313 57.98 -8.87 2.52
C GLY C 313 58.16 -8.05 1.27
N GLY C 314 59.25 -8.27 0.54
CA GLY C 314 59.50 -7.60 -0.71
C GLY C 314 58.93 -8.38 -1.87
N GLY C 315 59.24 -7.90 -3.07
CA GLY C 315 58.68 -8.53 -4.27
C GLY C 315 58.93 -10.02 -4.34
N LYS C 316 60.14 -10.45 -4.00
CA LYS C 316 60.52 -11.88 -4.15
C LYS C 316 60.05 -12.77 -3.01
N CYS C 317 58.76 -12.81 -2.70
CA CYS C 317 58.35 -13.81 -1.68
C CYS C 317 57.88 -15.05 -2.43
N PHE C 318 58.78 -15.74 -3.14
CA PHE C 318 58.39 -16.98 -3.84
C PHE C 318 58.01 -18.00 -2.77
N ASN C 319 58.88 -18.11 -1.77
CA ASN C 319 58.69 -19.03 -0.60
C ASN C 319 58.59 -18.14 0.64
N CYS C 320 57.35 -17.90 1.05
CA CYS C 320 57.14 -16.99 2.17
C CYS C 320 56.32 -17.70 3.23
N TYR C 321 56.83 -17.67 4.46
CA TYR C 321 56.30 -18.43 5.58
C TYR C 321 54.88 -18.03 5.98
N PRO C 322 54.18 -18.96 6.61
CA PRO C 322 52.88 -18.67 7.19
C PRO C 322 53.10 -18.17 8.63
N ALA C 323 52.03 -17.96 9.39
CA ALA C 323 52.16 -17.45 10.74
C ALA C 323 51.24 -18.21 11.68
N GLY C 324 51.67 -18.34 12.92
CA GLY C 324 50.87 -19.02 13.92
C GLY C 324 50.63 -18.14 15.14
N VAL C 325 49.36 -17.90 15.43
CA VAL C 325 48.96 -17.04 16.52
C VAL C 325 48.61 -17.90 17.74
N ASN C 326 48.95 -17.38 18.91
CA ASN C 326 48.65 -18.01 20.19
C ASN C 326 47.74 -17.09 20.98
N ILE C 327 46.55 -17.59 21.32
CA ILE C 327 45.55 -16.81 22.05
C ILE C 327 46.06 -16.44 23.43
N THR C 328 45.91 -15.16 23.79
CA THR C 328 46.33 -14.65 25.09
C THR C 328 45.16 -14.27 26.00
N LEU C 329 43.92 -14.56 25.62
CA LEU C 329 42.78 -14.18 26.45
C LEU C 329 42.81 -14.84 27.81
N ALA C 330 43.16 -16.12 27.87
CA ALA C 330 43.20 -16.85 29.14
C ALA C 330 44.00 -18.12 28.91
N ASN C 331 44.16 -18.90 29.96
CA ASN C 331 44.89 -20.15 29.85
C ASN C 331 43.90 -21.21 29.43
N PHE C 332 44.36 -22.12 28.59
CA PHE C 332 43.52 -23.16 28.03
C PHE C 332 43.91 -24.53 28.59
N ASN C 333 42.92 -25.22 29.15
CA ASN C 333 43.05 -26.61 29.51
C ASN C 333 42.25 -27.41 28.50
N GLU C 334 42.90 -28.39 27.89
CA GLU C 334 42.30 -29.11 26.78
C GLU C 334 41.09 -29.93 27.19
N THR C 335 40.83 -30.11 28.48
CA THR C 335 39.65 -30.85 28.90
C THR C 335 38.40 -30.26 28.27
N LYS C 336 38.10 -29.00 28.58
CA LYS C 336 36.98 -28.29 27.98
C LYS C 336 37.55 -27.24 27.04
N GLY C 337 37.17 -27.34 25.76
CA GLY C 337 37.61 -26.41 24.75
C GLY C 337 37.15 -24.98 24.95
N PRO C 338 35.87 -24.77 25.24
CA PRO C 338 35.38 -23.41 25.44
C PRO C 338 35.81 -22.83 26.78
N LEU C 339 36.06 -21.53 26.78
CA LEU C 339 36.40 -20.78 27.98
C LEU C 339 35.11 -20.25 28.59
N CYS C 340 35.22 -19.42 29.62
CA CYS C 340 34.02 -18.88 30.26
C CYS C 340 34.34 -17.48 30.77
N VAL C 341 33.35 -16.87 31.42
CA VAL C 341 33.46 -15.51 31.94
C VAL C 341 33.47 -15.57 33.45
N ASP C 342 34.40 -14.84 34.06
CA ASP C 342 34.49 -14.85 35.51
C ASP C 342 33.22 -14.28 36.12
N THR C 343 32.76 -13.16 35.59
CA THR C 343 31.61 -12.45 36.11
C THR C 343 31.13 -11.51 35.01
N SER C 344 30.03 -10.82 35.29
CA SER C 344 29.47 -9.89 34.31
C SER C 344 30.24 -8.59 34.41
N HIS C 345 31.22 -8.41 33.52
CA HIS C 345 31.99 -7.19 33.54
C HIS C 345 32.35 -6.79 32.12
N PHE C 346 32.78 -5.56 31.99
CA PHE C 346 33.04 -4.95 30.70
C PHE C 346 34.55 -4.90 30.48
N THR C 347 35.07 -5.71 29.55
CA THR C 347 36.48 -5.58 29.16
C THR C 347 36.77 -6.37 27.89
N THR C 348 37.59 -5.79 27.01
CA THR C 348 38.09 -6.46 25.81
C THR C 348 39.30 -5.70 25.27
N LYS C 349 40.34 -6.43 24.81
CA LYS C 349 41.54 -5.80 24.28
C LYS C 349 42.12 -6.69 23.18
N TYR C 350 42.85 -6.08 22.26
CA TYR C 350 43.53 -6.80 21.19
C TYR C 350 44.98 -6.38 21.08
N VAL C 351 45.88 -7.35 21.15
CA VAL C 351 47.31 -7.12 21.04
C VAL C 351 47.86 -7.99 19.92
N ALA C 352 48.74 -7.41 19.09
CA ALA C 352 49.37 -8.16 18.01
C ALA C 352 50.65 -7.46 17.62
N VAL C 353 51.53 -8.21 16.95
CA VAL C 353 52.79 -7.67 16.44
C VAL C 353 52.82 -7.87 14.93
N TYR C 354 52.94 -6.77 14.18
CA TYR C 354 53.01 -6.81 12.73
C TYR C 354 54.26 -6.16 12.14
N ALA C 355 55.13 -5.56 12.96
CA ALA C 355 56.31 -4.86 12.45
C ALA C 355 57.43 -5.88 12.24
N ASN C 356 57.19 -6.76 11.29
CA ASN C 356 58.11 -7.83 10.94
C ASN C 356 58.59 -7.79 9.51
N VAL C 357 57.83 -7.21 8.58
CA VAL C 357 58.18 -7.21 7.17
C VAL C 357 58.05 -5.80 6.59
N GLY C 358 58.78 -5.57 5.50
CA GLY C 358 58.77 -4.26 4.89
C GLY C 358 57.40 -3.84 4.40
N ARG C 359 56.66 -4.76 3.80
CA ARG C 359 55.33 -4.47 3.28
C ARG C 359 54.37 -5.53 3.82
N TRP C 360 54.00 -5.42 5.08
CA TRP C 360 53.11 -6.43 5.62
C TRP C 360 52.10 -5.83 6.59
N SER C 361 50.86 -6.31 6.50
CA SER C 361 49.82 -5.99 7.46
C SER C 361 49.01 -7.25 7.66
N ALA C 362 48.58 -7.50 8.89
CA ALA C 362 47.72 -8.64 9.20
C ALA C 362 46.45 -8.15 9.87
N SER C 363 45.31 -8.63 9.39
CA SER C 363 44.05 -8.15 9.96
C SER C 363 42.94 -9.17 9.78
N ILE C 364 41.87 -8.97 10.57
CA ILE C 364 40.67 -9.78 10.53
C ILE C 364 39.49 -8.86 10.38
N ASN C 365 38.56 -9.21 9.49
CA ASN C 365 37.40 -8.35 9.36
C ASN C 365 36.22 -8.95 10.10
N THR C 366 35.61 -9.97 9.52
CA THR C 366 34.48 -10.64 10.12
C THR C 366 34.29 -11.97 9.43
N GLY C 367 33.92 -12.98 10.20
CA GLY C 367 33.65 -14.24 9.57
C GLY C 367 32.17 -14.37 9.31
N ASN C 368 31.52 -15.28 10.00
CA ASN C 368 30.09 -15.51 9.85
C ASN C 368 29.28 -15.00 11.03
N CYS C 369 29.87 -14.19 11.89
CA CYS C 369 29.11 -13.66 13.00
C CYS C 369 29.08 -12.15 12.96
N PRO C 370 27.99 -11.53 13.44
CA PRO C 370 27.86 -10.07 13.30
C PRO C 370 28.87 -9.27 14.09
N PHE C 371 29.13 -9.62 15.34
CA PHE C 371 29.98 -8.78 16.16
C PHE C 371 31.36 -8.67 15.55
N SER C 372 31.89 -7.45 15.51
CA SER C 372 33.19 -7.19 14.94
C SER C 372 34.21 -7.10 16.07
N PHE C 373 35.17 -8.01 16.05
CA PHE C 373 36.17 -8.05 17.10
C PHE C 373 36.96 -6.76 17.15
N GLY C 374 37.29 -6.33 18.35
CA GLY C 374 38.01 -5.12 18.59
C GLY C 374 37.12 -3.99 19.04
N LYS C 375 35.84 -4.07 18.72
CA LYS C 375 34.83 -3.19 19.27
C LYS C 375 34.05 -3.88 20.36
N VAL C 376 34.44 -5.10 20.72
CA VAL C 376 33.76 -5.82 21.78
C VAL C 376 33.82 -5.02 23.07
N ASN C 377 34.94 -4.34 23.28
CA ASN C 377 35.11 -3.45 24.41
C ASN C 377 34.25 -2.19 24.32
N ASN C 378 33.66 -1.89 23.17
CA ASN C 378 32.86 -0.69 23.04
C ASN C 378 31.46 -0.95 23.59
N PHE C 379 31.38 -1.05 24.92
CA PHE C 379 30.11 -1.19 25.63
C PHE C 379 29.23 -2.29 25.06
N VAL C 380 29.83 -3.41 24.75
CA VAL C 380 29.05 -4.55 24.25
C VAL C 380 28.71 -5.45 25.42
N LYS C 381 27.53 -6.07 25.35
CA LYS C 381 27.09 -6.97 26.41
C LYS C 381 26.65 -8.30 25.85
N PHE C 382 27.16 -9.37 26.43
CA PHE C 382 26.87 -10.74 26.01
C PHE C 382 26.76 -11.62 27.25
N GLY C 383 26.48 -12.90 27.02
CA GLY C 383 26.48 -13.84 28.13
C GLY C 383 27.02 -15.19 27.74
N SER C 384 28.06 -15.63 28.44
CA SER C 384 28.64 -16.95 28.26
C SER C 384 28.95 -17.21 26.79
N VAL C 385 29.67 -16.27 26.19
CA VAL C 385 30.09 -16.45 24.81
C VAL C 385 30.97 -17.69 24.70
N CYS C 386 31.84 -17.89 25.67
CA CYS C 386 32.64 -19.11 25.80
C CYS C 386 33.47 -19.39 24.54
N PHE C 387 34.31 -18.42 24.19
CA PHE C 387 35.15 -18.58 23.01
C PHE C 387 36.12 -19.74 23.21
N SER C 388 36.39 -20.44 22.11
CA SER C 388 37.35 -21.53 22.10
C SER C 388 38.12 -21.49 20.79
N LEU C 389 39.39 -21.89 20.85
CA LEU C 389 40.17 -22.00 19.63
C LEU C 389 39.73 -23.20 18.82
N LYS C 390 39.54 -24.34 19.48
CA LYS C 390 39.17 -25.56 18.78
C LYS C 390 37.77 -25.41 18.22
N ASP C 391 37.61 -25.77 16.95
CA ASP C 391 36.34 -25.59 16.24
C ASP C 391 35.19 -26.34 16.91
N ILE C 392 34.08 -25.64 17.08
CA ILE C 392 32.86 -26.26 17.62
C ILE C 392 31.65 -25.71 16.91
N PRO C 393 30.59 -26.50 16.82
CA PRO C 393 29.38 -26.06 16.11
C PRO C 393 28.66 -24.96 16.87
N GLY C 394 27.86 -24.22 16.13
CA GLY C 394 27.09 -23.16 16.72
C GLY C 394 27.85 -21.88 16.93
N GLY C 395 29.07 -21.78 16.40
CA GLY C 395 29.86 -20.60 16.58
C GLY C 395 30.39 -20.10 15.24
N CYS C 396 30.70 -18.82 15.21
CA CYS C 396 31.22 -18.24 13.98
C CYS C 396 32.73 -18.48 13.91
N ALA C 397 33.30 -18.09 12.78
CA ALA C 397 34.73 -18.21 12.55
C ALA C 397 35.24 -16.84 12.14
N MET C 398 36.56 -16.66 12.18
CA MET C 398 37.09 -15.36 11.82
C MET C 398 38.18 -15.48 10.76
N PRO C 399 38.11 -14.68 9.70
CA PRO C 399 39.12 -14.71 8.66
C PRO C 399 40.33 -13.88 9.06
N ILE C 400 41.50 -14.38 8.71
CA ILE C 400 42.76 -13.69 8.98
C ILE C 400 43.47 -13.53 7.65
N VAL C 401 44.04 -12.35 7.41
CA VAL C 401 44.69 -12.11 6.14
C VAL C 401 45.98 -11.33 6.33
N ALA C 402 46.90 -11.55 5.40
CA ALA C 402 48.22 -10.93 5.34
C ALA C 402 48.35 -10.17 4.03
N ASN C 403 49.01 -9.01 4.06
CA ASN C 403 49.13 -8.19 2.88
C ASN C 403 50.56 -8.00 2.42
N TRP C 404 50.71 -7.98 1.11
CA TRP C 404 51.98 -7.77 0.40
C TRP C 404 51.78 -6.76 -0.71
N ALA C 405 51.41 -5.54 -0.32
CA ALA C 405 51.17 -4.45 -1.25
C ALA C 405 49.95 -4.69 -2.11
N TYR C 406 49.01 -5.48 -1.59
CA TYR C 406 47.71 -5.79 -2.17
C TYR C 406 47.83 -6.83 -3.28
N SER C 407 49.04 -7.25 -3.64
CA SER C 407 49.19 -8.19 -4.75
C SER C 407 48.62 -9.55 -4.40
N LYS C 408 48.92 -10.06 -3.20
CA LYS C 408 48.47 -11.38 -2.80
C LYS C 408 48.02 -11.36 -1.34
N TYR C 409 47.01 -12.16 -1.04
CA TYR C 409 46.46 -12.28 0.29
C TYR C 409 46.82 -13.66 0.84
N TYR C 410 47.63 -13.69 1.89
CA TYR C 410 48.03 -14.94 2.54
C TYR C 410 47.04 -15.29 3.63
N THR C 411 45.87 -15.74 3.20
CA THR C 411 44.80 -16.02 4.14
C THR C 411 45.15 -17.17 5.07
N ILE C 412 44.81 -17.00 6.33
CA ILE C 412 44.94 -18.02 7.36
C ILE C 412 43.70 -17.90 8.22
N GLY C 413 43.41 -18.94 8.98
CA GLY C 413 42.26 -18.89 9.86
C GLY C 413 42.62 -18.99 11.33
N SER C 414 42.29 -17.96 12.11
CA SER C 414 42.56 -18.01 13.54
C SER C 414 41.32 -18.55 14.27
N LEU C 415 41.34 -18.43 15.59
CA LEU C 415 40.33 -19.06 16.43
C LEU C 415 38.94 -18.60 16.03
N TYR C 416 38.09 -19.57 15.74
CA TYR C 416 36.69 -19.29 15.50
C TYR C 416 36.07 -18.84 16.82
N VAL C 417 35.17 -17.87 16.76
CA VAL C 417 34.60 -17.27 17.95
C VAL C 417 33.20 -17.83 18.14
N SER C 418 32.91 -18.31 19.34
CA SER C 418 31.59 -18.85 19.66
C SER C 418 30.94 -17.97 20.71
N TRP C 419 29.61 -18.04 20.77
CA TRP C 419 28.92 -17.22 21.76
C TRP C 419 27.54 -17.77 22.05
N SER C 420 27.05 -17.39 23.22
CA SER C 420 25.67 -17.62 23.63
C SER C 420 25.01 -16.29 23.92
N ASP C 421 23.73 -16.21 23.62
CA ASP C 421 22.96 -14.99 23.91
C ASP C 421 22.87 -14.82 25.42
N GLY C 422 23.34 -13.69 25.92
CA GLY C 422 23.35 -13.47 27.35
C GLY C 422 23.60 -12.02 27.66
N ASP C 423 23.53 -11.71 28.95
CA ASP C 423 23.76 -10.35 29.44
C ASP C 423 25.04 -10.22 30.26
N GLY C 424 25.65 -11.33 30.67
CA GLY C 424 26.80 -11.25 31.55
C GLY C 424 28.08 -10.71 30.96
N ILE C 425 28.55 -11.33 29.88
CA ILE C 425 29.82 -10.94 29.28
C ILE C 425 29.71 -9.53 28.71
N THR C 426 30.74 -8.71 28.94
CA THR C 426 30.67 -7.33 28.47
C THR C 426 32.07 -6.81 28.17
N GLY C 427 32.11 -5.72 27.39
CA GLY C 427 33.37 -5.09 27.01
C GLY C 427 33.47 -3.60 27.31
N VAL C 428 34.56 -3.17 27.92
CA VAL C 428 34.79 -1.75 28.22
C VAL C 428 36.13 -1.31 27.63
N PRO C 429 36.19 -0.15 26.99
CA PRO C 429 37.50 0.30 26.48
C PRO C 429 38.52 0.44 27.58
N GLN C 430 38.10 0.93 28.74
CA GLN C 430 39.04 1.04 29.83
C GLN C 430 39.32 -0.35 30.40
N PRO C 431 40.59 -0.68 30.67
CA PRO C 431 40.89 -2.02 31.19
C PRO C 431 40.36 -2.29 32.58
N VAL C 432 40.49 -1.33 33.50
CA VAL C 432 40.12 -1.55 34.88
C VAL C 432 39.12 -0.50 35.33
N GLU C 433 38.00 -0.97 35.89
CA GLU C 433 36.98 -0.13 36.50
C GLU C 433 36.59 -0.71 37.87
N GLY C 434 37.52 -1.41 38.51
CA GLY C 434 37.22 -2.08 39.76
C GLY C 434 36.78 -1.14 40.87
N VAL C 435 37.38 0.05 40.94
CA VAL C 435 37.02 1.05 42.00
C VAL C 435 35.53 1.38 41.85
N SER C 436 34.98 1.32 40.64
CA SER C 436 33.54 1.56 40.39
C SER C 436 33.07 2.95 40.86
N SER C 437 33.88 3.99 40.66
CA SER C 437 33.43 5.38 40.98
C SER C 437 33.56 6.21 39.70
N PHE C 438 33.78 5.54 38.57
CA PHE C 438 33.96 6.25 37.27
C PHE C 438 32.64 6.33 36.51
N MET C 439 32.04 7.51 36.48
CA MET C 439 30.81 7.74 35.68
C MET C 439 31.05 9.12 35.07
N ASN C 440 31.95 9.23 33.91
CA ASN C 440 32.30 10.55 33.32
C ASN C 440 31.04 11.34 32.98
N VAL C 441 31.05 12.66 33.16
CA VAL C 441 29.80 13.43 32.94
C VAL C 441 30.08 14.84 32.42
N THR C 442 29.72 15.13 31.18
CA THR C 442 29.82 16.47 30.62
C THR C 442 28.38 16.87 30.34
N LEU C 443 28.00 18.09 30.69
CA LEU C 443 26.60 18.49 30.54
C LEU C 443 26.35 19.40 29.35
N ASP C 444 26.75 20.66 29.41
CA ASP C 444 26.38 21.58 28.36
C ASP C 444 27.09 21.29 27.03
N LYS C 445 28.27 20.68 27.08
CA LYS C 445 29.04 20.43 25.86
C LYS C 445 28.45 19.26 25.08
N CYS C 446 28.72 19.26 23.78
CA CYS C 446 28.31 18.14 22.96
C CYS C 446 29.06 16.90 23.41
N THR C 447 28.35 15.79 23.56
CA THR C 447 28.98 14.62 24.12
C THR C 447 28.40 13.41 23.42
N LYS C 448 29.13 12.32 23.55
CA LYS C 448 28.67 11.01 23.15
C LYS C 448 28.55 10.24 24.45
N TYR C 449 27.51 9.44 24.59
CA TYR C 449 27.27 8.86 25.89
C TYR C 449 26.82 7.42 25.79
N ASN C 450 27.21 6.65 26.78
CA ASN C 450 26.71 5.30 27.02
C ASN C 450 26.20 5.27 28.45
N ILE C 451 24.90 5.06 28.60
CA ILE C 451 24.27 4.95 29.91
C ILE C 451 23.59 3.61 29.96
N TYR C 452 24.04 2.73 30.86
CA TYR C 452 23.41 1.44 31.06
C TYR C 452 23.20 0.72 29.73
N ASP C 453 24.26 0.68 28.93
CA ASP C 453 24.30 -0.01 27.63
C ASP C 453 23.47 0.69 26.55
N VAL C 454 23.14 1.97 26.72
CA VAL C 454 22.44 2.74 25.69
C VAL C 454 23.36 3.84 25.20
N SER C 455 23.64 3.85 23.91
CA SER C 455 24.59 4.80 23.32
C SER C 455 23.84 5.85 22.52
N GLY C 456 24.24 7.10 22.68
CA GLY C 456 23.62 8.20 21.97
C GLY C 456 24.53 9.40 21.96
N VAL C 457 24.13 10.42 21.23
CA VAL C 457 24.90 11.66 21.12
C VAL C 457 24.00 12.83 21.48
N GLY C 458 24.49 13.69 22.36
CA GLY C 458 23.71 14.84 22.79
C GLY C 458 24.40 15.54 23.95
N VAL C 459 23.68 16.47 24.56
CA VAL C 459 24.16 17.22 25.70
C VAL C 459 23.30 16.86 26.91
N ILE C 460 23.94 16.57 28.03
CA ILE C 460 23.20 16.21 29.23
C ILE C 460 22.77 17.48 29.93
N ARG C 461 21.49 17.54 30.27
CA ARG C 461 20.92 18.69 30.95
C ARG C 461 20.44 18.21 32.31
N VAL C 462 20.89 18.88 33.37
CA VAL C 462 20.46 18.46 34.69
C VAL C 462 18.96 18.62 34.78
N SER C 463 18.31 17.63 35.37
CA SER C 463 16.87 17.67 35.55
C SER C 463 16.57 17.28 36.97
N ASN C 464 15.58 17.93 37.57
CA ASN C 464 15.20 17.62 38.94
C ASN C 464 13.79 17.08 38.96
N ASP C 465 13.66 15.76 39.05
CA ASP C 465 12.37 15.11 39.18
C ASP C 465 12.56 13.80 39.92
N THR C 466 11.56 13.42 40.70
CA THR C 466 11.65 12.20 41.50
C THR C 466 11.86 10.97 40.62
N PHE C 467 11.04 10.80 39.59
CA PHE C 467 11.18 9.68 38.66
C PHE C 467 11.38 8.37 39.41
N LEU C 468 10.49 8.11 40.36
CA LEU C 468 10.68 6.98 41.25
C LEU C 468 10.26 5.66 40.62
N ASN C 469 9.62 5.67 39.45
CA ASN C 469 9.13 4.42 38.86
C ASN C 469 10.27 3.44 38.62
N GLY C 470 11.34 3.91 37.99
CA GLY C 470 12.43 3.06 37.57
C GLY C 470 13.70 3.83 37.34
N ILE C 471 14.78 3.09 37.08
CA ILE C 471 16.09 3.71 36.87
C ILE C 471 16.09 4.60 35.64
N THR C 472 15.49 4.14 34.54
CA THR C 472 15.56 4.91 33.31
C THR C 472 14.24 4.82 32.56
N TYR C 473 14.05 5.80 31.68
CA TYR C 473 12.87 5.86 30.83
C TYR C 473 13.29 6.12 29.39
N THR C 474 12.67 5.42 28.45
CA THR C 474 12.95 5.60 27.02
C THR C 474 11.70 6.09 26.30
N SER C 475 11.90 6.76 25.18
CA SER C 475 10.79 7.33 24.45
C SER C 475 10.09 6.29 23.59
N THR C 476 9.08 6.74 22.86
CA THR C 476 8.34 5.85 21.97
C THR C 476 9.26 5.20 20.96
N SER C 477 10.20 5.96 20.41
CA SER C 477 11.21 5.37 19.55
C SER C 477 12.05 4.37 20.31
N GLY C 478 12.38 4.68 21.55
CA GLY C 478 13.25 3.85 22.36
C GLY C 478 14.49 4.55 22.83
N ASN C 479 14.68 5.82 22.49
CA ASN C 479 15.80 6.59 22.95
C ASN C 479 15.54 7.08 24.37
N LEU C 480 16.50 6.87 25.25
CA LEU C 480 16.30 7.26 26.64
C LEU C 480 16.12 8.76 26.74
N LEU C 481 15.16 9.18 27.56
CA LEU C 481 14.95 10.59 27.78
C LEU C 481 15.80 11.13 28.91
N GLY C 482 15.81 10.45 30.04
CA GLY C 482 16.61 10.88 31.17
C GLY C 482 16.89 9.71 32.07
N PHE C 483 17.92 9.88 32.89
CA PHE C 483 18.25 8.84 33.85
C PHE C 483 18.50 9.48 35.21
N LYS C 484 18.14 8.77 36.26
CA LYS C 484 18.32 9.28 37.60
C LYS C 484 19.63 8.72 38.13
N ASP C 485 20.40 9.57 38.79
CA ASP C 485 21.69 9.12 39.29
C ASP C 485 21.54 8.11 40.43
N VAL C 486 22.43 7.13 40.43
CA VAL C 486 22.44 6.12 41.48
C VAL C 486 22.85 6.71 42.81
N THR C 487 23.81 7.64 42.79
CA THR C 487 24.34 8.15 44.04
C THR C 487 23.30 8.91 44.85
N LYS C 488 22.59 9.84 44.21
CA LYS C 488 21.76 10.79 44.96
C LYS C 488 20.32 10.95 44.52
N GLY C 489 19.88 10.31 43.45
CA GLY C 489 18.52 10.48 42.99
C GLY C 489 18.30 11.66 42.07
N THR C 490 19.37 12.37 41.72
CA THR C 490 19.23 13.42 40.73
C THR C 490 19.14 12.78 39.35
N ILE C 491 18.57 13.52 38.41
CA ILE C 491 18.39 12.97 37.08
C ILE C 491 18.94 13.93 36.05
N TYR C 492 19.29 13.38 34.90
CA TYR C 492 19.80 14.13 33.77
C TYR C 492 19.04 13.76 32.52
N SER C 493 18.46 14.77 31.89
CA SER C 493 17.81 14.66 30.60
C SER C 493 18.86 14.70 29.51
N ILE C 494 18.55 14.09 28.37
CA ILE C 494 19.43 14.09 27.22
C ILE C 494 18.81 14.97 26.14
N THR C 495 19.49 16.06 25.77
CA THR C 495 19.03 16.94 24.73
C THR C 495 19.79 16.66 23.46
N PRO C 496 19.12 16.51 22.33
CA PRO C 496 19.82 16.12 21.10
C PRO C 496 20.92 17.10 20.74
N CYS C 497 22.06 16.53 20.34
CA CYS C 497 23.23 17.34 20.00
C CYS C 497 23.01 18.19 18.76
N ASN C 498 22.37 17.63 17.74
CA ASN C 498 22.25 18.26 16.42
C ASN C 498 20.80 18.37 15.99
N PRO C 499 20.08 19.38 16.49
CA PRO C 499 18.71 19.56 16.07
C PRO C 499 18.64 19.94 14.60
N PRO C 500 17.67 19.42 13.87
CA PRO C 500 17.56 19.75 12.46
C PRO C 500 17.22 21.21 12.27
N ASP C 501 17.75 21.79 11.21
CA ASP C 501 17.56 23.20 10.94
C ASP C 501 16.81 23.39 9.63
N GLN C 502 15.94 24.39 9.62
CA GLN C 502 15.15 24.78 8.46
C GLN C 502 15.62 26.13 7.97
N LEU C 503 15.90 26.25 6.68
CA LEU C 503 16.46 27.49 6.15
C LEU C 503 15.79 27.83 4.84
N VAL C 504 15.85 29.12 4.49
CA VAL C 504 15.12 29.67 3.36
C VAL C 504 16.12 30.25 2.38
N VAL C 505 15.92 29.99 1.10
CA VAL C 505 16.75 30.54 0.04
C VAL C 505 15.85 31.34 -0.88
N TYR C 506 16.24 32.57 -1.17
CA TYR C 506 15.48 33.44 -2.05
C TYR C 506 16.38 34.08 -3.10
N GLN C 507 15.89 34.08 -4.33
CA GLN C 507 16.63 34.61 -5.47
C GLN C 507 18.01 33.98 -5.53
N GLN C 508 18.02 32.67 -5.37
CA GLN C 508 19.26 31.91 -5.37
C GLN C 508 20.20 32.45 -4.31
N ALA C 509 19.63 32.83 -3.18
CA ALA C 509 20.43 33.29 -2.05
C ALA C 509 19.70 32.93 -0.77
N VAL C 510 20.48 32.50 0.23
CA VAL C 510 19.92 32.09 1.51
C VAL C 510 19.92 33.29 2.45
N VAL C 511 18.74 33.84 2.69
CA VAL C 511 18.58 34.93 3.64
C VAL C 511 17.52 34.44 4.61
N GLY C 512 17.84 34.43 5.88
CA GLY C 512 16.85 33.93 6.82
C GLY C 512 16.96 32.44 7.03
N ALA C 513 16.67 32.03 8.26
CA ALA C 513 16.77 30.66 8.74
C ALA C 513 15.96 30.56 10.03
N MET C 514 15.30 29.43 10.23
CA MET C 514 14.48 29.21 11.42
C MET C 514 15.32 28.38 12.38
N LEU C 515 15.68 28.96 13.52
CA LEU C 515 16.59 28.34 14.47
C LEU C 515 16.02 28.36 15.88
N SER C 516 16.62 27.52 16.71
CA SER C 516 16.25 27.39 18.11
C SER C 516 17.14 28.17 19.03
N GLU C 517 18.14 28.85 18.50
CA GLU C 517 19.10 29.60 19.31
C GLU C 517 19.08 31.08 18.94
N ASN C 518 19.28 31.91 19.96
CA ASN C 518 19.38 33.36 19.84
C ASN C 518 20.79 33.73 19.40
N PHE C 519 21.05 33.62 18.10
CA PHE C 519 22.40 33.90 17.63
C PHE C 519 22.41 34.44 16.21
N THR C 520 23.41 35.28 15.89
CA THR C 520 23.57 35.82 14.51
C THR C 520 24.61 34.99 13.74
N SER C 521 24.18 34.14 12.81
CA SER C 521 25.12 33.24 12.08
C SER C 521 25.31 33.69 10.63
N TYR C 522 24.99 34.94 10.31
CA TYR C 522 25.04 35.36 8.88
C TYR C 522 25.96 36.56 8.66
N GLY C 523 26.34 36.81 7.39
CA GLY C 523 27.27 37.91 7.06
C GLY C 523 26.66 39.27 7.24
N PHE C 524 25.34 39.34 7.42
CA PHE C 524 24.63 40.65 7.52
C PHE C 524 24.77 41.21 8.95
N SER C 525 24.01 42.26 9.29
CA SER C 525 24.21 42.97 10.59
C SER C 525 23.41 42.47 11.79
N ASN C 526 22.08 42.34 11.70
CA ASN C 526 21.29 42.02 12.89
C ASN C 526 20.43 40.80 12.69
N VAL C 527 20.42 39.94 13.70
CA VAL C 527 19.60 38.72 13.70
C VAL C 527 18.73 38.74 14.95
N VAL C 528 17.51 39.27 14.81
CA VAL C 528 16.59 39.43 15.92
C VAL C 528 16.15 38.10 16.52
N GLU C 529 15.45 38.20 17.64
CA GLU C 529 14.90 37.09 18.38
C GLU C 529 13.37 37.14 18.33
N LEU C 530 12.73 36.08 18.81
CA LEU C 530 11.26 36.03 18.80
C LEU C 530 10.80 35.20 19.99
N PRO C 531 9.48 35.24 20.30
CA PRO C 531 8.96 34.50 21.45
C PRO C 531 8.40 33.12 21.13
N LYS C 532 8.84 32.12 21.89
CA LYS C 532 8.48 30.71 21.85
C LYS C 532 9.22 30.07 20.69
N PHE C 533 10.00 30.86 19.97
CA PHE C 533 10.72 30.36 18.81
C PHE C 533 11.56 31.53 18.32
N PHE C 534 12.61 31.21 17.60
CA PHE C 534 13.51 32.24 17.13
C PHE C 534 13.47 32.33 15.62
N TYR C 535 13.86 33.49 15.10
CA TYR C 535 14.00 33.71 13.67
C TYR C 535 15.37 34.30 13.43
N ALA C 536 16.09 33.70 12.49
CA ALA C 536 17.44 34.07 12.13
C ALA C 536 17.43 34.80 10.80
N SER C 537 17.85 36.04 10.80
CA SER C 537 18.12 36.74 9.54
C SER C 537 19.08 37.83 9.95
N ASN C 538 20.26 37.84 9.39
CA ASN C 538 21.20 38.80 9.92
C ASN C 538 21.01 40.16 9.29
N GLY C 539 20.18 40.26 8.25
CA GLY C 539 19.97 41.53 7.62
C GLY C 539 19.18 42.45 8.51
N THR C 540 19.24 43.73 8.20
CA THR C 540 18.58 44.72 9.03
C THR C 540 17.07 44.60 8.89
N TYR C 541 16.37 45.16 9.87
CA TYR C 541 14.92 45.03 9.92
C TYR C 541 14.22 46.37 9.79
N ASN C 542 13.93 46.75 8.55
CA ASN C 542 13.07 47.89 8.29
C ASN C 542 11.63 47.48 8.07
N CYS C 543 11.39 46.19 7.87
CA CYS C 543 10.04 45.61 7.81
C CYS C 543 9.17 46.41 6.86
N THR C 544 9.77 46.85 5.74
CA THR C 544 9.03 47.62 4.76
C THR C 544 7.89 46.82 4.16
N ASP C 545 8.18 45.59 3.74
CA ASP C 545 7.17 44.75 3.10
C ASP C 545 7.74 43.35 2.97
N ALA C 546 6.84 42.38 2.86
CA ALA C 546 7.19 40.97 2.90
C ALA C 546 7.19 40.43 1.48
N VAL C 547 8.32 39.85 1.08
CA VAL C 547 8.42 39.32 -0.27
C VAL C 547 8.18 37.83 -0.29
N LEU C 548 8.07 37.19 0.87
CA LEU C 548 7.80 35.77 0.96
C LEU C 548 6.69 35.59 1.98
N THR C 549 5.95 34.48 1.86
CA THR C 549 4.79 34.25 2.69
C THR C 549 4.61 32.75 2.93
N TYR C 550 4.77 32.34 4.18
CA TYR C 550 4.44 31.00 4.65
C TYR C 550 3.20 31.09 5.52
N SER C 551 2.57 29.94 5.77
CA SER C 551 1.33 29.90 6.52
C SER C 551 1.46 30.56 7.88
N SER C 552 2.61 30.45 8.52
CA SER C 552 2.74 30.98 9.87
C SER C 552 3.78 32.09 10.00
N PHE C 553 4.37 32.55 8.91
CA PHE C 553 5.20 33.75 8.96
C PHE C 553 5.26 34.45 7.61
N GLY C 554 5.87 35.63 7.63
CA GLY C 554 6.14 36.38 6.42
C GLY C 554 7.57 36.87 6.45
N VAL C 555 8.09 37.26 5.28
CA VAL C 555 9.51 37.57 5.18
C VAL C 555 9.71 38.70 4.17
N CYS C 556 10.46 39.72 4.59
CA CYS C 556 10.74 40.84 3.72
C CYS C 556 11.77 40.46 2.66
N ALA C 557 11.90 41.35 1.68
CA ALA C 557 12.98 41.23 0.71
C ALA C 557 14.34 41.35 1.39
N ASP C 558 14.43 42.13 2.45
CA ASP C 558 15.70 42.32 3.12
C ASP C 558 15.98 41.25 4.15
N GLY C 559 15.04 40.35 4.39
CA GLY C 559 15.17 39.37 5.42
C GLY C 559 14.43 39.68 6.70
N SER C 560 13.71 40.80 6.73
CA SER C 560 12.91 41.09 7.91
C SER C 560 11.68 40.20 7.96
N ILE C 561 11.37 39.72 9.14
CA ILE C 561 10.25 38.82 9.37
C ILE C 561 9.02 39.65 9.67
N ILE C 562 7.87 39.16 9.24
CA ILE C 562 6.60 39.87 9.36
C ILE C 562 5.57 38.91 9.89
N ALA C 563 4.65 39.41 10.70
CA ALA C 563 3.56 38.57 11.14
C ALA C 563 2.73 38.20 9.92
N VAL C 564 2.49 36.91 9.76
CA VAL C 564 1.75 36.39 8.62
C VAL C 564 0.48 37.19 8.47
N GLN C 565 0.31 37.87 7.37
CA GLN C 565 -0.96 38.52 7.21
C GLN C 565 -1.73 37.83 6.10
N PRO C 566 -2.94 37.36 6.35
CA PRO C 566 -3.67 36.66 5.29
C PRO C 566 -4.08 37.64 4.22
N ARG C 567 -4.35 37.11 3.03
CA ARG C 567 -4.73 37.99 1.95
C ARG C 567 -5.95 38.79 2.33
N ASN C 568 -5.80 40.11 2.33
CA ASN C 568 -6.92 40.95 2.73
C ASN C 568 -7.90 41.02 1.57
N VAL C 569 -9.14 40.65 1.84
CA VAL C 569 -10.23 40.65 0.86
C VAL C 569 -11.48 41.12 1.55
N SER C 570 -12.26 41.97 0.86
CA SER C 570 -13.50 42.54 1.39
C SER C 570 -14.66 42.05 0.54
N TYR C 571 -15.15 40.85 0.82
CA TYR C 571 -16.22 40.35 -0.02
C TYR C 571 -17.54 40.97 0.40
N ASP C 572 -18.54 40.77 -0.45
CA ASP C 572 -19.87 41.31 -0.23
C ASP C 572 -20.86 40.16 -0.20
N SER C 573 -21.69 40.12 0.83
CA SER C 573 -22.70 39.09 0.97
C SER C 573 -24.06 39.73 1.16
N VAL C 574 -25.09 38.99 0.76
CA VAL C 574 -26.46 39.51 0.76
C VAL C 574 -26.92 39.83 2.19
N SER C 575 -27.77 40.84 2.29
CA SER C 575 -28.34 41.23 3.57
C SER C 575 -29.84 41.43 3.43
N ALA C 576 -30.56 41.16 4.52
CA ALA C 576 -32.01 41.31 4.55
C ALA C 576 -32.42 42.77 4.37
N ILE C 577 -33.65 42.94 3.90
CA ILE C 577 -34.17 44.26 3.57
C ILE C 577 -33.98 45.15 4.79
N VAL C 578 -33.17 46.20 4.61
CA VAL C 578 -32.80 47.10 5.69
C VAL C 578 -32.43 48.45 5.08
N THR C 579 -32.46 49.48 5.90
CA THR C 579 -32.06 50.81 5.47
C THR C 579 -30.56 50.96 5.74
N ALA C 580 -29.76 51.02 4.66
CA ALA C 580 -28.32 51.09 4.81
C ALA C 580 -27.69 51.62 3.52
N ASN C 581 -26.44 52.05 3.65
CA ASN C 581 -25.65 52.51 2.52
C ASN C 581 -24.90 51.33 1.94
N LEU C 582 -25.16 50.99 0.68
CA LEU C 582 -24.61 49.76 0.11
C LEU C 582 -23.79 50.00 -1.16
N SER C 583 -22.96 49.01 -1.46
CA SER C 583 -21.90 49.06 -2.47
C SER C 583 -22.09 47.95 -3.49
N ILE C 584 -22.19 48.30 -4.76
CA ILE C 584 -22.31 47.30 -5.83
C ILE C 584 -21.10 47.32 -6.76
N PRO C 585 -20.60 46.18 -7.22
CA PRO C 585 -19.50 46.17 -8.19
C PRO C 585 -19.93 46.81 -9.50
N SER C 586 -19.16 47.78 -9.98
CA SER C 586 -19.50 48.46 -11.23
C SER C 586 -18.50 48.17 -12.34
N ASN C 587 -17.26 48.63 -12.22
CA ASN C 587 -16.31 48.56 -13.34
C ASN C 587 -15.41 47.36 -13.10
N TRP C 588 -15.63 46.30 -13.84
CA TRP C 588 -14.78 45.13 -13.77
C TRP C 588 -13.88 45.02 -14.97
N THR C 589 -12.76 44.33 -14.78
CA THR C 589 -11.90 43.88 -15.86
C THR C 589 -11.56 42.42 -15.60
N THR C 590 -11.44 41.64 -16.66
CA THR C 590 -11.45 40.20 -16.54
C THR C 590 -10.06 39.68 -16.24
N SER C 591 -10.01 38.70 -15.33
CA SER C 591 -8.75 38.14 -14.88
C SER C 591 -8.84 36.63 -15.02
N VAL C 592 -7.92 36.05 -15.78
CA VAL C 592 -7.90 34.61 -15.99
C VAL C 592 -7.43 33.93 -14.70
N GLN C 593 -8.23 33.02 -14.23
CA GLN C 593 -7.90 32.19 -13.09
C GLN C 593 -7.70 30.78 -13.61
N VAL C 594 -6.45 30.40 -13.76
CA VAL C 594 -6.11 29.19 -14.48
C VAL C 594 -6.33 27.98 -13.59
N GLU C 595 -6.91 26.93 -14.16
CA GLU C 595 -7.01 25.65 -13.52
C GLU C 595 -6.39 24.58 -14.38
N TYR C 596 -6.08 23.48 -13.73
CA TYR C 596 -5.53 22.28 -14.33
C TYR C 596 -6.35 21.13 -13.80
N LEU C 597 -6.88 20.31 -14.70
CA LEU C 597 -7.68 19.18 -14.26
C LEU C 597 -7.11 17.91 -14.86
N GLN C 598 -6.78 16.96 -13.98
CA GLN C 598 -6.51 15.61 -14.43
C GLN C 598 -7.75 15.08 -15.11
N ILE C 599 -7.60 14.45 -16.26
CA ILE C 599 -8.76 13.86 -16.92
C ILE C 599 -8.57 12.43 -17.34
N THR C 600 -7.35 11.94 -17.55
CA THR C 600 -7.10 10.53 -17.71
C THR C 600 -5.77 10.21 -17.05
N SER C 601 -5.43 8.93 -17.05
CA SER C 601 -4.08 8.52 -16.71
C SER C 601 -3.47 7.78 -17.89
N THR C 602 -2.16 7.88 -18.00
CA THR C 602 -1.41 7.24 -19.07
C THR C 602 -1.65 5.74 -19.08
N PRO C 603 -2.37 5.21 -20.06
CA PRO C 603 -2.68 3.78 -20.03
C PRO C 603 -1.41 2.96 -20.21
N ILE C 604 -1.24 1.96 -19.37
CA ILE C 604 -0.09 1.07 -19.43
C ILE C 604 -0.56 -0.37 -19.30
N VAL C 605 0.03 -1.25 -20.09
CA VAL C 605 -0.23 -2.67 -20.03
C VAL C 605 1.09 -3.41 -19.86
N VAL C 606 1.04 -4.46 -19.05
CA VAL C 606 2.21 -5.28 -18.74
C VAL C 606 1.86 -6.74 -19.03
N ASP C 607 2.68 -7.37 -19.84
CA ASP C 607 2.57 -8.80 -20.05
C ASP C 607 3.27 -9.53 -18.90
N CYS C 608 2.58 -10.49 -18.31
CA CYS C 608 3.19 -11.21 -17.20
C CYS C 608 4.50 -11.83 -17.65
N SER C 609 4.45 -12.54 -18.78
CA SER C 609 5.62 -13.21 -19.30
C SER C 609 6.70 -12.22 -19.70
N THR C 610 6.34 -11.15 -20.39
CA THR C 610 7.37 -10.21 -20.79
C THR C 610 8.01 -9.58 -19.57
N TYR C 611 7.20 -9.07 -18.67
CA TYR C 611 7.70 -8.30 -17.55
C TYR C 611 8.42 -9.16 -16.52
N VAL C 612 8.27 -10.49 -16.57
CA VAL C 612 8.87 -11.25 -15.49
C VAL C 612 9.78 -12.30 -16.08
N CYS C 613 9.29 -12.99 -17.09
CA CYS C 613 10.12 -13.93 -17.81
C CYS C 613 11.20 -13.20 -18.59
N ASN C 614 10.87 -12.03 -19.14
CA ASN C 614 11.76 -11.28 -20.02
C ASN C 614 11.98 -12.02 -21.32
N GLY C 615 11.00 -12.81 -21.73
CA GLY C 615 11.13 -13.67 -22.88
C GLY C 615 11.68 -15.03 -22.61
N ASN C 616 11.76 -15.45 -21.34
CA ASN C 616 12.33 -16.74 -21.01
C ASN C 616 11.25 -17.81 -21.04
N VAL C 617 11.54 -18.89 -21.77
CA VAL C 617 10.55 -19.94 -21.93
C VAL C 617 10.33 -20.66 -20.60
N ARG C 618 11.41 -20.90 -19.87
CA ARG C 618 11.30 -21.61 -18.60
C ARG C 618 10.53 -20.80 -17.59
N CYS C 619 10.88 -19.52 -17.46
CA CYS C 619 10.09 -18.64 -16.60
C CYS C 619 8.65 -18.57 -17.07
N VAL C 620 8.42 -18.75 -18.37
CA VAL C 620 7.05 -18.71 -18.84
C VAL C 620 6.30 -19.93 -18.34
N GLU C 621 6.94 -21.09 -18.43
CA GLU C 621 6.29 -22.32 -18.04
C GLU C 621 5.94 -22.29 -16.56
N LEU C 622 6.90 -21.90 -15.72
CA LEU C 622 6.60 -21.82 -14.30
C LEU C 622 5.55 -20.76 -13.99
N LEU C 623 5.62 -19.61 -14.67
CA LEU C 623 4.66 -18.55 -14.43
C LEU C 623 3.24 -19.00 -14.75
N LYS C 624 3.09 -19.82 -15.79
CA LYS C 624 1.76 -20.16 -16.27
C LYS C 624 0.90 -20.83 -15.18
N GLN C 625 1.51 -21.60 -14.29
CA GLN C 625 0.72 -22.22 -13.22
C GLN C 625 0.15 -21.18 -12.26
N TYR C 626 0.81 -20.04 -12.09
CA TYR C 626 0.27 -18.96 -11.28
C TYR C 626 -0.41 -17.91 -12.12
N THR C 627 -0.89 -18.30 -13.30
CA THR C 627 -1.58 -17.36 -14.16
C THR C 627 -2.75 -16.73 -13.45
N SER C 628 -3.51 -17.54 -12.70
CA SER C 628 -4.74 -17.08 -12.08
C SER C 628 -4.53 -15.77 -11.35
N ALA C 629 -3.46 -15.67 -10.57
CA ALA C 629 -3.18 -14.40 -9.93
C ALA C 629 -2.79 -13.37 -10.99
N CYS C 630 -1.81 -13.72 -11.82
CA CYS C 630 -1.30 -12.73 -12.75
C CYS C 630 -2.35 -12.42 -13.80
N LYS C 631 -2.90 -13.48 -14.41
CA LYS C 631 -4.03 -13.33 -15.31
C LYS C 631 -5.09 -12.42 -14.73
N THR C 632 -5.41 -12.59 -13.44
CA THR C 632 -6.36 -11.69 -12.80
C THR C 632 -5.85 -10.27 -12.77
N ILE C 633 -4.56 -10.10 -12.53
CA ILE C 633 -3.99 -8.76 -12.44
C ILE C 633 -4.08 -8.07 -13.78
N GLU C 634 -3.47 -8.68 -14.78
CA GLU C 634 -3.42 -8.11 -16.11
C GLU C 634 -4.80 -7.97 -16.70
N ASP C 635 -5.72 -8.85 -16.32
CA ASP C 635 -7.10 -8.68 -16.76
C ASP C 635 -7.71 -7.45 -16.11
N ALA C 636 -7.44 -7.24 -14.83
CA ALA C 636 -8.00 -6.08 -14.16
C ALA C 636 -7.50 -4.81 -14.81
N LEU C 637 -6.19 -4.69 -14.97
CA LEU C 637 -5.65 -3.48 -15.56
C LEU C 637 -6.09 -3.33 -17.01
N ARG C 638 -6.25 -4.44 -17.72
CA ARG C 638 -6.63 -4.35 -19.11
C ARG C 638 -8.07 -3.89 -19.24
N ASN C 639 -8.96 -4.54 -18.50
CA ASN C 639 -10.35 -4.17 -18.55
C ASN C 639 -10.54 -2.76 -18.06
N SER C 640 -9.77 -2.33 -17.07
CA SER C 640 -9.92 -0.97 -16.60
C SER C 640 -9.36 0.03 -17.59
N ALA C 641 -8.30 -0.35 -18.31
CA ALA C 641 -7.84 0.47 -19.41
C ALA C 641 -8.93 0.61 -20.45
N MET C 642 -9.52 -0.51 -20.85
CA MET C 642 -10.57 -0.46 -21.85
C MET C 642 -11.78 0.30 -21.34
N LEU C 643 -12.00 0.24 -20.03
CA LEU C 643 -13.11 0.94 -19.42
C LEU C 643 -12.89 2.44 -19.51
N GLU C 644 -11.74 2.89 -19.05
CA GLU C 644 -11.45 4.31 -19.07
C GLU C 644 -11.34 4.82 -20.50
N SER C 645 -10.89 3.98 -21.43
CA SER C 645 -10.83 4.41 -22.82
C SER C 645 -12.24 4.53 -23.38
N ALA C 646 -13.13 3.65 -22.96
CA ALA C 646 -14.52 3.76 -23.35
C ALA C 646 -15.08 5.06 -22.82
N ASP C 647 -14.88 5.30 -21.53
CA ASP C 647 -15.39 6.50 -20.89
C ASP C 647 -14.92 7.76 -21.60
N VAL C 648 -13.62 7.85 -21.93
CA VAL C 648 -13.18 9.05 -22.61
C VAL C 648 -13.83 9.14 -23.97
N SER C 649 -13.81 8.04 -24.72
CA SER C 649 -14.38 8.05 -26.06
C SER C 649 -15.84 8.48 -26.02
N GLU C 650 -16.56 8.04 -25.00
CA GLU C 650 -17.94 8.46 -24.80
C GLU C 650 -18.02 9.96 -24.58
N MET C 651 -17.09 10.50 -23.81
CA MET C 651 -17.07 11.95 -23.64
C MET C 651 -16.76 12.63 -24.96
N LEU C 652 -15.89 12.04 -25.74
CA LEU C 652 -15.47 12.57 -27.03
C LEU C 652 -16.63 12.69 -27.99
N THR C 653 -16.75 13.85 -28.62
CA THR C 653 -17.80 14.14 -29.58
C THR C 653 -17.16 14.89 -30.74
N PHE C 654 -17.83 14.92 -31.87
CA PHE C 654 -17.27 15.65 -33.01
C PHE C 654 -18.41 16.31 -33.76
N ASP C 655 -18.25 17.59 -34.05
CA ASP C 655 -19.27 18.32 -34.80
C ASP C 655 -18.70 18.91 -36.07
N LYS C 656 -19.40 18.64 -37.18
CA LYS C 656 -19.01 19.27 -38.43
C LYS C 656 -19.22 20.77 -38.36
N LYS C 657 -20.27 21.21 -37.66
CA LYS C 657 -20.44 22.64 -37.47
C LYS C 657 -19.28 23.23 -36.70
N ALA C 658 -18.82 22.51 -35.69
CA ALA C 658 -17.75 23.03 -34.83
C ALA C 658 -16.41 23.08 -35.54
N PHE C 659 -16.14 22.11 -36.40
CA PHE C 659 -14.84 22.05 -37.06
C PHE C 659 -14.39 23.40 -37.58
N THR C 660 -15.25 24.04 -38.38
CA THR C 660 -14.90 25.31 -39.02
C THR C 660 -14.73 26.45 -38.03
N LEU C 661 -15.29 26.33 -36.85
CA LEU C 661 -15.37 27.46 -35.93
C LEU C 661 -14.02 27.90 -35.37
N ALA C 662 -12.95 27.15 -35.63
CA ALA C 662 -11.61 27.55 -35.21
C ALA C 662 -11.02 28.67 -36.06
N ASN C 663 -11.73 29.11 -37.10
CA ASN C 663 -11.24 30.14 -38.00
C ASN C 663 -10.97 31.46 -37.27
N VAL C 664 -9.88 32.12 -37.67
CA VAL C 664 -9.44 33.33 -37.00
C VAL C 664 -10.38 34.49 -37.22
N SER C 665 -11.31 34.36 -38.16
CA SER C 665 -12.20 35.52 -38.46
C SER C 665 -13.22 35.69 -37.33
N SER C 666 -13.58 34.59 -36.67
CA SER C 666 -14.64 34.66 -35.65
C SER C 666 -14.25 35.57 -34.47
N PHE C 667 -13.00 35.48 -34.00
CA PHE C 667 -12.58 36.22 -32.78
C PHE C 667 -12.61 37.75 -32.98
N GLY C 668 -12.26 38.23 -34.18
CA GLY C 668 -12.26 39.67 -34.45
C GLY C 668 -11.27 40.43 -33.58
N ASP C 669 -11.70 41.51 -32.92
CA ASP C 669 -10.76 42.36 -32.13
C ASP C 669 -10.19 41.59 -30.95
N TYR C 670 -10.87 40.52 -30.54
CA TYR C 670 -10.40 39.78 -29.34
C TYR C 670 -8.97 39.29 -29.56
N ASN C 671 -8.62 38.89 -30.78
CA ASN C 671 -7.23 38.46 -31.09
C ASN C 671 -6.89 37.35 -30.10
N LEU C 672 -7.85 36.46 -29.83
CA LEU C 672 -7.61 35.33 -28.90
C LEU C 672 -6.48 34.51 -29.52
N SER C 673 -6.47 34.36 -30.84
CA SER C 673 -5.36 33.72 -31.59
C SER C 673 -4.58 32.64 -30.83
N SER C 674 -3.73 33.04 -29.87
CA SER C 674 -2.87 32.05 -29.17
C SER C 674 -3.73 30.82 -28.89
N VAL C 675 -4.77 31.01 -28.09
CA VAL C 675 -5.68 29.92 -27.77
C VAL C 675 -6.45 29.43 -28.98
N ILE C 676 -6.57 30.24 -30.02
CA ILE C 676 -7.37 29.82 -31.16
C ILE C 676 -6.73 28.57 -31.78
N PRO C 677 -7.51 27.52 -32.05
CA PRO C 677 -6.96 26.39 -32.79
C PRO C 677 -6.59 26.84 -34.18
N SER C 678 -5.43 26.40 -34.64
CA SER C 678 -4.90 26.93 -35.89
C SER C 678 -5.81 26.57 -37.05
N LEU C 679 -5.81 27.45 -38.04
CA LEU C 679 -6.57 27.19 -39.24
C LEU C 679 -5.98 25.99 -39.97
N PRO C 680 -6.80 25.16 -40.60
CA PRO C 680 -6.26 23.98 -41.28
C PRO C 680 -5.30 24.40 -42.37
N ARG C 681 -4.09 23.84 -42.32
CA ARG C 681 -3.04 24.19 -43.27
C ARG C 681 -3.22 23.30 -44.48
N SER C 682 -4.16 23.72 -45.34
CA SER C 682 -4.53 22.95 -46.53
C SER C 682 -4.78 21.49 -46.17
N GLY C 683 -5.29 21.26 -44.96
CA GLY C 683 -5.49 19.93 -44.46
C GLY C 683 -6.91 19.77 -43.95
N SER C 684 -7.32 18.52 -43.83
CA SER C 684 -8.65 18.21 -43.34
C SER C 684 -8.64 17.93 -41.85
N ARG C 689 -4.02 23.83 -33.36
CA ARG C 689 -3.40 23.59 -32.06
C ARG C 689 -2.93 24.91 -31.47
N SER C 690 -3.23 25.13 -30.21
CA SER C 690 -3.06 26.46 -29.65
C SER C 690 -1.65 26.73 -29.17
N ALA C 691 -1.36 28.02 -29.02
CA ALA C 691 -0.05 28.44 -28.54
C ALA C 691 0.22 27.94 -27.13
N ILE C 692 -0.79 27.94 -26.26
CA ILE C 692 -0.48 27.49 -24.92
C ILE C 692 -0.17 26.00 -24.94
N GLU C 693 -0.98 25.22 -25.66
CA GLU C 693 -0.71 23.79 -25.68
C GLU C 693 0.67 23.54 -26.24
N ASP C 694 1.09 24.37 -27.19
CA ASP C 694 2.38 24.16 -27.82
C ASP C 694 3.50 24.52 -26.87
N ILE C 695 3.40 25.65 -26.17
CA ILE C 695 4.44 26.00 -25.19
C ILE C 695 4.52 24.89 -24.14
N LEU C 696 3.37 24.40 -23.70
CA LEU C 696 3.36 23.37 -22.69
C LEU C 696 4.10 22.14 -23.20
N PHE C 697 3.85 21.79 -24.46
CA PHE C 697 4.57 20.69 -25.07
C PHE C 697 6.05 21.02 -25.12
N SER C 698 6.38 22.25 -25.48
CA SER C 698 7.78 22.61 -25.55
C SER C 698 8.40 22.50 -24.18
N LYS C 699 7.58 22.47 -23.13
CA LYS C 699 8.11 22.33 -21.79
C LYS C 699 7.89 20.90 -21.30
N LEU C 700 7.51 20.02 -22.23
CA LEU C 700 7.24 18.59 -21.91
C LEU C 700 8.56 17.92 -21.49
N VAL C 701 9.68 18.65 -21.58
CA VAL C 701 11.01 18.10 -21.19
C VAL C 701 10.99 17.79 -19.69
N THR C 702 11.57 16.64 -19.31
CA THR C 702 11.63 16.22 -17.88
C THR C 702 10.22 16.31 -17.27
N ASP C 709 5.45 10.25 -27.00
CA ASP C 709 4.60 9.22 -27.59
C ASP C 709 4.98 8.97 -29.04
N ALA C 710 5.49 7.78 -29.32
CA ALA C 710 5.82 7.35 -30.68
C ALA C 710 5.58 5.86 -30.79
N ASP C 711 5.71 5.34 -31.99
CA ASP C 711 5.48 3.93 -32.25
C ASP C 711 6.80 3.18 -32.30
N TYR C 712 6.93 2.20 -31.40
CA TYR C 712 8.17 1.47 -31.23
C TYR C 712 8.50 0.71 -32.50
N LYS C 713 7.51 0.50 -33.35
CA LYS C 713 7.74 -0.24 -34.57
C LYS C 713 8.84 0.41 -35.37
N LYS C 714 8.95 1.72 -35.28
CA LYS C 714 9.93 2.38 -36.13
C LYS C 714 11.26 2.55 -35.44
N CYS C 715 11.34 2.28 -34.15
CA CYS C 715 12.59 2.41 -33.42
C CYS C 715 13.27 1.07 -33.16
N THR C 716 12.68 -0.04 -33.58
CA THR C 716 13.39 -1.31 -33.49
C THR C 716 14.19 -1.58 -34.73
N LYS C 717 14.35 -0.58 -35.58
CA LYS C 717 15.21 -0.61 -36.74
C LYS C 717 15.84 0.77 -36.87
N GLY C 718 16.82 0.88 -37.76
CA GLY C 718 17.45 2.17 -38.01
C GLY C 718 18.79 2.32 -37.31
N LEU C 719 19.44 3.43 -37.65
CA LEU C 719 20.81 3.70 -37.23
C LEU C 719 20.91 4.44 -35.92
N SER C 720 19.78 4.77 -35.31
CA SER C 720 19.77 5.48 -34.04
C SER C 720 19.72 4.50 -32.87
N ILE C 721 20.37 4.90 -31.77
CA ILE C 721 20.18 4.21 -30.51
C ILE C 721 18.77 4.49 -30.00
N ALA C 722 18.13 3.45 -29.46
CA ALA C 722 16.73 3.56 -29.07
C ALA C 722 16.53 4.59 -27.96
N ASP C 723 15.40 5.27 -28.02
CA ASP C 723 15.03 6.23 -27.00
C ASP C 723 14.46 5.53 -25.79
N LEU C 724 14.38 6.28 -24.68
CA LEU C 724 13.91 5.74 -23.42
C LEU C 724 12.55 5.08 -23.56
N ALA C 725 11.64 5.72 -24.29
CA ALA C 725 10.28 5.16 -24.44
C ALA C 725 10.38 3.84 -25.19
N CYS C 726 11.27 3.77 -26.17
CA CYS C 726 11.45 2.52 -26.93
C CYS C 726 11.99 1.42 -26.01
N ALA C 727 12.85 1.82 -25.07
CA ALA C 727 13.36 0.83 -24.10
C ALA C 727 12.17 0.24 -23.35
N GLN C 728 11.12 1.02 -23.15
CA GLN C 728 9.95 0.53 -22.37
C GLN C 728 9.28 -0.61 -23.15
N TYR C 729 9.18 -0.48 -24.47
CA TYR C 729 8.58 -1.55 -25.29
C TYR C 729 9.45 -2.79 -25.14
N TYR C 730 10.75 -2.57 -25.14
CA TYR C 730 11.69 -3.72 -25.07
C TYR C 730 11.48 -4.43 -23.73
N ASN C 731 11.22 -3.66 -22.67
CA ASN C 731 11.05 -4.27 -21.32
C ASN C 731 9.60 -4.69 -21.13
N GLY C 732 8.74 -4.43 -22.11
CA GLY C 732 7.34 -4.91 -22.03
C GLY C 732 6.40 -3.92 -21.38
N ILE C 733 6.90 -2.75 -21.00
CA ILE C 733 5.97 -1.71 -20.45
C ILE C 733 5.32 -1.03 -21.65
N MET C 734 4.46 -1.76 -22.36
CA MET C 734 3.86 -1.19 -23.60
C MET C 734 2.98 0.00 -23.23
N VAL C 735 3.53 1.20 -23.36
CA VAL C 735 2.70 2.41 -23.08
C VAL C 735 1.75 2.53 -24.26
N LEU C 736 0.45 2.44 -24.00
CA LEU C 736 -0.53 2.49 -25.09
C LEU C 736 -0.54 3.91 -25.64
N PRO C 737 -0.85 4.11 -26.95
CA PRO C 737 -0.95 5.46 -27.48
C PRO C 737 -2.05 6.12 -26.63
N GLY C 738 -1.90 7.40 -26.31
CA GLY C 738 -2.86 8.03 -25.40
C GLY C 738 -4.28 7.95 -25.94
N VAL C 739 -5.24 7.66 -25.07
CA VAL C 739 -6.67 7.63 -25.50
C VAL C 739 -6.92 8.96 -26.21
N ALA C 740 -6.72 10.08 -25.52
CA ALA C 740 -6.81 11.34 -26.23
C ALA C 740 -5.52 11.58 -27.00
N ASP C 741 -5.27 10.69 -27.94
CA ASP C 741 -4.24 10.91 -28.94
C ASP C 741 -4.50 12.21 -29.69
N ALA C 742 -3.47 12.68 -30.37
CA ALA C 742 -3.48 14.04 -30.90
C ALA C 742 -4.66 14.24 -31.84
N GLU C 743 -4.97 13.26 -32.67
CA GLU C 743 -5.92 13.45 -33.74
C GLU C 743 -7.31 13.79 -33.23
N ARG C 744 -7.97 12.82 -32.59
CA ARG C 744 -9.31 13.08 -32.10
C ARG C 744 -9.29 14.01 -30.91
N MET C 745 -8.25 13.95 -30.08
CA MET C 745 -8.20 14.90 -28.96
C MET C 745 -8.25 16.32 -29.47
N ALA C 746 -7.47 16.62 -30.49
CA ALA C 746 -7.45 17.96 -31.04
C ALA C 746 -8.76 18.27 -31.74
N MET C 747 -9.28 17.32 -32.53
CA MET C 747 -10.56 17.56 -33.17
C MET C 747 -11.64 17.86 -32.15
N TYR C 748 -11.52 17.27 -30.96
CA TYR C 748 -12.53 17.46 -29.93
C TYR C 748 -12.37 18.80 -29.24
N THR C 749 -11.17 19.06 -28.71
CA THR C 749 -10.88 20.36 -28.13
C THR C 749 -11.27 21.47 -29.09
N GLY C 750 -11.05 21.26 -30.38
CA GLY C 750 -11.48 22.26 -31.34
C GLY C 750 -12.97 22.32 -31.47
N SER C 751 -13.63 21.17 -31.49
CA SER C 751 -15.07 21.17 -31.69
C SER C 751 -15.76 21.90 -30.56
N LEU C 752 -15.29 21.68 -29.34
CA LEU C 752 -15.88 22.39 -28.21
C LEU C 752 -15.49 23.87 -28.22
N ILE C 753 -14.20 24.17 -28.42
CA ILE C 753 -13.79 25.56 -28.41
C ILE C 753 -14.55 26.36 -29.45
N GLY C 754 -14.88 25.74 -30.58
CA GLY C 754 -15.81 26.42 -31.46
C GLY C 754 -17.23 26.36 -30.98
N GLY C 755 -17.56 25.37 -30.18
CA GLY C 755 -18.89 25.37 -29.63
C GLY C 755 -19.11 26.46 -28.62
N ILE C 756 -18.06 27.19 -28.26
CA ILE C 756 -18.22 28.26 -27.31
C ILE C 756 -18.80 29.47 -28.01
N ALA C 757 -18.37 29.73 -29.22
CA ALA C 757 -19.02 30.76 -30.02
C ALA C 757 -19.94 30.19 -31.09
N LEU C 758 -20.43 28.99 -30.90
CA LEU C 758 -21.35 28.35 -31.83
C LEU C 758 -22.48 27.79 -31.00
N GLY C 759 -23.70 28.09 -31.40
CA GLY C 759 -24.87 27.62 -30.68
C GLY C 759 -25.78 26.91 -31.67
N GLY C 760 -26.82 26.29 -31.14
CA GLY C 760 -27.67 25.55 -32.03
C GLY C 760 -28.15 26.48 -33.12
N LEU C 761 -27.71 26.18 -34.34
CA LEU C 761 -27.88 27.02 -35.49
C LEU C 761 -27.98 26.11 -36.71
N THR C 762 -28.64 26.61 -37.76
CA THR C 762 -28.75 25.82 -38.98
C THR C 762 -27.39 25.62 -39.63
N SER C 763 -26.58 26.68 -39.69
CA SER C 763 -25.33 26.63 -40.42
C SER C 763 -24.22 26.02 -39.57
N ALA C 764 -23.03 25.96 -40.15
CA ALA C 764 -21.82 25.45 -39.51
C ALA C 764 -20.78 26.55 -39.34
N ALA C 765 -21.21 27.79 -39.54
CA ALA C 765 -20.24 28.91 -39.49
C ALA C 765 -20.30 29.64 -38.15
N SER C 766 -19.46 30.67 -37.99
CA SER C 766 -19.39 31.46 -36.74
C SER C 766 -20.47 32.55 -36.70
N ILE C 767 -20.67 33.14 -35.52
CA ILE C 767 -21.62 34.30 -35.39
C ILE C 767 -20.76 35.44 -34.86
N PRO C 768 -21.09 36.74 -35.07
CA PRO C 768 -20.20 37.79 -34.60
C PRO C 768 -20.01 37.51 -33.11
N PHE C 769 -18.77 37.44 -32.66
CA PHE C 769 -18.49 37.08 -31.24
C PHE C 769 -19.05 38.14 -30.30
N SER C 770 -19.02 39.40 -30.71
CA SER C 770 -19.44 40.48 -29.77
C SER C 770 -20.87 40.25 -29.30
N LEU C 771 -21.80 39.97 -30.21
CA LEU C 771 -23.18 39.65 -29.79
C LEU C 771 -23.18 38.31 -29.04
N ALA C 772 -22.36 37.36 -29.47
CA ALA C 772 -22.41 35.99 -28.90
C ALA C 772 -22.11 35.93 -27.41
N ILE C 773 -21.06 36.60 -26.94
CA ILE C 773 -20.69 36.44 -25.49
C ILE C 773 -21.85 36.97 -24.65
N GLN C 774 -22.47 38.07 -25.09
CA GLN C 774 -23.58 38.71 -24.35
C GLN C 774 -24.52 37.65 -23.76
N SER C 775 -24.72 36.52 -24.45
CA SER C 775 -25.70 35.52 -23.99
C SER C 775 -25.19 34.76 -22.77
N ARG C 776 -23.91 34.38 -22.76
CA ARG C 776 -23.45 33.55 -21.63
C ARG C 776 -23.62 34.36 -20.35
N LEU C 777 -23.22 35.63 -20.38
CA LEU C 777 -23.33 36.51 -19.18
C LEU C 777 -24.80 36.68 -18.82
N ASN C 778 -25.69 36.74 -19.81
CA ASN C 778 -27.11 37.02 -19.50
C ASN C 778 -27.60 35.95 -18.54
N TYR C 779 -27.14 34.70 -18.71
CA TYR C 779 -27.50 33.64 -17.76
C TYR C 779 -27.33 34.17 -16.34
N VAL C 780 -26.25 34.90 -16.04
CA VAL C 780 -26.16 35.40 -14.68
C VAL C 780 -27.07 36.61 -14.48
N ALA C 781 -27.19 37.50 -15.46
CA ALA C 781 -28.00 38.69 -15.25
C ALA C 781 -28.27 39.42 -16.55
N LEU C 782 -29.40 40.11 -16.60
CA LEU C 782 -29.90 40.76 -17.81
C LEU C 782 -29.15 42.06 -18.05
N GLN C 783 -28.25 42.04 -19.02
CA GLN C 783 -27.51 43.22 -19.40
C GLN C 783 -28.43 44.28 -20.00
N THR C 784 -28.42 45.47 -19.41
CA THR C 784 -29.23 46.57 -19.93
C THR C 784 -28.36 47.61 -20.61
N ASP C 785 -27.09 47.31 -20.83
CA ASP C 785 -26.15 48.17 -21.53
C ASP C 785 -26.05 47.83 -23.01
N VAL C 786 -25.76 48.85 -23.82
CA VAL C 786 -25.60 48.65 -25.24
C VAL C 786 -24.13 48.68 -25.67
N LEU C 787 -23.31 49.46 -24.98
CA LEU C 787 -21.92 49.70 -25.37
C LEU C 787 -20.96 49.11 -24.36
N GLN C 788 -20.26 48.05 -24.76
CA GLN C 788 -19.54 47.19 -23.84
C GLN C 788 -18.05 47.51 -23.87
N GLU C 789 -17.62 48.44 -23.01
CA GLU C 789 -16.20 48.74 -22.90
C GLU C 789 -15.48 47.63 -22.16
N ASN C 790 -16.22 46.94 -21.30
CA ASN C 790 -15.64 45.84 -20.56
C ASN C 790 -15.04 44.84 -21.52
N GLN C 791 -15.68 44.60 -22.65
CA GLN C 791 -15.16 43.65 -23.63
C GLN C 791 -13.73 43.99 -24.02
N LYS C 792 -13.48 45.23 -24.36
CA LYS C 792 -12.18 45.60 -24.87
C LYS C 792 -11.17 45.74 -23.76
N ILE C 793 -11.61 46.10 -22.56
CA ILE C 793 -10.63 46.21 -21.50
C ILE C 793 -10.32 44.84 -20.95
N LEU C 794 -11.29 43.94 -20.94
CA LEU C 794 -11.01 42.58 -20.55
C LEU C 794 -10.16 41.91 -21.61
N ALA C 795 -10.28 42.32 -22.86
CA ALA C 795 -9.37 41.79 -23.86
C ALA C 795 -7.96 42.28 -23.62
N ALA C 796 -7.81 43.56 -23.29
CA ALA C 796 -6.47 44.06 -23.01
C ALA C 796 -5.88 43.42 -21.77
N SER C 797 -6.71 43.12 -20.79
CA SER C 797 -6.19 42.48 -19.59
C SER C 797 -5.96 41.00 -19.85
N PHE C 798 -6.84 40.38 -20.61
CA PHE C 798 -6.68 38.99 -20.97
C PHE C 798 -5.42 38.75 -21.76
N ASN C 799 -5.27 39.45 -22.87
CA ASN C 799 -4.05 39.29 -23.65
C ASN C 799 -2.82 39.77 -22.90
N LYS C 800 -2.97 40.65 -21.90
CA LYS C 800 -1.80 40.93 -21.10
C LYS C 800 -1.49 39.77 -20.17
N ALA C 801 -2.53 39.12 -19.65
CA ALA C 801 -2.33 37.87 -18.94
C ALA C 801 -1.68 36.82 -19.83
N MET C 802 -1.89 36.91 -21.13
CA MET C 802 -1.26 35.90 -21.97
C MET C 802 0.17 36.30 -22.28
N THR C 803 0.41 37.57 -22.57
CA THR C 803 1.77 38.04 -22.76
C THR C 803 2.61 37.68 -21.53
N ASN C 804 2.21 38.17 -20.37
CA ASN C 804 3.03 38.04 -19.18
C ASN C 804 3.01 36.60 -18.69
N ILE C 805 1.82 36.00 -18.61
CA ILE C 805 1.73 34.67 -18.06
C ILE C 805 2.38 33.66 -18.99
N VAL C 806 2.31 33.88 -20.30
CA VAL C 806 2.99 33.00 -21.24
C VAL C 806 4.48 33.23 -21.20
N ASP C 807 4.92 34.43 -20.81
CA ASP C 807 6.33 34.59 -20.53
C ASP C 807 6.74 33.85 -19.26
N ALA C 808 5.85 33.82 -18.27
CA ALA C 808 6.07 32.99 -17.10
C ALA C 808 6.14 31.52 -17.48
N PHE C 809 5.33 31.11 -18.45
CA PHE C 809 5.49 29.80 -19.07
C PHE C 809 6.90 29.62 -19.60
N THR C 810 7.28 30.47 -20.54
CA THR C 810 8.56 30.33 -21.21
C THR C 810 9.51 31.42 -20.77
N SER C 820 -0.35 40.73 -8.75
CA SER C 820 -1.45 40.03 -9.38
C SER C 820 -1.57 38.59 -8.88
N GLN C 821 -2.65 38.33 -8.14
CA GLN C 821 -2.96 36.99 -7.69
C GLN C 821 -3.11 36.00 -8.84
N ALA C 822 -3.48 36.49 -10.02
CA ALA C 822 -3.53 35.64 -11.20
C ALA C 822 -2.20 34.92 -11.39
N LEU C 823 -1.10 35.64 -11.18
CA LEU C 823 0.22 35.05 -11.34
C LEU C 823 0.43 33.92 -10.35
N GLN C 824 -0.06 34.08 -9.12
CA GLN C 824 0.00 32.98 -8.17
C GLN C 824 -0.83 31.79 -8.65
N THR C 825 -1.96 32.07 -9.28
CA THR C 825 -2.79 31.00 -9.80
C THR C 825 -2.06 30.22 -10.89
N VAL C 826 -1.42 30.93 -11.80
CA VAL C 826 -0.72 30.24 -12.87
C VAL C 826 0.51 29.54 -12.34
N ALA C 827 1.16 30.10 -11.31
CA ALA C 827 2.29 29.41 -10.70
C ALA C 827 1.81 28.10 -10.09
N THR C 828 0.61 28.12 -9.52
CA THR C 828 0.07 26.91 -8.93
C THR C 828 -0.23 25.89 -10.01
N ALA C 829 -0.83 26.33 -11.10
CA ALA C 829 -1.19 25.41 -12.17
C ALA C 829 0.05 24.79 -12.79
N LEU C 830 1.05 25.62 -13.12
CA LEU C 830 2.31 25.11 -13.64
C LEU C 830 2.95 24.14 -12.67
N ASN C 831 2.93 24.45 -11.39
CA ASN C 831 3.48 23.51 -10.44
C ASN C 831 2.68 22.23 -10.40
N LYS C 832 1.41 22.32 -10.72
CA LYS C 832 0.54 21.15 -10.69
C LYS C 832 0.80 20.23 -11.87
N ILE C 833 0.96 20.81 -13.04
CA ILE C 833 1.28 20.00 -14.21
C ILE C 833 2.66 19.36 -14.05
N GLN C 834 3.63 20.13 -13.57
CA GLN C 834 4.93 19.53 -13.36
C GLN C 834 4.89 18.51 -12.25
N ASP C 835 3.93 18.63 -11.34
CA ASP C 835 3.76 17.60 -10.35
C ASP C 835 3.25 16.32 -10.97
N VAL C 836 2.26 16.43 -11.85
CA VAL C 836 1.73 15.19 -12.39
C VAL C 836 2.72 14.54 -13.34
N VAL C 837 3.58 15.34 -13.96
CA VAL C 837 4.61 14.72 -14.79
C VAL C 837 5.69 14.11 -13.93
N ASN C 838 5.98 14.70 -12.78
CA ASN C 838 6.96 14.11 -11.90
C ASN C 838 6.43 12.83 -11.30
N GLN C 839 5.18 12.84 -10.88
CA GLN C 839 4.62 11.66 -10.24
C GLN C 839 4.49 10.49 -11.20
N GLN C 840 4.20 10.75 -12.47
CA GLN C 840 4.18 9.64 -13.41
C GLN C 840 5.57 9.15 -13.72
N GLY C 841 6.50 10.09 -13.93
CA GLY C 841 7.87 9.70 -14.20
C GLY C 841 8.44 8.86 -13.09
N ASN C 842 8.32 9.34 -11.86
CA ASN C 842 8.87 8.60 -10.75
C ASN C 842 8.01 7.42 -10.35
N SER C 843 6.82 7.29 -10.91
CA SER C 843 6.06 6.06 -10.66
C SER C 843 6.62 4.93 -11.51
N LEU C 844 6.75 5.18 -12.80
CA LEU C 844 7.27 4.11 -13.64
C LEU C 844 8.76 3.94 -13.43
N ASN C 845 9.48 5.00 -13.07
CA ASN C 845 10.85 4.84 -12.61
C ASN C 845 10.94 4.10 -11.29
N HIS C 846 9.90 4.16 -10.48
CA HIS C 846 9.91 3.36 -9.28
C HIS C 846 9.69 1.92 -9.61
N LEU C 847 8.91 1.66 -10.65
CA LEU C 847 8.74 0.31 -11.12
C LEU C 847 10.04 -0.23 -11.69
N THR C 848 10.58 0.45 -12.70
CA THR C 848 11.81 -0.01 -13.30
C THR C 848 12.98 -0.01 -12.33
N SER C 849 12.87 0.67 -11.21
CA SER C 849 13.91 0.50 -10.21
C SER C 849 13.63 -0.69 -9.32
N GLN C 850 12.37 -1.02 -9.14
CA GLN C 850 12.08 -2.25 -8.44
C GLN C 850 12.51 -3.44 -9.26
N LEU C 851 12.63 -3.26 -10.57
CA LEU C 851 13.29 -4.25 -11.38
C LEU C 851 14.79 -4.13 -11.30
N ARG C 852 15.29 -2.93 -11.04
CA ARG C 852 16.72 -2.79 -10.82
C ARG C 852 17.16 -3.44 -9.52
N GLN C 853 16.25 -3.74 -8.63
CA GLN C 853 16.60 -4.38 -7.37
C GLN C 853 16.05 -5.79 -7.35
N ASN C 854 16.89 -6.73 -6.91
CA ASN C 854 16.48 -8.11 -6.74
C ASN C 854 16.17 -8.33 -5.26
N PHE C 855 14.95 -8.76 -4.96
CA PHE C 855 14.54 -8.87 -3.58
C PHE C 855 15.48 -9.77 -2.79
N GLN C 856 15.71 -10.97 -3.28
CA GLN C 856 16.60 -11.88 -2.61
C GLN C 856 17.59 -12.55 -3.56
N ALA C 857 17.42 -12.36 -4.86
CA ALA C 857 18.16 -13.13 -5.83
C ALA C 857 19.65 -12.81 -5.77
N ILE C 858 20.43 -13.67 -6.42
CA ILE C 858 21.81 -13.32 -6.71
C ILE C 858 21.87 -12.09 -7.60
N SER C 859 20.99 -12.02 -8.58
CA SER C 859 21.06 -10.96 -9.57
C SER C 859 19.68 -10.79 -10.19
N SER C 860 19.51 -9.67 -10.89
CA SER C 860 18.22 -9.38 -11.49
C SER C 860 17.98 -10.16 -12.78
N SER C 861 19.04 -10.47 -13.54
CA SER C 861 18.88 -11.16 -14.79
C SER C 861 18.42 -12.59 -14.58
N ILE C 862 17.22 -12.90 -15.05
CA ILE C 862 16.73 -14.28 -14.98
C ILE C 862 17.62 -15.18 -15.81
N GLN C 863 18.06 -14.67 -16.96
CA GLN C 863 18.96 -15.42 -17.81
C GLN C 863 20.24 -15.77 -17.06
N ALA C 864 20.91 -14.76 -16.52
CA ALA C 864 22.13 -15.01 -15.78
C ALA C 864 21.87 -15.91 -14.58
N ILE C 865 20.67 -15.84 -14.00
CA ILE C 865 20.35 -16.76 -12.93
C ILE C 865 20.31 -18.19 -13.45
N TYR C 866 19.77 -18.38 -14.65
CA TYR C 866 19.74 -19.72 -15.22
C TYR C 866 21.14 -20.20 -15.51
N ASP C 867 22.00 -19.28 -15.93
CA ASP C 867 23.39 -19.61 -16.13
C ASP C 867 24.03 -20.00 -14.81
N ARG C 868 23.67 -19.28 -13.75
CA ARG C 868 24.27 -19.50 -12.44
C ARG C 868 23.77 -20.76 -11.77
N LEU C 869 22.66 -21.34 -12.20
CA LEU C 869 21.93 -22.22 -11.32
C LEU C 869 21.37 -23.40 -12.09
N ASP C 870 21.32 -24.54 -11.41
CA ASP C 870 20.58 -25.66 -11.97
C ASP C 870 19.12 -25.59 -11.55
N ILE C 871 18.28 -26.29 -12.31
CA ILE C 871 16.83 -26.16 -12.32
C ILE C 871 16.20 -25.99 -10.95
N ILE C 872 16.59 -26.83 -10.00
CA ILE C 872 15.83 -26.93 -8.75
C ILE C 872 15.97 -25.65 -7.94
N GLN C 873 17.19 -25.28 -7.62
CA GLN C 873 17.44 -24.05 -6.91
C GLN C 873 17.31 -22.85 -7.82
N ALA C 874 17.46 -23.07 -9.13
CA ALA C 874 17.13 -22.05 -10.10
C ALA C 874 15.68 -21.66 -9.97
N ASP C 875 14.80 -22.66 -9.89
CA ASP C 875 13.40 -22.37 -9.68
C ASP C 875 13.18 -21.74 -8.31
N GLN C 876 14.00 -22.08 -7.32
CA GLN C 876 13.81 -21.49 -6.00
C GLN C 876 14.08 -19.99 -6.02
N GLN C 877 15.20 -19.58 -6.59
CA GLN C 877 15.40 -18.15 -6.60
C GLN C 877 14.56 -17.47 -7.66
N VAL C 878 14.19 -18.19 -8.71
CA VAL C 878 13.32 -17.64 -9.72
C VAL C 878 11.95 -17.33 -9.14
N ASP C 879 11.39 -18.26 -8.39
CA ASP C 879 10.08 -18.01 -7.87
C ASP C 879 10.09 -17.08 -6.67
N ARG C 880 11.18 -17.00 -5.92
CA ARG C 880 11.15 -15.92 -4.93
C ARG C 880 11.28 -14.56 -5.60
N LEU C 881 12.00 -14.50 -6.73
CA LEU C 881 11.97 -13.31 -7.55
C LEU C 881 10.56 -12.99 -8.00
N ILE C 882 9.89 -13.97 -8.59
CA ILE C 882 8.60 -13.66 -9.18
C ILE C 882 7.59 -13.36 -8.09
N THR C 883 7.75 -13.97 -6.91
CA THR C 883 6.86 -13.62 -5.81
C THR C 883 7.04 -12.17 -5.43
N GLY C 884 8.28 -11.70 -5.39
CA GLY C 884 8.50 -10.32 -5.00
C GLY C 884 8.07 -9.37 -6.11
N ARG C 885 8.31 -9.77 -7.35
CA ARG C 885 7.93 -8.93 -8.47
C ARG C 885 6.43 -8.84 -8.60
N LEU C 886 5.73 -9.95 -8.41
CA LEU C 886 4.28 -9.91 -8.36
C LEU C 886 3.79 -9.13 -7.17
N ALA C 887 4.55 -9.10 -6.09
CA ALA C 887 4.12 -8.30 -4.96
C ALA C 887 4.18 -6.83 -5.28
N ALA C 888 5.34 -6.37 -5.71
CA ALA C 888 5.47 -4.99 -6.17
C ALA C 888 4.51 -4.69 -7.31
N LEU C 889 4.20 -5.70 -8.11
CA LEU C 889 3.32 -5.47 -9.24
C LEU C 889 1.89 -5.30 -8.78
N ASN C 890 1.49 -6.03 -7.75
CA ASN C 890 0.18 -5.82 -7.19
C ASN C 890 0.12 -4.49 -6.48
N VAL C 891 1.20 -4.11 -5.82
CA VAL C 891 1.30 -2.77 -5.26
C VAL C 891 1.07 -1.74 -6.35
N PHE C 892 1.68 -1.95 -7.50
CA PHE C 892 1.57 -0.97 -8.58
C PHE C 892 0.19 -0.97 -9.18
N VAL C 893 -0.41 -2.14 -9.33
CA VAL C 893 -1.75 -2.16 -9.90
C VAL C 893 -2.76 -1.65 -8.91
N SER C 894 -2.46 -1.72 -7.63
CA SER C 894 -3.34 -1.14 -6.63
C SER C 894 -3.16 0.36 -6.57
N HIS C 895 -1.97 0.84 -6.86
CA HIS C 895 -1.82 2.27 -7.01
C HIS C 895 -2.47 2.74 -8.29
N THR C 896 -2.48 1.88 -9.29
CA THR C 896 -3.22 2.19 -10.50
C THR C 896 -4.70 2.22 -10.22
N LEU C 897 -5.18 1.35 -9.35
CA LEU C 897 -6.59 1.38 -9.00
C LEU C 897 -6.94 2.57 -8.13
N THR C 898 -6.03 2.98 -7.25
CA THR C 898 -6.29 4.18 -6.50
C THR C 898 -6.25 5.39 -7.41
N LYS C 899 -5.41 5.32 -8.43
CA LYS C 899 -5.34 6.38 -9.40
C LYS C 899 -6.57 6.37 -10.26
N TYR C 900 -7.13 5.20 -10.48
CA TYR C 900 -8.35 5.11 -11.27
C TYR C 900 -9.53 5.66 -10.52
N THR C 901 -9.65 5.34 -9.23
CA THR C 901 -10.75 5.90 -8.47
C THR C 901 -10.59 7.40 -8.29
N GLU C 902 -9.36 7.87 -8.18
CA GLU C 902 -9.16 9.30 -8.02
C GLU C 902 -9.33 10.04 -9.33
N VAL C 903 -8.77 9.52 -10.41
CA VAL C 903 -9.00 10.10 -11.72
C VAL C 903 -10.45 9.94 -12.10
N ARG C 904 -11.17 9.04 -11.45
CA ARG C 904 -12.58 8.94 -11.70
C ARG C 904 -13.34 10.04 -11.01
N ALA C 905 -12.96 10.32 -9.77
CA ALA C 905 -13.55 11.45 -9.07
C ALA C 905 -13.26 12.73 -9.84
N SER C 906 -12.01 12.92 -10.23
CA SER C 906 -11.66 14.14 -10.93
C SER C 906 -12.19 14.16 -12.35
N ARG C 907 -12.44 13.02 -12.97
CA ARG C 907 -13.15 13.02 -14.22
C ARG C 907 -14.58 13.46 -14.01
N GLN C 908 -15.22 12.94 -12.98
CA GLN C 908 -16.55 13.40 -12.63
C GLN C 908 -16.55 14.90 -12.52
N LEU C 909 -15.56 15.43 -11.83
CA LEU C 909 -15.55 16.87 -11.58
C LEU C 909 -15.23 17.65 -12.85
N ALA C 910 -14.24 17.21 -13.62
CA ALA C 910 -13.90 17.93 -14.82
C ALA C 910 -15.04 17.86 -15.81
N GLN C 911 -15.41 16.63 -16.19
CA GLN C 911 -16.58 16.38 -17.01
C GLN C 911 -17.77 17.15 -16.49
N GLN C 912 -17.80 17.40 -15.20
CA GLN C 912 -18.93 18.01 -14.55
C GLN C 912 -18.87 19.52 -14.66
N LYS C 913 -17.69 20.06 -14.94
CA LYS C 913 -17.57 21.49 -15.06
C LYS C 913 -17.48 21.97 -16.51
N VAL C 914 -16.89 21.16 -17.39
CA VAL C 914 -16.84 21.54 -18.80
C VAL C 914 -18.25 21.56 -19.38
N ASN C 915 -19.07 20.61 -18.97
CA ASN C 915 -20.42 20.58 -19.49
C ASN C 915 -21.33 21.56 -18.79
N GLU C 916 -20.94 22.06 -17.63
CA GLU C 916 -21.81 23.04 -16.99
C GLU C 916 -21.27 24.47 -17.07
N CYS C 917 -20.27 24.73 -16.24
CA CYS C 917 -19.70 26.07 -16.12
C CYS C 917 -19.34 26.63 -17.49
N VAL C 918 -18.73 25.80 -18.33
CA VAL C 918 -18.32 26.25 -19.66
C VAL C 918 -19.54 26.53 -20.53
N LYS C 919 -20.48 25.59 -20.57
CA LYS C 919 -21.65 25.75 -21.42
C LYS C 919 -22.60 26.80 -20.88
N SER C 920 -22.92 26.73 -19.60
CA SER C 920 -23.83 27.69 -18.99
C SER C 920 -23.39 28.02 -17.57
N GLN C 921 -22.95 29.25 -17.37
CA GLN C 921 -22.48 29.74 -16.07
C GLN C 921 -23.33 29.18 -14.95
N SER C 922 -22.69 28.59 -13.97
CA SER C 922 -23.44 28.13 -12.81
C SER C 922 -23.99 29.30 -12.01
N LYS C 923 -25.03 29.00 -11.24
CA LYS C 923 -25.57 29.94 -10.25
C LYS C 923 -24.97 29.70 -8.88
N ARG C 924 -23.77 29.12 -8.83
CA ARG C 924 -23.10 28.81 -7.58
C ARG C 924 -21.82 29.63 -7.59
N TYR C 925 -21.75 30.63 -6.74
CA TYR C 925 -20.52 31.38 -6.65
C TYR C 925 -19.56 30.65 -5.73
N GLY C 926 -18.30 30.64 -6.13
CA GLY C 926 -17.28 29.84 -5.49
C GLY C 926 -17.04 28.55 -6.23
N PHE C 927 -17.80 28.32 -7.29
CA PHE C 927 -17.60 27.14 -8.13
C PHE C 927 -16.46 27.38 -9.12
N CYS C 928 -16.70 28.23 -10.13
CA CYS C 928 -15.69 28.58 -11.12
C CYS C 928 -15.62 30.08 -11.24
N GLY C 929 -14.45 30.66 -10.97
CA GLY C 929 -14.20 32.08 -11.18
C GLY C 929 -14.10 32.94 -9.94
N ASN C 930 -14.37 32.40 -8.75
CA ASN C 930 -14.29 33.19 -7.52
C ASN C 930 -15.06 34.50 -7.67
N GLY C 931 -16.27 34.39 -8.19
CA GLY C 931 -17.13 35.53 -8.36
C GLY C 931 -18.12 35.22 -9.47
N THR C 932 -18.78 36.27 -9.92
CA THR C 932 -19.66 36.12 -11.07
C THR C 932 -18.84 35.65 -12.26
N HIS C 933 -19.27 34.56 -12.88
CA HIS C 933 -18.52 33.87 -13.91
C HIS C 933 -19.16 34.14 -15.27
N ILE C 934 -18.33 34.31 -16.28
CA ILE C 934 -18.82 34.64 -17.62
C ILE C 934 -18.70 33.46 -18.55
N PHE C 935 -17.52 32.89 -18.69
CA PHE C 935 -17.39 31.67 -19.47
C PHE C 935 -16.00 31.11 -19.22
N SER C 936 -15.74 29.94 -19.77
CA SER C 936 -14.45 29.33 -19.57
C SER C 936 -13.88 28.85 -20.90
N LEU C 937 -12.60 29.07 -21.08
CA LEU C 937 -11.86 28.47 -22.18
C LEU C 937 -11.29 27.14 -21.71
N VAL C 938 -10.88 26.31 -22.66
CA VAL C 938 -10.26 25.04 -22.31
C VAL C 938 -9.26 24.61 -23.36
N ASN C 939 -8.22 23.93 -22.88
CA ASN C 939 -7.22 23.32 -23.73
C ASN C 939 -6.79 22.00 -23.11
N ALA C 940 -5.98 21.29 -23.86
CA ALA C 940 -5.40 20.04 -23.44
C ALA C 940 -4.07 20.29 -22.77
N ALA C 941 -3.56 19.25 -22.15
CA ALA C 941 -2.42 19.36 -21.27
C ALA C 941 -1.93 17.94 -21.07
N PRO C 942 -0.74 17.75 -20.53
CA PRO C 942 -0.24 16.38 -20.41
C PRO C 942 -1.12 15.57 -19.49
N GLU C 943 -1.94 14.75 -20.14
CA GLU C 943 -2.84 13.81 -19.49
C GLU C 943 -3.92 14.55 -18.71
N GLY C 944 -4.23 15.78 -19.11
CA GLY C 944 -5.24 16.52 -18.39
C GLY C 944 -5.72 17.72 -19.16
N LEU C 945 -6.66 18.43 -18.56
CA LEU C 945 -7.22 19.63 -19.14
C LEU C 945 -6.83 20.86 -18.34
N VAL C 946 -6.84 21.99 -19.02
CA VAL C 946 -6.61 23.29 -18.38
C VAL C 946 -7.70 24.23 -18.86
N PHE C 947 -8.25 25.01 -17.94
CA PHE C 947 -9.30 25.95 -18.28
C PHE C 947 -8.91 27.37 -17.92
N LEU C 948 -9.58 28.31 -18.57
CA LEU C 948 -9.37 29.75 -18.38
C LEU C 948 -10.74 30.37 -18.12
N HIS C 949 -11.18 30.31 -16.87
CA HIS C 949 -12.54 30.79 -16.55
C HIS C 949 -12.60 32.31 -16.51
N THR C 950 -13.00 32.94 -17.60
CA THR C 950 -13.19 34.41 -17.57
C THR C 950 -14.32 34.69 -16.58
N VAL C 951 -14.19 35.74 -15.77
CA VAL C 951 -15.21 35.97 -14.70
C VAL C 951 -15.41 37.46 -14.47
N LEU C 952 -16.42 37.82 -13.69
CA LEU C 952 -16.68 39.24 -13.32
C LEU C 952 -16.51 39.37 -11.81
N LEU C 953 -15.63 40.24 -11.34
CA LEU C 953 -15.33 40.36 -9.90
C LEU C 953 -15.45 41.83 -9.50
N PRO C 954 -15.57 42.16 -8.19
CA PRO C 954 -15.60 43.55 -7.80
C PRO C 954 -14.27 44.27 -8.01
N THR C 955 -14.30 45.43 -8.65
CA THR C 955 -13.06 46.24 -8.76
C THR C 955 -13.40 47.62 -8.22
N GLN C 956 -14.52 48.18 -8.70
CA GLN C 956 -14.97 49.48 -8.16
C GLN C 956 -16.40 49.32 -7.63
N TYR C 957 -16.63 49.62 -6.35
CA TYR C 957 -17.99 49.54 -5.77
C TYR C 957 -18.77 50.80 -6.17
N LYS C 958 -20.09 50.75 -6.06
CA LYS C 958 -20.90 51.95 -6.36
C LYS C 958 -21.88 52.24 -5.22
N ASP C 959 -21.67 53.34 -4.50
CA ASP C 959 -22.55 53.72 -3.42
C ASP C 959 -24.02 53.67 -3.82
N VAL C 960 -24.87 53.29 -2.87
CA VAL C 960 -26.31 53.36 -3.04
C VAL C 960 -26.94 53.34 -1.66
N GLU C 961 -28.20 53.78 -1.59
CA GLU C 961 -28.98 53.75 -0.37
C GLU C 961 -30.13 52.78 -0.57
N ALA C 962 -30.37 51.93 0.42
CA ALA C 962 -31.37 50.88 0.32
C ALA C 962 -32.38 51.00 1.44
N TRP C 963 -33.66 50.89 1.10
CA TRP C 963 -34.73 50.95 2.06
C TRP C 963 -34.96 49.60 2.73
N SER C 964 -35.67 49.63 3.86
CA SER C 964 -35.93 48.43 4.64
C SER C 964 -37.21 47.74 4.15
N GLY C 965 -37.21 47.34 2.88
CA GLY C 965 -38.35 46.63 2.32
C GLY C 965 -39.68 47.32 2.52
N LEU C 966 -39.74 48.62 2.23
CA LEU C 966 -40.88 49.46 2.53
C LEU C 966 -42.21 48.94 1.99
N CYS C 967 -43.23 48.98 2.85
CA CYS C 967 -44.62 48.69 2.49
C CYS C 967 -45.37 50.01 2.28
N VAL C 968 -46.24 50.05 1.26
CA VAL C 968 -46.95 51.29 0.97
C VAL C 968 -47.94 51.59 2.09
N ASP C 969 -48.27 52.89 2.24
CA ASP C 969 -49.18 53.31 3.31
C ASP C 969 -50.53 52.61 3.20
N GLY C 970 -51.02 52.43 1.98
CA GLY C 970 -52.25 51.71 1.77
C GLY C 970 -52.06 50.26 2.13
N ARG C 971 -53.15 49.50 2.03
CA ARG C 971 -53.04 48.07 2.28
C ARG C 971 -51.98 47.44 1.42
N ASN C 972 -51.64 48.06 0.31
CA ASN C 972 -50.52 47.59 -0.50
C ASN C 972 -49.20 47.77 0.26
N GLY C 973 -48.37 46.74 0.23
CA GLY C 973 -47.06 46.80 0.81
C GLY C 973 -46.14 45.80 0.16
N TYR C 974 -44.87 46.13 -0.04
CA TYR C 974 -44.04 45.33 -0.90
C TYR C 974 -43.12 44.43 -0.10
N VAL C 975 -42.98 43.21 -0.58
CA VAL C 975 -41.96 42.29 -0.14
C VAL C 975 -41.35 41.76 -1.41
N LEU C 976 -40.28 40.99 -1.28
CA LEU C 976 -39.49 40.73 -2.46
C LEU C 976 -40.12 39.63 -3.27
N ARG C 977 -40.13 39.82 -4.59
CA ARG C 977 -40.74 38.82 -5.44
C ARG C 977 -39.77 37.67 -5.67
N GLN C 978 -38.48 37.97 -5.73
CA GLN C 978 -37.45 36.95 -5.76
C GLN C 978 -36.25 37.53 -5.05
N PRO C 979 -35.44 36.71 -4.39
CA PRO C 979 -34.54 37.25 -3.37
C PRO C 979 -33.41 38.07 -3.94
N ASN C 980 -33.10 37.92 -5.22
CA ASN C 980 -31.84 38.40 -5.77
C ASN C 980 -31.88 39.87 -6.15
N LEU C 981 -32.96 40.59 -5.91
CA LEU C 981 -33.00 42.00 -6.21
C LEU C 981 -33.11 42.82 -4.92
N ALA C 982 -33.02 44.13 -5.09
CA ALA C 982 -33.10 45.06 -3.98
C ALA C 982 -33.38 46.43 -4.58
N LEU C 983 -34.31 47.16 -3.99
CA LEU C 983 -34.49 48.54 -4.36
C LEU C 983 -33.26 49.36 -3.96
N TYR C 984 -33.20 50.57 -4.49
CA TYR C 984 -32.38 51.61 -3.89
C TYR C 984 -32.94 52.94 -4.37
N LYS C 985 -32.60 53.99 -3.63
CA LYS C 985 -33.04 55.33 -3.92
C LYS C 985 -31.84 56.11 -4.43
N GLU C 986 -31.71 56.13 -5.75
CA GLU C 986 -30.70 56.97 -6.41
C GLU C 986 -31.12 58.42 -6.45
N GLY C 987 -32.41 58.68 -6.45
CA GLY C 987 -32.93 60.03 -6.51
C GLY C 987 -34.37 59.96 -6.11
N ASN C 988 -35.17 60.85 -6.70
CA ASN C 988 -36.63 60.86 -6.41
C ASN C 988 -37.23 59.56 -6.95
N TYR C 989 -36.89 59.21 -8.18
CA TYR C 989 -37.40 57.95 -8.77
C TYR C 989 -36.67 56.78 -8.09
N TYR C 990 -37.28 55.60 -8.13
CA TYR C 990 -36.64 54.41 -7.54
C TYR C 990 -36.21 53.48 -8.66
N ARG C 991 -35.13 52.74 -8.48
CA ARG C 991 -34.69 51.75 -9.48
C ARG C 991 -34.36 50.46 -8.73
N ILE C 992 -34.41 49.32 -9.41
CA ILE C 992 -34.21 48.03 -8.68
C ILE C 992 -33.01 47.31 -9.29
N THR C 993 -31.81 47.70 -8.88
CA THR C 993 -30.58 47.07 -9.42
C THR C 993 -30.44 45.67 -8.83
N SER C 994 -29.69 44.81 -9.50
CA SER C 994 -29.54 43.42 -9.05
C SER C 994 -28.65 43.32 -7.81
N ARG C 995 -28.55 42.12 -7.25
CA ARG C 995 -27.64 41.91 -6.10
C ARG C 995 -26.25 41.62 -6.65
N ILE C 996 -26.13 41.42 -7.96
CA ILE C 996 -24.81 41.05 -8.52
C ILE C 996 -24.26 42.13 -9.47
N MET C 997 -25.06 43.14 -9.84
CA MET C 997 -24.59 44.25 -10.71
C MET C 997 -25.37 45.54 -10.38
N PHE C 998 -25.00 46.67 -10.99
CA PHE C 998 -25.67 47.97 -10.73
C PHE C 998 -26.67 48.20 -11.86
N GLU C 999 -26.97 47.14 -12.61
CA GLU C 999 -27.84 47.30 -13.79
C GLU C 999 -29.14 47.98 -13.35
N PRO C 1000 -29.57 49.05 -14.02
CA PRO C 1000 -30.76 49.78 -13.60
C PRO C 1000 -31.99 49.13 -14.23
N ARG C 1001 -32.49 48.04 -13.62
CA ARG C 1001 -33.73 47.45 -14.14
C ARG C 1001 -34.83 48.50 -13.98
N ILE C 1002 -35.61 48.71 -15.02
CA ILE C 1002 -36.75 49.66 -14.89
C ILE C 1002 -37.67 49.10 -13.80
N PRO C 1003 -38.27 49.91 -12.88
CA PRO C 1003 -39.22 49.34 -11.92
C PRO C 1003 -40.41 48.74 -12.67
N THR C 1004 -40.97 47.65 -12.16
CA THR C 1004 -42.05 46.97 -12.87
C THR C 1004 -42.93 46.20 -11.91
N ILE C 1005 -44.20 46.03 -12.30
CA ILE C 1005 -45.17 45.40 -11.43
C ILE C 1005 -44.97 43.89 -11.35
N ALA C 1006 -44.38 43.30 -12.39
CA ALA C 1006 -44.25 41.86 -12.43
C ALA C 1006 -43.50 41.31 -11.23
N ASP C 1007 -42.80 42.16 -10.49
CA ASP C 1007 -42.04 41.74 -9.33
C ASP C 1007 -42.62 42.25 -8.02
N PHE C 1008 -43.90 42.59 -7.99
CA PHE C 1008 -44.51 43.19 -6.81
C PHE C 1008 -45.44 42.22 -6.09
N VAL C 1009 -45.79 42.59 -4.87
CA VAL C 1009 -46.69 41.81 -4.02
C VAL C 1009 -47.38 42.76 -3.07
N GLN C 1010 -48.55 42.34 -2.57
CA GLN C 1010 -49.32 43.15 -1.64
C GLN C 1010 -49.14 42.61 -0.22
N ILE C 1011 -49.00 43.52 0.74
CA ILE C 1011 -48.94 43.21 2.16
C ILE C 1011 -49.58 44.34 2.94
N GLU C 1012 -50.48 44.01 3.86
CA GLU C 1012 -51.32 45.01 4.51
C GLU C 1012 -50.52 45.88 5.48
N ASN C 1013 -49.88 45.27 6.47
CA ASN C 1013 -49.35 46.01 7.61
C ASN C 1013 -48.30 47.05 7.26
N CYS C 1014 -48.66 48.32 7.39
CA CYS C 1014 -47.80 49.43 7.04
C CYS C 1014 -47.11 49.90 8.30
N ASN C 1015 -45.78 49.91 8.30
CA ASN C 1015 -45.05 50.62 9.34
C ASN C 1015 -44.77 52.04 8.85
N VAL C 1016 -45.28 53.03 9.58
CA VAL C 1016 -45.30 54.42 9.11
C VAL C 1016 -43.89 54.86 8.74
N THR C 1017 -42.88 54.12 9.19
CA THR C 1017 -41.50 54.44 8.91
C THR C 1017 -41.12 54.13 7.47
N PHE C 1018 -42.05 53.61 6.68
CA PHE C 1018 -41.81 53.16 5.31
C PHE C 1018 -42.47 54.11 4.32
N VAL C 1019 -42.47 53.71 3.05
CA VAL C 1019 -42.75 54.67 1.99
C VAL C 1019 -44.11 55.30 2.16
N ASN C 1020 -44.17 56.56 1.79
CA ASN C 1020 -45.36 57.39 1.83
C ASN C 1020 -45.77 57.60 0.38
N ILE C 1021 -46.76 56.83 -0.06
CA ILE C 1021 -47.14 56.79 -1.47
C ILE C 1021 -48.55 56.26 -1.54
N SER C 1022 -49.37 56.82 -2.41
CA SER C 1022 -50.66 56.18 -2.52
C SER C 1022 -50.60 55.19 -3.66
N ARG C 1023 -51.66 54.40 -3.81
CA ARG C 1023 -51.65 53.44 -4.91
C ARG C 1023 -51.74 54.14 -6.25
N SER C 1024 -52.27 55.36 -6.28
CA SER C 1024 -52.29 56.13 -7.51
C SER C 1024 -50.89 56.56 -7.94
N GLU C 1025 -50.20 57.33 -7.10
CA GLU C 1025 -48.91 57.84 -7.50
C GLU C 1025 -47.82 56.80 -7.45
N LEU C 1026 -48.14 55.58 -7.01
CA LEU C 1026 -47.23 54.47 -7.26
C LEU C 1026 -46.91 54.39 -8.73
N GLN C 1027 -47.91 54.62 -9.59
CA GLN C 1027 -47.65 54.64 -11.02
C GLN C 1027 -46.68 55.76 -11.40
N THR C 1028 -46.76 56.88 -10.69
CA THR C 1028 -45.79 57.94 -10.90
C THR C 1028 -44.48 57.66 -10.20
N ILE C 1029 -44.49 56.75 -9.24
CA ILE C 1029 -43.26 56.34 -8.56
C ILE C 1029 -42.62 55.16 -9.27
N VAL C 1030 -43.42 54.15 -9.59
CA VAL C 1030 -42.96 52.97 -10.32
C VAL C 1030 -43.73 52.91 -11.64
N PRO C 1031 -43.08 52.71 -12.76
CA PRO C 1031 -43.79 52.69 -14.05
C PRO C 1031 -44.28 51.25 -14.31
N GLU C 1032 -45.23 50.84 -13.47
CA GLU C 1032 -45.74 49.48 -13.57
C GLU C 1032 -46.46 49.25 -14.89
N TYR C 1033 -47.19 50.25 -15.37
CA TYR C 1033 -47.93 50.11 -16.62
C TYR C 1033 -48.31 51.48 -17.15
C1 NAG D . 3.10 -35.72 -10.83
C2 NAG D . 3.05 -34.66 -11.91
C3 NAG D . 3.85 -35.13 -13.09
C4 NAG D . 5.27 -35.51 -12.66
C5 NAG D . 5.23 -36.45 -11.47
C6 NAG D . 6.63 -36.69 -10.91
C7 NAG D . 0.99 -33.42 -11.75
C8 NAG D . -0.48 -33.64 -11.62
N2 NAG D . 1.68 -34.41 -12.31
O3 NAG D . 3.88 -34.07 -14.05
O4 NAG D . 5.93 -36.19 -13.73
O5 NAG D . 4.45 -35.88 -10.43
O6 NAG D . 6.52 -37.53 -9.77
O7 NAG D . 1.53 -32.40 -11.37
C1 NAG D . 6.94 -35.38 -14.33
C2 NAG D . 7.78 -36.29 -15.21
C3 NAG D . 8.80 -35.50 -16.02
C4 NAG D . 8.04 -34.47 -16.83
C5 NAG D . 7.27 -33.56 -15.88
C6 NAG D . 6.46 -32.49 -16.59
C7 NAG D . 8.48 -38.54 -14.78
C8 NAG D . 9.69 -39.32 -14.38
N2 NAG D . 8.46 -37.27 -14.40
O3 NAG D . 9.48 -36.39 -16.91
O4 NAG D . 8.97 -33.73 -17.63
O5 NAG D . 6.35 -34.37 -15.15
O6 NAG D . 5.59 -31.87 -15.65
O7 NAG D . 7.56 -39.01 -15.41
C1 BMA D . 8.64 -33.97 -19.01
C2 BMA D . 9.11 -32.82 -19.88
C3 BMA D . 8.48 -33.00 -21.23
C4 BMA D . 8.87 -34.36 -21.77
C5 BMA D . 8.49 -35.46 -20.80
C6 BMA D . 8.99 -36.80 -21.31
O2 BMA D . 10.53 -32.87 -20.00
O3 BMA D . 8.98 -31.99 -22.11
O4 BMA D . 8.24 -34.57 -23.04
O5 BMA D . 9.11 -35.19 -19.54
O6 BMA D . 10.12 -36.53 -22.15
C1 MAN D . 7.85 -31.20 -22.53
C2 MAN D . 8.24 -30.53 -23.83
C3 MAN D . 9.48 -29.70 -23.57
C4 MAN D . 9.13 -28.65 -22.54
C5 MAN D . 8.58 -29.30 -21.28
C6 MAN D . 8.06 -28.23 -20.33
O2 MAN D . 7.18 -29.65 -24.22
O3 MAN D . 9.93 -29.08 -24.79
O4 MAN D . 10.30 -27.89 -22.22
O5 MAN D . 7.51 -30.18 -21.60
O6 MAN D . 7.00 -27.53 -21.00
C1 MAN D . 6.74 -29.99 -25.54
C2 MAN D . 5.26 -29.69 -25.66
C3 MAN D . 4.84 -29.80 -27.11
C4 MAN D . 5.43 -31.07 -27.69
C5 MAN D . 5.89 -31.96 -26.54
C6 MAN D . 6.30 -33.34 -27.02
O2 MAN D . 4.99 -28.37 -25.17
O3 MAN D . 5.35 -28.68 -27.84
O4 MAN D . 4.44 -31.74 -28.47
O5 MAN D . 7.01 -31.34 -25.91
O6 MAN D . 5.15 -34.09 -27.41
C1 MAN D . 11.21 -37.38 -21.78
C2 MAN D . 12.07 -36.66 -20.77
C3 MAN D . 12.59 -35.36 -21.41
C4 MAN D . 13.31 -35.67 -22.71
C5 MAN D . 12.40 -36.49 -23.61
C6 MAN D . 13.08 -36.85 -24.91
O2 MAN D . 13.12 -37.55 -20.38
O3 MAN D . 13.37 -34.57 -20.49
O4 MAN D . 13.62 -34.45 -23.40
O5 MAN D . 12.01 -37.67 -22.92
O6 MAN D . 14.24 -37.65 -24.61
C1 MAN D . 14.76 -34.94 -20.44
C2 MAN D . 15.16 -35.08 -18.97
C3 MAN D . 15.08 -33.72 -18.30
C4 MAN D . 15.91 -32.72 -19.06
C5 MAN D . 15.49 -32.69 -20.52
C6 MAN D . 16.35 -31.75 -21.35
O2 MAN D . 16.50 -35.57 -18.88
O3 MAN D . 15.57 -33.83 -16.96
O4 MAN D . 15.73 -31.43 -18.48
O5 MAN D . 15.62 -34.00 -21.06
O6 MAN D . 16.14 -30.40 -20.95
C1 NAG E . -17.88 -26.87 -16.83
C2 NAG E . -18.02 -25.36 -16.90
C3 NAG E . -19.36 -24.89 -16.37
C4 NAG E . -20.51 -25.65 -17.01
C5 NAG E . -20.00 -26.71 -17.99
C6 NAG E . -19.43 -26.08 -19.27
C7 NAG E . -16.28 -23.69 -16.62
C8 NAG E . -16.27 -22.47 -15.74
N2 NAG E . -16.95 -24.73 -16.14
O3 NAG E . -19.52 -23.49 -16.64
O4 NAG E . -21.27 -26.29 -15.98
O5 NAG E . -19.02 -27.55 -17.37
O6 NAG E . -19.67 -26.96 -20.37
O7 NAG E . -15.71 -23.71 -17.69
C1 NAG E . -22.17 -27.26 -16.57
C2 NAG E . -22.77 -28.10 -15.45
C3 NAG E . -23.80 -29.09 -16.00
C4 NAG E . -24.79 -28.38 -16.92
C5 NAG E . -24.04 -27.58 -17.98
C6 NAG E . -25.01 -26.86 -18.91
C7 NAG E . -21.29 -28.42 -13.56
C8 NAG E . -22.14 -27.39 -12.87
N2 NAG E . -21.73 -28.82 -14.75
O3 NAG E . -24.51 -29.70 -14.91
O4 NAG E . -25.66 -29.32 -17.53
O5 NAG E . -23.20 -26.63 -17.34
O6 NAG E . -25.49 -27.78 -19.89
O7 NAG E . -20.28 -28.86 -13.06
C1 BMA E . -26.97 -29.18 -16.96
C2 BMA E . -27.95 -30.13 -17.65
C3 BMA E . -29.34 -30.00 -17.06
C4 BMA E . -29.31 -30.07 -15.54
C5 BMA E . -28.24 -29.13 -14.98
C6 BMA E . -28.15 -29.26 -13.46
O2 BMA E . -27.49 -31.49 -17.50
O3 BMA E . -30.18 -31.05 -17.57
O4 BMA E . -30.59 -29.71 -15.01
O5 BMA E . -26.98 -29.43 -15.56
O6 BMA E . -28.31 -30.63 -13.09
C1 NAG F . 10.52 -10.94 34.28
C2 NAG F . 9.11 -11.25 33.83
C3 NAG F . 8.67 -12.53 34.49
C4 NAG F . 9.65 -13.66 34.20
C5 NAG F . 11.07 -13.21 34.52
C6 NAG F . 12.09 -14.24 34.07
C7 NAG F . 7.94 -9.21 33.34
C8 NAG F . 7.68 -7.85 33.93
N2 NAG F . 8.22 -10.17 34.21
O3 NAG F . 7.37 -12.86 33.98
O4 NAG F . 9.37 -14.79 35.04
O5 NAG F . 11.37 -12.00 33.84
O6 NAG F . 13.40 -13.75 34.34
O7 NAG F . 7.90 -9.41 32.14
C1 NAG F . 8.80 -15.86 34.28
C2 NAG F . 8.83 -17.09 35.18
C3 NAG F . 8.11 -18.26 34.54
C4 NAG F . 6.70 -17.82 34.22
C5 NAG F . 6.76 -16.63 33.28
C6 NAG F . 5.38 -16.10 32.92
C7 NAG F . 10.55 -17.77 36.69
C8 NAG F . 11.65 -18.77 36.83
N2 NAG F . 10.20 -17.45 35.45
O3 NAG F . 8.08 -19.35 35.45
O4 NAG F . 5.99 -18.93 33.64
O5 NAG F . 7.45 -15.57 33.94
O6 NAG F . 5.53 -14.83 32.25
O7 NAG F . 9.99 -17.28 37.65
C1 BMA F . 4.90 -19.24 34.52
C2 BMA F . 3.78 -19.91 33.76
C3 BMA F . 2.58 -19.97 34.68
C4 BMA F . 2.97 -20.70 35.95
C5 BMA F . 4.19 -20.04 36.59
C6 BMA F . 4.61 -20.86 37.81
O2 BMA F . 4.17 -21.25 33.42
O3 BMA F . 1.53 -20.67 34.03
O4 BMA F . 1.86 -20.69 36.86
O5 BMA F . 5.25 -20.03 35.64
O6 BMA F . 4.17 -22.20 37.58
C1 MAN F . 0.43 -19.77 33.88
C2 MAN F . -0.83 -20.61 33.74
C3 MAN F . -0.64 -21.52 32.54
C4 MAN F . -0.46 -20.64 31.31
C5 MAN F . 0.70 -19.67 31.50
C6 MAN F . 0.74 -18.68 30.36
O2 MAN F . -1.92 -19.72 33.47
O3 MAN F . -1.77 -22.36 32.38
O4 MAN F . -0.21 -21.47 30.18
O5 MAN F . 0.55 -18.95 32.72
O6 MAN F . -0.49 -17.94 30.36
C1 MAN F . -2.95 -19.94 34.45
C2 MAN F . -3.68 -18.63 34.69
C3 MAN F . -4.91 -18.89 35.52
C4 MAN F . -4.53 -19.81 36.67
C5 MAN F . -3.02 -19.82 36.81
C6 MAN F . -2.57 -20.55 38.08
O2 MAN F . -4.05 -18.04 33.44
O3 MAN F . -5.90 -19.54 34.71
O4 MAN F . -5.13 -19.33 37.88
O5 MAN F . -2.46 -20.48 35.67
O6 MAN F . -2.88 -19.76 39.22
C1 MAN F . 5.25 -23.11 37.83
C2 MAN F . 5.98 -23.37 36.51
C3 MAN F . 4.98 -23.97 35.52
C4 MAN F . 4.32 -25.21 36.10
C5 MAN F . 3.73 -24.86 37.46
C6 MAN F . 3.09 -26.09 38.11
O2 MAN F . 7.07 -24.24 36.79
O3 MAN F . 5.56 -24.19 34.22
O4 MAN F . 3.26 -25.65 35.25
O5 MAN F . 4.76 -24.36 38.31
O6 MAN F . 4.11 -27.07 38.31
C1 MAN F . 6.24 -25.45 34.08
C2 MAN F . 7.60 -25.19 33.46
C3 MAN F . 7.43 -24.67 32.05
C4 MAN F . 6.57 -25.65 31.25
C5 MAN F . 5.26 -25.89 31.97
C6 MAN F . 4.40 -26.93 31.25
O2 MAN F . 8.36 -26.40 33.44
O3 MAN F . 8.71 -24.55 31.43
O4 MAN F . 6.33 -25.09 29.96
O5 MAN F . 5.54 -26.38 33.28
O6 MAN F . 3.97 -26.41 29.99
C1 NAG G . -5.55 6.20 35.66
C2 NAG G . -6.41 6.46 34.42
C3 NAG G . -6.67 7.95 34.21
C4 NAG G . -7.16 8.61 35.49
C5 NAG G . -7.25 7.62 36.65
C6 NAG G . -8.39 6.63 36.47
C7 NAG G . -6.47 5.21 32.35
C8 NAG G . -6.39 5.71 30.94
N2 NAG G . -5.79 5.90 33.25
O3 NAG G . -7.65 8.12 33.18
O4 NAG G . -6.26 9.68 35.84
O5 NAG G . -6.00 6.93 36.80
O6 NAG G . -8.91 6.26 37.76
O7 NAG G . -7.14 4.23 32.64
C1 NAG G . -6.53 10.12 37.18
C2 NAG G . -5.41 11.05 37.62
C3 NAG G . -5.68 11.63 39.01
C4 NAG G . -7.09 12.20 39.09
C5 NAG G . -8.10 11.16 38.62
C6 NAG G . -9.52 11.69 38.69
C7 NAG G . -3.26 10.51 36.65
C8 NAG G . -3.51 11.68 35.74
N2 NAG G . -4.15 10.34 37.62
O3 NAG G . -4.73 12.67 39.29
O4 NAG G . -7.38 12.60 40.43
O5 NAG G . -7.79 10.78 37.28
O6 NAG G . -10.01 11.60 40.04
O7 NAG G . -2.30 9.77 36.50
C1 BMA G . -7.42 14.03 40.47
C2 BMA G . -7.80 14.52 41.86
C3 BMA G . -7.86 16.03 41.93
C4 BMA G . -6.60 16.65 41.33
C5 BMA G . -6.28 16.05 39.96
C6 BMA G . -4.97 16.60 39.42
O2 BMA G . -6.85 14.03 42.81
O3 BMA G . -8.00 16.45 43.28
O4 BMA G . -6.76 18.06 41.19
O5 BMA G . -6.18 14.63 40.08
O6 BMA G . -4.03 16.76 40.48
C1 NAG H . 36.20 3.98 -8.38
C2 NAG H . 35.54 5.03 -7.50
C3 NAG H . 36.57 5.58 -6.54
C4 NAG H . 37.23 4.44 -5.76
C5 NAG H . 37.72 3.36 -6.71
C6 NAG H . 38.22 2.14 -5.95
C7 NAG H . 33.72 6.09 -8.67
C8 NAG H . 33.42 6.72 -9.99
N2 NAG H . 35.00 6.10 -8.30
O3 NAG H . 35.91 6.47 -5.65
O4 NAG H . 38.37 4.94 -5.07
O5 NAG H . 36.65 2.93 -7.55
O6 NAG H . 38.59 1.14 -6.89
O7 NAG H . 32.86 5.58 -7.98
C1 NAG H . 38.14 5.00 -3.64
C2 NAG H . 39.49 5.22 -2.99
C3 NAG H . 39.34 5.46 -1.50
C4 NAG H . 38.41 6.63 -1.30
C5 NAG H . 37.07 6.30 -1.95
C6 NAG H . 36.06 7.44 -1.83
C7 NAG H . 41.60 4.28 -3.58
C8 NAG H . 42.58 3.24 -3.12
N2 NAG H . 40.35 4.07 -3.21
O3 NAG H . 40.62 5.77 -0.95
O4 NAG H . 38.28 6.90 0.10
O5 NAG H . 37.28 6.10 -3.33
O6 NAG H . 34.94 7.16 -2.66
O7 NAG H . 41.93 5.24 -4.23
C1 BMA H . 38.79 8.22 0.34
C2 BMA H . 38.16 8.82 1.57
C3 BMA H . 38.53 10.29 1.60
C4 BMA H . 40.04 10.41 1.57
C5 BMA H . 40.62 9.68 0.36
C6 BMA H . 42.13 9.73 0.42
O2 BMA H . 38.69 8.18 2.74
O3 BMA H . 38.03 10.87 2.80
O4 BMA H . 40.40 11.79 1.52
O5 BMA H . 40.20 8.31 0.43
O6 BMA H . 42.49 9.88 1.80
C1 MAN H . 37.10 11.89 2.44
C2 MAN H . 37.00 12.86 3.59
C3 MAN H . 36.58 12.07 4.82
C4 MAN H . 35.20 11.48 4.52
C5 MAN H . 35.24 10.62 3.26
C6 MAN H . 33.83 10.20 2.89
O2 MAN H . 35.99 13.82 3.28
O3 MAN H . 36.51 12.92 5.96
O4 MAN H . 34.81 10.67 5.64
O5 MAN H . 35.79 11.37 2.18
O6 MAN H . 33.06 11.38 2.64
C1 MAN H . 36.54 15.14 3.39
C2 MAN H . 35.84 16.03 2.39
C3 MAN H . 36.23 17.48 2.63
C4 MAN H . 37.73 17.53 2.81
C5 MAN H . 38.34 16.23 2.30
C6 MAN H . 39.86 16.30 2.26
O2 MAN H . 34.42 15.89 2.52
O3 MAN H . 35.59 17.93 3.83
O4 MAN H . 38.25 18.64 2.09
O5 MAN H . 37.94 15.18 3.17
O6 MAN H . 40.27 17.16 1.20
C1 MAN H . 43.51 8.91 2.14
C2 MAN H . 42.82 7.68 2.69
C3 MAN H . 42.02 8.07 3.93
C4 MAN H . 42.91 8.77 4.94
C5 MAN H . 43.62 9.93 4.26
C6 MAN H . 44.56 10.65 5.23
O2 MAN H . 43.85 6.72 2.97
O3 MAN H . 41.28 6.96 4.48
O4 MAN H . 42.11 9.31 6.00
O5 MAN H . 44.36 9.44 3.16
O6 MAN H . 45.55 9.72 5.67
C1 MAN H . 42.04 6.15 5.40
C2 MAN H . 41.86 4.69 5.03
C3 MAN H . 40.41 4.30 5.24
C4 MAN H . 40.00 4.61 6.66
C5 MAN H . 40.26 6.07 6.98
C6 MAN H . 39.94 6.41 8.42
O2 MAN H . 42.69 3.88 5.84
O3 MAN H . 40.27 2.90 4.99
O4 MAN H . 38.60 4.32 6.80
O5 MAN H . 41.65 6.34 6.76
O6 MAN H . 38.53 6.31 8.65
C1 NAG I . 23.33 20.83 -18.64
C2 NAG I . 21.94 21.10 -18.07
C3 NAG I . 20.93 21.40 -19.18
C4 NAG I . 21.45 22.47 -20.14
C5 NAG I . 22.85 22.93 -19.75
C6 NAG I . 22.84 23.78 -18.48
C7 NAG I . 20.90 20.11 -16.11
C8 NAG I . 19.55 19.48 -15.98
N2 NAG I . 21.50 19.96 -17.30
O3 NAG I . 19.70 21.84 -18.59
O4 NAG I . 21.47 21.92 -21.46
O5 NAG I . 23.73 21.81 -19.60
O6 NAG I . 23.89 24.76 -18.54
O7 NAG I . 21.42 20.73 -15.21
C1 NAG I . 22.23 22.79 -22.32
C2 NAG I . 22.48 22.09 -23.65
C3 NAG I . 23.20 22.99 -24.64
C4 NAG I . 22.51 24.35 -24.72
C5 NAG I . 22.35 24.94 -23.33
C6 NAG I . 21.66 26.30 -23.38
C7 NAG I . 22.66 19.68 -23.44
C8 NAG I . 21.27 19.64 -23.98
N2 NAG I . 23.24 20.88 -23.43
O3 NAG I . 23.19 22.37 -25.93
O4 NAG I . 23.27 25.24 -25.54
O5 NAG I . 21.57 24.03 -22.53
O6 NAG I . 22.62 27.30 -23.72
O7 NAG I . 23.25 18.69 -23.03
C1 BMA I . 22.56 25.44 -26.77
C2 BMA I . 23.30 26.45 -27.65
C3 BMA I . 22.57 26.69 -28.95
C4 BMA I . 22.19 25.37 -29.62
C5 BMA I . 21.51 24.43 -28.63
C6 BMA I . 21.21 23.08 -29.27
O2 BMA I . 24.62 25.94 -27.93
O3 BMA I . 23.39 27.45 -29.84
O4 BMA I . 21.30 25.62 -30.71
O5 BMA I . 22.36 24.23 -27.50
O6 BMA I . 22.29 22.72 -30.15
C1 NAG J . 7.16 -53.53 -30.98
C2 NAG J . 7.63 -52.76 -32.17
C3 NAG J . 9.14 -52.91 -32.31
C4 NAG J . 9.83 -52.54 -30.99
C5 NAG J . 9.16 -53.23 -29.79
C6 NAG J . 9.67 -52.71 -28.47
C7 NAG J . 6.16 -52.47 -34.10
C8 NAG J . 5.55 -53.11 -35.32
N2 NAG J . 6.97 -53.23 -33.38
O3 NAG J . 9.60 -52.06 -33.35
O4 NAG J . 11.20 -52.92 -31.05
O5 NAG J . 7.74 -53.02 -29.82
O6 NAG J . 9.61 -53.73 -27.48
O7 NAG J . 5.91 -51.31 -33.79
C1 NAG K . -19.94 -50.29 -21.13
C2 NAG K . -20.75 -49.00 -21.40
C3 NAG K . -22.24 -49.23 -21.12
C4 NAG K . -22.75 -50.51 -21.77
C5 NAG K . -21.84 -51.67 -21.39
C6 NAG K . -22.25 -52.97 -22.04
C7 NAG K . -19.89 -46.72 -21.11
C8 NAG K . -20.04 -46.57 -22.60
N2 NAG K . -20.24 -47.90 -20.60
O3 NAG K . -22.98 -48.11 -21.59
O4 NAG K . -24.07 -50.79 -21.31
O5 NAG K . -20.51 -51.38 -21.84
O6 NAG K . -22.20 -54.04 -21.10
O7 NAG K . -19.47 -45.81 -20.41
C1 NAG L . 5.78 -65.76 -2.99
C2 NAG L . 4.90 -65.92 -1.75
C3 NAG L . 5.25 -67.23 -1.02
C4 NAG L . 5.22 -68.40 -2.01
C5 NAG L . 6.08 -68.09 -3.22
C6 NAG L . 6.00 -69.16 -4.29
C7 NAG L . 4.02 -64.30 -0.11
C8 NAG L . 2.68 -64.96 -0.31
N2 NAG L . 5.03 -64.80 -0.84
O3 NAG L . 4.35 -67.48 0.04
O4 NAG L . 5.71 -69.57 -1.37
O5 NAG L . 5.62 -66.88 -3.83
O6 NAG L . 5.80 -68.58 -5.57
O7 NAG L . 4.17 -63.36 0.65
C1 NAG M . -4.58 -66.61 -15.49
C2 NAG M . -3.45 -67.46 -16.02
C3 NAG M . -3.80 -68.93 -15.89
C4 NAG M . -4.19 -69.26 -14.45
C5 NAG M . -5.28 -68.30 -13.98
C6 NAG M . -5.60 -68.47 -12.51
C7 NAG M . -2.27 -66.21 -17.78
C8 NAG M . -2.10 -66.01 -19.26
N2 NAG M . -3.16 -67.13 -17.42
O3 NAG M . -2.68 -69.72 -16.29
O4 NAG M . -4.68 -70.59 -14.38
O5 NAG M . -4.83 -66.95 -14.14
O6 NAG M . -5.81 -67.21 -11.90
O7 NAG M . -1.62 -65.57 -16.96
C1 NAG N . 44.31 -39.43 -10.71
C2 NAG N . 45.30 -38.67 -9.86
C3 NAG N . 46.68 -39.29 -10.02
C4 NAG N . 46.62 -40.77 -9.63
C5 NAG N . 45.49 -41.50 -10.35
C6 NAG N . 45.21 -42.86 -9.76
C7 NAG N . 45.76 -36.74 -11.36
C8 NAG N . 45.71 -35.26 -11.48
N2 NAG N . 45.33 -37.25 -10.19
O3 NAG N . 47.62 -38.61 -9.19
O4 NAG N . 47.85 -41.40 -9.99
O5 NAG N . 44.24 -40.77 -10.26
O6 NAG N . 43.91 -42.90 -9.17
O7 NAG N . 46.16 -37.46 -12.27
C1 NAG O . 6.90 -5.27 -46.80
C2 NAG O . 7.90 -4.67 -47.78
C3 NAG O . 7.40 -4.82 -49.21
C4 NAG O . 7.06 -6.27 -49.49
C5 NAG O . 6.09 -6.79 -48.43
C6 NAG O . 5.81 -8.26 -48.58
C7 NAG O . 9.08 -2.87 -46.59
C8 NAG O . 9.20 -1.39 -46.41
N2 NAG O . 8.16 -3.28 -47.48
O3 NAG O . 8.41 -4.38 -50.12
O4 NAG O . 6.47 -6.40 -50.78
O5 NAG O . 6.66 -6.62 -47.13
O6 NAG O . 6.73 -8.88 -49.46
O7 NAG O . 9.76 -3.67 -45.97
C1 NAG P . 32.66 -18.75 -33.96
C2 NAG P . 31.67 -19.85 -34.29
C3 NAG P . 32.42 -21.12 -34.67
C4 NAG P . 33.29 -20.82 -35.88
C5 NAG P . 34.23 -19.64 -35.61
C6 NAG P . 34.95 -19.17 -36.85
C7 NAG P . 29.72 -19.34 -32.88
C8 NAG P . 28.91 -19.76 -31.68
N2 NAG P . 30.78 -20.12 -33.17
O3 NAG P . 31.49 -22.14 -34.99
O4 NAG P . 34.07 -21.97 -36.21
O5 NAG P . 33.50 -18.51 -35.09
O6 NAG P . 34.24 -18.09 -37.46
O7 NAG P . 29.44 -18.35 -33.53
C1 NAG Q . -53.94 -3.74 -5.81
C2 NAG Q . -54.59 -4.53 -4.69
C3 NAG Q . -55.80 -5.26 -5.22
C4 NAG Q . -56.74 -4.29 -5.94
C5 NAG Q . -55.97 -3.39 -6.93
C6 NAG Q . -56.81 -2.25 -7.46
C7 NAG Q . -53.84 -6.01 -2.88
C8 NAG Q . -52.77 -6.95 -2.42
N2 NAG Q . -53.65 -5.46 -4.09
O3 NAG Q . -56.50 -5.89 -4.16
O4 NAG Q . -57.75 -5.00 -6.64
O5 NAG Q . -54.84 -2.79 -6.28
O6 NAG Q . -56.21 -1.00 -7.19
O7 NAG Q . -54.82 -5.76 -2.22
C1 NAG R . -14.27 -6.26 -51.94
C2 NAG R . -15.54 -6.23 -52.81
C3 NAG R . -15.46 -7.26 -53.94
C4 NAG R . -14.15 -7.12 -54.70
C5 NAG R . -12.98 -7.16 -53.75
C6 NAG R . -11.65 -6.93 -54.42
C7 NAG R . -17.49 -5.42 -51.59
C8 NAG R . -18.69 -5.79 -50.78
N2 NAG R . -16.73 -6.43 -52.02
O3 NAG R . -16.57 -7.07 -54.81
O4 NAG R . -14.03 -8.19 -55.64
O5 NAG R . -13.13 -6.12 -52.77
O6 NAG R . -11.52 -5.58 -54.84
O7 NAG R . -17.22 -4.25 -51.84
C1 NAG S . -22.28 11.46 -38.57
C2 NAG S . -23.81 11.16 -38.77
C3 NAG S . -24.25 10.75 -40.21
C4 NAG S . -23.37 11.22 -41.35
C5 NAG S . -21.90 11.20 -41.02
C6 NAG S . -21.05 11.89 -42.06
C7 NAG S . -25.54 9.81 -37.63
C8 NAG S . -25.79 8.75 -36.60
N2 NAG S . -24.27 10.16 -37.81
O3 NAG S . -25.58 11.16 -40.44
O4 NAG S . -23.59 10.42 -42.51
O5 NAG S . -21.66 11.88 -39.80
O6 NAG S . -21.85 12.35 -43.15
O7 NAG S . -26.46 10.32 -38.27
C1 NAG T . -33.40 30.27 -43.29
C2 NAG T . -34.85 30.14 -43.76
C3 NAG T . -35.09 31.03 -44.98
C4 NAG T . -34.66 32.46 -44.69
C5 NAG T . -33.23 32.47 -44.18
C6 NAG T . -32.76 33.85 -43.76
C7 NAG T . -36.42 28.30 -44.21
C8 NAG T . -36.56 26.84 -44.52
N2 NAG T . -35.17 28.76 -44.07
O3 NAG T . -36.47 31.00 -45.35
O4 NAG T . -34.75 33.24 -45.87
O5 NAG T . -33.11 31.64 -43.03
O6 NAG T . -31.69 33.75 -42.83
O7 NAG T . -37.39 29.05 -44.12
C1 NAG U . -43.93 13.87 -34.67
C2 NAG U . -44.98 12.76 -34.62
C3 NAG U . -46.24 13.20 -35.34
C4 NAG U . -46.76 14.48 -34.71
C5 NAG U . -45.68 15.55 -34.77
C6 NAG U . -46.08 16.81 -34.05
C7 NAG U . -44.10 10.48 -34.44
C8 NAG U . -43.60 9.28 -35.19
N2 NAG U . -44.47 11.52 -35.19
O3 NAG U . -47.22 12.18 -35.24
O4 NAG U . -47.90 14.94 -35.42
O5 NAG U . -44.48 15.08 -34.14
O6 NAG U . -46.96 16.52 -32.97
O7 NAG U . -44.17 10.50 -33.22
C1 NAG V . -48.08 -7.33 -19.58
C2 NAG V . -47.25 -8.47 -19.00
C3 NAG V . -47.63 -9.78 -19.68
C4 NAG V . -49.12 -10.03 -19.50
C5 NAG V . -49.91 -8.85 -20.07
C6 NAG V . -51.38 -8.95 -19.83
C7 NAG V . -44.88 -8.88 -18.50
C8 NAG V . -43.47 -8.49 -18.80
N2 NAG V . -45.83 -8.21 -19.17
O3 NAG V . -46.90 -10.86 -19.10
O4 NAG V . -49.50 -11.21 -20.19
O5 NAG V . -49.48 -7.62 -19.45
O6 NAG V . -51.77 -8.19 -18.70
O7 NAG V . -45.16 -9.76 -17.70
C1 NAG W . -28.82 48.04 -36.24
C2 NAG W . -27.71 46.98 -36.37
C3 NAG W . -26.70 47.39 -37.45
C4 NAG W . -27.40 47.81 -38.73
C5 NAG W . -28.47 48.84 -38.44
C6 NAG W . -29.25 49.28 -39.65
C7 NAG W . -27.32 45.79 -34.25
C8 NAG W . -28.39 44.84 -34.69
N2 NAG W . -27.03 46.79 -35.09
O3 NAG W . -25.82 46.29 -37.70
O4 NAG W . -26.46 48.36 -39.64
O5 NAG W . -29.40 48.29 -37.51
O6 NAG W . -29.60 50.65 -39.57
O7 NAG W . -26.73 45.65 -33.18
C1 NAG X . 4.81 -25.21 56.73
C2 NAG X . 3.62 -26.06 56.42
C3 NAG X . 4.08 -27.49 56.14
C4 NAG X . 5.16 -27.50 55.07
C5 NAG X . 6.25 -26.47 55.35
C6 NAG X . 7.22 -26.28 54.20
C7 NAG X . 1.46 -25.54 57.43
C8 NAG X . 0.62 -25.60 58.67
N2 NAG X . 2.69 -26.04 57.53
O3 NAG X . 2.97 -28.26 55.72
O4 NAG X . 5.76 -28.78 54.99
O5 NAG X . 5.66 -25.19 55.61
O6 NAG X . 8.49 -25.90 54.67
O7 NAG X . 1.03 -25.06 56.38
C1 NAG Y . 2.25 3.66 58.09
C2 NAG Y . 1.12 4.41 57.36
C3 NAG Y . 0.98 5.84 57.89
C4 NAG Y . 0.95 5.88 59.42
C5 NAG Y . 2.13 5.10 59.98
C6 NAG Y . 2.14 5.05 61.48
C7 NAG Y . 0.47 4.01 55.02
C8 NAG Y . -0.84 3.51 55.57
N2 NAG Y . 1.37 4.43 55.92
O3 NAG Y . -0.21 6.42 57.36
O4 NAG Y . 1.04 7.23 59.86
O5 NAG Y . 2.05 3.76 59.50
O6 NAG Y . 3.45 5.30 61.99
O7 NAG Y . 0.70 4.03 53.81
C1 NAG Z . 32.92 -13.21 55.83
C2 NAG Z . 33.71 -11.90 55.72
C3 NAG Z . 35.06 -12.05 56.42
C4 NAG Z . 34.87 -12.56 57.84
C5 NAG Z . 34.01 -13.82 57.84
C6 NAG Z . 33.68 -14.32 59.22
C7 NAG Z . 33.90 -10.23 53.92
C8 NAG Z . 33.65 -9.19 54.97
N2 NAG Z . 33.91 -11.51 54.33
O3 NAG Z . 35.75 -10.80 56.46
O4 NAG Z . 36.13 -12.86 58.43
O5 NAG Z . 32.77 -13.54 57.20
O6 NAG Z . 32.30 -14.64 59.32
O7 NAG Z . 34.09 -9.93 52.74
C1 NAG AA . 20.02 -9.42 64.97
C2 NAG AA . 20.39 -10.76 65.58
C3 NAG AA . 21.14 -10.55 66.90
C4 NAG AA . 22.31 -9.61 66.68
C5 NAG AA . 21.86 -8.32 66.00
C6 NAG AA . 23.01 -7.41 65.63
C7 NAG AA . 18.74 -12.44 64.89
C8 NAG AA . 17.52 -13.20 65.28
N2 NAG AA . 19.21 -11.58 65.80
O3 NAG AA . 21.58 -11.80 67.40
O4 NAG AA . 22.89 -9.28 67.94
O5 NAG AA . 21.19 -8.65 64.78
O6 NAG AA . 22.80 -6.83 64.35
O7 NAG AA . 19.28 -12.59 63.80
C1 NAG BA . 25.85 -48.19 24.80
C2 NAG BA . 26.46 -48.64 23.48
C3 NAG BA . 27.10 -50.00 23.67
C4 NAG BA . 28.13 -49.95 24.78
C5 NAG BA . 27.57 -49.31 26.06
C6 NAG BA . 28.64 -48.95 27.06
C7 NAG BA . 24.43 -49.48 22.33
C8 NAG BA . 23.56 -49.32 21.12
N2 NAG BA . 25.48 -48.65 22.40
O3 NAG BA . 27.70 -50.42 22.45
O4 NAG BA . 28.57 -51.26 25.09
O5 NAG BA . 26.86 -48.09 25.77
O6 NAG BA . 28.71 -47.54 27.24
O7 NAG BA . 24.19 -50.31 23.20
C1 NAG CA . -32.43 -26.59 22.20
C2 NAG CA . -33.19 -27.85 21.80
C3 NAG CA . -34.42 -28.03 22.68
C4 NAG CA . -34.02 -28.01 24.15
C5 NAG CA . -33.22 -26.73 24.44
C6 NAG CA . -32.69 -26.70 25.85
C7 NAG CA . -32.78 -28.19 19.41
C8 NAG CA . -33.34 -28.07 18.03
N2 NAG CA . -33.59 -27.79 20.40
O3 NAG CA . -35.03 -29.28 22.37
O4 NAG CA . -35.17 -28.05 24.97
O5 NAG CA . -32.08 -26.67 23.58
O6 NAG CA . -32.78 -27.98 26.47
O7 NAG CA . -31.66 -28.62 19.62
C1 NAG DA . -6.99 -45.57 20.46
C2 NAG DA . -7.02 -44.93 21.84
C3 NAG DA . -6.44 -45.92 22.85
C4 NAG DA . -7.28 -47.19 22.84
C5 NAG DA . -7.34 -47.78 21.43
C6 NAG DA . -8.34 -48.91 21.32
C7 NAG DA . -6.77 -42.53 21.41
C8 NAG DA . -5.87 -41.34 21.51
N2 NAG DA . -6.28 -43.69 21.86
O3 NAG DA . -6.48 -45.33 24.14
O4 NAG DA . -6.70 -48.15 23.71
O5 NAG DA . -7.74 -46.79 20.47
O6 NAG DA . -9.60 -48.43 20.88
O7 NAG DA . -7.90 -42.46 20.91
C1 NAG EA . -20.17 45.76 22.29
C2 NAG EA . -19.10 46.73 22.69
C3 NAG EA . -19.54 47.51 23.91
C4 NAG EA . -20.91 48.15 23.67
C5 NAG EA . -21.90 47.13 23.08
C6 NAG EA . -23.19 47.78 22.59
C7 NAG EA . -16.67 46.68 22.97
C8 NAG EA . -15.46 45.83 23.24
N2 NAG EA . -17.84 46.05 22.94
O3 NAG EA . -18.59 48.53 24.21
O4 NAG EA . -21.43 48.67 24.87
O5 NAG EA . -21.32 46.46 21.95
O6 NAG EA . -23.41 47.49 21.23
O7 NAG EA . -16.57 47.89 22.78
C1 NAG FA . -42.89 -9.97 31.68
C2 NAG FA . -44.00 -9.20 32.41
C3 NAG FA . -44.35 -9.87 33.74
C4 NAG FA . -44.61 -11.36 33.55
C5 NAG FA . -43.44 -12.00 32.82
C6 NAG FA . -43.67 -13.45 32.50
C7 NAG FA . -44.06 -6.83 31.81
C8 NAG FA . -43.62 -5.45 32.16
N2 NAG FA . -43.64 -7.81 32.62
O3 NAG FA . -45.51 -9.23 34.28
O4 NAG FA . -44.78 -11.98 34.82
O5 NAG FA . -43.24 -11.34 31.57
O6 NAG FA . -44.64 -13.61 31.49
O7 NAG FA . -44.78 -7.06 30.84
C1 NAG GA . -43.80 4.90 13.38
C2 NAG GA . -44.31 6.15 14.19
C3 NAG GA . -45.39 5.88 15.28
C4 NAG GA . -46.26 4.64 15.09
C5 NAG GA . -45.51 3.48 14.51
C6 NAG GA . -46.42 2.33 14.10
C7 NAG GA . -43.28 8.04 15.40
C8 NAG GA . -41.99 8.60 15.94
N2 NAG GA . -43.18 6.86 14.78
O3 NAG GA . -46.21 7.02 15.43
O4 NAG GA . -46.85 4.26 16.32
O5 NAG GA . -44.80 3.87 13.35
O6 NAG GA . -47.77 2.63 14.41
O7 NAG GA . -44.34 8.65 15.51
C1 NAG HA . -60.74 14.86 2.69
C2 NAG HA . -61.52 15.93 3.45
C3 NAG HA . -63.02 15.72 3.27
C4 NAG HA . -63.37 15.61 1.80
C5 NAG HA . -62.51 14.55 1.13
C6 NAG HA . -62.72 14.45 -0.36
C7 NAG HA . -61.45 16.94 5.68
C8 NAG HA . -61.00 16.78 7.10
N2 NAG HA . -61.15 15.94 4.85
O3 NAG HA . -63.73 16.79 3.86
O4 NAG HA . -64.74 15.26 1.65
O5 NAG HA . -61.12 14.87 1.33
O6 NAG HA . -61.58 13.90 -1.00
O7 NAG HA . -62.07 17.93 5.30
C1 NAG IA . -48.92 26.23 16.32
C2 NAG IA . -48.66 27.07 17.55
C3 NAG IA . -49.86 27.95 17.86
C4 NAG IA . -50.18 28.81 16.66
C5 NAG IA . -50.43 27.94 15.44
C6 NAG IA . -50.63 28.74 14.18
C7 NAG IA . -47.08 26.12 19.16
C8 NAG IA . -46.91 25.22 20.34
N2 NAG IA . -48.32 26.24 18.70
O3 NAG IA . -49.58 28.76 19.00
O4 NAG IA . -51.35 29.58 16.91
O5 NAG IA . -49.29 27.09 15.21
O6 NAG IA . -49.90 29.96 14.24
O7 NAG IA . -46.13 26.70 18.64
C1 NAG JA . -27.46 34.16 29.35
C2 NAG JA . -26.14 33.55 29.83
C3 NAG JA . -26.13 33.47 31.34
C4 NAG JA . -26.35 34.85 31.94
C5 NAG JA . -27.66 35.43 31.42
C6 NAG JA . -27.90 36.85 31.85
C7 NAG JA . -24.77 31.62 29.24
C8 NAG JA . -24.74 30.27 28.59
N2 NAG JA . -25.94 32.25 29.24
O3 NAG JA . -24.89 32.94 31.79
O4 NAG JA . -26.42 34.76 33.35
O5 NAG JA . -27.65 35.45 29.97
O6 NAG JA . -27.50 37.76 30.84
O7 NAG JA . -23.77 32.10 29.75
C1 NAG KA . -62.64 15.72 -16.85
C2 NAG KA . -61.86 14.56 -16.24
C3 NAG KA . -62.60 13.23 -16.44
C4 NAG KA . -64.07 13.35 -16.04
C5 NAG KA . -64.70 14.54 -16.73
C6 NAG KA . -66.14 14.76 -16.35
C7 NAG KA . -59.43 14.99 -16.23
C8 NAG KA . -59.64 15.66 -14.90
N2 NAG KA . -60.52 14.48 -16.81
O3 NAG KA . -61.96 12.22 -15.66
O4 NAG KA . -64.77 12.17 -16.42
O5 NAG KA . -63.98 15.72 -16.35
O6 NAG KA . -66.90 15.26 -17.45
O7 NAG KA . -58.32 14.90 -16.74
C1 NAG LA . 59.49 17.29 -3.89
C2 NAG LA . 59.30 18.13 -2.66
C3 NAG LA . 59.95 17.44 -1.47
C4 NAG LA . 59.45 16.01 -1.34
C5 NAG LA . 59.50 15.27 -2.68
C6 NAG LA . 58.80 13.93 -2.64
C7 NAG LA . 59.13 20.56 -2.86
C8 NAG LA . 59.89 21.84 -3.08
N2 NAG LA . 59.87 19.45 -2.85
O3 NAG LA . 59.64 18.18 -0.29
O4 NAG LA . 60.25 15.30 -0.39
O5 NAG LA . 58.88 16.05 -3.70
O6 NAG LA . 59.40 13.03 -3.55
O7 NAG LA . 57.92 20.54 -2.70
C1 NAG MA . 45.03 23.32 -28.30
C2 NAG MA . 43.70 24.09 -28.29
C3 NAG MA . 43.34 24.60 -29.69
C4 NAG MA . 44.53 25.29 -30.35
C5 NAG MA . 45.76 24.40 -30.29
C6 NAG MA . 47.00 25.03 -30.88
C7 NAG MA . 41.83 23.61 -26.76
C8 NAG MA . 42.09 24.97 -26.17
N2 NAG MA . 42.63 23.25 -27.77
O3 NAG MA . 42.24 25.49 -29.60
O4 NAG MA . 44.23 25.56 -31.72
O5 NAG MA . 46.05 24.11 -28.93
O6 NAG MA . 47.69 24.11 -31.71
O7 NAG MA . 40.94 22.88 -26.35
C1 NAG NA . 61.79 -6.94 -22.41
C2 NAG NA . 61.28 -7.55 -23.72
C3 NAG NA . 62.36 -8.46 -24.31
C4 NAG NA . 63.69 -7.73 -24.41
C5 NAG NA . 64.05 -7.10 -23.06
C6 NAG NA . 65.30 -6.26 -23.11
C7 NAG NA . 59.06 -8.32 -24.44
C8 NAG NA . 59.28 -7.52 -25.69
N2 NAG NA . 60.04 -8.28 -23.53
O3 NAG NA . 61.98 -8.93 -25.59
O4 NAG NA . 64.72 -8.63 -24.79
O5 NAG NA . 62.99 -6.24 -22.64
O6 NAG NA . 65.10 -5.02 -22.46
O7 NAG NA . 58.04 -8.95 -24.26
C1 NAG OA . 62.96 8.99 -25.51
C2 NAG OA . 64.24 8.77 -24.73
C3 NAG OA . 65.42 8.70 -25.70
C4 NAG OA . 65.16 7.65 -26.78
C5 NAG OA . 63.81 7.90 -27.44
C6 NAG OA . 63.42 6.82 -28.42
C7 NAG OA . 64.01 9.77 -22.51
C8 NAG OA . 64.32 10.95 -21.64
N2 NAG OA . 64.45 9.83 -23.76
O3 NAG OA . 66.60 8.38 -24.98
O4 NAG OA . 66.18 7.72 -27.77
O5 NAG OA . 62.78 7.94 -26.45
O6 NAG OA . 62.05 6.51 -28.31
O7 NAG OA . 63.40 8.80 -22.09
C1 NAG PA . 52.60 -17.89 22.67
C2 NAG PA . 51.98 -19.04 23.42
C3 NAG PA . 53.02 -19.69 24.32
C4 NAG PA . 54.22 -20.12 23.48
C5 NAG PA . 54.72 -19.00 22.58
C6 NAG PA . 55.69 -19.48 21.52
C7 NAG PA . 50.84 -17.83 25.25
C8 NAG PA . 49.51 -17.56 25.90
N2 NAG PA . 50.81 -18.64 24.18
O3 NAG PA . 52.46 -20.81 24.99
O4 NAG PA . 55.28 -20.52 24.34
O5 NAG PA . 53.65 -18.35 21.87
O6 NAG PA . 55.14 -19.30 20.22
O7 NAG PA . 51.87 -17.33 25.67
C1 NAG QA . 20.61 35.46 23.28
C2 NAG QA . 20.68 35.83 24.77
C3 NAG QA . 21.08 37.29 24.93
C4 NAG QA . 22.36 37.57 24.16
C5 NAG QA . 22.21 37.12 22.71
C6 NAG QA . 23.49 37.27 21.92
C7 NAG QA . 19.08 34.39 25.93
C8 NAG QA . 17.74 34.31 26.59
N2 NAG QA . 19.41 35.58 25.42
O3 NAG QA . 21.27 37.57 26.31
O4 NAG QA . 22.67 38.96 24.20
O5 NAG QA . 21.85 35.74 22.67
O6 NAG QA . 24.59 37.47 22.79
O7 NAG QA . 19.83 33.42 25.86
C1 NAG RA . 37.14 9.89 32.38
C2 NAG RA . 37.92 10.58 31.27
C3 NAG RA . 39.41 10.40 31.50
C4 NAG RA . 39.78 11.00 32.85
C5 NAG RA . 38.93 10.39 33.97
C6 NAG RA . 39.10 11.11 35.28
C7 NAG RA . 36.43 10.43 29.32
C8 NAG RA . 36.20 9.81 27.98
N2 NAG RA . 37.54 10.06 29.96
O3 NAG RA . 40.13 11.05 30.47
O4 NAG RA . 41.16 10.75 33.12
O5 NAG RA . 37.53 10.44 33.65
O6 NAG RA . 38.09 12.09 35.45
O7 NAG RA . 35.63 11.23 29.81
C1 NAG SA . -12.23 32.41 -42.27
C2 NAG SA . -12.06 31.73 -43.61
C3 NAG SA . -11.62 32.74 -44.65
C4 NAG SA . -12.59 33.93 -44.66
C5 NAG SA . -12.86 34.45 -43.25
C6 NAG SA . -14.00 35.45 -43.19
C7 NAG SA . -11.02 29.66 -44.42
C8 NAG SA . -9.97 28.62 -44.18
N2 NAG SA . -11.10 30.64 -43.51
O3 NAG SA . -11.60 32.13 -45.93
O4 NAG SA . -12.06 34.98 -45.45
O5 NAG SA . -13.24 33.37 -42.37
O6 NAG SA . -15.01 35.03 -42.30
O7 NAG SA . -11.76 29.63 -45.41
C1 NAG TA . 16.29 50.73 8.32
C2 NAG TA . 16.11 52.13 7.72
C3 NAG TA . 17.41 52.95 7.83
C4 NAG TA . 17.92 52.94 9.25
C5 NAG TA . 18.05 51.50 9.75
C6 NAG TA . 18.47 51.42 11.20
C7 NAG TA . 14.41 52.19 5.97
C8 NAG TA . 14.12 52.09 4.50
N2 NAG TA . 15.68 52.05 6.33
O3 NAG TA . 17.13 54.29 7.41
O4 NAG TA . 19.20 53.56 9.30
O5 NAG TA . 16.78 50.85 9.65
O6 NAG TA . 17.42 51.83 12.06
O7 NAG TA . 13.52 52.38 6.79
C1 NAG UA . -6.17 45.23 3.62
C2 NAG UA . -6.33 46.18 2.37
C3 NAG UA . -5.67 47.58 2.48
C4 NAG UA . -5.47 48.14 3.88
C5 NAG UA . -5.09 47.09 4.89
C6 NAG UA . -5.13 47.61 6.31
C7 NAG UA . -5.99 45.97 -0.07
C8 NAG UA . -5.43 45.12 -1.17
N2 NAG UA . -5.86 45.49 1.17
O3 NAG UA . -6.40 48.51 1.69
O4 NAG UA . -4.49 49.16 3.86
O5 NAG UA . -5.99 45.99 4.83
O6 NAG UA . -5.47 48.98 6.35
O7 NAG UA . -6.56 47.04 -0.31
C1 NAG VA . -25.26 56.82 4.84
C2 NAG VA . -25.46 57.96 3.84
C3 NAG VA . -25.97 59.20 4.57
C4 NAG VA . -27.21 58.87 5.38
C5 NAG VA . -26.92 57.68 6.30
C6 NAG VA . -28.14 57.22 7.07
C7 NAG VA . -24.17 58.99 2.02
C8 NAG VA . -22.82 59.18 1.42
N2 NAG VA . -24.22 58.24 3.13
O3 NAG VA . -26.28 60.22 3.62
O4 NAG VA . -27.59 59.99 6.15
O5 NAG VA . -26.48 56.57 5.52
O6 NAG VA . -27.99 55.86 7.47
O7 NAG VA . -25.18 59.48 1.51
C1 NAG WA . -16.37 53.40 -14.23
C2 NAG WA . -15.73 53.80 -15.56
C3 NAG WA . -16.31 55.10 -16.06
C4 NAG WA . -17.82 54.96 -16.21
C5 NAG WA . -18.42 54.56 -14.86
C6 NAG WA . -19.90 54.28 -14.97
C7 NAG WA . -13.45 52.98 -15.91
C8 NAG WA . -11.98 53.24 -15.70
N2 NAG WA . -14.29 53.90 -15.43
O3 NAG WA . -15.73 55.43 -17.32
O4 NAG WA . -18.39 56.21 -16.60
O5 NAG WA . -17.80 53.34 -14.40
O6 NAG WA . -20.24 53.79 -16.25
O7 NAG WA . -13.85 51.97 -16.48
C1 NAG XA . -3.06 40.73 -33.10
C2 NAG XA . -1.94 39.69 -33.19
C3 NAG XA . -0.68 40.33 -33.75
C4 NAG XA . -0.99 40.93 -35.11
C5 NAG XA . -2.12 41.94 -34.98
C6 NAG XA . -2.57 42.49 -36.31
C7 NAG XA . -0.97 38.00 -31.71
C8 NAG XA . -0.79 37.55 -30.29
N2 NAG XA . -1.68 39.12 -31.88
O3 NAG XA . 0.35 39.36 -33.88
O4 NAG XA . 0.17 41.61 -35.61
O5 NAG XA . -3.27 41.32 -34.40
O6 NAG XA . -3.72 41.80 -36.79
O7 NAG XA . -0.49 37.38 -32.65
C1 NAG YA . -41.89 50.14 12.90
C2 NAG YA . -40.56 49.57 13.40
C3 NAG YA . -40.27 50.00 14.84
C4 NAG YA . -40.49 51.50 15.03
C5 NAG YA . -41.85 51.90 14.49
C6 NAG YA . -42.14 53.38 14.58
C7 NAG YA . -39.97 47.46 12.27
C8 NAG YA . -39.33 48.30 11.21
N2 NAG YA . -40.53 48.12 13.30
O3 NAG YA . -38.93 49.67 15.19
O4 NAG YA . -40.43 51.84 16.41
O5 NAG YA . -41.93 51.55 13.11
O6 NAG YA . -43.51 53.63 14.86
O7 NAG YA . -39.98 46.23 12.22
#